data_1ZTS
#
_entry.id   1ZTS
#
_cell.length_a   1.000
_cell.length_b   1.000
_cell.length_c   1.000
_cell.angle_alpha   90.00
_cell.angle_beta   90.00
_cell.angle_gamma   90.00
#
_symmetry.space_group_name_H-M   'P 1'
#
_entity_poly.entity_id   1
_entity_poly.type   'polypeptide(L)'
_entity_poly.pdbx_seq_one_letter_code
;MLLITPDELKSYSVFESVKTRPDELLKQDILEATADIILKVGHDFSDAEYIPLPETVRLALLKLSQFYALINGDESIIKG
YTTEKIGDYSYTLGDGSSLQKPDVYALIKDYVKPADPDLEGIEAKVRMRSILEHHHHHH
;
_entity_poly.pdbx_strand_id   A
#
# COMPACT_ATOMS: atom_id res chain seq x y z
N MET A 1 2.43 -8.68 -5.12
CA MET A 1 3.16 -7.42 -5.08
C MET A 1 2.56 -6.42 -6.07
N LEU A 2 3.14 -5.23 -6.13
CA LEU A 2 2.68 -4.19 -7.04
C LEU A 2 3.29 -4.36 -8.42
N LEU A 3 2.62 -3.80 -9.43
CA LEU A 3 3.11 -3.89 -10.81
C LEU A 3 3.42 -2.50 -11.36
N ILE A 4 3.77 -1.58 -10.47
CA ILE A 4 4.10 -0.22 -10.87
C ILE A 4 5.60 0.02 -10.81
N THR A 5 6.01 1.26 -11.07
CA THR A 5 7.42 1.63 -11.05
C THR A 5 7.66 2.86 -10.18
N PRO A 6 8.90 3.05 -9.74
CA PRO A 6 9.30 4.18 -8.90
C PRO A 6 9.26 5.50 -9.65
N ASP A 7 9.48 5.43 -10.96
CA ASP A 7 9.48 6.63 -11.80
C ASP A 7 8.08 7.21 -11.91
N GLU A 8 7.08 6.33 -11.94
CA GLU A 8 5.68 6.75 -12.04
C GLU A 8 5.23 7.45 -10.76
N LEU A 9 5.74 6.99 -9.63
CA LEU A 9 5.39 7.56 -8.33
C LEU A 9 5.67 9.06 -8.32
N LYS A 10 6.87 9.44 -8.72
CA LYS A 10 7.26 10.84 -8.76
C LYS A 10 6.53 11.59 -9.87
N SER A 11 6.18 10.86 -10.93
CA SER A 11 5.48 11.46 -12.06
C SER A 11 4.11 11.99 -11.63
N TYR A 12 3.53 11.37 -10.61
CA TYR A 12 2.23 11.77 -10.11
C TYR A 12 2.38 12.59 -8.82
N SER A 13 3.15 12.05 -7.88
CA SER A 13 3.37 12.71 -6.60
C SER A 13 3.81 14.16 -6.81
N VAL A 14 3.66 14.97 -5.77
CA VAL A 14 4.05 16.38 -5.83
C VAL A 14 5.16 16.69 -4.84
N PHE A 15 5.24 15.89 -3.79
CA PHE A 15 6.27 16.08 -2.76
C PHE A 15 7.67 15.90 -3.36
N GLU A 16 8.46 16.98 -3.31
CA GLU A 16 9.82 16.93 -3.84
C GLU A 16 10.66 15.88 -3.12
N SER A 17 10.22 15.50 -1.93
CA SER A 17 10.93 14.50 -1.14
C SER A 17 10.81 13.12 -1.76
N VAL A 18 9.64 12.85 -2.36
CA VAL A 18 9.39 11.56 -2.99
C VAL A 18 10.13 11.45 -4.32
N LYS A 19 10.27 12.59 -5.01
CA LYS A 19 10.96 12.62 -6.30
C LYS A 19 12.47 12.67 -6.10
N THR A 20 12.92 13.58 -5.25
CA THR A 20 14.34 13.74 -4.98
C THR A 20 14.97 12.41 -4.57
N ARG A 21 14.18 11.56 -3.92
CA ARG A 21 14.65 10.26 -3.47
C ARG A 21 15.13 9.42 -4.65
N PRO A 22 15.96 8.40 -4.36
CA PRO A 22 16.50 7.50 -5.39
C PRO A 22 15.43 6.59 -5.99
N ASP A 23 15.86 5.62 -6.78
CA ASP A 23 14.94 4.68 -7.41
C ASP A 23 14.82 3.40 -6.59
N GLU A 24 15.86 3.10 -5.83
CA GLU A 24 15.87 1.90 -5.00
C GLU A 24 14.95 2.06 -3.79
N LEU A 25 15.00 3.23 -3.17
CA LEU A 25 14.17 3.51 -2.01
C LEU A 25 12.70 3.55 -2.39
N LEU A 26 12.38 4.21 -3.49
CA LEU A 26 11.01 4.31 -3.96
C LEU A 26 10.36 2.93 -4.06
N LYS A 27 11.15 1.94 -4.46
CA LYS A 27 10.67 0.57 -4.58
C LYS A 27 10.23 0.02 -3.22
N GLN A 28 11.05 0.26 -2.21
CA GLN A 28 10.74 -0.21 -0.86
C GLN A 28 9.43 0.40 -0.35
N ASP A 29 9.23 1.68 -0.62
CA ASP A 29 8.03 2.38 -0.20
C ASP A 29 6.79 1.80 -0.89
N ILE A 30 6.88 1.65 -2.20
CA ILE A 30 5.76 1.12 -2.98
C ILE A 30 5.34 -0.24 -2.46
N LEU A 31 6.30 -1.15 -2.30
CA LEU A 31 6.03 -2.49 -1.80
C LEU A 31 5.48 -2.44 -0.38
N GLU A 32 5.87 -1.41 0.37
CA GLU A 32 5.42 -1.25 1.74
C GLU A 32 4.02 -0.66 1.78
N ALA A 33 3.65 0.08 0.73
CA ALA A 33 2.33 0.70 0.64
C ALA A 33 1.27 -0.33 0.28
N THR A 34 1.57 -1.17 -0.70
CA THR A 34 0.63 -2.20 -1.15
C THR A 34 0.22 -3.11 0.01
N ALA A 35 1.06 -3.15 1.04
CA ALA A 35 0.78 -3.98 2.21
C ALA A 35 -0.45 -3.48 2.96
N ASP A 36 -0.68 -2.17 2.87
CA ASP A 36 -1.82 -1.55 3.54
C ASP A 36 -3.12 -1.85 2.79
N ILE A 37 -3.10 -1.60 1.48
CA ILE A 37 -4.29 -1.84 0.65
C ILE A 37 -4.74 -3.29 0.76
N ILE A 38 -3.80 -4.21 0.70
CA ILE A 38 -4.12 -5.64 0.78
C ILE A 38 -4.62 -6.01 2.18
N LEU A 39 -4.07 -5.34 3.19
CA LEU A 39 -4.47 -5.58 4.57
C LEU A 39 -5.91 -5.17 4.82
N LYS A 40 -6.40 -4.25 3.98
CA LYS A 40 -7.77 -3.76 4.10
C LYS A 40 -8.75 -4.72 3.42
N VAL A 41 -8.41 -5.12 2.20
CA VAL A 41 -9.26 -6.03 1.44
C VAL A 41 -9.20 -7.45 2.01
N GLY A 42 -8.08 -7.77 2.65
CA GLY A 42 -7.91 -9.09 3.24
C GLY A 42 -7.53 -10.13 2.20
N HIS A 43 -6.77 -9.72 1.20
CA HIS A 43 -6.34 -10.63 0.13
C HIS A 43 -5.37 -9.93 -0.81
N ASP A 44 -4.41 -10.69 -1.33
CA ASP A 44 -3.42 -10.16 -2.25
C ASP A 44 -3.68 -10.64 -3.67
N PHE A 45 -2.73 -10.39 -4.56
CA PHE A 45 -2.85 -10.81 -5.95
C PHE A 45 -1.59 -11.52 -6.43
N SER A 46 -1.26 -12.62 -5.76
CA SER A 46 -0.08 -13.40 -6.12
C SER A 46 -0.35 -14.31 -7.30
N ASP A 47 -1.50 -14.96 -7.29
CA ASP A 47 -1.90 -15.86 -8.37
C ASP A 47 -1.76 -15.18 -9.72
N ALA A 48 -0.86 -15.67 -10.55
CA ALA A 48 -0.63 -15.11 -11.88
C ALA A 48 -1.91 -15.13 -12.70
N GLU A 49 -2.83 -16.00 -12.34
CA GLU A 49 -4.10 -16.13 -13.04
C GLU A 49 -5.18 -15.31 -12.36
N TYR A 50 -4.77 -14.27 -11.63
CA TYR A 50 -5.71 -13.43 -10.92
C TYR A 50 -5.01 -12.19 -10.36
N ILE A 51 -4.42 -11.40 -11.26
CA ILE A 51 -3.71 -10.19 -10.87
C ILE A 51 -4.40 -8.95 -11.41
N PRO A 52 -5.58 -8.62 -10.85
CA PRO A 52 -6.37 -7.46 -11.26
C PRO A 52 -5.71 -6.15 -10.86
N LEU A 53 -5.71 -5.19 -11.79
CA LEU A 53 -5.11 -3.89 -11.53
C LEU A 53 -5.87 -2.79 -12.27
N PRO A 54 -7.04 -2.40 -11.72
CA PRO A 54 -7.87 -1.35 -12.30
C PRO A 54 -7.25 0.03 -12.18
N GLU A 55 -8.03 1.06 -12.48
CA GLU A 55 -7.55 2.43 -12.41
C GLU A 55 -7.71 2.99 -11.00
N THR A 56 -8.61 2.39 -10.23
CA THR A 56 -8.86 2.83 -8.86
C THR A 56 -7.74 2.37 -7.93
N VAL A 57 -7.25 1.17 -8.16
CA VAL A 57 -6.18 0.61 -7.34
C VAL A 57 -4.86 1.34 -7.60
N ARG A 58 -4.50 1.49 -8.87
CA ARG A 58 -3.27 2.16 -9.25
C ARG A 58 -3.18 3.54 -8.59
N LEU A 59 -4.33 4.20 -8.46
CA LEU A 59 -4.38 5.53 -7.86
C LEU A 59 -4.18 5.44 -6.35
N ALA A 60 -4.91 4.54 -5.71
CA ALA A 60 -4.82 4.35 -4.27
C ALA A 60 -3.36 4.16 -3.83
N LEU A 61 -2.64 3.33 -4.58
CA LEU A 61 -1.24 3.06 -4.28
C LEU A 61 -0.38 4.30 -4.50
N LEU A 62 -0.66 5.02 -5.58
CA LEU A 62 0.09 6.23 -5.90
C LEU A 62 0.01 7.24 -4.77
N LYS A 63 -1.16 7.33 -4.15
CA LYS A 63 -1.36 8.26 -3.03
C LYS A 63 -0.65 7.76 -1.77
N LEU A 64 -0.80 6.47 -1.48
CA LEU A 64 -0.18 5.88 -0.31
C LEU A 64 1.34 5.95 -0.41
N SER A 65 1.87 5.72 -1.60
CA SER A 65 3.31 5.77 -1.82
C SER A 65 3.88 7.12 -1.41
N GLN A 66 3.26 8.18 -1.91
CA GLN A 66 3.70 9.54 -1.61
C GLN A 66 3.60 9.82 -0.10
N PHE A 67 2.56 9.28 0.53
CA PHE A 67 2.36 9.47 1.95
C PHE A 67 3.54 8.94 2.76
N TYR A 68 3.88 7.68 2.52
CA TYR A 68 5.00 7.05 3.22
C TYR A 68 6.33 7.70 2.84
N ALA A 69 6.53 7.88 1.54
CA ALA A 69 7.75 8.49 1.03
C ALA A 69 8.02 9.83 1.72
N LEU A 70 6.95 10.50 2.13
CA LEU A 70 7.06 11.79 2.80
C LEU A 70 7.59 11.62 4.22
N ILE A 71 6.97 10.73 4.98
CA ILE A 71 7.38 10.47 6.35
C ILE A 71 8.33 9.28 6.43
N ASN A 72 9.08 9.06 5.35
CA ASN A 72 10.04 7.95 5.30
C ASN A 72 11.45 8.45 5.58
N GLY A 73 11.70 9.73 5.31
CA GLY A 73 13.01 10.30 5.55
C GLY A 73 12.99 11.81 5.56
N ASP A 74 11.89 12.38 6.04
CA ASP A 74 11.75 13.83 6.10
C ASP A 74 12.82 14.45 7.00
N GLU A 75 12.81 15.78 7.10
CA GLU A 75 13.78 16.48 7.93
C GLU A 75 13.08 17.25 9.05
N SER A 76 11.89 16.80 9.42
CA SER A 76 11.12 17.44 10.47
C SER A 76 10.01 16.52 10.98
N ILE A 77 10.24 15.21 10.85
CA ILE A 77 9.27 14.22 11.29
C ILE A 77 9.95 13.05 11.97
N ILE A 78 9.48 12.69 13.16
CA ILE A 78 10.05 11.57 13.91
C ILE A 78 8.95 10.76 14.60
N LYS A 79 9.17 9.46 14.71
CA LYS A 79 8.21 8.58 15.36
C LYS A 79 8.57 8.35 16.83
N GLY A 80 9.30 9.31 17.39
CA GLY A 80 9.70 9.20 18.78
C GLY A 80 10.67 8.06 19.02
N TYR A 81 11.61 7.88 18.10
CA TYR A 81 12.60 6.82 18.21
C TYR A 81 11.92 5.45 18.30
N THR A 82 11.84 4.77 17.15
CA THR A 82 11.21 3.45 17.09
C THR A 82 11.77 2.64 15.94
N THR A 83 11.35 1.38 15.85
CA THR A 83 11.81 0.48 14.80
C THR A 83 11.45 1.03 13.42
N GLU A 84 11.63 0.21 12.39
CA GLU A 84 11.32 0.61 11.02
C GLU A 84 9.89 1.15 10.93
N LYS A 85 9.56 1.70 9.77
CA LYS A 85 8.22 2.26 9.55
C LYS A 85 7.15 1.25 9.95
N ILE A 86 6.11 1.75 10.62
CA ILE A 86 5.01 0.90 11.06
C ILE A 86 3.66 1.48 10.63
N GLY A 87 2.70 0.60 10.36
CA GLY A 87 1.38 1.04 9.95
C GLY A 87 0.52 1.46 11.13
N ASP A 88 1.02 2.42 11.90
CA ASP A 88 0.29 2.91 13.07
C ASP A 88 0.46 4.42 13.22
N TYR A 89 0.02 4.95 14.35
CA TYR A 89 0.13 6.37 14.62
C TYR A 89 1.56 6.76 14.96
N SER A 90 2.14 7.66 14.16
CA SER A 90 3.51 8.10 14.38
C SER A 90 3.92 9.13 13.32
N TYR A 91 5.21 9.43 13.26
CA TYR A 91 5.73 10.39 12.30
C TYR A 91 5.16 11.78 12.56
N THR A 92 5.35 12.28 13.78
CA THR A 92 4.87 13.60 14.16
C THR A 92 5.30 14.65 13.15
N LEU A 93 4.47 15.67 12.97
CA LEU A 93 4.78 16.76 12.03
C LEU A 93 5.07 18.06 12.78
N GLY A 94 5.71 18.99 12.10
CA GLY A 94 6.03 20.26 12.70
C GLY A 94 4.81 20.98 13.25
N ASP A 95 3.64 20.63 12.72
CA ASP A 95 2.39 21.24 13.15
C ASP A 95 1.72 20.38 14.22
N GLY A 96 2.50 19.54 14.88
CA GLY A 96 1.96 18.69 15.91
C GLY A 96 0.76 17.90 15.45
N SER A 97 0.70 17.62 14.15
CA SER A 97 -0.41 16.87 13.57
C SER A 97 -0.03 15.42 13.34
N SER A 98 -1.03 14.54 13.31
CA SER A 98 -0.79 13.12 13.10
C SER A 98 -1.08 12.73 11.66
N LEU A 99 -0.08 12.86 10.79
CA LEU A 99 -0.23 12.53 9.38
C LEU A 99 -0.79 11.11 9.22
N GLN A 100 -2.07 11.04 8.87
CA GLN A 100 -2.73 9.75 8.68
C GLN A 100 -2.75 9.36 7.20
N LYS A 101 -2.64 8.06 6.93
CA LYS A 101 -2.64 7.57 5.56
C LYS A 101 -3.85 8.10 4.79
N PRO A 102 -3.77 8.06 3.46
CA PRO A 102 -4.85 8.54 2.58
C PRO A 102 -6.07 7.63 2.63
N ASP A 103 -7.26 8.24 2.59
CA ASP A 103 -8.50 7.48 2.62
C ASP A 103 -8.77 6.82 1.28
N VAL A 104 -8.02 5.77 0.98
CA VAL A 104 -8.18 5.04 -0.28
C VAL A 104 -9.00 3.78 -0.08
N TYR A 105 -9.84 3.79 0.95
CA TYR A 105 -10.68 2.63 1.25
C TYR A 105 -11.80 2.49 0.22
N ALA A 106 -12.30 3.62 -0.26
CA ALA A 106 -13.36 3.63 -1.26
C ALA A 106 -12.84 3.16 -2.62
N LEU A 107 -11.54 3.32 -2.84
CA LEU A 107 -10.93 2.91 -4.09
C LEU A 107 -10.80 1.40 -4.17
N ILE A 108 -10.71 0.75 -3.01
CA ILE A 108 -10.59 -0.69 -2.94
C ILE A 108 -11.88 -1.33 -2.42
N LYS A 109 -12.83 -0.49 -2.04
CA LYS A 109 -14.11 -0.98 -1.53
C LYS A 109 -14.80 -1.88 -2.54
N ASP A 110 -14.42 -1.74 -3.80
CA ASP A 110 -15.01 -2.56 -4.87
C ASP A 110 -14.36 -3.94 -4.91
N TYR A 111 -13.18 -4.05 -4.33
CA TYR A 111 -12.46 -5.33 -4.31
C TYR A 111 -12.06 -5.70 -2.88
N VAL A 112 -13.00 -5.55 -1.96
CA VAL A 112 -12.76 -5.88 -0.56
C VAL A 112 -13.55 -7.10 -0.13
N LYS A 113 -12.88 -8.25 -0.08
CA LYS A 113 -13.52 -9.51 0.31
C LYS A 113 -14.80 -9.74 -0.50
N PRO A 114 -14.63 -10.27 -1.72
CA PRO A 114 -15.75 -10.56 -2.61
C PRO A 114 -16.61 -11.72 -2.12
N ALA A 115 -17.58 -12.13 -2.93
CA ALA A 115 -18.47 -13.23 -2.57
C ALA A 115 -18.36 -14.36 -3.58
N ASP A 116 -17.13 -14.81 -3.83
CA ASP A 116 -16.89 -15.90 -4.76
C ASP A 116 -16.21 -17.07 -4.06
N PRO A 117 -16.40 -18.28 -4.61
CA PRO A 117 -15.82 -19.51 -4.07
C PRO A 117 -14.30 -19.56 -4.25
N ASP A 118 -13.73 -20.74 -4.08
CA ASP A 118 -12.29 -20.92 -4.22
C ASP A 118 -11.93 -21.23 -5.68
N LEU A 119 -12.82 -20.89 -6.59
CA LEU A 119 -12.60 -21.14 -8.01
C LEU A 119 -11.32 -20.45 -8.48
N GLU A 120 -10.89 -19.43 -7.76
CA GLU A 120 -9.69 -18.70 -8.10
C GLU A 120 -8.51 -19.65 -8.31
N GLY A 121 -7.46 -19.16 -8.94
CA GLY A 121 -6.29 -19.97 -9.19
C GLY A 121 -5.76 -20.64 -7.93
N ILE A 122 -6.05 -21.93 -7.78
CA ILE A 122 -5.60 -22.67 -6.61
C ILE A 122 -5.24 -24.10 -6.97
N GLU A 123 -4.21 -24.63 -6.34
CA GLU A 123 -3.75 -26.00 -6.60
C GLU A 123 -3.29 -26.15 -8.04
N ALA A 124 -3.03 -25.02 -8.70
CA ALA A 124 -2.58 -25.03 -10.08
C ALA A 124 -1.06 -24.91 -10.16
N LYS A 125 -0.50 -23.99 -9.38
CA LYS A 125 0.94 -23.77 -9.36
C LYS A 125 1.64 -24.85 -8.52
N VAL A 126 0.94 -25.36 -7.52
CA VAL A 126 1.49 -26.39 -6.65
C VAL A 126 1.59 -27.72 -7.37
N ARG A 127 0.71 -27.93 -8.36
CA ARG A 127 0.70 -29.17 -9.12
C ARG A 127 1.85 -29.20 -10.11
N MET A 128 2.30 -28.02 -10.53
CA MET A 128 3.41 -27.92 -11.49
C MET A 128 4.73 -27.71 -10.76
N ARG A 129 4.69 -26.98 -9.65
CA ARG A 129 5.88 -26.72 -8.86
C ARG A 129 6.33 -27.97 -8.13
N SER A 130 5.40 -28.86 -7.85
CA SER A 130 5.70 -30.10 -7.13
C SER A 130 5.68 -31.29 -8.09
N ILE A 131 6.19 -31.09 -9.30
CA ILE A 131 6.23 -32.13 -10.30
C ILE A 131 7.60 -32.80 -10.34
N LEU A 132 7.63 -34.08 -10.72
CA LEU A 132 8.87 -34.83 -10.80
C LEU A 132 9.90 -34.09 -11.65
N GLU A 133 9.46 -33.62 -12.80
CA GLU A 133 10.34 -32.89 -13.72
C GLU A 133 9.56 -32.35 -14.91
N HIS A 134 9.19 -33.24 -15.83
CA HIS A 134 8.44 -32.84 -17.02
C HIS A 134 9.24 -31.86 -17.86
N HIS A 135 10.56 -31.99 -17.84
CA HIS A 135 11.44 -31.11 -18.60
C HIS A 135 12.76 -31.80 -18.92
N HIS A 136 13.56 -31.17 -19.77
CA HIS A 136 14.85 -31.73 -20.17
C HIS A 136 15.98 -30.83 -19.69
N HIS A 137 15.80 -30.19 -18.54
CA HIS A 137 16.81 -29.31 -17.98
C HIS A 137 16.78 -29.34 -16.45
N HIS A 138 17.95 -29.40 -15.84
CA HIS A 138 18.05 -29.43 -14.39
C HIS A 138 18.70 -28.16 -13.86
N HIS A 139 17.86 -27.19 -13.47
CA HIS A 139 18.35 -25.92 -12.95
C HIS A 139 18.36 -25.93 -11.43
N MET A 1 3.05 -8.81 -3.91
CA MET A 1 3.89 -7.70 -4.32
C MET A 1 3.17 -6.82 -5.34
N LEU A 2 3.75 -5.67 -5.63
CA LEU A 2 3.17 -4.74 -6.59
C LEU A 2 3.83 -4.86 -7.95
N LEU A 3 3.17 -4.35 -8.99
CA LEU A 3 3.69 -4.42 -10.34
C LEU A 3 3.76 -3.03 -10.96
N ILE A 4 3.81 -2.01 -10.11
CA ILE A 4 3.89 -0.63 -10.57
C ILE A 4 5.34 -0.15 -10.65
N THR A 5 5.53 1.04 -11.22
CA THR A 5 6.86 1.60 -11.36
C THR A 5 7.06 2.79 -10.44
N PRO A 6 8.28 2.92 -9.88
CA PRO A 6 8.62 4.02 -8.97
C PRO A 6 8.69 5.37 -9.68
N ASP A 7 8.68 5.33 -11.01
CA ASP A 7 8.76 6.54 -11.80
C ASP A 7 7.39 7.22 -11.87
N GLU A 8 6.33 6.42 -11.81
CA GLU A 8 4.97 6.95 -11.87
C GLU A 8 4.62 7.68 -10.58
N LEU A 9 5.19 7.22 -9.47
CA LEU A 9 4.94 7.82 -8.16
C LEU A 9 5.28 9.30 -8.17
N LYS A 10 6.46 9.62 -8.71
CA LYS A 10 6.92 11.01 -8.77
C LYS A 10 6.12 11.79 -9.81
N SER A 11 5.78 11.13 -10.92
CA SER A 11 5.02 11.76 -11.98
C SER A 11 3.64 12.19 -11.48
N TYR A 12 3.06 11.38 -10.60
CA TYR A 12 1.73 11.67 -10.05
C TYR A 12 1.84 12.57 -8.83
N SER A 13 2.73 12.21 -7.90
CA SER A 13 2.93 12.99 -6.68
C SER A 13 3.60 14.32 -7.00
N VAL A 14 3.49 15.27 -6.07
CA VAL A 14 4.09 16.59 -6.24
C VAL A 14 5.16 16.85 -5.19
N PHE A 15 5.08 16.11 -4.08
CA PHE A 15 6.04 16.26 -3.00
C PHE A 15 7.47 16.16 -3.52
N GLU A 16 8.29 17.16 -3.20
CA GLU A 16 9.68 17.19 -3.64
C GLU A 16 10.49 16.10 -2.94
N SER A 17 10.04 15.71 -1.75
CA SER A 17 10.73 14.68 -0.98
C SER A 17 10.68 13.34 -1.70
N VAL A 18 9.54 13.04 -2.31
CA VAL A 18 9.36 11.79 -3.04
C VAL A 18 10.11 11.81 -4.37
N LYS A 19 10.19 12.99 -4.97
CA LYS A 19 10.87 13.15 -6.26
C LYS A 19 12.38 13.23 -6.05
N THR A 20 12.79 13.64 -4.85
CA THR A 20 14.21 13.77 -4.53
C THR A 20 14.83 12.40 -4.25
N ARG A 21 14.02 11.47 -3.77
CA ARG A 21 14.48 10.13 -3.46
C ARG A 21 14.90 9.39 -4.72
N PRO A 22 15.76 8.37 -4.56
CA PRO A 22 16.26 7.58 -5.69
C PRO A 22 15.18 6.69 -6.30
N ASP A 23 15.58 5.79 -7.18
CA ASP A 23 14.65 4.88 -7.83
C ASP A 23 14.60 3.54 -7.10
N GLU A 24 15.69 3.19 -6.43
CA GLU A 24 15.77 1.94 -5.69
C GLU A 24 14.92 1.99 -4.42
N LEU A 25 15.13 3.04 -3.63
CA LEU A 25 14.39 3.23 -2.39
C LEU A 25 12.89 3.25 -2.65
N LEU A 26 12.49 3.98 -3.69
CA LEU A 26 11.07 4.09 -4.05
C LEU A 26 10.43 2.71 -4.17
N LYS A 27 11.13 1.80 -4.83
CA LYS A 27 10.63 0.43 -5.01
C LYS A 27 10.27 -0.20 -3.67
N GLN A 28 11.17 -0.07 -2.70
CA GLN A 28 10.95 -0.62 -1.38
C GLN A 28 9.75 0.03 -0.70
N ASP A 29 9.62 1.34 -0.88
CA ASP A 29 8.50 2.08 -0.30
C ASP A 29 7.17 1.59 -0.86
N ILE A 30 7.14 1.29 -2.15
CA ILE A 30 5.93 0.82 -2.80
C ILE A 30 5.46 -0.50 -2.21
N LEU A 31 6.43 -1.34 -1.81
CA LEU A 31 6.12 -2.64 -1.22
C LEU A 31 5.48 -2.47 0.16
N GLU A 32 5.81 -1.38 0.83
CA GLU A 32 5.27 -1.10 2.15
C GLU A 32 3.86 -0.51 2.06
N ALA A 33 3.58 0.12 0.91
CA ALA A 33 2.26 0.73 0.68
C ALA A 33 1.21 -0.34 0.39
N THR A 34 1.57 -1.29 -0.46
CA THR A 34 0.65 -2.37 -0.83
C THR A 34 0.13 -3.10 0.40
N ALA A 35 0.88 -3.02 1.49
CA ALA A 35 0.49 -3.68 2.73
C ALA A 35 -0.81 -3.08 3.28
N ASP A 36 -1.04 -1.82 2.97
CA ASP A 36 -2.25 -1.13 3.42
C ASP A 36 -3.47 -1.59 2.62
N ILE A 37 -3.36 -1.50 1.30
CA ILE A 37 -4.46 -1.90 0.43
C ILE A 37 -4.82 -3.37 0.63
N ILE A 38 -3.81 -4.17 0.96
CA ILE A 38 -4.02 -5.60 1.19
C ILE A 38 -4.75 -5.84 2.51
N LEU A 39 -4.45 -5.02 3.50
CA LEU A 39 -5.07 -5.14 4.81
C LEU A 39 -6.56 -4.81 4.74
N LYS A 40 -6.95 -4.05 3.73
CA LYS A 40 -8.34 -3.68 3.54
C LYS A 40 -9.16 -4.84 3.00
N VAL A 41 -8.63 -5.51 1.98
CA VAL A 41 -9.31 -6.66 1.38
C VAL A 41 -9.10 -7.92 2.20
N GLY A 42 -8.03 -7.94 2.98
CA GLY A 42 -7.73 -9.09 3.82
C GLY A 42 -7.02 -10.19 3.04
N HIS A 43 -6.26 -9.80 2.03
CA HIS A 43 -5.53 -10.77 1.21
C HIS A 43 -4.64 -10.06 0.20
N ASP A 44 -3.49 -10.67 -0.09
CA ASP A 44 -2.54 -10.10 -1.05
C ASP A 44 -2.73 -10.71 -2.43
N PHE A 45 -2.49 -9.91 -3.46
CA PHE A 45 -2.63 -10.37 -4.84
C PHE A 45 -1.45 -11.25 -5.23
N SER A 46 -1.42 -12.47 -4.70
CA SER A 46 -0.35 -13.41 -5.00
C SER A 46 -0.59 -14.10 -6.34
N ASP A 47 -1.79 -14.62 -6.52
CA ASP A 47 -2.14 -15.31 -7.77
C ASP A 47 -1.82 -14.44 -8.98
N ALA A 48 -0.83 -14.85 -9.75
CA ALA A 48 -0.43 -14.12 -10.94
C ALA A 48 -1.58 -13.95 -11.91
N GLU A 49 -2.58 -14.83 -11.78
CA GLU A 49 -3.75 -14.79 -12.65
C GLU A 49 -4.87 -13.97 -12.01
N TYR A 50 -4.52 -13.12 -11.06
CA TYR A 50 -5.49 -12.29 -10.36
C TYR A 50 -4.82 -11.06 -9.76
N ILE A 51 -4.13 -10.30 -10.60
CA ILE A 51 -3.45 -9.10 -10.16
C ILE A 51 -3.92 -7.88 -10.95
N PRO A 52 -5.19 -7.50 -10.78
CA PRO A 52 -5.79 -6.36 -11.46
C PRO A 52 -5.23 -5.03 -10.96
N LEU A 53 -4.94 -4.13 -11.90
CA LEU A 53 -4.40 -2.82 -11.55
C LEU A 53 -5.23 -1.70 -12.19
N PRO A 54 -6.49 -1.57 -11.74
CA PRO A 54 -7.40 -0.54 -12.24
C PRO A 54 -7.00 0.85 -11.80
N GLU A 55 -7.67 1.86 -12.38
CA GLU A 55 -7.37 3.25 -12.04
C GLU A 55 -7.54 3.50 -10.55
N THR A 56 -8.39 2.69 -9.91
CA THR A 56 -8.64 2.82 -8.49
C THR A 56 -7.47 2.29 -7.66
N VAL A 57 -7.03 1.08 -7.99
CA VAL A 57 -5.92 0.46 -7.29
C VAL A 57 -4.60 1.19 -7.58
N ARG A 58 -4.28 1.32 -8.86
CA ARG A 58 -3.06 1.99 -9.27
C ARG A 58 -2.93 3.35 -8.59
N LEU A 59 -4.06 4.05 -8.44
CA LEU A 59 -4.08 5.36 -7.81
C LEU A 59 -3.87 5.23 -6.30
N ALA A 60 -4.61 4.33 -5.68
CA ALA A 60 -4.51 4.11 -4.24
C ALA A 60 -3.07 3.86 -3.82
N LEU A 61 -2.37 3.03 -4.59
CA LEU A 61 -0.98 2.70 -4.30
C LEU A 61 -0.08 3.91 -4.52
N LEU A 62 -0.35 4.66 -5.59
CA LEU A 62 0.43 5.84 -5.92
C LEU A 62 0.33 6.89 -4.81
N LYS A 63 -0.86 7.03 -4.25
CA LYS A 63 -1.09 7.99 -3.18
C LYS A 63 -0.47 7.51 -1.87
N LEU A 64 -0.55 6.22 -1.63
CA LEU A 64 0.01 5.62 -0.42
C LEU A 64 1.54 5.66 -0.45
N SER A 65 2.10 5.37 -1.62
CA SER A 65 3.55 5.37 -1.80
C SER A 65 4.15 6.71 -1.40
N GLN A 66 3.40 7.78 -1.66
CA GLN A 66 3.85 9.13 -1.33
C GLN A 66 3.77 9.38 0.17
N PHE A 67 2.67 8.95 0.77
CA PHE A 67 2.47 9.14 2.21
C PHE A 67 3.63 8.56 3.00
N TYR A 68 3.98 7.31 2.70
CA TYR A 68 5.07 6.63 3.39
C TYR A 68 6.42 7.23 2.98
N ALA A 69 6.63 7.39 1.68
CA ALA A 69 7.87 7.95 1.17
C ALA A 69 8.13 9.33 1.76
N LEU A 70 7.06 10.02 2.14
CA LEU A 70 7.18 11.36 2.71
C LEU A 70 7.73 11.29 4.13
N ILE A 71 7.18 10.39 4.93
CA ILE A 71 7.62 10.23 6.32
C ILE A 71 8.67 9.12 6.42
N ASN A 72 9.33 8.84 5.31
CA ASN A 72 10.36 7.80 5.30
C ASN A 72 11.76 8.41 5.26
N GLY A 73 11.85 9.62 4.71
CA GLY A 73 13.13 10.31 4.63
C GLY A 73 13.14 11.63 5.37
N ASP A 74 11.95 12.17 5.61
CA ASP A 74 11.82 13.44 6.32
C ASP A 74 12.60 13.42 7.63
N GLU A 75 13.49 14.39 7.80
CA GLU A 75 14.29 14.48 9.01
C GLU A 75 13.65 15.44 10.02
N SER A 76 12.34 15.59 9.93
CA SER A 76 11.61 16.48 10.83
C SER A 76 10.43 15.76 11.47
N ILE A 77 10.58 14.45 11.65
CA ILE A 77 9.52 13.65 12.25
C ILE A 77 10.09 12.67 13.28
N ILE A 78 9.43 12.56 14.42
CA ILE A 78 9.86 11.65 15.48
C ILE A 78 8.75 10.69 15.87
N LYS A 79 9.09 9.40 15.93
CA LYS A 79 8.12 8.37 16.30
C LYS A 79 8.61 7.57 17.49
N GLY A 80 8.35 8.09 18.69
CA GLY A 80 8.77 7.39 19.90
C GLY A 80 10.26 7.09 19.91
N TYR A 81 11.06 8.08 20.31
CA TYR A 81 12.51 7.91 20.36
C TYR A 81 13.06 7.62 18.97
N THR A 82 14.39 7.67 18.84
CA THR A 82 15.05 7.42 17.57
C THR A 82 15.21 5.92 17.32
N THR A 83 14.70 5.46 16.18
CA THR A 83 14.78 4.05 15.82
C THR A 83 14.51 3.84 14.35
N GLU A 84 14.68 2.60 13.87
CA GLU A 84 14.45 2.27 12.47
C GLU A 84 13.00 2.53 12.09
N LYS A 85 12.62 2.09 10.89
CA LYS A 85 11.27 2.28 10.40
C LYS A 85 10.50 0.96 10.39
N ILE A 86 9.92 0.61 11.53
CA ILE A 86 9.16 -0.62 11.66
C ILE A 86 7.77 -0.48 11.05
N GLY A 87 7.40 0.76 10.73
CA GLY A 87 6.09 1.01 10.15
C GLY A 87 4.98 1.07 11.18
N ASP A 88 5.30 1.62 12.34
CA ASP A 88 4.32 1.73 13.42
C ASP A 88 3.13 2.58 13.00
N TYR A 89 2.28 2.92 13.96
CA TYR A 89 1.11 3.73 13.69
C TYR A 89 1.17 5.06 14.44
N SER A 90 2.38 5.60 14.56
CA SER A 90 2.58 6.87 15.26
C SER A 90 3.57 7.75 14.50
N TYR A 91 3.09 8.39 13.44
CA TYR A 91 3.93 9.27 12.63
C TYR A 91 3.65 10.73 12.94
N THR A 92 4.09 11.18 14.11
CA THR A 92 3.88 12.56 14.51
C THR A 92 4.84 13.50 13.80
N LEU A 93 4.33 14.21 12.80
CA LEU A 93 5.16 15.14 12.03
C LEU A 93 5.81 16.19 12.95
N GLY A 94 6.60 17.06 12.36
CA GLY A 94 7.28 18.09 13.14
C GLY A 94 6.30 19.12 13.70
N ASP A 95 5.14 19.23 13.06
CA ASP A 95 4.12 20.18 13.50
C ASP A 95 3.10 19.50 14.40
N GLY A 96 3.51 18.43 15.07
CA GLY A 96 2.62 17.71 15.94
C GLY A 96 1.32 17.33 15.27
N SER A 97 1.37 17.15 13.95
CA SER A 97 0.18 16.79 13.18
C SER A 97 0.01 15.28 13.12
N SER A 98 -1.22 14.83 12.90
CA SER A 98 -1.51 13.41 12.81
C SER A 98 -1.61 12.96 11.36
N LEU A 99 -0.47 12.89 10.69
CA LEU A 99 -0.42 12.48 9.29
C LEU A 99 -0.92 11.04 9.13
N GLN A 100 -2.19 10.90 8.82
CA GLN A 100 -2.79 9.58 8.63
C GLN A 100 -2.78 9.18 7.16
N LYS A 101 -2.75 7.87 6.91
CA LYS A 101 -2.74 7.35 5.55
C LYS A 101 -3.92 7.89 4.76
N PRO A 102 -3.80 7.85 3.42
CA PRO A 102 -4.85 8.33 2.52
C PRO A 102 -6.09 7.43 2.53
N ASP A 103 -7.26 8.04 2.41
CA ASP A 103 -8.51 7.30 2.41
C ASP A 103 -8.75 6.63 1.05
N VAL A 104 -8.02 5.57 0.79
CA VAL A 104 -8.14 4.84 -0.47
C VAL A 104 -9.07 3.64 -0.32
N TYR A 105 -9.91 3.68 0.69
CA TYR A 105 -10.85 2.59 0.95
C TYR A 105 -11.95 2.56 -0.10
N ALA A 106 -12.37 3.75 -0.53
CA ALA A 106 -13.42 3.85 -1.54
C ALA A 106 -12.93 3.38 -2.91
N LEU A 107 -11.63 3.55 -3.15
CA LEU A 107 -11.04 3.15 -4.42
C LEU A 107 -11.14 1.63 -4.60
N ILE A 108 -10.77 0.89 -3.57
CA ILE A 108 -10.81 -0.56 -3.62
C ILE A 108 -12.09 -1.09 -2.99
N LYS A 109 -12.97 -0.18 -2.60
CA LYS A 109 -14.25 -0.55 -1.99
C LYS A 109 -15.00 -1.56 -2.85
N ASP A 110 -14.77 -1.49 -4.16
CA ASP A 110 -15.42 -2.40 -5.09
C ASP A 110 -14.60 -3.67 -5.29
N TYR A 111 -13.30 -3.56 -5.06
CA TYR A 111 -12.40 -4.70 -5.22
C TYR A 111 -12.11 -5.36 -3.87
N VAL A 112 -13.01 -5.15 -2.90
CA VAL A 112 -12.86 -5.71 -1.57
C VAL A 112 -13.50 -7.09 -1.47
N LYS A 113 -12.83 -8.00 -0.77
CA LYS A 113 -13.34 -9.35 -0.59
C LYS A 113 -14.79 -9.33 -0.14
N PRO A 114 -15.49 -10.46 -0.34
CA PRO A 114 -16.90 -10.60 0.05
C PRO A 114 -17.08 -10.64 1.56
N ALA A 115 -18.31 -10.85 2.00
CA ALA A 115 -18.63 -10.92 3.42
C ALA A 115 -18.79 -12.36 3.89
N ASP A 116 -17.67 -13.02 4.13
CA ASP A 116 -17.69 -14.41 4.59
C ASP A 116 -18.40 -14.53 5.92
N PRO A 117 -18.92 -15.73 6.21
CA PRO A 117 -19.64 -16.02 7.46
C PRO A 117 -18.72 -16.01 8.67
N ASP A 118 -19.21 -16.56 9.78
CA ASP A 118 -18.43 -16.62 11.01
C ASP A 118 -17.55 -17.85 11.04
N LEU A 119 -17.37 -18.47 9.88
CA LEU A 119 -16.54 -19.67 9.76
C LEU A 119 -15.16 -19.44 10.39
N GLU A 120 -14.71 -18.19 10.36
CA GLU A 120 -13.41 -17.84 10.92
C GLU A 120 -13.47 -17.75 12.44
N GLY A 121 -12.41 -17.22 13.04
CA GLY A 121 -12.37 -17.09 14.48
C GLY A 121 -12.37 -18.43 15.20
N ILE A 122 -12.02 -19.48 14.47
CA ILE A 122 -11.98 -20.83 15.04
C ILE A 122 -10.57 -21.41 14.99
N GLU A 123 -10.21 -22.17 16.03
CA GLU A 123 -8.90 -22.78 16.11
C GLU A 123 -7.80 -21.72 16.17
N ALA A 124 -8.20 -20.49 16.51
CA ALA A 124 -7.26 -19.39 16.61
C ALA A 124 -6.82 -19.17 18.06
N LYS A 125 -7.77 -19.30 18.98
CA LYS A 125 -7.49 -19.12 20.40
C LYS A 125 -6.94 -20.41 21.02
N VAL A 126 -7.41 -21.54 20.51
CA VAL A 126 -6.96 -22.83 21.02
C VAL A 126 -5.46 -23.02 20.80
N ARG A 127 -4.99 -22.65 19.61
CA ARG A 127 -3.57 -22.77 19.27
C ARG A 127 -2.72 -21.90 20.20
N MET A 128 -3.26 -20.74 20.56
CA MET A 128 -2.56 -19.82 21.44
C MET A 128 -2.44 -20.37 22.85
N ARG A 129 -3.58 -20.55 23.51
CA ARG A 129 -3.61 -21.08 24.87
C ARG A 129 -2.94 -22.43 24.94
N SER A 130 -2.95 -23.16 23.81
CA SER A 130 -2.35 -24.47 23.75
C SER A 130 -1.17 -24.49 22.77
N ILE A 131 -0.31 -23.48 22.88
CA ILE A 131 0.86 -23.37 22.01
C ILE A 131 2.05 -24.12 22.60
N LEU A 132 2.84 -24.73 21.73
CA LEU A 132 4.02 -25.47 22.16
C LEU A 132 4.91 -24.62 23.05
N GLU A 133 5.63 -23.68 22.43
CA GLU A 133 6.52 -22.80 23.17
C GLU A 133 6.55 -21.41 22.53
N HIS A 134 7.11 -21.33 21.32
CA HIS A 134 7.20 -20.07 20.61
C HIS A 134 7.74 -20.28 19.20
N HIS A 135 7.37 -19.38 18.28
CA HIS A 135 7.81 -19.48 16.90
C HIS A 135 8.97 -18.52 16.64
N HIS A 136 9.93 -18.49 17.56
CA HIS A 136 11.10 -17.62 17.43
C HIS A 136 11.99 -18.07 16.28
N HIS A 137 12.84 -17.16 15.81
CA HIS A 137 13.75 -17.47 14.71
C HIS A 137 15.17 -17.00 15.03
N HIS A 138 16.11 -17.39 14.18
CA HIS A 138 17.51 -17.01 14.37
C HIS A 138 18.34 -17.38 13.15
N HIS A 139 18.18 -18.61 12.67
CA HIS A 139 18.91 -19.08 11.51
C HIS A 139 18.20 -20.24 10.85
N MET A 1 7.35 -5.03 -7.66
CA MET A 1 6.70 -6.34 -7.54
C MET A 1 5.22 -6.23 -7.91
N LEU A 2 4.56 -5.22 -7.37
CA LEU A 2 3.14 -5.01 -7.63
C LEU A 2 2.88 -4.90 -9.13
N LEU A 3 3.34 -3.81 -9.73
CA LEU A 3 3.16 -3.59 -11.16
C LEU A 3 3.70 -2.22 -11.57
N ILE A 4 3.54 -1.24 -10.69
CA ILE A 4 4.02 0.11 -10.95
C ILE A 4 5.52 0.23 -10.70
N THR A 5 6.09 1.36 -11.10
CA THR A 5 7.52 1.60 -10.91
C THR A 5 7.76 2.82 -10.03
N PRO A 6 8.97 2.91 -9.47
CA PRO A 6 9.36 4.02 -8.59
C PRO A 6 9.52 5.33 -9.35
N ASP A 7 9.76 5.22 -10.65
CA ASP A 7 9.92 6.40 -11.50
C ASP A 7 8.58 7.06 -11.79
N GLU A 8 7.52 6.24 -11.84
CA GLU A 8 6.19 6.75 -12.12
C GLU A 8 5.60 7.44 -10.88
N LEU A 9 5.90 6.89 -9.71
CA LEU A 9 5.40 7.45 -8.46
C LEU A 9 5.74 8.93 -8.36
N LYS A 10 6.99 9.26 -8.65
CA LYS A 10 7.45 10.65 -8.60
C LYS A 10 6.84 11.47 -9.74
N SER A 11 6.71 10.85 -10.90
CA SER A 11 6.14 11.52 -12.06
C SER A 11 4.73 12.03 -11.77
N TYR A 12 3.97 11.24 -11.03
CA TYR A 12 2.60 11.60 -10.67
C TYR A 12 2.57 12.43 -9.39
N SER A 13 3.27 11.94 -8.36
CA SER A 13 3.32 12.63 -7.08
C SER A 13 3.75 14.07 -7.26
N VAL A 14 3.49 14.89 -6.25
CA VAL A 14 3.85 16.31 -6.29
C VAL A 14 4.89 16.64 -5.22
N PHE A 15 4.93 15.84 -4.17
CA PHE A 15 5.88 16.05 -3.07
C PHE A 15 7.31 15.91 -3.58
N GLU A 16 8.09 16.98 -3.44
CA GLU A 16 9.48 16.98 -3.88
C GLU A 16 10.29 15.93 -3.12
N SER A 17 9.76 15.51 -1.97
CA SER A 17 10.44 14.51 -1.14
C SER A 17 10.39 13.13 -1.80
N VAL A 18 9.29 12.87 -2.51
CA VAL A 18 9.11 11.59 -3.19
C VAL A 18 9.97 11.52 -4.44
N LYS A 19 10.14 12.67 -5.10
CA LYS A 19 10.94 12.74 -6.32
C LYS A 19 12.43 12.82 -6.00
N THR A 20 12.78 13.72 -5.09
CA THR A 20 14.17 13.89 -4.69
C THR A 20 14.80 12.57 -4.28
N ARG A 21 13.98 11.67 -3.75
CA ARG A 21 14.46 10.36 -3.31
C ARG A 21 14.93 9.54 -4.51
N PRO A 22 15.75 8.52 -4.22
CA PRO A 22 16.29 7.62 -5.26
C PRO A 22 15.22 6.73 -5.87
N ASP A 23 15.66 5.76 -6.68
CA ASP A 23 14.74 4.83 -7.32
C ASP A 23 14.62 3.54 -6.52
N GLU A 24 15.66 3.22 -5.76
CA GLU A 24 15.67 2.02 -4.95
C GLU A 24 14.75 2.16 -3.74
N LEU A 25 14.80 3.32 -3.10
CA LEU A 25 13.97 3.59 -1.93
C LEU A 25 12.50 3.66 -2.32
N LEU A 26 12.20 4.37 -3.40
CA LEU A 26 10.84 4.50 -3.87
C LEU A 26 10.17 3.14 -4.04
N LYS A 27 10.93 2.18 -4.57
CA LYS A 27 10.42 0.83 -4.77
C LYS A 27 10.00 0.20 -3.45
N GLN A 28 10.95 0.13 -2.51
CA GLN A 28 10.68 -0.44 -1.20
C GLN A 28 9.49 0.22 -0.54
N ASP A 29 9.26 1.48 -0.87
CA ASP A 29 8.15 2.23 -0.31
C ASP A 29 6.83 1.84 -0.97
N ILE A 30 6.89 1.57 -2.27
CA ILE A 30 5.70 1.18 -3.02
C ILE A 30 5.25 -0.22 -2.64
N LEU A 31 6.18 -1.17 -2.67
CA LEU A 31 5.89 -2.56 -2.34
C LEU A 31 5.41 -2.67 -0.89
N GLU A 32 5.88 -1.76 -0.05
CA GLU A 32 5.51 -1.75 1.36
C GLU A 32 4.13 -1.13 1.57
N ALA A 33 3.74 -0.27 0.63
CA ALA A 33 2.44 0.40 0.69
C ALA A 33 1.32 -0.54 0.27
N THR A 34 1.54 -1.26 -0.82
CA THR A 34 0.55 -2.20 -1.33
C THR A 34 0.16 -3.22 -0.27
N ALA A 35 1.04 -3.42 0.70
CA ALA A 35 0.79 -4.37 1.79
C ALA A 35 -0.36 -3.91 2.67
N ASP A 36 -0.51 -2.59 2.79
CA ASP A 36 -1.57 -2.01 3.61
C ASP A 36 -2.92 -2.16 2.92
N ILE A 37 -2.97 -1.89 1.63
CA ILE A 37 -4.20 -1.99 0.86
C ILE A 37 -4.77 -3.41 0.92
N ILE A 38 -3.88 -4.39 0.78
CA ILE A 38 -4.28 -5.79 0.81
C ILE A 38 -4.90 -6.16 2.16
N LEU A 39 -4.39 -5.54 3.22
CA LEU A 39 -4.91 -5.80 4.56
C LEU A 39 -6.33 -5.27 4.72
N LYS A 40 -6.70 -4.32 3.87
CA LYS A 40 -8.03 -3.73 3.91
C LYS A 40 -9.03 -4.61 3.17
N VAL A 41 -8.66 -5.06 1.98
CA VAL A 41 -9.52 -5.92 1.17
C VAL A 41 -9.56 -7.34 1.73
N GLY A 42 -8.45 -7.76 2.32
CA GLY A 42 -8.37 -9.09 2.89
C GLY A 42 -7.96 -10.13 1.87
N HIS A 43 -7.12 -9.73 0.93
CA HIS A 43 -6.64 -10.63 -0.11
C HIS A 43 -5.61 -9.94 -1.01
N ASP A 44 -4.56 -10.67 -1.36
CA ASP A 44 -3.50 -10.13 -2.21
C ASP A 44 -3.70 -10.55 -3.66
N PHE A 45 -2.70 -10.29 -4.49
CA PHE A 45 -2.77 -10.64 -5.91
C PHE A 45 -1.51 -11.38 -6.35
N SER A 46 -1.17 -12.45 -5.63
CA SER A 46 0.01 -13.23 -5.94
C SER A 46 -0.28 -14.24 -7.04
N ASP A 47 -1.42 -14.90 -6.94
CA ASP A 47 -1.82 -15.90 -7.93
C ASP A 47 -1.75 -15.32 -9.34
N ALA A 48 -0.88 -15.89 -10.17
CA ALA A 48 -0.72 -15.43 -11.54
C ALA A 48 -2.02 -15.54 -12.31
N GLU A 49 -2.93 -16.38 -11.82
CA GLU A 49 -4.22 -16.58 -12.47
C GLU A 49 -5.29 -15.70 -11.84
N TYR A 50 -4.85 -14.60 -11.23
CA TYR A 50 -5.77 -13.67 -10.58
C TYR A 50 -5.03 -12.44 -10.07
N ILE A 51 -4.48 -11.66 -11.00
CA ILE A 51 -3.74 -10.46 -10.64
C ILE A 51 -4.46 -9.20 -11.14
N PRO A 52 -5.59 -8.87 -10.49
CA PRO A 52 -6.37 -7.69 -10.86
C PRO A 52 -5.68 -6.38 -10.52
N LEU A 53 -5.97 -5.34 -11.29
CA LEU A 53 -5.36 -4.03 -11.07
C LEU A 53 -6.19 -2.93 -11.72
N PRO A 54 -7.28 -2.53 -11.05
CA PRO A 54 -8.18 -1.48 -11.54
C PRO A 54 -7.52 -0.10 -11.51
N GLU A 55 -8.32 0.93 -11.76
CA GLU A 55 -7.83 2.29 -11.75
C GLU A 55 -7.81 2.87 -10.34
N THR A 56 -8.63 2.30 -9.47
CA THR A 56 -8.71 2.75 -8.08
C THR A 56 -7.49 2.30 -7.29
N VAL A 57 -7.16 1.02 -7.39
CA VAL A 57 -6.01 0.46 -6.68
C VAL A 57 -4.72 1.22 -7.04
N ARG A 58 -4.49 1.36 -8.33
CA ARG A 58 -3.29 2.05 -8.82
C ARG A 58 -3.16 3.42 -8.16
N LEU A 59 -4.28 4.14 -8.06
CA LEU A 59 -4.28 5.46 -7.45
C LEU A 59 -4.12 5.37 -5.94
N ALA A 60 -4.68 4.32 -5.36
CA ALA A 60 -4.60 4.11 -3.91
C ALA A 60 -3.15 3.95 -3.46
N LEU A 61 -2.38 3.18 -4.23
CA LEU A 61 -0.97 2.95 -3.91
C LEU A 61 -0.15 4.19 -4.18
N LEU A 62 -0.45 4.86 -5.28
CA LEU A 62 0.28 6.08 -5.66
C LEU A 62 0.20 7.12 -4.56
N LYS A 63 -0.97 7.26 -3.96
CA LYS A 63 -1.17 8.23 -2.88
C LYS A 63 -0.51 7.75 -1.59
N LEU A 64 -0.61 6.45 -1.32
CA LEU A 64 -0.02 5.88 -0.12
C LEU A 64 1.50 5.99 -0.15
N SER A 65 2.09 5.72 -1.32
CA SER A 65 3.54 5.80 -1.48
C SER A 65 4.05 7.20 -1.11
N GLN A 66 3.33 8.22 -1.56
CA GLN A 66 3.71 9.60 -1.28
C GLN A 66 3.64 9.89 0.22
N PHE A 67 2.61 9.37 0.87
CA PHE A 67 2.42 9.57 2.30
C PHE A 67 3.62 9.04 3.08
N TYR A 68 3.95 7.78 2.86
CA TYR A 68 5.06 7.15 3.56
C TYR A 68 6.39 7.76 3.11
N ALA A 69 6.61 7.78 1.81
CA ALA A 69 7.84 8.35 1.24
C ALA A 69 8.08 9.76 1.76
N LEU A 70 7.00 10.46 2.08
CA LEU A 70 7.09 11.83 2.59
C LEU A 70 7.70 11.85 3.99
N ILE A 71 7.20 10.97 4.85
CA ILE A 71 7.70 10.89 6.22
C ILE A 71 8.78 9.83 6.35
N ASN A 72 9.39 9.47 5.22
CA ASN A 72 10.45 8.46 5.21
C ASN A 72 11.82 9.12 5.31
N GLY A 73 11.98 10.26 4.66
CA GLY A 73 13.25 10.96 4.68
C GLY A 73 13.10 12.42 5.09
N ASP A 74 11.97 12.73 5.71
CA ASP A 74 11.70 14.10 6.15
C ASP A 74 12.66 14.52 7.27
N GLU A 75 13.26 13.53 7.92
CA GLU A 75 14.20 13.78 9.00
C GLU A 75 13.59 14.71 10.04
N SER A 76 12.36 14.41 10.45
CA SER A 76 11.66 15.22 11.44
C SER A 76 10.28 14.64 11.74
N ILE A 77 10.19 13.32 11.72
CA ILE A 77 8.93 12.64 11.99
C ILE A 77 9.03 11.76 13.23
N ILE A 78 8.11 11.96 14.16
CA ILE A 78 8.10 11.17 15.39
C ILE A 78 7.54 9.77 15.16
N LYS A 79 8.43 8.78 15.14
CA LYS A 79 8.02 7.40 14.92
C LYS A 79 9.09 6.44 15.43
N GLY A 80 8.85 5.14 15.25
CA GLY A 80 9.79 4.14 15.70
C GLY A 80 11.10 4.20 14.94
N TYR A 81 12.04 5.00 15.44
CA TYR A 81 13.35 5.14 14.80
C TYR A 81 14.16 3.86 14.92
N THR A 82 14.06 3.22 16.09
CA THR A 82 14.79 1.98 16.34
C THR A 82 13.92 0.76 16.05
N THR A 83 12.71 1.01 15.55
CA THR A 83 11.78 -0.08 15.22
C THR A 83 11.95 -0.52 13.78
N GLU A 84 11.04 -1.39 13.33
CA GLU A 84 11.09 -1.90 11.96
C GLU A 84 10.20 -1.07 11.04
N LYS A 85 9.97 -1.56 9.83
CA LYS A 85 9.14 -0.87 8.86
C LYS A 85 7.70 -1.37 8.93
N ILE A 86 7.26 -1.71 10.13
CA ILE A 86 5.90 -2.20 10.33
C ILE A 86 4.87 -1.15 9.92
N GLY A 87 5.31 0.10 9.82
CA GLY A 87 4.42 1.18 9.43
C GLY A 87 3.39 1.49 10.50
N ASP A 88 3.66 1.06 11.72
CA ASP A 88 2.76 1.31 12.84
C ASP A 88 3.22 2.49 13.67
N TYR A 89 2.61 2.66 14.84
CA TYR A 89 2.96 3.75 15.74
C TYR A 89 2.65 5.11 15.10
N SER A 90 2.53 6.13 15.92
CA SER A 90 2.23 7.48 15.44
C SER A 90 3.27 7.92 14.41
N TYR A 91 3.07 9.11 13.86
CA TYR A 91 3.99 9.65 12.86
C TYR A 91 3.90 11.18 12.82
N THR A 92 3.96 11.80 13.99
CA THR A 92 3.90 13.25 14.09
C THR A 92 4.92 13.91 13.16
N LEU A 93 4.53 15.04 12.60
CA LEU A 93 5.40 15.78 11.69
C LEU A 93 6.24 16.82 12.44
N GLY A 94 6.95 17.66 11.69
CA GLY A 94 7.76 18.68 12.30
C GLY A 94 6.94 19.79 12.93
N ASP A 95 5.79 20.09 12.32
CA ASP A 95 4.91 21.14 12.82
C ASP A 95 3.83 20.55 13.71
N GLY A 96 4.11 19.40 14.31
CA GLY A 96 3.14 18.75 15.17
C GLY A 96 1.79 18.58 14.50
N SER A 97 1.77 17.84 13.40
CA SER A 97 0.54 17.60 12.66
C SER A 97 0.25 16.10 12.55
N SER A 98 -1.02 15.74 12.70
CA SER A 98 -1.42 14.34 12.62
C SER A 98 -1.52 13.88 11.17
N LEU A 99 -0.42 13.34 10.65
CA LEU A 99 -0.37 12.85 9.28
C LEU A 99 -0.90 11.43 9.18
N GLN A 100 -2.16 11.30 8.76
CA GLN A 100 -2.79 9.98 8.62
C GLN A 100 -2.78 9.54 7.16
N LYS A 101 -2.66 8.23 6.95
CA LYS A 101 -2.63 7.66 5.61
C LYS A 101 -3.84 8.14 4.80
N PRO A 102 -3.73 8.03 3.47
CA PRO A 102 -4.80 8.46 2.55
C PRO A 102 -6.01 7.53 2.63
N ASP A 103 -7.20 8.14 2.60
CA ASP A 103 -8.44 7.37 2.67
C ASP A 103 -8.71 6.66 1.34
N VAL A 104 -7.98 5.58 1.10
CA VAL A 104 -8.13 4.81 -0.13
C VAL A 104 -9.06 3.61 0.09
N TYR A 105 -9.90 3.70 1.11
CA TYR A 105 -10.83 2.63 1.42
C TYR A 105 -11.95 2.54 0.37
N ALA A 106 -12.45 3.69 -0.03
CA ALA A 106 -13.51 3.75 -1.04
C ALA A 106 -12.99 3.35 -2.41
N LEU A 107 -11.69 3.53 -2.62
CA LEU A 107 -11.06 3.21 -3.90
C LEU A 107 -11.06 1.69 -4.13
N ILE A 108 -10.55 0.95 -3.15
CA ILE A 108 -10.49 -0.50 -3.25
C ILE A 108 -11.80 -1.13 -2.81
N LYS A 109 -12.77 -0.29 -2.47
CA LYS A 109 -14.09 -0.75 -2.04
C LYS A 109 -14.73 -1.63 -3.10
N ASP A 110 -14.27 -1.48 -4.34
CA ASP A 110 -14.79 -2.26 -5.46
C ASP A 110 -14.20 -3.66 -5.48
N TYR A 111 -13.04 -3.81 -4.83
CA TYR A 111 -12.37 -5.10 -4.78
C TYR A 111 -12.07 -5.49 -3.34
N VAL A 112 -13.06 -5.33 -2.46
CA VAL A 112 -12.91 -5.67 -1.05
C VAL A 112 -13.78 -6.87 -0.69
N LYS A 113 -13.15 -8.04 -0.62
CA LYS A 113 -13.87 -9.26 -0.26
C LYS A 113 -15.10 -9.44 -1.14
N PRO A 114 -14.91 -9.96 -2.36
CA PRO A 114 -16.00 -10.20 -3.30
C PRO A 114 -16.92 -11.32 -2.86
N ALA A 115 -17.88 -11.66 -3.71
CA ALA A 115 -18.84 -12.73 -3.41
C ALA A 115 -19.36 -13.38 -4.68
N ASP A 116 -18.44 -13.87 -5.51
CA ASP A 116 -18.79 -14.52 -6.76
C ASP A 116 -18.24 -15.95 -6.81
N PRO A 117 -18.88 -16.80 -7.62
CA PRO A 117 -18.47 -18.20 -7.78
C PRO A 117 -17.13 -18.33 -8.52
N ASP A 118 -16.84 -19.53 -8.97
CA ASP A 118 -15.60 -19.79 -9.69
C ASP A 118 -15.74 -19.44 -11.17
N LEU A 119 -16.24 -18.25 -11.43
CA LEU A 119 -16.44 -17.79 -12.81
C LEU A 119 -15.29 -16.87 -13.24
N GLU A 120 -14.62 -16.27 -12.26
CA GLU A 120 -13.51 -15.37 -12.54
C GLU A 120 -12.49 -16.04 -13.45
N GLY A 121 -11.52 -15.25 -13.93
CA GLY A 121 -10.50 -15.78 -14.81
C GLY A 121 -9.72 -16.91 -14.17
N ILE A 122 -10.10 -18.15 -14.50
CA ILE A 122 -9.42 -19.31 -13.94
C ILE A 122 -9.06 -20.31 -15.04
N GLU A 123 -7.91 -20.95 -14.90
CA GLU A 123 -7.45 -21.93 -15.89
C GLU A 123 -7.24 -21.28 -17.25
N ALA A 124 -7.15 -19.95 -17.25
CA ALA A 124 -6.94 -19.20 -18.49
C ALA A 124 -5.47 -18.86 -18.69
N LYS A 125 -4.81 -18.44 -17.61
CA LYS A 125 -3.40 -18.08 -17.66
C LYS A 125 -2.53 -19.33 -17.58
N VAL A 126 -3.05 -20.38 -16.97
CA VAL A 126 -2.32 -21.63 -16.83
C VAL A 126 -2.42 -22.48 -18.10
N ARG A 127 -3.50 -22.27 -18.85
CA ARG A 127 -3.71 -23.02 -20.09
C ARG A 127 -2.78 -22.52 -21.18
N MET A 128 -2.39 -21.26 -21.10
CA MET A 128 -1.49 -20.67 -22.09
C MET A 128 -0.04 -20.72 -21.61
N ARG A 129 0.14 -20.71 -20.29
CA ARG A 129 1.48 -20.76 -19.71
C ARG A 129 1.99 -22.19 -19.65
N SER A 130 1.07 -23.15 -19.60
CA SER A 130 1.42 -24.55 -19.54
C SER A 130 1.22 -25.24 -20.89
N ILE A 131 1.67 -24.58 -21.95
CA ILE A 131 1.54 -25.12 -23.30
C ILE A 131 2.87 -25.06 -24.05
N LEU A 132 3.06 -25.99 -24.97
CA LEU A 132 4.28 -26.05 -25.77
C LEU A 132 4.54 -24.72 -26.46
N GLU A 133 3.78 -24.45 -27.51
CA GLU A 133 3.93 -23.21 -28.26
C GLU A 133 2.73 -22.97 -29.17
N HIS A 134 2.67 -23.73 -30.27
CA HIS A 134 1.57 -23.61 -31.22
C HIS A 134 1.16 -24.98 -31.76
N HIS A 135 1.34 -26.01 -30.93
CA HIS A 135 0.99 -27.36 -31.32
C HIS A 135 0.75 -28.24 -30.09
N HIS A 136 0.37 -29.49 -30.33
CA HIS A 136 0.12 -30.43 -29.25
C HIS A 136 0.99 -31.68 -29.39
N HIS A 137 1.03 -32.23 -30.60
CA HIS A 137 1.83 -33.42 -30.87
C HIS A 137 2.32 -33.43 -32.31
N HIS A 138 2.59 -32.24 -32.85
CA HIS A 138 3.07 -32.12 -34.22
C HIS A 138 4.04 -30.95 -34.35
N HIS A 139 4.65 -30.81 -35.53
CA HIS A 139 5.59 -29.73 -35.79
C HIS A 139 5.91 -29.62 -37.28
N MET A 1 3.28 -8.72 -4.26
CA MET A 1 4.03 -7.59 -4.78
C MET A 1 3.16 -6.70 -5.65
N LEU A 2 3.71 -5.56 -6.06
CA LEU A 2 2.97 -4.62 -6.90
C LEU A 2 3.36 -4.79 -8.38
N LEU A 3 2.77 -3.97 -9.23
CA LEU A 3 3.05 -4.03 -10.67
C LEU A 3 3.37 -2.64 -11.21
N ILE A 4 3.84 -1.76 -10.34
CA ILE A 4 4.19 -0.39 -10.73
C ILE A 4 5.68 -0.13 -10.53
N THR A 5 6.16 0.98 -11.07
CA THR A 5 7.56 1.35 -10.94
C THR A 5 7.71 2.60 -10.08
N PRO A 6 8.93 2.80 -9.55
CA PRO A 6 9.25 3.95 -8.70
C PRO A 6 9.27 5.27 -9.48
N ASP A 7 9.74 5.19 -10.72
CA ASP A 7 9.82 6.37 -11.57
C ASP A 7 8.43 6.97 -11.79
N GLU A 8 7.42 6.11 -11.84
CA GLU A 8 6.04 6.55 -12.05
C GLU A 8 5.50 7.25 -10.81
N LEU A 9 5.87 6.75 -9.64
CA LEU A 9 5.43 7.34 -8.38
C LEU A 9 5.72 8.83 -8.33
N LYS A 10 6.95 9.19 -8.67
CA LYS A 10 7.37 10.59 -8.67
C LYS A 10 6.73 11.34 -9.83
N SER A 11 6.47 10.63 -10.92
CA SER A 11 5.86 11.24 -12.10
C SER A 11 4.49 11.82 -11.76
N TYR A 12 3.75 11.10 -10.92
CA TYR A 12 2.42 11.54 -10.52
C TYR A 12 2.48 12.34 -9.22
N SER A 13 3.17 11.79 -8.22
CA SER A 13 3.30 12.45 -6.93
C SER A 13 3.79 13.89 -7.10
N VAL A 14 3.32 14.77 -6.23
CA VAL A 14 3.70 16.17 -6.27
C VAL A 14 4.78 16.48 -5.24
N PHE A 15 4.84 15.67 -4.19
CA PHE A 15 5.82 15.85 -3.14
C PHE A 15 7.24 15.73 -3.68
N GLU A 16 7.97 16.84 -3.68
CA GLU A 16 9.34 16.86 -4.17
C GLU A 16 10.21 15.86 -3.42
N SER A 17 9.79 15.51 -2.21
CA SER A 17 10.53 14.58 -1.37
C SER A 17 10.53 13.19 -2.01
N VAL A 18 9.41 12.80 -2.60
CA VAL A 18 9.29 11.50 -3.25
C VAL A 18 10.03 11.48 -4.58
N LYS A 19 10.04 12.62 -5.26
CA LYS A 19 10.71 12.73 -6.54
C LYS A 19 12.22 12.90 -6.37
N THR A 20 12.62 13.39 -5.19
CA THR A 20 14.02 13.60 -4.89
C THR A 20 14.71 12.29 -4.52
N ARG A 21 14.00 11.45 -3.78
CA ARG A 21 14.55 10.16 -3.35
C ARG A 21 14.98 9.33 -4.56
N PRO A 22 15.90 8.37 -4.33
CA PRO A 22 16.43 7.50 -5.38
C PRO A 22 15.37 6.51 -5.89
N ASP A 23 15.79 5.60 -6.76
CA ASP A 23 14.89 4.60 -7.32
C ASP A 23 14.83 3.38 -6.42
N GLU A 24 15.96 3.03 -5.80
CA GLU A 24 16.02 1.88 -4.92
C GLU A 24 15.12 2.06 -3.71
N LEU A 25 15.15 3.26 -3.13
CA LEU A 25 14.33 3.57 -1.97
C LEU A 25 12.85 3.61 -2.33
N LEU A 26 12.53 4.31 -3.40
CA LEU A 26 11.14 4.43 -3.86
C LEU A 26 10.51 3.04 -4.00
N LYS A 27 11.24 2.12 -4.61
CA LYS A 27 10.76 0.76 -4.80
C LYS A 27 10.40 0.11 -3.47
N GLN A 28 11.34 0.14 -2.54
CA GLN A 28 11.13 -0.46 -1.22
C GLN A 28 9.91 0.16 -0.55
N ASP A 29 9.76 1.47 -0.68
CA ASP A 29 8.63 2.18 -0.09
C ASP A 29 7.32 1.72 -0.70
N ILE A 30 7.26 1.72 -2.02
CA ILE A 30 6.06 1.30 -2.73
C ILE A 30 5.57 -0.06 -2.25
N LEU A 31 6.49 -1.03 -2.21
CA LEU A 31 6.15 -2.38 -1.76
C LEU A 31 5.55 -2.35 -0.36
N GLU A 32 5.91 -1.33 0.42
CA GLU A 32 5.40 -1.19 1.78
C GLU A 32 4.00 -0.59 1.78
N ALA A 33 3.68 0.14 0.71
CA ALA A 33 2.36 0.75 0.59
C ALA A 33 1.29 -0.28 0.28
N THR A 34 1.61 -1.22 -0.61
CA THR A 34 0.67 -2.27 -0.99
C THR A 34 0.21 -3.06 0.24
N ALA A 35 1.00 -3.02 1.30
CA ALA A 35 0.67 -3.73 2.53
C ALA A 35 -0.56 -3.12 3.19
N ASP A 36 -0.77 -1.84 2.98
CA ASP A 36 -1.91 -1.13 3.56
C ASP A 36 -3.20 -1.52 2.84
N ILE A 37 -3.18 -1.45 1.52
CA ILE A 37 -4.35 -1.79 0.71
C ILE A 37 -4.68 -3.26 0.84
N ILE A 38 -3.66 -4.11 0.75
CA ILE A 38 -3.86 -5.55 0.85
C ILE A 38 -4.42 -5.93 2.22
N LEU A 39 -4.00 -5.20 3.25
CA LEU A 39 -4.46 -5.47 4.61
C LEU A 39 -5.97 -5.31 4.70
N LYS A 40 -6.55 -4.55 3.78
CA LYS A 40 -7.99 -4.33 3.76
C LYS A 40 -8.72 -5.54 3.18
N VAL A 41 -8.23 -6.03 2.05
CA VAL A 41 -8.83 -7.18 1.39
C VAL A 41 -8.50 -8.48 2.14
N GLY A 42 -7.36 -8.47 2.84
CA GLY A 42 -6.95 -9.65 3.58
C GLY A 42 -6.33 -10.71 2.68
N HIS A 43 -5.62 -10.27 1.66
CA HIS A 43 -4.98 -11.19 0.72
C HIS A 43 -4.12 -10.44 -0.28
N ASP A 44 -2.96 -11.00 -0.61
CA ASP A 44 -2.05 -10.38 -1.57
C ASP A 44 -2.22 -10.98 -2.96
N PHE A 45 -2.40 -10.11 -3.95
CA PHE A 45 -2.59 -10.55 -5.33
C PHE A 45 -1.35 -11.29 -5.84
N SER A 46 -1.38 -12.61 -5.71
CA SER A 46 -0.26 -13.44 -6.16
C SER A 46 -0.58 -14.15 -7.46
N ASP A 47 -1.84 -14.55 -7.60
CA ASP A 47 -2.29 -15.25 -8.82
C ASP A 47 -2.18 -14.34 -10.03
N ALA A 48 -1.33 -14.73 -10.98
CA ALA A 48 -1.13 -13.96 -12.19
C ALA A 48 -2.42 -13.86 -13.00
N GLU A 49 -3.37 -14.74 -12.70
CA GLU A 49 -4.65 -14.74 -13.40
C GLU A 49 -5.69 -13.95 -12.62
N TYR A 50 -5.23 -13.02 -11.78
CA TYR A 50 -6.12 -12.19 -10.98
C TYR A 50 -5.38 -10.99 -10.42
N ILE A 51 -4.81 -10.18 -11.30
CA ILE A 51 -4.07 -8.99 -10.90
C ILE A 51 -4.63 -7.74 -11.56
N PRO A 52 -5.88 -7.39 -11.21
CA PRO A 52 -6.54 -6.21 -11.76
C PRO A 52 -5.93 -4.90 -11.28
N LEU A 53 -5.72 -3.98 -12.20
CA LEU A 53 -5.14 -2.68 -11.85
C LEU A 53 -5.92 -1.54 -12.51
N PRO A 54 -7.15 -1.30 -12.02
CA PRO A 54 -8.01 -0.24 -12.53
C PRO A 54 -7.49 1.16 -12.19
N GLU A 55 -8.32 2.17 -12.44
CA GLU A 55 -7.94 3.54 -12.16
C GLU A 55 -8.07 3.86 -10.68
N THR A 56 -8.98 3.14 -10.01
CA THR A 56 -9.20 3.35 -8.58
C THR A 56 -8.08 2.73 -7.75
N VAL A 57 -7.60 1.57 -8.18
CA VAL A 57 -6.53 0.87 -7.49
C VAL A 57 -5.19 1.58 -7.70
N ARG A 58 -4.82 1.76 -8.96
CA ARG A 58 -3.56 2.43 -9.30
C ARG A 58 -3.42 3.75 -8.55
N LEU A 59 -4.55 4.42 -8.33
CA LEU A 59 -4.55 5.70 -7.62
C LEU A 59 -4.31 5.49 -6.13
N ALA A 60 -5.03 4.54 -5.54
CA ALA A 60 -4.90 4.24 -4.12
C ALA A 60 -3.43 4.02 -3.75
N LEU A 61 -2.73 3.24 -4.56
CA LEU A 61 -1.32 2.95 -4.31
C LEU A 61 -0.45 4.15 -4.63
N LEU A 62 -0.82 4.89 -5.68
CA LEU A 62 -0.07 6.07 -6.09
C LEU A 62 -0.07 7.12 -4.98
N LYS A 63 -1.22 7.30 -4.34
CA LYS A 63 -1.36 8.27 -3.26
C LYS A 63 -0.65 7.79 -2.01
N LEU A 64 -0.93 6.56 -1.61
CA LEU A 64 -0.32 5.97 -0.41
C LEU A 64 1.20 5.91 -0.56
N SER A 65 1.66 5.71 -1.79
CA SER A 65 3.09 5.61 -2.07
C SER A 65 3.82 6.88 -1.59
N GLN A 66 3.17 8.03 -1.78
CA GLN A 66 3.75 9.30 -1.37
C GLN A 66 3.72 9.45 0.15
N PHE A 67 2.66 8.93 0.76
CA PHE A 67 2.50 9.02 2.20
C PHE A 67 3.68 8.36 2.93
N TYR A 68 3.91 7.09 2.62
CA TYR A 68 5.01 6.34 3.22
C TYR A 68 6.36 6.94 2.84
N ALA A 69 6.43 7.50 1.63
CA ALA A 69 7.65 8.10 1.14
C ALA A 69 7.94 9.42 1.85
N LEU A 70 6.88 10.08 2.33
CA LEU A 70 7.01 11.35 3.02
C LEU A 70 7.50 11.13 4.46
N ILE A 71 6.94 10.13 5.13
CA ILE A 71 7.32 9.82 6.50
C ILE A 71 8.37 8.71 6.54
N ASN A 72 9.11 8.56 5.44
CA ASN A 72 10.15 7.54 5.35
C ASN A 72 11.49 8.08 5.83
N GLY A 73 11.74 9.36 5.56
CA GLY A 73 12.98 9.98 5.97
C GLY A 73 13.07 11.43 5.57
N ASP A 74 12.01 12.19 5.87
CA ASP A 74 11.96 13.61 5.53
C ASP A 74 13.19 14.33 6.08
N GLU A 75 13.19 14.56 7.39
CA GLU A 75 14.30 15.25 8.04
C GLU A 75 14.38 14.87 9.52
N SER A 76 13.25 14.94 10.21
CA SER A 76 13.19 14.60 11.63
C SER A 76 11.76 14.37 12.07
N ILE A 77 11.14 13.32 11.53
CA ILE A 77 9.77 12.98 11.88
C ILE A 77 9.72 11.93 12.98
N ILE A 78 9.10 12.29 14.10
CA ILE A 78 8.98 11.38 15.23
C ILE A 78 7.54 10.91 15.42
N LYS A 79 7.38 9.66 15.83
CA LYS A 79 6.06 9.09 16.05
C LYS A 79 5.99 8.37 17.39
N GLY A 80 6.84 8.78 18.32
CA GLY A 80 6.87 8.15 19.63
C GLY A 80 7.43 6.75 19.61
N TYR A 81 6.59 5.78 19.27
CA TYR A 81 7.01 4.38 19.21
C TYR A 81 5.88 3.49 18.72
N THR A 82 5.86 3.21 17.43
CA THR A 82 4.82 2.36 16.84
C THR A 82 5.42 1.39 15.83
N THR A 83 5.21 0.10 16.06
CA THR A 83 5.72 -0.93 15.16
C THR A 83 4.73 -1.23 14.05
N GLU A 84 5.25 -1.57 12.88
CA GLU A 84 4.41 -1.88 11.72
C GLU A 84 3.60 -0.67 11.30
N LYS A 85 3.10 -0.70 10.06
CA LYS A 85 2.30 0.41 9.53
C LYS A 85 0.88 0.36 10.09
N ILE A 86 0.63 1.15 11.12
CA ILE A 86 -0.70 1.20 11.74
C ILE A 86 -1.29 2.60 11.65
N GLY A 87 -0.47 3.57 11.25
CA GLY A 87 -0.94 4.94 11.14
C GLY A 87 -1.19 5.59 12.48
N ASP A 88 -2.44 5.53 12.94
CA ASP A 88 -2.81 6.12 14.22
C ASP A 88 -2.34 7.57 14.31
N TYR A 89 -2.43 8.14 15.50
CA TYR A 89 -2.01 9.53 15.72
C TYR A 89 -0.51 9.61 16.00
N SER A 90 0.25 9.95 14.98
CA SER A 90 1.70 10.07 15.11
C SER A 90 2.34 10.49 13.79
N TYR A 91 3.66 10.41 13.73
CA TYR A 91 4.40 10.80 12.53
C TYR A 91 4.19 12.28 12.21
N THR A 92 4.42 13.12 13.22
CA THR A 92 4.26 14.56 13.06
C THR A 92 5.25 15.11 12.03
N LEU A 93 4.74 15.49 10.87
CA LEU A 93 5.58 16.04 9.80
C LEU A 93 6.19 17.37 10.22
N GLY A 94 7.35 17.69 9.65
CA GLY A 94 8.02 18.93 9.97
C GLY A 94 7.10 20.14 9.82
N ASP A 95 6.37 20.18 8.71
CA ASP A 95 5.45 21.28 8.45
C ASP A 95 4.44 21.43 9.59
N GLY A 96 4.20 20.34 10.31
CA GLY A 96 3.27 20.37 11.41
C GLY A 96 1.92 19.79 11.04
N SER A 97 1.88 19.05 9.94
CA SER A 97 0.64 18.43 9.48
C SER A 97 0.45 17.04 10.09
N SER A 98 -0.76 16.78 10.58
CA SER A 98 -1.07 15.51 11.20
C SER A 98 -1.44 14.47 10.14
N LEU A 99 -0.43 13.88 9.51
CA LEU A 99 -0.65 12.88 8.49
C LEU A 99 -1.58 11.78 8.98
N GLN A 100 -2.58 11.45 8.17
CA GLN A 100 -3.54 10.41 8.54
C GLN A 100 -3.78 9.46 7.38
N LYS A 101 -2.87 9.48 6.40
CA LYS A 101 -2.97 8.61 5.23
C LYS A 101 -4.20 8.96 4.40
N PRO A 102 -4.10 8.74 3.08
CA PRO A 102 -5.19 9.03 2.14
C PRO A 102 -6.37 8.07 2.32
N ASP A 103 -7.58 8.59 2.12
CA ASP A 103 -8.79 7.78 2.26
C ASP A 103 -9.02 6.94 1.01
N VAL A 104 -8.17 5.94 0.82
CA VAL A 104 -8.28 5.05 -0.34
C VAL A 104 -9.09 3.81 0.00
N TYR A 105 -9.90 3.90 1.05
CA TYR A 105 -10.73 2.77 1.48
C TYR A 105 -11.86 2.53 0.49
N ALA A 106 -12.49 3.60 0.02
CA ALA A 106 -13.58 3.50 -0.93
C ALA A 106 -13.08 3.07 -2.31
N LEU A 107 -11.81 3.38 -2.58
CA LEU A 107 -11.20 3.03 -3.86
C LEU A 107 -11.11 1.50 -4.03
N ILE A 108 -10.84 0.81 -2.93
CA ILE A 108 -10.73 -0.64 -2.95
C ILE A 108 -11.98 -1.29 -2.34
N LYS A 109 -12.85 -0.47 -1.76
CA LYS A 109 -14.08 -0.96 -1.15
C LYS A 109 -14.93 -1.70 -2.16
N ASP A 110 -14.75 -1.39 -3.44
CA ASP A 110 -15.50 -2.03 -4.50
C ASP A 110 -14.79 -3.29 -5.00
N TYR A 111 -13.59 -3.52 -4.47
CA TYR A 111 -12.80 -4.69 -4.86
C TYR A 111 -12.22 -5.39 -3.63
N VAL A 112 -13.01 -5.45 -2.56
CA VAL A 112 -12.58 -6.10 -1.34
C VAL A 112 -13.18 -7.49 -1.19
N LYS A 113 -12.36 -8.45 -0.81
CA LYS A 113 -12.81 -9.83 -0.64
C LYS A 113 -14.02 -9.89 0.29
N PRO A 114 -14.77 -11.00 0.22
CA PRO A 114 -15.97 -11.20 1.05
C PRO A 114 -15.62 -11.41 2.52
N ALA A 115 -16.63 -11.76 3.31
CA ALA A 115 -16.43 -11.98 4.74
C ALA A 115 -16.34 -13.47 5.05
N ASP A 116 -15.17 -14.05 4.80
CA ASP A 116 -14.95 -15.47 5.05
C ASP A 116 -15.13 -15.79 6.53
N PRO A 117 -15.45 -17.06 6.83
CA PRO A 117 -15.65 -17.53 8.19
C PRO A 117 -14.36 -17.56 8.99
N ASP A 118 -14.39 -18.27 10.12
CA ASP A 118 -13.21 -18.37 10.99
C ASP A 118 -12.32 -19.53 10.55
N LEU A 119 -12.53 -19.99 9.32
CA LEU A 119 -11.76 -21.11 8.78
C LEU A 119 -10.26 -20.85 8.94
N GLU A 120 -9.88 -19.57 8.89
CA GLU A 120 -8.47 -19.19 9.03
C GLU A 120 -7.63 -19.80 7.91
N GLY A 121 -6.50 -19.17 7.62
CA GLY A 121 -5.62 -19.66 6.57
C GLY A 121 -5.26 -21.12 6.77
N ILE A 122 -5.92 -21.99 6.02
CA ILE A 122 -5.66 -23.43 6.11
C ILE A 122 -5.57 -24.06 4.73
N GLU A 123 -4.67 -25.03 4.59
CA GLU A 123 -4.49 -25.72 3.31
C GLU A 123 -4.00 -24.75 2.23
N ALA A 124 -3.51 -23.60 2.67
CA ALA A 124 -3.01 -22.59 1.74
C ALA A 124 -1.49 -22.68 1.61
N LYS A 125 -0.79 -22.65 2.73
CA LYS A 125 0.66 -22.73 2.73
C LYS A 125 1.13 -24.11 2.27
N VAL A 126 0.37 -25.14 2.62
CA VAL A 126 0.69 -26.51 2.24
C VAL A 126 0.91 -26.62 0.73
N ARG A 127 0.00 -26.01 -0.03
CA ARG A 127 0.09 -26.04 -1.49
C ARG A 127 1.41 -25.46 -1.97
N MET A 128 1.98 -24.57 -1.17
CA MET A 128 3.26 -23.94 -1.52
C MET A 128 4.43 -24.77 -1.03
N ARG A 129 4.42 -25.10 0.26
CA ARG A 129 5.49 -25.90 0.85
C ARG A 129 5.70 -27.20 0.07
N SER A 130 4.64 -27.69 -0.55
CA SER A 130 4.70 -28.92 -1.33
C SER A 130 4.60 -28.63 -2.82
N ILE A 131 5.51 -27.80 -3.32
CA ILE A 131 5.52 -27.43 -4.73
C ILE A 131 6.80 -27.91 -5.41
N LEU A 132 6.71 -28.19 -6.70
CA LEU A 132 7.86 -28.66 -7.47
C LEU A 132 9.05 -27.71 -7.29
N GLU A 133 8.98 -26.55 -7.93
CA GLU A 133 10.05 -25.56 -7.84
C GLU A 133 9.47 -24.16 -7.66
N HIS A 134 8.94 -23.60 -8.74
CA HIS A 134 8.35 -22.27 -8.70
C HIS A 134 7.78 -21.89 -10.07
N HIS A 135 6.49 -22.10 -10.26
CA HIS A 135 5.82 -21.78 -11.52
C HIS A 135 6.57 -22.41 -12.69
N HIS A 136 6.18 -22.02 -13.90
CA HIS A 136 6.81 -22.54 -15.11
C HIS A 136 8.26 -22.09 -15.21
N HIS A 137 8.46 -20.80 -15.48
CA HIS A 137 9.79 -20.24 -15.59
C HIS A 137 9.75 -18.71 -15.60
N HIS A 138 10.91 -18.09 -15.75
CA HIS A 138 11.00 -16.63 -15.78
C HIS A 138 12.00 -16.17 -16.84
N HIS A 139 12.32 -14.88 -16.82
CA HIS A 139 13.25 -14.31 -17.77
C HIS A 139 13.89 -13.03 -17.22
N MET A 1 2.74 -9.45 -5.75
CA MET A 1 3.43 -8.17 -5.59
C MET A 1 2.73 -7.09 -6.40
N LEU A 2 3.16 -5.84 -6.22
CA LEU A 2 2.58 -4.71 -6.93
C LEU A 2 2.88 -4.80 -8.43
N LEU A 3 2.45 -3.79 -9.17
CA LEU A 3 2.68 -3.75 -10.61
C LEU A 3 2.92 -2.33 -11.09
N ILE A 4 3.86 -1.64 -10.45
CA ILE A 4 4.19 -0.27 -10.80
C ILE A 4 5.68 0.00 -10.62
N THR A 5 6.13 1.16 -11.09
CA THR A 5 7.53 1.53 -10.98
C THR A 5 7.70 2.78 -10.12
N PRO A 6 8.92 2.98 -9.60
CA PRO A 6 9.24 4.12 -8.74
C PRO A 6 9.25 5.45 -9.51
N ASP A 7 9.74 5.39 -10.75
CA ASP A 7 9.78 6.58 -11.59
C ASP A 7 8.40 7.18 -11.79
N GLU A 8 7.38 6.31 -11.79
CA GLU A 8 6.00 6.75 -11.97
C GLU A 8 5.51 7.50 -10.73
N LEU A 9 5.85 6.99 -9.56
CA LEU A 9 5.45 7.61 -8.30
C LEU A 9 5.82 9.09 -8.28
N LYS A 10 7.07 9.38 -8.63
CA LYS A 10 7.54 10.77 -8.65
C LYS A 10 6.91 11.54 -9.80
N SER A 11 6.57 10.83 -10.87
CA SER A 11 5.97 11.46 -12.05
C SER A 11 4.57 11.98 -11.73
N TYR A 12 3.85 11.23 -10.89
CA TYR A 12 2.50 11.61 -10.50
C TYR A 12 2.51 12.48 -9.25
N SER A 13 3.24 12.04 -8.23
CA SER A 13 3.34 12.78 -6.97
C SER A 13 3.89 14.17 -7.21
N VAL A 14 3.68 15.05 -6.24
CA VAL A 14 4.15 16.43 -6.34
C VAL A 14 5.23 16.72 -5.30
N PHE A 15 5.20 15.97 -4.20
CA PHE A 15 6.17 16.14 -3.13
C PHE A 15 7.59 15.97 -3.65
N GLU A 16 8.37 17.05 -3.58
CA GLU A 16 9.76 17.02 -4.05
C GLU A 16 10.56 15.97 -3.29
N SER A 17 10.08 15.60 -2.10
CA SER A 17 10.75 14.61 -1.27
C SER A 17 10.65 13.23 -1.89
N VAL A 18 9.51 12.95 -2.52
CA VAL A 18 9.29 11.66 -3.16
C VAL A 18 10.07 11.53 -4.46
N LYS A 19 10.24 12.65 -5.15
CA LYS A 19 10.97 12.69 -6.41
C LYS A 19 12.48 12.73 -6.16
N THR A 20 12.90 13.63 -5.28
CA THR A 20 14.31 13.78 -4.95
C THR A 20 14.90 12.45 -4.46
N ARG A 21 14.07 11.64 -3.83
CA ARG A 21 14.51 10.35 -3.32
C ARG A 21 15.06 9.47 -4.45
N PRO A 22 15.89 8.48 -4.07
CA PRO A 22 16.49 7.55 -5.03
C PRO A 22 15.47 6.61 -5.65
N ASP A 23 15.96 5.61 -6.38
CA ASP A 23 15.09 4.64 -7.02
C ASP A 23 14.97 3.38 -6.17
N GLU A 24 15.98 3.12 -5.35
CA GLU A 24 15.98 1.94 -4.49
C GLU A 24 15.01 2.11 -3.33
N LEU A 25 15.01 3.31 -2.73
CA LEU A 25 14.12 3.60 -1.62
C LEU A 25 12.67 3.61 -2.06
N LEU A 26 12.39 4.28 -3.17
CA LEU A 26 11.04 4.36 -3.70
C LEU A 26 10.42 2.97 -3.83
N LYS A 27 11.19 2.04 -4.38
CA LYS A 27 10.71 0.67 -4.55
C LYS A 27 10.28 0.08 -3.22
N GLN A 28 11.12 0.23 -2.20
CA GLN A 28 10.82 -0.30 -0.87
C GLN A 28 9.50 0.27 -0.35
N ASP A 29 9.33 1.58 -0.49
CA ASP A 29 8.12 2.25 -0.04
C ASP A 29 6.90 1.76 -0.81
N ILE A 30 7.05 1.66 -2.12
CA ILE A 30 5.96 1.20 -2.98
C ILE A 30 5.51 -0.21 -2.59
N LEU A 31 6.47 -1.06 -2.26
CA LEU A 31 6.17 -2.43 -1.88
C LEU A 31 5.61 -2.48 -0.46
N GLU A 32 5.99 -1.51 0.37
CA GLU A 32 5.51 -1.45 1.74
C GLU A 32 4.10 -0.86 1.80
N ALA A 33 3.75 -0.08 0.79
CA ALA A 33 2.44 0.55 0.73
C ALA A 33 1.36 -0.47 0.37
N THR A 34 1.67 -1.33 -0.59
CA THR A 34 0.73 -2.35 -1.02
C THR A 34 0.29 -3.23 0.14
N ALA A 35 1.11 -3.27 1.19
CA ALA A 35 0.80 -4.07 2.37
C ALA A 35 -0.45 -3.54 3.07
N ASP A 36 -0.68 -2.25 2.95
CA ASP A 36 -1.84 -1.61 3.58
C ASP A 36 -3.12 -1.98 2.84
N ILE A 37 -3.16 -1.69 1.54
CA ILE A 37 -4.33 -1.99 0.73
C ILE A 37 -4.68 -3.47 0.79
N ILE A 38 -3.70 -4.32 0.52
CA ILE A 38 -3.90 -5.77 0.54
C ILE A 38 -4.46 -6.21 1.89
N LEU A 39 -4.03 -5.54 2.96
CA LEU A 39 -4.48 -5.87 4.30
C LEU A 39 -5.96 -5.55 4.48
N LYS A 40 -6.47 -4.65 3.63
CA LYS A 40 -7.87 -4.27 3.69
C LYS A 40 -8.74 -5.25 2.91
N VAL A 41 -8.32 -5.59 1.70
CA VAL A 41 -9.05 -6.51 0.86
C VAL A 41 -8.86 -7.95 1.33
N GLY A 42 -7.77 -8.19 2.06
CA GLY A 42 -7.50 -9.53 2.56
C GLY A 42 -6.98 -10.46 1.50
N HIS A 43 -6.47 -9.88 0.41
CA HIS A 43 -5.93 -10.67 -0.70
C HIS A 43 -4.79 -9.94 -1.39
N ASP A 44 -3.75 -10.68 -1.76
CA ASP A 44 -2.59 -10.10 -2.42
C ASP A 44 -2.55 -10.51 -3.89
N PHE A 45 -3.70 -10.86 -4.44
CA PHE A 45 -3.80 -11.28 -5.83
C PHE A 45 -2.79 -12.38 -6.13
N SER A 46 -2.84 -13.45 -5.36
CA SER A 46 -1.93 -14.58 -5.54
C SER A 46 -2.23 -15.32 -6.84
N ASP A 47 -3.46 -15.80 -6.96
CA ASP A 47 -3.88 -16.53 -8.16
C ASP A 47 -3.56 -15.73 -9.42
N ALA A 48 -2.61 -16.25 -10.21
CA ALA A 48 -2.22 -15.58 -11.45
C ALA A 48 -3.41 -15.37 -12.36
N GLU A 49 -4.44 -16.19 -12.19
CA GLU A 49 -5.64 -16.10 -13.01
C GLU A 49 -6.71 -15.25 -12.31
N TYR A 50 -6.26 -14.39 -11.40
CA TYR A 50 -7.17 -13.52 -10.66
C TYR A 50 -6.42 -12.34 -10.06
N ILE A 51 -5.71 -11.61 -10.91
CA ILE A 51 -4.95 -10.45 -10.46
C ILE A 51 -5.47 -9.17 -11.09
N PRO A 52 -6.68 -8.75 -10.68
CA PRO A 52 -7.32 -7.54 -11.18
C PRO A 52 -6.62 -6.27 -10.72
N LEU A 53 -6.43 -5.33 -11.64
CA LEU A 53 -5.77 -4.07 -11.32
C LEU A 53 -6.52 -2.90 -11.94
N PRO A 54 -7.61 -2.47 -11.30
CA PRO A 54 -8.44 -1.36 -11.76
C PRO A 54 -7.72 -0.01 -11.62
N GLU A 55 -8.42 1.06 -11.96
CA GLU A 55 -7.85 2.40 -11.86
C GLU A 55 -7.87 2.90 -10.42
N THR A 56 -8.79 2.36 -9.62
CA THR A 56 -8.91 2.76 -8.23
C THR A 56 -7.72 2.26 -7.41
N VAL A 57 -7.37 1.00 -7.60
CA VAL A 57 -6.24 0.40 -6.89
C VAL A 57 -4.94 1.10 -7.24
N ARG A 58 -4.71 1.31 -8.53
CA ARG A 58 -3.50 1.96 -9.00
C ARG A 58 -3.34 3.34 -8.36
N LEU A 59 -4.46 4.04 -8.19
CA LEU A 59 -4.45 5.36 -7.60
C LEU A 59 -4.19 5.29 -6.09
N ALA A 60 -4.90 4.38 -5.42
CA ALA A 60 -4.74 4.19 -3.98
C ALA A 60 -3.28 4.01 -3.61
N LEU A 61 -2.58 3.18 -4.37
CA LEU A 61 -1.16 2.92 -4.12
C LEU A 61 -0.32 4.15 -4.41
N LEU A 62 -0.62 4.82 -5.51
CA LEU A 62 0.11 6.04 -5.89
C LEU A 62 0.06 7.07 -4.79
N LYS A 63 -1.09 7.19 -4.14
CA LYS A 63 -1.27 8.15 -3.05
C LYS A 63 -0.53 7.69 -1.80
N LEU A 64 -0.72 6.42 -1.45
CA LEU A 64 -0.07 5.86 -0.26
C LEU A 64 1.45 5.93 -0.39
N SER A 65 1.95 5.70 -1.59
CA SER A 65 3.39 5.74 -1.84
C SER A 65 3.97 7.09 -1.45
N GLN A 66 3.21 8.15 -1.68
CA GLN A 66 3.65 9.50 -1.36
C GLN A 66 3.55 9.76 0.14
N PHE A 67 2.49 9.24 0.76
CA PHE A 67 2.28 9.41 2.19
C PHE A 67 3.51 8.96 2.98
N TYR A 68 3.92 7.72 2.75
CA TYR A 68 5.08 7.17 3.44
C TYR A 68 6.36 7.87 3.00
N ALA A 69 6.57 7.96 1.69
CA ALA A 69 7.75 8.61 1.15
C ALA A 69 7.91 10.01 1.71
N LEU A 70 6.80 10.63 2.07
CA LEU A 70 6.82 11.98 2.63
C LEU A 70 7.42 11.99 4.03
N ILE A 71 6.97 11.07 4.86
CA ILE A 71 7.46 10.97 6.24
C ILE A 71 8.59 9.94 6.33
N ASN A 72 9.24 9.68 5.20
CA ASN A 72 10.34 8.71 5.17
C ASN A 72 11.66 9.41 4.87
N GLY A 73 11.59 10.56 4.19
CA GLY A 73 12.79 11.30 3.85
C GLY A 73 12.59 12.80 4.01
N ASP A 74 11.72 13.19 4.93
CA ASP A 74 11.45 14.61 5.17
C ASP A 74 12.64 15.27 5.86
N GLU A 75 12.43 16.50 6.32
CA GLU A 75 13.48 17.24 7.00
C GLU A 75 14.10 16.41 8.13
N SER A 76 13.35 16.29 9.23
CA SER A 76 13.82 15.54 10.38
C SER A 76 12.64 14.94 11.15
N ILE A 77 12.04 13.90 10.59
CA ILE A 77 10.91 13.24 11.23
C ILE A 77 11.33 11.93 11.87
N ILE A 78 11.21 11.86 13.19
CA ILE A 78 11.58 10.66 13.93
C ILE A 78 10.49 9.61 13.86
N LYS A 79 10.87 8.34 13.86
CA LYS A 79 9.92 7.25 13.80
C LYS A 79 10.28 6.15 14.81
N GLY A 80 9.41 5.96 15.79
CA GLY A 80 9.65 4.95 16.80
C GLY A 80 9.11 3.59 16.42
N TYR A 81 9.89 2.84 15.66
CA TYR A 81 9.47 1.51 15.22
C TYR A 81 10.47 0.45 15.65
N THR A 82 10.02 -0.81 15.68
CA THR A 82 10.87 -1.92 16.08
C THR A 82 11.11 -2.88 14.91
N THR A 83 12.12 -3.73 15.06
CA THR A 83 12.46 -4.69 14.00
C THR A 83 12.42 -4.04 12.63
N GLU A 84 12.38 -4.88 11.59
CA GLU A 84 12.35 -4.39 10.22
C GLU A 84 11.08 -3.56 9.98
N LYS A 85 10.84 -3.23 8.71
CA LYS A 85 9.67 -2.45 8.34
C LYS A 85 8.38 -3.21 8.64
N ILE A 86 7.50 -2.58 9.43
CA ILE A 86 6.23 -3.20 9.79
C ILE A 86 5.06 -2.42 9.21
N GLY A 87 5.34 -1.22 8.71
CA GLY A 87 4.29 -0.39 8.14
C GLY A 87 3.27 0.05 9.17
N ASP A 88 3.75 0.47 10.33
CA ASP A 88 2.87 0.92 11.41
C ASP A 88 2.71 2.44 11.37
N TYR A 89 2.07 2.98 12.40
CA TYR A 89 1.85 4.42 12.49
C TYR A 89 2.82 5.06 13.47
N SER A 90 4.10 4.79 13.28
CA SER A 90 5.14 5.35 14.15
C SER A 90 5.90 6.46 13.44
N TYR A 91 5.18 7.51 13.05
CA TYR A 91 5.79 8.64 12.36
C TYR A 91 5.23 9.96 12.88
N THR A 92 5.97 10.59 13.80
CA THR A 92 5.54 11.86 14.38
C THR A 92 6.18 13.04 13.65
N LEU A 93 5.36 14.00 13.24
CA LEU A 93 5.84 15.17 12.54
C LEU A 93 6.44 16.18 13.52
N GLY A 94 7.15 17.17 12.98
CA GLY A 94 7.76 18.19 13.82
C GLY A 94 6.74 18.90 14.69
N ASP A 95 5.49 18.91 14.25
CA ASP A 95 4.42 19.55 15.01
C ASP A 95 3.64 18.54 15.84
N GLY A 96 4.31 17.45 16.19
CA GLY A 96 3.67 16.41 16.99
C GLY A 96 2.36 15.96 16.40
N SER A 97 2.24 16.06 15.08
CA SER A 97 1.01 15.66 14.38
C SER A 97 1.06 14.18 14.02
N SER A 98 -0.09 13.51 14.11
CA SER A 98 -0.18 12.09 13.79
C SER A 98 -0.63 11.89 12.36
N LEU A 99 0.30 12.02 11.42
CA LEU A 99 -0.01 11.86 10.01
C LEU A 99 -0.71 10.53 9.76
N GLN A 100 -1.96 10.60 9.31
CA GLN A 100 -2.74 9.41 9.03
C GLN A 100 -2.76 9.10 7.54
N LYS A 101 -2.63 7.82 7.20
CA LYS A 101 -2.63 7.40 5.80
C LYS A 101 -3.84 7.96 5.06
N PRO A 102 -3.74 7.99 3.72
CA PRO A 102 -4.82 8.50 2.86
C PRO A 102 -6.04 7.59 2.86
N ASP A 103 -7.22 8.20 2.86
CA ASP A 103 -8.47 7.44 2.85
C ASP A 103 -8.72 6.83 1.47
N VAL A 104 -7.99 5.77 1.15
CA VAL A 104 -8.14 5.10 -0.13
C VAL A 104 -8.98 3.84 0.01
N TYR A 105 -9.79 3.78 1.06
CA TYR A 105 -10.66 2.63 1.30
C TYR A 105 -11.79 2.57 0.29
N ALA A 106 -12.37 3.72 -0.01
CA ALA A 106 -13.47 3.80 -0.96
C ALA A 106 -13.00 3.45 -2.37
N LEU A 107 -11.71 3.63 -2.62
CA LEU A 107 -11.13 3.35 -3.92
C LEU A 107 -11.06 1.84 -4.16
N ILE A 108 -10.46 1.12 -3.22
CA ILE A 108 -10.34 -0.33 -3.32
C ILE A 108 -11.63 -1.02 -2.89
N LYS A 109 -12.54 -0.26 -2.30
CA LYS A 109 -13.81 -0.80 -1.84
C LYS A 109 -14.52 -1.54 -2.96
N ASP A 110 -14.24 -1.15 -4.19
CA ASP A 110 -14.86 -1.78 -5.36
C ASP A 110 -14.46 -3.25 -5.46
N TYR A 111 -13.31 -3.59 -4.86
CA TYR A 111 -12.83 -4.96 -4.88
C TYR A 111 -12.47 -5.43 -3.47
N VAL A 112 -13.33 -5.11 -2.51
CA VAL A 112 -13.11 -5.51 -1.13
C VAL A 112 -14.23 -6.41 -0.63
N LYS A 113 -13.87 -7.42 0.15
CA LYS A 113 -14.86 -8.35 0.69
C LYS A 113 -15.00 -8.18 2.20
N PRO A 114 -15.82 -7.19 2.60
CA PRO A 114 -16.07 -6.90 4.02
C PRO A 114 -16.87 -7.99 4.71
N ALA A 115 -17.22 -7.76 5.97
CA ALA A 115 -17.99 -8.72 6.74
C ALA A 115 -19.28 -8.11 7.26
N ASP A 116 -20.07 -7.54 6.36
CA ASP A 116 -21.33 -6.92 6.73
C ASP A 116 -22.50 -7.61 6.03
N PRO A 117 -23.70 -7.45 6.60
CA PRO A 117 -24.93 -8.04 6.05
C PRO A 117 -25.35 -7.39 4.75
N ASP A 118 -26.59 -7.64 4.34
CA ASP A 118 -27.13 -7.08 3.10
C ASP A 118 -27.58 -5.65 3.31
N LEU A 119 -26.69 -4.83 3.87
CA LEU A 119 -27.00 -3.42 4.12
C LEU A 119 -26.32 -2.51 3.10
N GLU A 120 -25.36 -3.08 2.38
CA GLU A 120 -24.62 -2.32 1.37
C GLU A 120 -25.56 -1.79 0.28
N GLY A 121 -24.98 -1.34 -0.82
CA GLY A 121 -25.79 -0.81 -1.91
C GLY A 121 -26.97 -1.70 -2.24
N ILE A 122 -26.72 -2.79 -2.96
CA ILE A 122 -27.77 -3.73 -3.33
C ILE A 122 -28.80 -3.05 -4.24
N GLU A 123 -29.33 -3.81 -5.19
CA GLU A 123 -30.33 -3.29 -6.12
C GLU A 123 -29.73 -2.18 -6.98
N ALA A 124 -28.40 -2.10 -7.00
CA ALA A 124 -27.71 -1.08 -7.78
C ALA A 124 -27.25 -1.65 -9.13
N LYS A 125 -26.66 -2.83 -9.10
CA LYS A 125 -26.17 -3.48 -10.31
C LYS A 125 -27.31 -4.20 -11.04
N VAL A 126 -28.32 -4.60 -10.27
CA VAL A 126 -29.47 -5.30 -10.85
C VAL A 126 -30.23 -4.40 -11.82
N ARG A 127 -30.17 -3.10 -11.59
CA ARG A 127 -30.85 -2.13 -12.44
C ARG A 127 -30.10 -1.94 -13.75
N MET A 128 -28.80 -2.21 -13.73
CA MET A 128 -27.97 -2.07 -14.92
C MET A 128 -27.83 -3.40 -15.65
N ARG A 129 -27.97 -4.50 -14.90
CA ARG A 129 -27.85 -5.83 -15.48
C ARG A 129 -29.20 -6.29 -16.03
N SER A 130 -30.29 -5.75 -15.47
CA SER A 130 -31.63 -6.11 -15.91
C SER A 130 -32.16 -5.11 -16.92
N ILE A 131 -31.25 -4.51 -17.69
CA ILE A 131 -31.63 -3.53 -18.69
C ILE A 131 -31.63 -4.15 -20.09
N LEU A 132 -32.47 -3.62 -20.96
CA LEU A 132 -32.56 -4.11 -22.34
C LEU A 132 -31.19 -4.16 -22.99
N GLU A 133 -30.68 -2.99 -23.35
CA GLU A 133 -29.37 -2.89 -23.99
C GLU A 133 -28.96 -1.43 -24.19
N HIS A 134 -29.65 -0.75 -25.09
CA HIS A 134 -29.35 0.65 -25.38
C HIS A 134 -30.32 1.21 -26.41
N HIS A 135 -31.42 1.81 -25.92
CA HIS A 135 -32.43 2.38 -26.80
C HIS A 135 -32.24 3.89 -26.93
N HIS A 136 -31.00 4.34 -26.75
CA HIS A 136 -30.68 5.76 -26.84
C HIS A 136 -29.37 5.97 -27.60
N HIS A 137 -28.39 5.13 -27.31
CA HIS A 137 -27.09 5.23 -27.97
C HIS A 137 -26.71 3.91 -28.63
N HIS A 138 -25.46 3.81 -29.08
CA HIS A 138 -24.98 2.60 -29.73
C HIS A 138 -23.60 2.22 -29.20
N HIS A 139 -23.51 1.03 -28.60
CA HIS A 139 -22.24 0.55 -28.06
C HIS A 139 -22.30 -0.95 -27.81
N MET A 1 4.02 -8.47 -5.10
CA MET A 1 5.04 -7.43 -5.15
C MET A 1 4.57 -6.22 -5.96
N LEU A 2 3.26 -6.00 -5.96
CA LEU A 2 2.67 -4.89 -6.69
C LEU A 2 2.99 -4.98 -8.18
N LEU A 3 2.56 -3.98 -8.93
CA LEU A 3 2.80 -3.95 -10.37
C LEU A 3 2.86 -2.51 -10.88
N ILE A 4 3.74 -1.71 -10.28
CA ILE A 4 3.89 -0.32 -10.69
C ILE A 4 5.36 0.10 -10.70
N THR A 5 5.61 1.33 -11.14
CA THR A 5 6.98 1.85 -11.21
C THR A 5 7.15 3.06 -10.30
N PRO A 6 8.33 3.17 -9.68
CA PRO A 6 8.65 4.28 -8.78
C PRO A 6 8.81 5.60 -9.52
N ASP A 7 8.83 5.53 -10.85
CA ASP A 7 8.98 6.72 -11.68
C ASP A 7 7.65 7.46 -11.82
N GLU A 8 6.56 6.70 -11.75
CA GLU A 8 5.22 7.28 -11.87
C GLU A 8 4.81 7.96 -10.57
N LEU A 9 5.21 7.37 -9.45
CA LEU A 9 4.88 7.94 -8.14
C LEU A 9 5.31 9.40 -8.04
N LYS A 10 6.53 9.68 -8.48
CA LYS A 10 7.06 11.04 -8.46
C LYS A 10 6.37 11.91 -9.50
N SER A 11 6.08 11.32 -10.65
CA SER A 11 5.42 12.04 -11.74
C SER A 11 4.03 12.51 -11.32
N TYR A 12 3.36 11.68 -10.53
CA TYR A 12 2.02 12.00 -10.05
C TYR A 12 2.06 12.84 -8.78
N SER A 13 2.86 12.39 -7.82
CA SER A 13 3.00 13.11 -6.55
C SER A 13 3.61 14.49 -6.77
N VAL A 14 3.45 15.36 -5.79
CA VAL A 14 3.98 16.72 -5.86
C VAL A 14 5.14 16.91 -4.89
N PHE A 15 5.19 16.07 -3.86
CA PHE A 15 6.25 16.15 -2.86
C PHE A 15 7.62 15.95 -3.49
N GLU A 16 8.40 17.02 -3.53
CA GLU A 16 9.74 16.97 -4.10
C GLU A 16 10.59 15.90 -3.41
N SER A 17 10.23 15.58 -2.18
CA SER A 17 10.96 14.59 -1.40
C SER A 17 10.86 13.21 -2.05
N VAL A 18 9.67 12.90 -2.56
CA VAL A 18 9.43 11.62 -3.21
C VAL A 18 10.08 11.57 -4.59
N LYS A 19 10.12 12.71 -5.26
CA LYS A 19 10.71 12.80 -6.59
C LYS A 19 12.23 12.89 -6.50
N THR A 20 12.73 13.32 -5.35
CA THR A 20 14.17 13.44 -5.14
C THR A 20 14.79 12.10 -4.82
N ARG A 21 14.14 11.33 -3.96
CA ARG A 21 14.64 10.01 -3.57
C ARG A 21 14.96 9.17 -4.80
N PRO A 22 15.85 8.19 -4.63
CA PRO A 22 16.27 7.29 -5.71
C PRO A 22 15.15 6.33 -6.14
N ASP A 23 15.48 5.40 -7.01
CA ASP A 23 14.51 4.42 -7.49
C ASP A 23 14.49 3.18 -6.61
N GLU A 24 15.66 2.81 -6.10
CA GLU A 24 15.80 1.64 -5.24
C GLU A 24 15.00 1.83 -3.95
N LEU A 25 15.21 2.97 -3.29
CA LEU A 25 14.53 3.27 -2.04
C LEU A 25 13.01 3.34 -2.26
N LEU A 26 12.60 4.06 -3.29
CA LEU A 26 11.19 4.20 -3.61
C LEU A 26 10.51 2.84 -3.73
N LYS A 27 11.16 1.92 -4.43
CA LYS A 27 10.63 0.58 -4.62
C LYS A 27 10.28 -0.05 -3.27
N GLN A 28 11.20 0.06 -2.32
CA GLN A 28 10.99 -0.50 -0.99
C GLN A 28 9.68 0.00 -0.38
N ASP A 29 9.50 1.32 -0.40
CA ASP A 29 8.30 1.93 0.15
C ASP A 29 7.06 1.46 -0.61
N ILE A 30 7.18 1.36 -1.93
CA ILE A 30 6.06 0.93 -2.77
C ILE A 30 5.59 -0.47 -2.37
N LEU A 31 6.53 -1.33 -2.03
CA LEU A 31 6.21 -2.70 -1.63
C LEU A 31 5.62 -2.72 -0.22
N GLU A 32 6.01 -1.75 0.59
CA GLU A 32 5.52 -1.66 1.96
C GLU A 32 4.11 -1.05 2.00
N ALA A 33 3.79 -0.27 0.98
CA ALA A 33 2.47 0.37 0.88
C ALA A 33 1.39 -0.65 0.54
N THR A 34 1.70 -1.54 -0.40
CA THR A 34 0.75 -2.56 -0.83
C THR A 34 0.28 -3.40 0.35
N ALA A 35 1.10 -3.43 1.41
CA ALA A 35 0.76 -4.20 2.61
C ALA A 35 -0.46 -3.60 3.31
N ASP A 36 -0.65 -2.30 3.17
CA ASP A 36 -1.78 -1.62 3.79
C ASP A 36 -3.07 -1.88 3.02
N ILE A 37 -3.02 -1.66 1.72
CA ILE A 37 -4.18 -1.87 0.86
C ILE A 37 -4.69 -3.30 0.97
N ILE A 38 -3.81 -4.26 0.74
CA ILE A 38 -4.17 -5.67 0.81
C ILE A 38 -4.76 -6.01 2.18
N LEU A 39 -4.25 -5.36 3.23
CA LEU A 39 -4.73 -5.59 4.58
C LEU A 39 -6.17 -5.11 4.74
N LYS A 40 -6.57 -4.17 3.88
CA LYS A 40 -7.92 -3.63 3.92
C LYS A 40 -8.89 -4.51 3.15
N VAL A 41 -8.49 -4.89 1.95
CA VAL A 41 -9.33 -5.74 1.10
C VAL A 41 -9.33 -7.18 1.60
N GLY A 42 -8.30 -7.54 2.35
CA GLY A 42 -8.21 -8.89 2.89
C GLY A 42 -7.81 -9.91 1.82
N HIS A 43 -7.18 -9.43 0.75
CA HIS A 43 -6.76 -10.29 -0.34
C HIS A 43 -5.54 -9.70 -1.05
N ASP A 44 -4.64 -10.58 -1.49
CA ASP A 44 -3.44 -10.16 -2.19
C ASP A 44 -3.49 -10.53 -3.66
N PHE A 45 -2.47 -10.17 -4.42
CA PHE A 45 -2.40 -10.47 -5.84
C PHE A 45 -1.12 -11.24 -6.18
N SER A 46 -0.90 -12.34 -5.45
CA SER A 46 0.29 -13.16 -5.66
C SER A 46 0.08 -14.12 -6.84
N ASP A 47 -1.07 -14.78 -6.84
CA ASP A 47 -1.39 -15.72 -7.91
C ASP A 47 -1.21 -15.08 -9.28
N ALA A 48 -0.28 -15.60 -10.06
CA ALA A 48 0.00 -15.08 -11.39
C ALA A 48 -1.25 -15.15 -12.28
N GLU A 49 -2.18 -16.03 -11.91
CA GLU A 49 -3.42 -16.19 -12.66
C GLU A 49 -4.54 -15.36 -12.06
N TYR A 50 -4.16 -14.28 -11.37
CA TYR A 50 -5.14 -13.39 -10.75
C TYR A 50 -4.47 -12.13 -10.21
N ILE A 51 -3.84 -11.38 -11.12
CA ILE A 51 -3.17 -10.14 -10.75
C ILE A 51 -3.83 -8.94 -11.39
N PRO A 52 -5.04 -8.60 -10.93
CA PRO A 52 -5.81 -7.47 -11.44
C PRO A 52 -5.18 -6.13 -11.06
N LEU A 53 -5.36 -5.13 -11.92
CA LEU A 53 -4.81 -3.80 -11.67
C LEU A 53 -5.71 -2.73 -12.28
N PRO A 54 -6.82 -2.42 -11.59
CA PRO A 54 -7.78 -1.41 -12.03
C PRO A 54 -7.22 0.01 -11.93
N GLU A 55 -8.09 1.00 -12.12
CA GLU A 55 -7.67 2.40 -12.05
C GLU A 55 -7.69 2.90 -10.61
N THR A 56 -8.46 2.23 -9.77
CA THR A 56 -8.57 2.60 -8.36
C THR A 56 -7.32 2.19 -7.58
N VAL A 57 -6.91 0.94 -7.76
CA VAL A 57 -5.73 0.43 -7.08
C VAL A 57 -4.48 1.24 -7.44
N ARG A 58 -4.29 1.48 -8.73
CA ARG A 58 -3.14 2.23 -9.20
C ARG A 58 -3.03 3.57 -8.46
N LEU A 59 -4.16 4.25 -8.30
CA LEU A 59 -4.20 5.53 -7.62
C LEU A 59 -4.02 5.35 -6.11
N ALA A 60 -4.77 4.40 -5.54
CA ALA A 60 -4.68 4.13 -4.11
C ALA A 60 -3.24 3.92 -3.68
N LEU A 61 -2.50 3.13 -4.44
CA LEU A 61 -1.10 2.85 -4.14
C LEU A 61 -0.23 4.06 -4.41
N LEU A 62 -0.52 4.77 -5.49
CA LEU A 62 0.24 5.96 -5.87
C LEU A 62 0.22 6.98 -4.74
N LYS A 63 -0.94 7.14 -4.09
CA LYS A 63 -1.08 8.08 -3.00
C LYS A 63 -0.37 7.58 -1.75
N LEU A 64 -0.59 6.31 -1.42
CA LEU A 64 0.02 5.70 -0.24
C LEU A 64 1.54 5.74 -0.34
N SER A 65 2.06 5.46 -1.53
CA SER A 65 3.51 5.46 -1.75
C SER A 65 4.10 6.82 -1.40
N GLN A 66 3.34 7.88 -1.66
CA GLN A 66 3.80 9.23 -1.36
C GLN A 66 3.69 9.54 0.13
N PHE A 67 2.62 9.04 0.75
CA PHE A 67 2.39 9.26 2.17
C PHE A 67 3.60 8.80 2.99
N TYR A 68 4.00 7.55 2.79
CA TYR A 68 5.13 6.98 3.51
C TYR A 68 6.43 7.67 3.11
N ALA A 69 6.69 7.70 1.80
CA ALA A 69 7.89 8.33 1.27
C ALA A 69 8.04 9.76 1.80
N LEU A 70 6.92 10.39 2.09
CA LEU A 70 6.92 11.77 2.60
C LEU A 70 7.45 11.81 4.04
N ILE A 71 6.96 10.91 4.87
CA ILE A 71 7.38 10.84 6.26
C ILE A 71 8.49 9.82 6.46
N ASN A 72 9.21 9.53 5.38
CA ASN A 72 10.30 8.57 5.42
C ASN A 72 11.65 9.26 5.26
N GLY A 73 11.73 10.15 4.28
CA GLY A 73 12.96 10.87 4.03
C GLY A 73 12.84 12.36 4.31
N ASP A 74 12.05 12.70 5.32
CA ASP A 74 11.84 14.09 5.69
C ASP A 74 12.95 14.58 6.63
N GLU A 75 13.55 13.64 7.35
CA GLU A 75 14.62 13.98 8.28
C GLU A 75 14.19 15.11 9.21
N SER A 76 12.93 15.09 9.62
CA SER A 76 12.39 16.11 10.51
C SER A 76 11.09 15.64 11.15
N ILE A 77 10.94 14.32 11.27
CA ILE A 77 9.74 13.75 11.87
C ILE A 77 10.08 12.55 12.73
N ILE A 78 9.78 12.64 14.03
CA ILE A 78 10.05 11.55 14.96
C ILE A 78 9.48 10.24 14.45
N LYS A 79 10.16 9.14 14.77
CA LYS A 79 9.72 7.82 14.35
C LYS A 79 9.50 7.77 12.84
N GLY A 80 10.57 7.52 12.09
CA GLY A 80 10.47 7.46 10.65
C GLY A 80 11.68 8.05 9.95
N TYR A 81 12.46 8.84 10.68
CA TYR A 81 13.65 9.47 10.13
C TYR A 81 14.54 8.43 9.46
N THR A 82 14.50 7.21 9.97
CA THR A 82 15.31 6.12 9.43
C THR A 82 14.78 4.76 9.86
N THR A 83 13.46 4.60 9.79
CA THR A 83 12.82 3.35 10.18
C THR A 83 11.58 3.09 9.32
N GLU A 84 11.61 1.98 8.59
CA GLU A 84 10.48 1.61 7.73
C GLU A 84 9.20 1.46 8.54
N LYS A 85 8.12 1.05 7.88
CA LYS A 85 6.83 0.87 8.54
C LYS A 85 6.88 -0.30 9.49
N ILE A 86 6.93 -0.01 10.79
CA ILE A 86 6.97 -1.04 11.81
C ILE A 86 5.57 -1.36 12.33
N GLY A 87 4.61 -0.52 11.97
CA GLY A 87 3.24 -0.72 12.41
C GLY A 87 2.62 0.54 12.97
N ASP A 88 2.97 0.88 14.20
CA ASP A 88 2.42 2.08 14.85
C ASP A 88 2.85 3.33 14.10
N TYR A 89 2.05 4.39 14.24
CA TYR A 89 2.33 5.65 13.56
C TYR A 89 2.70 6.74 14.57
N SER A 90 3.93 7.22 14.51
CA SER A 90 4.41 8.25 15.42
C SER A 90 5.10 9.37 14.66
N TYR A 91 4.66 9.59 13.43
CA TYR A 91 5.24 10.64 12.59
C TYR A 91 4.64 12.00 12.92
N THR A 92 4.79 12.41 14.18
CA THR A 92 4.25 13.69 14.63
C THR A 92 4.91 14.85 13.88
N LEU A 93 4.25 15.31 12.82
CA LEU A 93 4.77 16.41 12.02
C LEU A 93 5.10 17.61 12.90
N GLY A 94 6.04 18.43 12.43
CA GLY A 94 6.44 19.61 13.19
C GLY A 94 5.25 20.47 13.57
N ASP A 95 4.38 20.73 12.61
CA ASP A 95 3.19 21.55 12.85
C ASP A 95 2.37 20.99 14.02
N GLY A 96 2.49 19.68 14.24
CA GLY A 96 1.76 19.05 15.31
C GLY A 96 0.51 18.34 14.83
N SER A 97 0.47 18.03 13.53
CA SER A 97 -0.67 17.35 12.94
C SER A 97 -0.39 15.86 12.76
N SER A 98 -1.41 15.04 12.99
CA SER A 98 -1.26 13.59 12.87
C SER A 98 -1.49 13.15 11.43
N LEU A 99 -0.41 13.15 10.64
CA LEU A 99 -0.50 12.75 9.24
C LEU A 99 -1.01 11.31 9.11
N GLN A 100 -2.30 11.18 8.84
CA GLN A 100 -2.91 9.86 8.69
C GLN A 100 -2.87 9.40 7.24
N LYS A 101 -2.80 8.09 7.05
CA LYS A 101 -2.75 7.52 5.70
C LYS A 101 -3.89 8.06 4.83
N PRO A 102 -3.73 7.95 3.51
CA PRO A 102 -4.73 8.42 2.56
C PRO A 102 -5.99 7.56 2.57
N ASP A 103 -7.14 8.20 2.45
CA ASP A 103 -8.42 7.51 2.46
C ASP A 103 -8.65 6.79 1.13
N VAL A 104 -7.93 5.68 0.93
CA VAL A 104 -8.05 4.91 -0.30
C VAL A 104 -8.97 3.71 -0.10
N TYR A 105 -9.86 3.80 0.88
CA TYR A 105 -10.79 2.72 1.18
C TYR A 105 -11.84 2.59 0.08
N ALA A 106 -12.45 3.71 -0.29
CA ALA A 106 -13.47 3.73 -1.34
C ALA A 106 -12.89 3.32 -2.68
N LEU A 107 -11.59 3.53 -2.84
CA LEU A 107 -10.91 3.18 -4.09
C LEU A 107 -10.92 1.68 -4.31
N ILE A 108 -10.45 0.94 -3.31
CA ILE A 108 -10.40 -0.52 -3.40
C ILE A 108 -11.72 -1.14 -2.95
N LYS A 109 -12.71 -0.30 -2.69
CA LYS A 109 -14.02 -0.75 -2.26
C LYS A 109 -14.62 -1.73 -3.27
N ASP A 110 -14.15 -1.64 -4.51
CA ASP A 110 -14.64 -2.52 -5.57
C ASP A 110 -14.04 -3.91 -5.44
N TYR A 111 -12.88 -3.99 -4.81
CA TYR A 111 -12.19 -5.26 -4.63
C TYR A 111 -11.94 -5.55 -3.14
N VAL A 112 -12.97 -5.31 -2.33
CA VAL A 112 -12.87 -5.54 -0.89
C VAL A 112 -13.76 -6.70 -0.46
N LYS A 113 -13.16 -7.87 -0.27
CA LYS A 113 -13.89 -9.06 0.16
C LYS A 113 -15.10 -9.30 -0.74
N PRO A 114 -14.85 -9.93 -1.90
CA PRO A 114 -15.90 -10.23 -2.87
C PRO A 114 -16.86 -11.30 -2.39
N ALA A 115 -17.78 -11.72 -3.25
CA ALA A 115 -18.75 -12.76 -2.90
C ALA A 115 -18.66 -13.95 -3.85
N ASP A 116 -17.45 -14.51 -3.97
CA ASP A 116 -17.23 -15.65 -4.84
C ASP A 116 -16.74 -16.85 -4.05
N PRO A 117 -16.95 -18.05 -4.61
CA PRO A 117 -16.52 -19.30 -3.97
C PRO A 117 -15.01 -19.47 -3.96
N ASP A 118 -14.55 -20.69 -3.69
CA ASP A 118 -13.12 -20.98 -3.64
C ASP A 118 -12.58 -21.25 -5.04
N LEU A 119 -12.90 -20.36 -5.98
CA LEU A 119 -12.44 -20.50 -7.35
C LEU A 119 -11.23 -19.62 -7.63
N GLU A 120 -11.07 -18.57 -6.82
CA GLU A 120 -9.94 -17.66 -6.96
C GLU A 120 -8.61 -18.38 -6.75
N GLY A 121 -7.72 -18.28 -7.72
CA GLY A 121 -6.43 -18.94 -7.62
C GLY A 121 -6.55 -20.41 -7.27
N ILE A 122 -5.81 -20.82 -6.24
CA ILE A 122 -5.84 -22.21 -5.80
C ILE A 122 -5.30 -23.14 -6.88
N GLU A 123 -4.60 -24.19 -6.45
CA GLU A 123 -4.02 -25.15 -7.38
C GLU A 123 -2.98 -24.48 -8.29
N ALA A 124 -2.53 -23.31 -7.89
CA ALA A 124 -1.54 -22.57 -8.65
C ALA A 124 -0.13 -22.81 -8.10
N LYS A 125 0.00 -22.78 -6.79
CA LYS A 125 1.28 -23.00 -6.14
C LYS A 125 1.59 -24.49 -6.01
N VAL A 126 0.54 -25.30 -5.95
CA VAL A 126 0.70 -26.74 -5.83
C VAL A 126 1.45 -27.32 -7.02
N ARG A 127 1.15 -26.78 -8.20
CA ARG A 127 1.80 -27.23 -9.43
C ARG A 127 3.27 -26.83 -9.45
N MET A 128 3.60 -25.80 -8.69
CA MET A 128 4.98 -25.31 -8.62
C MET A 128 5.80 -26.13 -7.62
N ARG A 129 5.24 -26.33 -6.44
CA ARG A 129 5.92 -27.09 -5.40
C ARG A 129 5.91 -28.58 -5.72
N SER A 130 4.85 -29.04 -6.36
CA SER A 130 4.71 -30.44 -6.73
C SER A 130 5.10 -30.66 -8.18
N ILE A 131 6.21 -30.06 -8.59
CA ILE A 131 6.69 -30.19 -9.96
C ILE A 131 7.90 -31.12 -10.03
N LEU A 132 8.07 -31.78 -11.17
CA LEU A 132 9.18 -32.70 -11.36
C LEU A 132 10.51 -32.02 -11.06
N GLU A 133 10.94 -31.16 -11.97
CA GLU A 133 12.20 -30.44 -11.81
C GLU A 133 12.40 -29.42 -12.93
N HIS A 134 12.21 -29.86 -14.16
CA HIS A 134 12.36 -28.98 -15.32
C HIS A 134 13.71 -28.27 -15.28
N HIS A 135 14.70 -28.92 -14.69
CA HIS A 135 16.05 -28.35 -14.60
C HIS A 135 17.04 -29.39 -14.08
N HIS A 136 18.28 -28.95 -13.85
CA HIS A 136 19.32 -29.83 -13.36
C HIS A 136 19.81 -29.39 -11.99
N HIS A 137 18.89 -28.88 -11.17
CA HIS A 137 19.22 -28.41 -9.83
C HIS A 137 20.23 -27.26 -9.89
N HIS A 138 20.65 -26.80 -8.73
CA HIS A 138 21.61 -25.70 -8.64
C HIS A 138 22.08 -25.49 -7.20
N HIS A 139 22.58 -26.56 -6.58
CA HIS A 139 23.05 -26.49 -5.20
C HIS A 139 24.50 -26.95 -5.11
N MET A 1 5.69 -6.20 -4.19
CA MET A 1 5.64 -6.26 -5.64
C MET A 1 4.20 -6.22 -6.14
N LEU A 2 3.89 -5.22 -6.95
CA LEU A 2 2.55 -5.08 -7.51
C LEU A 2 2.58 -5.08 -9.04
N LEU A 3 3.06 -3.99 -9.61
CA LEU A 3 3.15 -3.88 -11.07
C LEU A 3 3.64 -2.49 -11.47
N ILE A 4 3.29 -1.49 -10.67
CA ILE A 4 3.70 -0.12 -10.95
C ILE A 4 5.20 0.06 -10.73
N THR A 5 5.75 1.16 -11.25
CA THR A 5 7.17 1.44 -11.11
C THR A 5 7.40 2.65 -10.20
N PRO A 6 8.61 2.76 -9.65
CA PRO A 6 8.99 3.86 -8.76
C PRO A 6 9.10 5.18 -9.50
N ASP A 7 9.13 5.11 -10.82
CA ASP A 7 9.23 6.32 -11.66
C ASP A 7 7.89 7.02 -11.77
N GLU A 8 6.82 6.24 -11.71
CA GLU A 8 5.47 6.78 -11.81
C GLU A 8 5.08 7.52 -10.53
N LEU A 9 5.62 7.06 -9.40
CA LEU A 9 5.33 7.67 -8.11
C LEU A 9 5.78 9.13 -8.09
N LYS A 10 7.03 9.37 -8.47
CA LYS A 10 7.59 10.72 -8.51
C LYS A 10 6.98 11.53 -9.64
N SER A 11 6.58 10.84 -10.71
CA SER A 11 5.98 11.50 -11.86
C SER A 11 4.55 11.95 -11.57
N TYR A 12 3.86 11.18 -10.72
CA TYR A 12 2.49 11.50 -10.35
C TYR A 12 2.45 12.40 -9.12
N SER A 13 3.19 12.02 -8.08
CA SER A 13 3.25 12.78 -6.85
C SER A 13 3.91 14.14 -7.09
N VAL A 14 3.61 15.09 -6.21
CA VAL A 14 4.17 16.44 -6.31
C VAL A 14 5.20 16.68 -5.23
N PHE A 15 5.14 15.89 -4.16
CA PHE A 15 6.07 16.01 -3.05
C PHE A 15 7.52 16.01 -3.55
N GLU A 16 8.28 17.02 -3.16
CA GLU A 16 9.67 17.13 -3.56
C GLU A 16 10.52 16.05 -2.90
N SER A 17 10.08 15.61 -1.73
CA SER A 17 10.79 14.57 -0.98
C SER A 17 10.76 13.25 -1.72
N VAL A 18 9.56 12.82 -2.12
CA VAL A 18 9.39 11.57 -2.84
C VAL A 18 10.17 11.57 -4.16
N LYS A 19 10.21 12.73 -4.80
CA LYS A 19 10.92 12.87 -6.06
C LYS A 19 12.44 12.89 -5.84
N THR A 20 12.87 13.74 -4.91
CA THR A 20 14.29 13.85 -4.60
C THR A 20 14.88 12.50 -4.20
N ARG A 21 14.15 11.76 -3.37
CA ARG A 21 14.59 10.46 -2.91
C ARG A 21 15.00 9.58 -4.10
N PRO A 22 15.90 8.61 -3.83
CA PRO A 22 16.37 7.69 -4.86
C PRO A 22 15.30 6.70 -5.31
N ASP A 23 15.42 6.23 -6.55
CA ASP A 23 14.46 5.29 -7.10
C ASP A 23 14.51 3.96 -6.36
N GLU A 24 15.72 3.51 -6.05
CA GLU A 24 15.91 2.25 -5.34
C GLU A 24 15.08 2.22 -4.06
N LEU A 25 14.83 3.40 -3.49
CA LEU A 25 14.05 3.51 -2.27
C LEU A 25 12.57 3.62 -2.57
N LEU A 26 12.25 4.25 -3.71
CA LEU A 26 10.86 4.42 -4.12
C LEU A 26 10.13 3.08 -4.13
N LYS A 27 10.77 2.06 -4.67
CA LYS A 27 10.18 0.73 -4.73
C LYS A 27 9.80 0.23 -3.35
N GLN A 28 10.75 0.27 -2.42
CA GLN A 28 10.51 -0.18 -1.05
C GLN A 28 9.30 0.56 -0.45
N ASP A 29 9.08 1.79 -0.90
CA ASP A 29 7.97 2.58 -0.40
C ASP A 29 6.65 2.13 -1.02
N ILE A 30 6.73 1.64 -2.26
CA ILE A 30 5.54 1.18 -2.97
C ILE A 30 5.13 -0.21 -2.49
N LEU A 31 6.07 -1.13 -2.47
CA LEU A 31 5.81 -2.50 -2.03
C LEU A 31 5.38 -2.53 -0.56
N GLU A 32 5.85 -1.54 0.20
CA GLU A 32 5.52 -1.45 1.62
C GLU A 32 4.13 -0.85 1.81
N ALA A 33 3.68 -0.07 0.83
CA ALA A 33 2.37 0.56 0.90
C ALA A 33 1.26 -0.45 0.60
N THR A 34 1.51 -1.34 -0.35
CA THR A 34 0.54 -2.35 -0.73
C THR A 34 0.12 -3.20 0.48
N ALA A 35 0.97 -3.22 1.49
CA ALA A 35 0.69 -3.98 2.70
C ALA A 35 -0.51 -3.41 3.44
N ASP A 36 -0.73 -2.12 3.30
CA ASP A 36 -1.85 -1.45 3.96
C ASP A 36 -3.16 -1.73 3.21
N ILE A 37 -3.16 -1.48 1.91
CA ILE A 37 -4.34 -1.70 1.09
C ILE A 37 -4.79 -3.16 1.17
N ILE A 38 -3.87 -4.08 0.92
CA ILE A 38 -4.18 -5.50 0.98
C ILE A 38 -4.75 -5.89 2.33
N LEU A 39 -4.27 -5.24 3.38
CA LEU A 39 -4.74 -5.51 4.74
C LEU A 39 -6.21 -5.15 4.89
N LYS A 40 -6.69 -4.27 4.03
CA LYS A 40 -8.08 -3.84 4.06
C LYS A 40 -8.98 -4.82 3.32
N VAL A 41 -8.55 -5.21 2.11
CA VAL A 41 -9.31 -6.15 1.30
C VAL A 41 -9.17 -7.58 1.83
N GLY A 42 -8.15 -7.79 2.65
CA GLY A 42 -7.92 -9.12 3.22
C GLY A 42 -7.49 -10.13 2.18
N HIS A 43 -6.71 -9.67 1.21
CA HIS A 43 -6.22 -10.54 0.14
C HIS A 43 -5.25 -9.80 -0.76
N ASP A 44 -4.18 -10.49 -1.16
CA ASP A 44 -3.17 -9.90 -2.02
C ASP A 44 -3.32 -10.39 -3.45
N PHE A 45 -2.34 -10.09 -4.29
CA PHE A 45 -2.35 -10.51 -5.69
C PHE A 45 -1.05 -11.21 -6.06
N SER A 46 -0.72 -12.27 -5.33
CA SER A 46 0.49 -13.03 -5.59
C SER A 46 0.29 -14.03 -6.73
N ASP A 47 -0.85 -14.72 -6.69
CA ASP A 47 -1.17 -15.71 -7.72
C ASP A 47 -1.02 -15.11 -9.11
N ALA A 48 -0.09 -15.64 -9.88
CA ALA A 48 0.15 -15.15 -11.24
C ALA A 48 -1.11 -15.28 -12.09
N GLU A 49 -2.01 -16.16 -11.68
CA GLU A 49 -3.26 -16.38 -12.40
C GLU A 49 -4.39 -15.54 -11.81
N TYR A 50 -4.03 -14.44 -11.17
CA TYR A 50 -5.01 -13.57 -10.54
C TYR A 50 -4.35 -12.27 -10.03
N ILE A 51 -3.76 -11.52 -10.95
CA ILE A 51 -3.09 -10.27 -10.60
C ILE A 51 -3.80 -9.08 -11.23
N PRO A 52 -5.00 -8.76 -10.71
CA PRO A 52 -5.81 -7.64 -11.21
C PRO A 52 -5.20 -6.29 -10.86
N LEU A 53 -5.42 -5.30 -11.72
CA LEU A 53 -4.89 -3.96 -11.50
C LEU A 53 -5.78 -2.91 -12.17
N PRO A 54 -6.90 -2.59 -11.52
CA PRO A 54 -7.85 -1.60 -12.04
C PRO A 54 -7.30 -0.18 -11.97
N GLU A 55 -8.16 0.80 -12.24
CA GLU A 55 -7.76 2.20 -12.21
C GLU A 55 -7.81 2.75 -10.78
N THR A 56 -8.61 2.11 -9.93
CA THR A 56 -8.76 2.53 -8.55
C THR A 56 -7.53 2.16 -7.72
N VAL A 57 -7.10 0.90 -7.85
CA VAL A 57 -5.95 0.42 -7.12
C VAL A 57 -4.70 1.23 -7.44
N ARG A 58 -4.48 1.45 -8.74
CA ARG A 58 -3.32 2.22 -9.19
C ARG A 58 -3.25 3.56 -8.46
N LEU A 59 -4.38 4.23 -8.34
CA LEU A 59 -4.45 5.52 -7.68
C LEU A 59 -4.30 5.36 -6.16
N ALA A 60 -5.03 4.40 -5.60
CA ALA A 60 -4.98 4.14 -4.17
C ALA A 60 -3.55 3.97 -3.70
N LEU A 61 -2.76 3.19 -4.44
CA LEU A 61 -1.37 2.96 -4.09
C LEU A 61 -0.52 4.20 -4.33
N LEU A 62 -0.80 4.90 -5.42
CA LEU A 62 -0.07 6.11 -5.75
C LEU A 62 -0.15 7.13 -4.62
N LYS A 63 -1.31 7.18 -3.96
CA LYS A 63 -1.52 8.11 -2.85
C LYS A 63 -0.75 7.66 -1.62
N LEU A 64 -0.79 6.37 -1.33
CA LEU A 64 -0.09 5.81 -0.18
C LEU A 64 1.42 5.91 -0.35
N SER A 65 1.88 5.72 -1.59
CA SER A 65 3.32 5.79 -1.88
C SER A 65 3.89 7.15 -1.47
N GLN A 66 3.12 8.21 -1.70
CA GLN A 66 3.55 9.56 -1.36
C GLN A 66 3.59 9.74 0.16
N PHE A 67 2.57 9.21 0.84
CA PHE A 67 2.49 9.33 2.29
C PHE A 67 3.73 8.73 2.96
N TYR A 68 4.09 7.52 2.53
CA TYR A 68 5.26 6.84 3.10
C TYR A 68 6.55 7.47 2.60
N ALA A 69 6.66 7.63 1.28
CA ALA A 69 7.84 8.23 0.69
C ALA A 69 8.14 9.59 1.31
N LEU A 70 7.11 10.26 1.80
CA LEU A 70 7.27 11.56 2.42
C LEU A 70 7.90 11.43 3.81
N ILE A 71 7.35 10.53 4.62
CA ILE A 71 7.85 10.31 5.97
C ILE A 71 8.84 9.14 5.99
N ASN A 72 9.53 8.94 4.89
CA ASN A 72 10.51 7.85 4.78
C ASN A 72 11.93 8.41 4.63
N GLY A 73 12.03 9.62 4.09
CA GLY A 73 13.32 10.24 3.90
C GLY A 73 13.44 11.57 4.62
N ASP A 74 12.30 12.16 4.97
CA ASP A 74 12.28 13.42 5.68
C ASP A 74 13.17 13.38 6.91
N GLU A 75 14.04 14.38 7.05
CA GLU A 75 14.94 14.45 8.19
C GLU A 75 14.35 15.30 9.31
N SER A 76 13.06 15.13 9.55
CA SER A 76 12.37 15.88 10.60
C SER A 76 11.19 15.08 11.15
N ILE A 77 11.28 13.76 11.04
CA ILE A 77 10.22 12.88 11.52
C ILE A 77 10.80 11.64 12.18
N ILE A 78 10.13 11.17 13.23
CA ILE A 78 10.58 9.97 13.94
C ILE A 78 9.45 8.95 14.07
N LYS A 79 9.62 7.82 13.40
CA LYS A 79 8.62 6.75 13.45
C LYS A 79 8.57 6.10 14.82
N GLY A 80 7.81 6.70 15.74
CA GLY A 80 7.69 6.16 17.08
C GLY A 80 9.00 6.25 17.86
N TYR A 81 9.83 5.22 17.74
CA TYR A 81 11.11 5.19 18.44
C TYR A 81 12.14 4.39 17.65
N THR A 82 11.72 3.21 17.18
CA THR A 82 12.61 2.34 16.42
C THR A 82 11.84 1.56 15.36
N THR A 83 12.51 0.63 14.70
CA THR A 83 11.89 -0.18 13.66
C THR A 83 11.45 0.67 12.49
N GLU A 84 11.30 0.04 11.32
CA GLU A 84 10.87 0.74 10.12
C GLU A 84 9.49 1.36 10.32
N LYS A 85 8.91 1.86 9.22
CA LYS A 85 7.59 2.47 9.27
C LYS A 85 6.51 1.42 9.50
N ILE A 86 5.72 1.61 10.55
CA ILE A 86 4.65 0.67 10.87
C ILE A 86 3.34 1.41 11.11
N GLY A 87 2.23 0.78 10.71
CA GLY A 87 0.93 1.39 10.89
C GLY A 87 0.51 1.46 12.35
N ASP A 88 0.79 2.59 12.99
CA ASP A 88 0.43 2.77 14.39
C ASP A 88 0.85 4.15 14.88
N TYR A 89 0.77 4.36 16.19
CA TYR A 89 1.13 5.65 16.78
C TYR A 89 2.56 6.02 16.43
N SER A 90 2.72 6.88 15.43
CA SER A 90 4.04 7.32 15.00
C SER A 90 3.94 8.39 13.92
N TYR A 91 5.06 8.70 13.29
CA TYR A 91 5.09 9.71 12.24
C TYR A 91 4.72 11.09 12.80
N THR A 92 5.43 11.51 13.84
CA THR A 92 5.19 12.80 14.47
C THR A 92 5.96 13.91 13.78
N LEU A 93 5.31 14.59 12.84
CA LEU A 93 5.95 15.68 12.11
C LEU A 93 6.41 16.78 13.05
N GLY A 94 7.30 17.63 12.57
CA GLY A 94 7.81 18.72 13.38
C GLY A 94 6.72 19.68 13.81
N ASP A 95 5.58 19.63 13.12
CA ASP A 95 4.47 20.51 13.43
C ASP A 95 3.47 19.80 14.35
N GLY A 96 3.96 18.80 15.08
CA GLY A 96 3.10 18.05 15.99
C GLY A 96 1.84 17.55 15.31
N SER A 97 1.92 17.31 14.00
CA SER A 97 0.78 16.82 13.24
C SER A 97 0.88 15.31 13.02
N SER A 98 -0.19 14.61 13.36
CA SER A 98 -0.24 13.16 13.21
C SER A 98 -0.57 12.78 11.77
N LEU A 99 0.44 12.81 10.90
CA LEU A 99 0.24 12.48 9.50
C LEU A 99 -0.43 11.11 9.35
N GLN A 100 -1.73 11.13 9.04
CA GLN A 100 -2.49 9.90 8.88
C GLN A 100 -2.48 9.44 7.41
N LYS A 101 -2.65 8.14 7.22
CA LYS A 101 -2.66 7.57 5.87
C LYS A 101 -3.85 8.08 5.07
N PRO A 102 -3.75 7.98 3.74
CA PRO A 102 -4.81 8.43 2.83
C PRO A 102 -6.05 7.54 2.91
N ASP A 103 -7.20 8.11 2.57
CA ASP A 103 -8.46 7.37 2.60
C ASP A 103 -8.71 6.66 1.26
N VAL A 104 -7.99 5.57 1.04
CA VAL A 104 -8.13 4.80 -0.20
C VAL A 104 -9.04 3.59 0.02
N TYR A 105 -9.89 3.66 1.03
CA TYR A 105 -10.82 2.58 1.33
C TYR A 105 -11.91 2.48 0.28
N ALA A 106 -12.46 3.63 -0.11
CA ALA A 106 -13.51 3.68 -1.11
C ALA A 106 -12.97 3.35 -2.50
N LEU A 107 -11.68 3.59 -2.69
CA LEU A 107 -11.03 3.32 -3.97
C LEU A 107 -10.97 1.82 -4.24
N ILE A 108 -10.42 1.07 -3.29
CA ILE A 108 -10.31 -0.37 -3.43
C ILE A 108 -11.62 -1.07 -3.05
N LYS A 109 -12.62 -0.28 -2.69
CA LYS A 109 -13.92 -0.81 -2.31
C LYS A 109 -14.49 -1.68 -3.43
N ASP A 110 -14.02 -1.45 -4.65
CA ASP A 110 -14.49 -2.21 -5.81
C ASP A 110 -14.00 -3.65 -5.73
N TYR A 111 -12.97 -3.88 -4.95
CA TYR A 111 -12.40 -5.21 -4.79
C TYR A 111 -12.19 -5.55 -3.32
N VAL A 112 -13.18 -5.20 -2.50
CA VAL A 112 -13.11 -5.48 -1.07
C VAL A 112 -14.22 -6.43 -0.63
N LYS A 113 -13.86 -7.42 0.16
CA LYS A 113 -14.83 -8.40 0.65
C LYS A 113 -15.06 -8.24 2.14
N PRO A 114 -15.95 -7.31 2.51
CA PRO A 114 -16.28 -7.03 3.91
C PRO A 114 -17.07 -8.16 4.55
N ALA A 115 -17.51 -7.95 5.79
CA ALA A 115 -18.27 -8.95 6.51
C ALA A 115 -17.55 -10.30 6.52
N ASP A 116 -16.27 -10.27 6.87
CA ASP A 116 -15.46 -11.49 6.92
C ASP A 116 -14.94 -11.73 8.34
N PRO A 117 -15.76 -12.38 9.17
CA PRO A 117 -15.40 -12.68 10.56
C PRO A 117 -14.31 -13.75 10.65
N ASP A 118 -14.16 -14.33 11.84
CA ASP A 118 -13.16 -15.36 12.05
C ASP A 118 -13.61 -16.70 11.46
N LEU A 119 -13.97 -16.67 10.18
CA LEU A 119 -14.42 -17.88 9.49
C LEU A 119 -13.32 -18.45 8.61
N GLU A 120 -12.37 -17.60 8.22
CA GLU A 120 -11.26 -18.02 7.38
C GLU A 120 -9.96 -18.03 8.17
N GLY A 121 -8.95 -18.71 7.62
CA GLY A 121 -7.66 -18.78 8.28
C GLY A 121 -7.54 -20.00 9.18
N ILE A 122 -8.67 -20.57 9.55
CA ILE A 122 -8.69 -21.74 10.41
C ILE A 122 -8.06 -22.94 9.71
N GLU A 123 -7.36 -23.77 10.47
CA GLU A 123 -6.71 -24.96 9.93
C GLU A 123 -5.65 -24.57 8.90
N ALA A 124 -5.24 -23.31 8.92
CA ALA A 124 -4.24 -22.81 7.99
C ALA A 124 -2.86 -22.80 8.64
N LYS A 125 -2.77 -22.26 9.85
CA LYS A 125 -1.51 -22.19 10.58
C LYS A 125 -1.12 -23.55 11.13
N VAL A 126 -2.12 -24.39 11.41
CA VAL A 126 -1.89 -25.72 11.93
C VAL A 126 -0.96 -26.52 11.01
N ARG A 127 -1.24 -26.46 9.72
CA ARG A 127 -0.42 -27.18 8.73
C ARG A 127 1.01 -26.65 8.71
N MET A 128 1.15 -25.34 8.96
CA MET A 128 2.46 -24.71 8.98
C MET A 128 3.26 -25.12 10.20
N ARG A 129 2.76 -24.75 11.38
CA ARG A 129 3.41 -25.08 12.63
C ARG A 129 3.62 -26.58 12.77
N SER A 130 2.75 -27.35 12.12
CA SER A 130 2.83 -28.80 12.17
C SER A 130 3.27 -29.37 10.82
N ILE A 131 4.40 -28.89 10.33
CA ILE A 131 4.93 -29.33 9.05
C ILE A 131 6.24 -30.10 9.23
N LEU A 132 6.50 -31.04 8.33
CA LEU A 132 7.72 -31.84 8.39
C LEU A 132 8.96 -30.96 8.25
N GLU A 133 8.93 -30.07 7.27
CA GLU A 133 10.05 -29.16 7.02
C GLU A 133 11.34 -29.95 6.81
N HIS A 134 11.21 -31.18 6.32
CA HIS A 134 12.36 -32.04 6.06
C HIS A 134 12.32 -32.61 4.65
N HIS A 135 13.44 -32.53 3.96
CA HIS A 135 13.53 -33.03 2.59
C HIS A 135 13.95 -34.50 2.58
N HIS A 136 14.02 -35.09 1.39
CA HIS A 136 14.41 -36.48 1.24
C HIS A 136 15.88 -36.67 1.57
N HIS A 137 16.16 -37.08 2.81
CA HIS A 137 17.54 -37.30 3.25
C HIS A 137 17.91 -38.78 3.15
N HIS A 138 19.14 -39.09 3.51
CA HIS A 138 19.63 -40.47 3.47
C HIS A 138 20.84 -40.65 4.37
N HIS A 139 20.96 -41.83 4.96
CA HIS A 139 22.08 -42.14 5.85
C HIS A 139 22.35 -43.63 5.89
N MET A 1 4.78 -7.74 -3.34
CA MET A 1 5.22 -7.13 -4.60
C MET A 1 4.07 -6.39 -5.28
N LEU A 2 4.41 -5.38 -6.07
CA LEU A 2 3.41 -4.59 -6.78
C LEU A 2 3.66 -4.62 -8.29
N LEU A 3 2.85 -3.89 -9.02
CA LEU A 3 2.97 -3.83 -10.48
C LEU A 3 3.49 -2.46 -10.92
N ILE A 4 3.12 -1.42 -10.18
CA ILE A 4 3.55 -0.07 -10.51
C ILE A 4 5.05 0.08 -10.35
N THR A 5 5.60 1.16 -10.90
CA THR A 5 7.03 1.43 -10.83
C THR A 5 7.31 2.69 -10.02
N PRO A 6 8.55 2.81 -9.53
CA PRO A 6 8.98 3.96 -8.73
C PRO A 6 9.08 5.24 -9.56
N ASP A 7 9.41 5.08 -10.84
CA ASP A 7 9.52 6.22 -11.74
C ASP A 7 8.17 6.89 -11.97
N GLU A 8 7.11 6.09 -11.91
CA GLU A 8 5.76 6.60 -12.11
C GLU A 8 5.26 7.34 -10.86
N LEU A 9 5.65 6.84 -9.69
CA LEU A 9 5.26 7.45 -8.43
C LEU A 9 5.64 8.92 -8.39
N LYS A 10 6.89 9.21 -8.72
CA LYS A 10 7.39 10.57 -8.73
C LYS A 10 6.78 11.36 -9.89
N SER A 11 6.46 10.67 -10.97
CA SER A 11 5.88 11.30 -12.15
C SER A 11 4.51 11.89 -11.83
N TYR A 12 3.75 11.18 -11.00
CA TYR A 12 2.41 11.64 -10.62
C TYR A 12 2.46 12.46 -9.34
N SER A 13 3.15 11.93 -8.33
CA SER A 13 3.27 12.62 -7.04
C SER A 13 3.79 14.04 -7.24
N VAL A 14 3.46 14.92 -6.30
CA VAL A 14 3.89 16.31 -6.37
C VAL A 14 4.98 16.60 -5.34
N PHE A 15 5.02 15.79 -4.28
CA PHE A 15 6.01 15.97 -3.22
C PHE A 15 7.42 15.80 -3.77
N GLU A 16 8.18 16.90 -3.75
CA GLU A 16 9.56 16.89 -4.25
C GLU A 16 10.39 15.85 -3.50
N SER A 17 9.95 15.50 -2.30
CA SER A 17 10.67 14.52 -1.48
C SER A 17 10.64 13.15 -2.13
N VAL A 18 9.51 12.80 -2.73
CA VAL A 18 9.35 11.51 -3.39
C VAL A 18 10.09 11.49 -4.72
N LYS A 19 10.16 12.63 -5.39
CA LYS A 19 10.83 12.74 -6.67
C LYS A 19 12.34 12.86 -6.48
N THR A 20 12.75 13.36 -5.31
CA THR A 20 14.17 13.53 -5.00
C THR A 20 14.82 12.20 -4.67
N ARG A 21 14.13 11.40 -3.85
CA ARG A 21 14.65 10.10 -3.45
C ARG A 21 15.05 9.27 -4.67
N PRO A 22 15.90 8.26 -4.45
CA PRO A 22 16.37 7.37 -5.53
C PRO A 22 15.26 6.46 -6.05
N ASP A 23 15.65 5.51 -6.89
CA ASP A 23 14.69 4.56 -7.46
C ASP A 23 14.65 3.27 -6.65
N GLU A 24 15.75 2.96 -5.98
CA GLU A 24 15.84 1.75 -5.17
C GLU A 24 15.01 1.89 -3.90
N LEU A 25 15.08 3.06 -3.27
CA LEU A 25 14.33 3.32 -2.05
C LEU A 25 12.84 3.38 -2.32
N LEU A 26 12.46 4.05 -3.40
CA LEU A 26 11.06 4.18 -3.77
C LEU A 26 10.38 2.81 -3.81
N LYS A 27 11.05 1.84 -4.44
CA LYS A 27 10.52 0.49 -4.55
C LYS A 27 10.12 -0.05 -3.18
N GLN A 28 11.01 0.10 -2.21
CA GLN A 28 10.75 -0.38 -0.85
C GLN A 28 9.45 0.20 -0.31
N ASP A 29 9.27 1.51 -0.50
CA ASP A 29 8.07 2.20 -0.04
C ASP A 29 6.84 1.68 -0.76
N ILE A 30 6.92 1.61 -2.08
CA ILE A 30 5.81 1.12 -2.89
C ILE A 30 5.35 -0.26 -2.44
N LEU A 31 6.30 -1.18 -2.32
CA LEU A 31 6.00 -2.54 -1.91
C LEU A 31 5.47 -2.56 -0.47
N GLU A 32 5.89 -1.58 0.32
CA GLU A 32 5.47 -1.48 1.72
C GLU A 32 4.07 -0.88 1.81
N ALA A 33 3.70 -0.10 0.80
CA ALA A 33 2.38 0.54 0.77
C ALA A 33 1.29 -0.46 0.44
N THR A 34 1.56 -1.33 -0.53
CA THR A 34 0.59 -2.35 -0.94
C THR A 34 0.17 -3.22 0.25
N ALA A 35 1.02 -3.26 1.27
CA ALA A 35 0.74 -4.05 2.46
C ALA A 35 -0.48 -3.51 3.21
N ASP A 36 -0.69 -2.20 3.10
CA ASP A 36 -1.81 -1.55 3.77
C ASP A 36 -3.12 -1.81 3.02
N ILE A 37 -3.10 -1.53 1.72
CA ILE A 37 -4.28 -1.73 0.88
C ILE A 37 -4.73 -3.20 0.91
N ILE A 38 -3.78 -4.10 0.72
CA ILE A 38 -4.08 -5.53 0.73
C ILE A 38 -4.61 -5.97 2.08
N LEU A 39 -4.10 -5.35 3.14
CA LEU A 39 -4.53 -5.69 4.50
C LEU A 39 -6.01 -5.38 4.69
N LYS A 40 -6.54 -4.49 3.86
CA LYS A 40 -7.95 -4.12 3.94
C LYS A 40 -8.82 -5.10 3.17
N VAL A 41 -8.40 -5.43 1.96
CA VAL A 41 -9.14 -6.36 1.12
C VAL A 41 -8.91 -7.81 1.56
N GLY A 42 -7.93 -7.99 2.45
CA GLY A 42 -7.62 -9.32 2.94
C GLY A 42 -7.22 -10.27 1.83
N HIS A 43 -6.69 -9.72 0.75
CA HIS A 43 -6.27 -10.53 -0.40
C HIS A 43 -5.13 -9.85 -1.16
N ASP A 44 -4.13 -10.64 -1.56
CA ASP A 44 -2.99 -10.11 -2.29
C ASP A 44 -3.10 -10.44 -3.78
N PHE A 45 -2.02 -10.20 -4.51
CA PHE A 45 -1.99 -10.46 -5.94
C PHE A 45 -0.77 -11.29 -6.32
N SER A 46 -0.50 -12.33 -5.53
CA SER A 46 0.64 -13.19 -5.79
C SER A 46 0.46 -13.98 -7.08
N ASP A 47 -0.71 -14.60 -7.23
CA ASP A 47 -1.01 -15.38 -8.42
C ASP A 47 -0.74 -14.58 -9.68
N ALA A 48 0.13 -15.09 -10.54
CA ALA A 48 0.47 -14.42 -11.79
C ALA A 48 -0.73 -14.38 -12.73
N GLU A 49 -1.63 -15.34 -12.58
CA GLU A 49 -2.81 -15.42 -13.42
C GLU A 49 -3.98 -14.64 -12.80
N TYR A 50 -3.69 -13.93 -11.72
CA TYR A 50 -4.71 -13.15 -11.03
C TYR A 50 -4.12 -11.86 -10.45
N ILE A 51 -3.57 -11.03 -11.34
CA ILE A 51 -2.97 -9.76 -10.92
C ILE A 51 -3.76 -8.58 -11.46
N PRO A 52 -4.95 -8.35 -10.88
CA PRO A 52 -5.82 -7.25 -11.28
C PRO A 52 -5.26 -5.88 -10.89
N LEU A 53 -5.35 -4.94 -11.81
CA LEU A 53 -4.84 -3.58 -11.55
C LEU A 53 -5.75 -2.54 -12.20
N PRO A 54 -6.88 -2.25 -11.53
CA PRO A 54 -7.86 -1.26 -12.01
C PRO A 54 -7.33 0.16 -11.92
N GLU A 55 -8.21 1.12 -12.14
CA GLU A 55 -7.83 2.54 -12.09
C GLU A 55 -7.88 3.07 -10.65
N THR A 56 -8.66 2.39 -9.81
CA THR A 56 -8.79 2.78 -8.42
C THR A 56 -7.56 2.41 -7.61
N VAL A 57 -7.09 1.18 -7.78
CA VAL A 57 -5.91 0.70 -7.08
C VAL A 57 -4.69 1.56 -7.40
N ARG A 58 -4.48 1.80 -8.69
CA ARG A 58 -3.35 2.60 -9.15
C ARG A 58 -3.29 3.93 -8.41
N LEU A 59 -4.45 4.56 -8.24
CA LEU A 59 -4.54 5.84 -7.55
C LEU A 59 -4.35 5.66 -6.06
N ALA A 60 -5.09 4.73 -5.48
CA ALA A 60 -5.01 4.46 -4.05
C ALA A 60 -3.57 4.24 -3.62
N LEU A 61 -2.83 3.46 -4.41
CA LEU A 61 -1.44 3.17 -4.10
C LEU A 61 -0.56 4.40 -4.31
N LEU A 62 -0.82 5.13 -5.39
CA LEU A 62 -0.06 6.34 -5.70
C LEU A 62 -0.13 7.34 -4.55
N LYS A 63 -1.30 7.41 -3.90
CA LYS A 63 -1.49 8.32 -2.78
C LYS A 63 -0.76 7.82 -1.54
N LEU A 64 -0.88 6.52 -1.27
CA LEU A 64 -0.23 5.91 -0.12
C LEU A 64 1.29 6.01 -0.24
N SER A 65 1.80 5.77 -1.45
CA SER A 65 3.23 5.82 -1.70
C SER A 65 3.80 7.18 -1.32
N GLN A 66 3.05 8.23 -1.60
CA GLN A 66 3.48 9.59 -1.29
C GLN A 66 3.37 9.86 0.21
N PHE A 67 2.41 9.23 0.85
CA PHE A 67 2.21 9.40 2.29
C PHE A 67 3.39 8.87 3.08
N TYR A 68 3.82 7.65 2.74
CA TYR A 68 4.95 7.03 3.42
C TYR A 68 6.27 7.70 3.04
N ALA A 69 6.48 7.85 1.73
CA ALA A 69 7.70 8.48 1.22
C ALA A 69 7.92 9.84 1.86
N LEU A 70 6.82 10.49 2.25
CA LEU A 70 6.90 11.80 2.89
C LEU A 70 7.49 11.71 4.28
N ILE A 71 6.99 10.77 5.07
CA ILE A 71 7.47 10.56 6.43
C ILE A 71 8.55 9.48 6.48
N ASN A 72 9.20 9.25 5.35
CA ASN A 72 10.25 8.24 5.26
C ASN A 72 11.62 8.91 5.13
N GLY A 73 11.65 10.07 4.50
CA GLY A 73 12.90 10.79 4.32
C GLY A 73 12.96 12.07 5.11
N ASP A 74 11.79 12.57 5.51
CA ASP A 74 11.70 13.81 6.28
C ASP A 74 12.62 13.75 7.50
N GLU A 75 13.40 14.81 7.68
CA GLU A 75 14.34 14.88 8.80
C GLU A 75 13.72 15.64 9.97
N SER A 76 12.42 15.44 10.17
CA SER A 76 11.70 16.11 11.26
C SER A 76 10.66 15.18 11.88
N ILE A 77 10.91 13.88 11.78
CA ILE A 77 10.01 12.89 12.34
C ILE A 77 10.77 11.72 12.95
N ILE A 78 10.22 11.15 14.01
CA ILE A 78 10.84 10.02 14.68
C ILE A 78 10.07 8.73 14.44
N LYS A 79 10.31 8.11 13.28
CA LYS A 79 9.64 6.86 12.93
C LYS A 79 10.13 5.71 13.80
N GLY A 80 9.75 4.50 13.44
CA GLY A 80 10.16 3.33 14.19
C GLY A 80 11.52 2.82 13.77
N TYR A 81 11.69 1.50 13.80
CA TYR A 81 12.96 0.88 13.42
C TYR A 81 12.74 -0.54 12.90
N THR A 82 11.96 -1.31 13.63
CA THR A 82 11.66 -2.68 13.24
C THR A 82 10.17 -2.97 13.31
N THR A 83 9.38 -1.94 13.59
CA THR A 83 7.93 -2.08 13.68
C THR A 83 7.27 -1.83 12.32
N GLU A 84 6.51 -2.80 11.86
CA GLU A 84 5.82 -2.69 10.58
C GLU A 84 4.84 -1.51 10.59
N LYS A 85 4.11 -1.35 9.49
CA LYS A 85 3.14 -0.28 9.37
C LYS A 85 1.92 -0.53 10.26
N ILE A 86 1.80 0.25 11.32
CA ILE A 86 0.68 0.11 12.24
C ILE A 86 -0.31 1.26 12.08
N GLY A 87 0.09 2.29 11.35
CA GLY A 87 -0.78 3.43 11.12
C GLY A 87 -1.08 4.18 12.41
N ASP A 88 -0.25 3.98 13.42
CA ASP A 88 -0.42 4.65 14.70
C ASP A 88 0.28 6.01 14.72
N TYR A 89 0.36 6.61 15.89
CA TYR A 89 1.00 7.91 16.04
C TYR A 89 2.50 7.75 16.33
N SER A 90 3.21 7.16 15.38
CA SER A 90 4.65 6.94 15.52
C SER A 90 5.43 7.73 14.47
N TYR A 91 4.84 8.82 14.00
CA TYR A 91 5.47 9.65 12.99
C TYR A 91 5.10 11.12 13.18
N THR A 92 5.26 11.61 14.40
CA THR A 92 4.94 13.00 14.71
C THR A 92 5.62 13.95 13.73
N LEU A 93 4.88 14.97 13.30
CA LEU A 93 5.40 15.95 12.37
C LEU A 93 5.97 17.16 13.10
N GLY A 94 6.32 18.21 12.34
CA GLY A 94 6.86 19.41 12.94
C GLY A 94 5.82 20.20 13.71
N ASP A 95 4.55 19.95 13.40
CA ASP A 95 3.45 20.64 14.07
C ASP A 95 2.70 19.71 14.99
N GLY A 96 3.38 18.67 15.47
CA GLY A 96 2.75 17.71 16.37
C GLY A 96 1.46 17.16 15.80
N SER A 97 1.41 16.99 14.49
CA SER A 97 0.21 16.47 13.83
C SER A 97 0.36 14.98 13.53
N SER A 98 -0.66 14.22 13.90
CA SER A 98 -0.65 12.77 13.69
C SER A 98 -0.99 12.44 12.24
N LEU A 99 0.02 12.48 11.38
CA LEU A 99 -0.17 12.17 9.96
C LEU A 99 -0.80 10.80 9.78
N GLN A 100 -2.08 10.78 9.42
CA GLN A 100 -2.79 9.54 9.20
C GLN A 100 -2.83 9.18 7.72
N LYS A 101 -2.71 7.87 7.43
CA LYS A 101 -2.73 7.40 6.05
C LYS A 101 -3.95 7.93 5.31
N PRO A 102 -3.87 7.93 3.97
CA PRO A 102 -4.97 8.40 3.11
C PRO A 102 -6.17 7.48 3.14
N ASP A 103 -7.37 8.05 3.03
CA ASP A 103 -8.60 7.27 3.04
C ASP A 103 -8.87 6.68 1.66
N VAL A 104 -8.07 5.69 1.27
CA VAL A 104 -8.24 5.03 -0.02
C VAL A 104 -9.08 3.77 0.11
N TYR A 105 -9.92 3.71 1.15
CA TYR A 105 -10.77 2.55 1.38
C TYR A 105 -11.88 2.48 0.33
N ALA A 106 -12.44 3.64 -0.01
CA ALA A 106 -13.51 3.71 -1.00
C ALA A 106 -12.98 3.42 -2.40
N LEU A 107 -11.70 3.66 -2.60
CA LEU A 107 -11.06 3.43 -3.90
C LEU A 107 -10.94 1.94 -4.19
N ILE A 108 -10.36 1.21 -3.26
CA ILE A 108 -10.18 -0.23 -3.41
C ILE A 108 -11.47 -0.97 -3.08
N LYS A 109 -12.49 -0.23 -2.67
CA LYS A 109 -13.78 -0.82 -2.33
C LYS A 109 -14.28 -1.71 -3.46
N ASP A 110 -13.89 -1.40 -4.69
CA ASP A 110 -14.29 -2.17 -5.85
C ASP A 110 -13.89 -3.64 -5.70
N TYR A 111 -12.84 -3.89 -4.92
CA TYR A 111 -12.36 -5.24 -4.69
C TYR A 111 -12.21 -5.52 -3.21
N VAL A 112 -13.13 -4.98 -2.42
CA VAL A 112 -13.10 -5.17 -0.96
C VAL A 112 -14.31 -5.97 -0.49
N LYS A 113 -14.08 -6.94 0.39
CA LYS A 113 -15.15 -7.77 0.92
C LYS A 113 -15.39 -7.46 2.39
N PRO A 114 -16.19 -6.41 2.65
CA PRO A 114 -16.53 -5.98 4.01
C PRO A 114 -17.45 -6.98 4.72
N ALA A 115 -17.26 -7.12 6.02
CA ALA A 115 -18.07 -8.04 6.82
C ALA A 115 -19.49 -7.51 6.98
N ASP A 116 -20.37 -7.87 6.06
CA ASP A 116 -21.76 -7.44 6.11
C ASP A 116 -22.72 -8.62 6.09
N PRO A 117 -22.98 -9.19 7.28
CA PRO A 117 -23.88 -10.34 7.42
C PRO A 117 -25.33 -9.99 7.14
N ASP A 118 -26.24 -10.85 7.59
CA ASP A 118 -27.66 -10.63 7.39
C ASP A 118 -28.19 -9.57 8.36
N LEU A 119 -27.56 -8.41 8.36
CA LEU A 119 -27.95 -7.31 9.24
C LEU A 119 -28.68 -6.22 8.47
N GLU A 120 -28.52 -6.23 7.14
CA GLU A 120 -29.15 -5.24 6.28
C GLU A 120 -30.65 -5.16 6.57
N GLY A 121 -31.26 -4.05 6.17
CA GLY A 121 -32.68 -3.86 6.39
C GLY A 121 -32.97 -2.88 7.52
N ILE A 122 -32.00 -2.73 8.42
CA ILE A 122 -32.16 -1.81 9.54
C ILE A 122 -31.09 -0.73 9.53
N GLU A 123 -31.45 0.46 10.03
CA GLU A 123 -30.53 1.58 10.07
C GLU A 123 -30.10 1.99 8.66
N ALA A 124 -30.88 1.56 7.67
CA ALA A 124 -30.60 1.88 6.28
C ALA A 124 -31.42 3.09 5.82
N LYS A 125 -32.70 3.09 6.15
CA LYS A 125 -33.59 4.18 5.77
C LYS A 125 -33.39 5.38 6.68
N VAL A 126 -33.08 5.13 7.95
CA VAL A 126 -32.86 6.19 8.91
C VAL A 126 -31.74 7.13 8.46
N ARG A 127 -30.76 6.57 7.77
CA ARG A 127 -29.63 7.35 7.27
C ARG A 127 -30.04 8.19 6.07
N MET A 128 -31.06 7.73 5.35
CA MET A 128 -31.55 8.44 4.18
C MET A 128 -32.56 9.51 4.57
N ARG A 129 -33.64 9.09 5.24
CA ARG A 129 -34.67 10.02 5.66
C ARG A 129 -34.07 11.17 6.48
N SER A 130 -33.00 10.89 7.20
CA SER A 130 -32.33 11.89 8.01
C SER A 130 -30.96 12.25 7.44
N ILE A 131 -30.97 12.73 6.19
CA ILE A 131 -29.73 13.11 5.52
C ILE A 131 -29.69 14.61 5.27
N LEU A 132 -30.86 15.20 5.07
CA LEU A 132 -30.95 16.64 4.82
C LEU A 132 -30.32 16.99 3.47
N GLU A 133 -31.05 17.78 2.67
CA GLU A 133 -30.55 18.20 1.37
C GLU A 133 -30.71 19.70 1.17
N HIS A 134 -29.84 20.47 1.82
CA HIS A 134 -29.89 21.92 1.72
C HIS A 134 -29.39 22.39 0.36
N HIS A 135 -28.08 22.26 0.14
CA HIS A 135 -27.48 22.68 -1.12
C HIS A 135 -27.06 21.46 -1.94
N HIS A 136 -27.73 21.26 -3.08
CA HIS A 136 -27.43 20.13 -3.95
C HIS A 136 -28.28 20.19 -5.21
N HIS A 137 -27.71 20.73 -6.29
CA HIS A 137 -28.42 20.83 -7.55
C HIS A 137 -28.31 19.54 -8.35
N HIS A 138 -29.28 19.31 -9.23
CA HIS A 138 -29.29 18.09 -10.06
C HIS A 138 -29.17 16.85 -9.19
N HIS A 139 -30.22 16.55 -8.44
CA HIS A 139 -30.24 15.38 -7.57
C HIS A 139 -31.18 14.31 -8.11
N MET A 1 3.77 -7.99 -4.70
CA MET A 1 4.81 -6.97 -4.62
C MET A 1 4.51 -5.81 -5.57
N LEU A 2 3.23 -5.62 -5.86
CA LEU A 2 2.81 -4.54 -6.76
C LEU A 2 3.43 -4.71 -8.14
N LEU A 3 2.99 -3.89 -9.08
CA LEU A 3 3.50 -3.94 -10.44
C LEU A 3 3.62 -2.54 -11.04
N ILE A 4 3.78 -1.55 -10.17
CA ILE A 4 3.91 -0.17 -10.61
C ILE A 4 5.38 0.26 -10.65
N THR A 5 5.62 1.46 -11.17
CA THR A 5 6.98 1.98 -11.26
C THR A 5 7.17 3.20 -10.36
N PRO A 6 8.36 3.31 -9.76
CA PRO A 6 8.70 4.43 -8.86
C PRO A 6 8.84 5.75 -9.61
N ASP A 7 8.88 5.67 -10.94
CA ASP A 7 9.02 6.86 -11.76
C ASP A 7 7.68 7.58 -11.91
N GLU A 8 6.60 6.81 -11.86
CA GLU A 8 5.27 7.38 -12.00
C GLU A 8 4.84 8.07 -10.71
N LEU A 9 5.32 7.56 -9.57
CA LEU A 9 5.00 8.13 -8.28
C LEU A 9 5.44 9.59 -8.20
N LYS A 10 6.67 9.86 -8.63
CA LYS A 10 7.21 11.21 -8.61
C LYS A 10 6.54 12.08 -9.67
N SER A 11 6.17 11.46 -10.79
CA SER A 11 5.51 12.18 -11.87
C SER A 11 4.11 12.62 -11.47
N TYR A 12 3.45 11.81 -10.66
CA TYR A 12 2.10 12.11 -10.20
C TYR A 12 2.14 12.98 -8.94
N SER A 13 2.93 12.56 -7.96
CA SER A 13 3.06 13.29 -6.71
C SER A 13 3.79 14.61 -6.92
N VAL A 14 3.64 15.51 -5.95
CA VAL A 14 4.28 16.82 -6.04
C VAL A 14 5.41 16.95 -5.02
N PHE A 15 5.34 16.14 -3.96
CA PHE A 15 6.35 16.16 -2.91
C PHE A 15 7.75 16.01 -3.51
N GLU A 16 8.50 17.10 -3.52
CA GLU A 16 9.86 17.08 -4.06
C GLU A 16 10.70 16.01 -3.39
N SER A 17 10.35 15.67 -2.15
CA SER A 17 11.07 14.65 -1.40
C SER A 17 10.94 13.29 -2.06
N VAL A 18 9.75 13.00 -2.58
CA VAL A 18 9.50 11.73 -3.25
C VAL A 18 10.13 11.69 -4.63
N LYS A 19 10.19 12.84 -5.28
CA LYS A 19 10.77 12.95 -6.61
C LYS A 19 12.29 13.00 -6.53
N THR A 20 12.80 13.43 -5.38
CA THR A 20 14.25 13.54 -5.17
C THR A 20 14.86 12.17 -4.87
N ARG A 21 14.20 11.41 -4.01
CA ARG A 21 14.68 10.08 -3.64
C ARG A 21 14.96 9.24 -4.88
N PRO A 22 15.82 8.22 -4.72
CA PRO A 22 16.19 7.32 -5.82
C PRO A 22 15.03 6.41 -6.24
N ASP A 23 15.33 5.47 -7.13
CA ASP A 23 14.31 4.54 -7.62
C ASP A 23 14.30 3.27 -6.77
N GLU A 24 15.49 2.85 -6.32
CA GLU A 24 15.60 1.64 -5.51
C GLU A 24 14.84 1.79 -4.20
N LEU A 25 14.93 2.97 -3.60
CA LEU A 25 14.26 3.24 -2.33
C LEU A 25 12.75 3.32 -2.53
N LEU A 26 12.33 4.06 -3.55
CA LEU A 26 10.91 4.22 -3.86
C LEU A 26 10.23 2.86 -3.96
N LYS A 27 10.86 1.93 -4.66
CA LYS A 27 10.32 0.59 -4.84
C LYS A 27 10.02 -0.05 -3.50
N GLN A 28 10.97 0.03 -2.58
CA GLN A 28 10.81 -0.55 -1.24
C GLN A 28 9.55 -0.01 -0.58
N ASP A 29 9.34 1.30 -0.67
CA ASP A 29 8.18 1.93 -0.07
C ASP A 29 6.89 1.43 -0.71
N ILE A 30 6.89 1.33 -2.03
CA ILE A 30 5.72 0.86 -2.76
C ILE A 30 5.27 -0.50 -2.25
N LEU A 31 6.22 -1.30 -1.78
CA LEU A 31 5.93 -2.63 -1.26
C LEU A 31 5.34 -2.53 0.15
N GLU A 32 5.72 -1.50 0.88
CA GLU A 32 5.23 -1.29 2.24
C GLU A 32 3.84 -0.69 2.23
N ALA A 33 3.51 0.01 1.15
CA ALA A 33 2.21 0.64 1.02
C ALA A 33 1.13 -0.37 0.66
N THR A 34 1.48 -1.31 -0.22
CA THR A 34 0.54 -2.34 -0.64
C THR A 34 0.00 -3.12 0.56
N ALA A 35 0.75 -3.10 1.65
CA ALA A 35 0.34 -3.80 2.87
C ALA A 35 -0.92 -3.19 3.45
N ASP A 36 -1.12 -1.90 3.23
CA ASP A 36 -2.30 -1.20 3.73
C ASP A 36 -3.53 -1.53 2.89
N ILE A 37 -3.40 -1.35 1.58
CA ILE A 37 -4.50 -1.62 0.66
C ILE A 37 -4.99 -3.06 0.80
N ILE A 38 -4.05 -4.00 0.70
CA ILE A 38 -4.38 -5.41 0.81
C ILE A 38 -5.05 -5.72 2.14
N LEU A 39 -4.63 -5.01 3.19
CA LEU A 39 -5.20 -5.20 4.52
C LEU A 39 -6.66 -4.81 4.55
N LYS A 40 -7.06 -3.96 3.62
CA LYS A 40 -8.44 -3.50 3.54
C LYS A 40 -9.31 -4.52 2.80
N VAL A 41 -8.82 -4.99 1.66
CA VAL A 41 -9.55 -5.96 0.86
C VAL A 41 -9.50 -7.35 1.50
N GLY A 42 -8.48 -7.58 2.33
CA GLY A 42 -8.34 -8.86 2.99
C GLY A 42 -7.84 -9.95 2.06
N HIS A 43 -6.98 -9.56 1.12
CA HIS A 43 -6.42 -10.51 0.17
C HIS A 43 -5.37 -9.85 -0.71
N ASP A 44 -4.31 -10.59 -1.02
CA ASP A 44 -3.23 -10.07 -1.86
C ASP A 44 -3.32 -10.62 -3.27
N PHE A 45 -2.46 -10.14 -4.15
CA PHE A 45 -2.45 -10.57 -5.55
C PHE A 45 -1.18 -11.35 -5.85
N SER A 46 -0.94 -12.42 -5.09
CA SER A 46 0.24 -13.26 -5.28
C SER A 46 0.03 -14.24 -6.43
N ASP A 47 -1.12 -14.89 -6.44
CA ASP A 47 -1.43 -15.85 -7.49
C ASP A 47 -1.24 -15.24 -8.87
N ALA A 48 -0.28 -15.79 -9.62
CA ALA A 48 0.01 -15.30 -10.96
C ALA A 48 -1.22 -15.39 -11.86
N GLU A 49 -2.16 -16.24 -11.49
CA GLU A 49 -3.39 -16.41 -12.26
C GLU A 49 -4.52 -15.55 -11.70
N TYR A 50 -4.14 -14.47 -11.02
CA TYR A 50 -5.12 -13.57 -10.43
C TYR A 50 -4.45 -12.30 -9.91
N ILE A 51 -3.80 -11.56 -10.82
CA ILE A 51 -3.11 -10.33 -10.45
C ILE A 51 -3.77 -9.12 -11.12
N PRO A 52 -4.98 -8.78 -10.66
CA PRO A 52 -5.73 -7.63 -11.20
C PRO A 52 -5.10 -6.30 -10.83
N LEU A 53 -5.27 -5.32 -11.71
CA LEU A 53 -4.71 -3.98 -11.48
C LEU A 53 -5.59 -2.91 -12.12
N PRO A 54 -6.71 -2.59 -11.45
CA PRO A 54 -7.65 -1.57 -11.94
C PRO A 54 -7.08 -0.17 -11.85
N GLU A 55 -7.94 0.83 -12.08
CA GLU A 55 -7.50 2.23 -12.03
C GLU A 55 -7.54 2.75 -10.60
N THR A 56 -8.34 2.10 -9.76
CA THR A 56 -8.47 2.50 -8.36
C THR A 56 -7.24 2.10 -7.55
N VAL A 57 -6.81 0.85 -7.73
CA VAL A 57 -5.64 0.34 -7.02
C VAL A 57 -4.40 1.15 -7.36
N ARG A 58 -4.16 1.32 -8.66
CA ARG A 58 -2.99 2.07 -9.13
C ARG A 58 -2.92 3.43 -8.45
N LEU A 59 -4.06 4.10 -8.34
CA LEU A 59 -4.13 5.42 -7.73
C LEU A 59 -3.98 5.31 -6.21
N ALA A 60 -4.61 4.30 -5.63
CA ALA A 60 -4.53 4.09 -4.19
C ALA A 60 -3.09 3.90 -3.74
N LEU A 61 -2.32 3.13 -4.49
CA LEU A 61 -0.92 2.87 -4.16
C LEU A 61 -0.07 4.11 -4.42
N LEU A 62 -0.42 4.86 -5.47
CA LEU A 62 0.31 6.07 -5.81
C LEU A 62 0.22 7.10 -4.70
N LYS A 63 -0.95 7.22 -4.10
CA LYS A 63 -1.17 8.17 -3.01
C LYS A 63 -0.49 7.69 -1.73
N LEU A 64 -0.48 6.38 -1.53
CA LEU A 64 0.14 5.80 -0.34
C LEU A 64 1.66 5.87 -0.43
N SER A 65 2.19 5.63 -1.62
CA SER A 65 3.64 5.68 -1.84
C SER A 65 4.21 7.04 -1.44
N GLN A 66 3.43 8.09 -1.68
CA GLN A 66 3.86 9.44 -1.33
C GLN A 66 3.74 9.69 0.16
N PHE A 67 2.76 9.05 0.79
CA PHE A 67 2.52 9.21 2.22
C PHE A 67 3.71 8.67 3.02
N TYR A 68 4.12 7.45 2.71
CA TYR A 68 5.24 6.82 3.41
C TYR A 68 6.56 7.49 3.03
N ALA A 69 6.79 7.62 1.73
CA ALA A 69 8.01 8.24 1.23
C ALA A 69 8.21 9.63 1.84
N LEU A 70 7.11 10.27 2.21
CA LEU A 70 7.15 11.60 2.81
C LEU A 70 7.73 11.54 4.22
N ILE A 71 7.21 10.61 5.01
CA ILE A 71 7.67 10.44 6.39
C ILE A 71 8.77 9.38 6.49
N ASN A 72 9.44 9.13 5.37
CA ASN A 72 10.51 8.14 5.32
C ASN A 72 11.87 8.82 5.20
N GLY A 73 11.88 10.02 4.64
CA GLY A 73 13.13 10.76 4.48
C GLY A 73 13.18 12.01 5.32
N ASP A 74 12.00 12.48 5.74
CA ASP A 74 11.92 13.69 6.57
C ASP A 74 12.83 13.57 7.78
N GLU A 75 13.63 14.61 8.02
CA GLU A 75 14.55 14.62 9.15
C GLU A 75 13.93 15.34 10.34
N SER A 76 12.63 15.14 10.54
CA SER A 76 11.92 15.77 11.65
C SER A 76 10.86 14.82 12.21
N ILE A 77 11.08 13.53 12.05
CA ILE A 77 10.15 12.53 12.55
C ILE A 77 10.89 11.39 13.26
N ILE A 78 10.28 10.87 14.32
CA ILE A 78 10.87 9.78 15.09
C ILE A 78 9.88 8.65 15.28
N LYS A 79 10.28 7.44 14.87
CA LYS A 79 9.42 6.27 15.00
C LYS A 79 9.93 5.35 16.11
N GLY A 80 10.68 5.92 17.06
CA GLY A 80 11.21 5.13 18.15
C GLY A 80 12.69 5.39 18.38
N TYR A 81 13.53 4.69 17.61
CA TYR A 81 14.97 4.85 17.73
C TYR A 81 15.65 4.65 16.39
N THR A 82 15.27 5.47 15.42
CA THR A 82 15.84 5.39 14.07
C THR A 82 16.14 3.94 13.69
N THR A 83 15.12 3.25 13.21
CA THR A 83 15.27 1.85 12.81
C THR A 83 14.98 1.68 11.32
N GLU A 84 15.32 0.51 10.79
CA GLU A 84 15.09 0.22 9.38
C GLU A 84 13.60 0.02 9.10
N LYS A 85 13.28 -0.30 7.85
CA LYS A 85 11.90 -0.51 7.44
C LYS A 85 11.40 -1.87 7.93
N ILE A 86 10.51 -1.84 8.93
CA ILE A 86 9.95 -3.06 9.48
C ILE A 86 8.44 -3.12 9.29
N GLY A 87 7.86 -1.98 8.89
CA GLY A 87 6.43 -1.93 8.68
C GLY A 87 5.68 -1.39 9.89
N ASP A 88 6.40 -0.71 10.77
CA ASP A 88 5.80 -0.15 11.98
C ASP A 88 4.68 0.82 11.63
N TYR A 89 3.82 1.09 12.61
CA TYR A 89 2.70 2.00 12.40
C TYR A 89 2.78 3.20 13.35
N SER A 90 3.98 3.76 13.48
CA SER A 90 4.20 4.90 14.36
C SER A 90 5.11 5.93 13.69
N TYR A 91 4.53 7.03 13.24
CA TYR A 91 5.30 8.09 12.60
C TYR A 91 4.86 9.46 13.09
N THR A 92 5.12 9.74 14.37
CA THR A 92 4.76 11.02 14.97
C THR A 92 5.61 12.15 14.41
N LEU A 93 4.99 13.00 13.59
CA LEU A 93 5.70 14.13 12.99
C LEU A 93 6.39 14.97 14.06
N GLY A 94 7.30 15.83 13.63
CA GLY A 94 8.01 16.68 14.57
C GLY A 94 7.10 17.70 15.22
N ASP A 95 5.95 17.96 14.62
CA ASP A 95 4.99 18.91 15.15
C ASP A 95 3.92 18.21 15.98
N GLY A 96 4.32 17.12 16.65
CA GLY A 96 3.38 16.38 17.45
C GLY A 96 2.12 16.00 16.70
N SER A 97 2.25 15.85 15.39
CA SER A 97 1.10 15.49 14.55
C SER A 97 1.13 14.00 14.21
N SER A 98 -0.06 13.42 14.08
CA SER A 98 -0.18 12.00 13.76
C SER A 98 -0.60 11.80 12.31
N LEU A 99 0.37 11.87 11.40
CA LEU A 99 0.11 11.69 9.99
C LEU A 99 -0.67 10.41 9.72
N GLN A 100 -1.92 10.56 9.28
CA GLN A 100 -2.77 9.41 9.00
C GLN A 100 -2.72 9.06 7.52
N LYS A 101 -2.66 7.76 7.23
CA LYS A 101 -2.61 7.29 5.84
C LYS A 101 -3.81 7.80 5.05
N PRO A 102 -3.68 7.79 3.72
CA PRO A 102 -4.74 8.26 2.82
C PRO A 102 -5.94 7.31 2.81
N ASP A 103 -7.13 7.88 2.68
CA ASP A 103 -8.36 7.09 2.65
C ASP A 103 -8.59 6.49 1.27
N VAL A 104 -7.88 5.39 0.98
CA VAL A 104 -8.01 4.73 -0.31
C VAL A 104 -8.94 3.53 -0.22
N TYR A 105 -9.82 3.54 0.78
CA TYR A 105 -10.76 2.45 0.98
C TYR A 105 -11.84 2.45 -0.11
N ALA A 106 -12.38 3.63 -0.39
CA ALA A 106 -13.41 3.77 -1.41
C ALA A 106 -12.89 3.36 -2.78
N LEU A 107 -11.57 3.44 -2.95
CA LEU A 107 -10.95 3.08 -4.23
C LEU A 107 -10.98 1.57 -4.43
N ILE A 108 -10.53 0.83 -3.43
CA ILE A 108 -10.51 -0.62 -3.50
C ILE A 108 -11.76 -1.22 -2.87
N LYS A 109 -12.77 -0.38 -2.66
CA LYS A 109 -14.03 -0.83 -2.08
C LYS A 109 -14.75 -1.79 -3.01
N ASP A 110 -14.31 -1.83 -4.27
CA ASP A 110 -14.92 -2.71 -5.26
C ASP A 110 -14.25 -4.08 -5.26
N TYR A 111 -13.00 -4.12 -4.81
CA TYR A 111 -12.25 -5.37 -4.76
C TYR A 111 -12.00 -5.80 -3.31
N VAL A 112 -13.05 -5.74 -2.51
CA VAL A 112 -12.95 -6.12 -1.11
C VAL A 112 -13.45 -7.54 -0.89
N LYS A 113 -12.52 -8.48 -0.77
CA LYS A 113 -12.87 -9.88 -0.57
C LYS A 113 -13.90 -10.35 -1.59
N PRO A 114 -13.42 -10.71 -2.78
CA PRO A 114 -14.28 -11.18 -3.87
C PRO A 114 -14.87 -12.56 -3.59
N ALA A 115 -15.57 -13.11 -4.58
CA ALA A 115 -16.19 -14.42 -4.44
C ALA A 115 -15.18 -15.53 -4.73
N ASP A 116 -14.06 -15.51 -4.03
CA ASP A 116 -13.02 -16.52 -4.22
C ASP A 116 -12.69 -17.20 -2.89
N PRO A 117 -13.45 -18.26 -2.56
CA PRO A 117 -13.25 -19.02 -1.33
C PRO A 117 -11.96 -19.84 -1.35
N ASP A 118 -11.88 -20.81 -0.45
CA ASP A 118 -10.69 -21.67 -0.37
C ASP A 118 -10.70 -22.70 -1.49
N LEU A 119 -10.80 -22.22 -2.73
CA LEU A 119 -10.82 -23.10 -3.89
C LEU A 119 -9.50 -23.01 -4.65
N GLU A 120 -8.74 -21.96 -4.38
CA GLU A 120 -7.45 -21.77 -5.04
C GLU A 120 -6.50 -22.91 -4.73
N GLY A 121 -5.23 -22.73 -5.08
CA GLY A 121 -4.23 -23.77 -4.83
C GLY A 121 -3.79 -23.80 -3.38
N ILE A 122 -4.74 -24.01 -2.47
CA ILE A 122 -4.44 -24.06 -1.04
C ILE A 122 -3.89 -25.43 -0.65
N GLU A 123 -2.95 -25.43 0.29
CA GLU A 123 -2.35 -26.67 0.76
C GLU A 123 -1.58 -27.37 -0.37
N ALA A 124 -1.31 -26.62 -1.43
CA ALA A 124 -0.59 -27.17 -2.58
C ALA A 124 0.90 -26.82 -2.50
N LYS A 125 1.20 -25.53 -2.38
CA LYS A 125 2.58 -25.07 -2.30
C LYS A 125 3.22 -25.51 -0.98
N VAL A 126 2.39 -25.78 0.02
CA VAL A 126 2.87 -26.21 1.33
C VAL A 126 3.13 -27.71 1.35
N ARG A 127 2.45 -28.44 0.46
CA ARG A 127 2.59 -29.88 0.37
C ARG A 127 3.81 -30.26 -0.46
N MET A 128 4.24 -29.34 -1.32
CA MET A 128 5.39 -29.57 -2.19
C MET A 128 6.67 -29.03 -1.54
N ARG A 129 6.52 -28.00 -0.72
CA ARG A 129 7.65 -27.38 -0.05
C ARG A 129 7.96 -28.11 1.26
N SER A 130 6.96 -28.75 1.84
CA SER A 130 7.13 -29.48 3.09
C SER A 130 7.37 -30.96 2.83
N ILE A 131 7.95 -31.26 1.66
CA ILE A 131 8.24 -32.64 1.30
C ILE A 131 9.68 -33.00 1.64
N LEU A 132 9.91 -34.29 1.91
CA LEU A 132 11.25 -34.76 2.24
C LEU A 132 12.26 -34.33 1.19
N GLU A 133 12.23 -34.98 0.04
CA GLU A 133 13.14 -34.66 -1.05
C GLU A 133 12.38 -34.47 -2.37
N HIS A 134 11.45 -35.38 -2.64
CA HIS A 134 10.66 -35.32 -3.86
C HIS A 134 9.60 -36.42 -3.86
N HIS A 135 9.95 -37.59 -3.34
CA HIS A 135 9.03 -38.72 -3.28
C HIS A 135 9.03 -39.36 -1.90
N HIS A 136 8.13 -40.31 -1.70
CA HIS A 136 8.03 -41.01 -0.41
C HIS A 136 9.34 -41.72 -0.08
N HIS A 137 10.16 -41.09 0.76
CA HIS A 137 11.43 -41.66 1.16
C HIS A 137 11.25 -42.70 2.26
N HIS A 138 12.31 -43.42 2.57
CA HIS A 138 12.27 -44.45 3.62
C HIS A 138 13.08 -44.01 4.83
N HIS A 139 12.47 -43.17 5.67
CA HIS A 139 13.14 -42.69 6.87
C HIS A 139 13.06 -43.73 7.99
N MET A 1 4.83 -7.19 -3.98
CA MET A 1 5.66 -6.92 -5.15
C MET A 1 5.04 -5.85 -6.02
N LEU A 2 3.71 -5.85 -6.12
CA LEU A 2 3.01 -4.88 -6.94
C LEU A 2 3.43 -4.96 -8.40
N LEU A 3 2.89 -4.07 -9.22
CA LEU A 3 3.22 -4.04 -10.64
C LEU A 3 3.52 -2.61 -11.11
N ILE A 4 3.94 -1.77 -10.17
CA ILE A 4 4.25 -0.38 -10.48
C ILE A 4 5.72 -0.07 -10.20
N THR A 5 6.28 0.83 -10.99
CA THR A 5 7.69 1.22 -10.83
C THR A 5 7.81 2.45 -9.95
N PRO A 6 9.02 2.65 -9.39
CA PRO A 6 9.30 3.79 -8.52
C PRO A 6 9.32 5.11 -9.27
N ASP A 7 9.65 5.05 -10.55
CA ASP A 7 9.71 6.25 -11.39
C ASP A 7 8.31 6.78 -11.66
N GLU A 8 7.34 5.88 -11.72
CA GLU A 8 5.95 6.26 -11.97
C GLU A 8 5.36 6.99 -10.76
N LEU A 9 5.73 6.54 -9.57
CA LEU A 9 5.24 7.16 -8.34
C LEU A 9 5.48 8.66 -8.35
N LYS A 10 6.71 9.06 -8.63
CA LYS A 10 7.07 10.47 -8.67
C LYS A 10 6.43 11.17 -9.86
N SER A 11 6.22 10.41 -10.94
CA SER A 11 5.59 10.96 -12.14
C SER A 11 4.22 11.54 -11.83
N TYR A 12 3.61 11.06 -10.75
CA TYR A 12 2.30 11.54 -10.35
C TYR A 12 2.37 12.32 -9.03
N SER A 13 3.20 11.83 -8.12
CA SER A 13 3.37 12.48 -6.82
C SER A 13 3.68 13.96 -6.99
N VAL A 14 3.26 14.77 -6.03
CA VAL A 14 3.49 16.20 -6.06
C VAL A 14 4.61 16.61 -5.12
N PHE A 15 4.87 15.77 -4.12
CA PHE A 15 5.92 16.03 -3.15
C PHE A 15 7.30 15.84 -3.77
N GLU A 16 8.10 16.90 -3.76
CA GLU A 16 9.45 16.85 -4.32
C GLU A 16 10.31 15.82 -3.58
N SER A 17 9.90 15.49 -2.36
CA SER A 17 10.63 14.53 -1.55
C SER A 17 10.59 13.14 -2.19
N VAL A 18 9.43 12.78 -2.74
CA VAL A 18 9.26 11.49 -3.38
C VAL A 18 9.96 11.44 -4.73
N LYS A 19 9.99 12.58 -5.41
CA LYS A 19 10.63 12.67 -6.72
C LYS A 19 12.14 12.80 -6.58
N THR A 20 12.59 13.31 -5.44
CA THR A 20 14.01 13.47 -5.18
C THR A 20 14.68 12.14 -4.88
N ARG A 21 14.05 11.35 -4.02
CA ARG A 21 14.58 10.04 -3.65
C ARG A 21 14.90 9.22 -4.89
N PRO A 22 15.81 8.23 -4.74
CA PRO A 22 16.23 7.36 -5.83
C PRO A 22 15.12 6.40 -6.26
N ASP A 23 15.46 5.44 -7.11
CA ASP A 23 14.50 4.46 -7.59
C ASP A 23 14.56 3.18 -6.77
N GLU A 24 15.71 2.94 -6.13
CA GLU A 24 15.89 1.75 -5.31
C GLU A 24 15.13 1.87 -4.00
N LEU A 25 15.02 3.10 -3.49
CA LEU A 25 14.31 3.35 -2.24
C LEU A 25 12.83 3.63 -2.50
N LEU A 26 12.55 4.30 -3.62
CA LEU A 26 11.19 4.63 -3.98
C LEU A 26 10.32 3.38 -4.09
N LYS A 27 10.92 2.30 -4.57
CA LYS A 27 10.22 1.04 -4.72
C LYS A 27 10.01 0.37 -3.36
N GLN A 28 10.97 0.54 -2.46
CA GLN A 28 10.89 -0.04 -1.13
C GLN A 28 9.61 0.40 -0.42
N ASP A 29 9.30 1.69 -0.50
CA ASP A 29 8.11 2.24 0.13
C ASP A 29 6.85 1.73 -0.56
N ILE A 30 6.94 1.51 -1.87
CA ILE A 30 5.81 1.02 -2.64
C ILE A 30 5.43 -0.40 -2.24
N LEU A 31 6.45 -1.23 -2.05
CA LEU A 31 6.24 -2.62 -1.66
C LEU A 31 5.65 -2.71 -0.25
N GLU A 32 5.96 -1.72 0.58
CA GLU A 32 5.47 -1.69 1.95
C GLU A 32 4.03 -1.16 2.00
N ALA A 33 3.67 -0.39 0.98
CA ALA A 33 2.32 0.18 0.91
C ALA A 33 1.31 -0.88 0.50
N THR A 34 1.66 -1.70 -0.48
CA THR A 34 0.78 -2.76 -0.96
C THR A 34 0.37 -3.69 0.17
N ALA A 35 1.16 -3.71 1.24
CA ALA A 35 0.87 -4.56 2.38
C ALA A 35 -0.29 -3.99 3.20
N ASP A 36 -0.45 -2.67 3.16
CA ASP A 36 -1.52 -2.01 3.89
C ASP A 36 -2.86 -2.18 3.17
N ILE A 37 -2.87 -1.88 1.87
CA ILE A 37 -4.08 -2.00 1.07
C ILE A 37 -4.61 -3.43 1.09
N ILE A 38 -3.76 -4.38 0.73
CA ILE A 38 -4.14 -5.78 0.71
C ILE A 38 -4.68 -6.23 2.06
N LEU A 39 -4.14 -5.66 3.13
CA LEU A 39 -4.56 -5.99 4.48
C LEU A 39 -6.00 -5.54 4.72
N LYS A 40 -6.45 -4.57 3.93
CA LYS A 40 -7.81 -4.05 4.06
C LYS A 40 -8.79 -4.91 3.26
N VAL A 41 -8.44 -5.23 2.03
CA VAL A 41 -9.29 -6.04 1.17
C VAL A 41 -9.22 -7.52 1.57
N GLY A 42 -8.19 -7.85 2.35
CA GLY A 42 -8.04 -9.23 2.79
C GLY A 42 -7.72 -10.17 1.65
N HIS A 43 -7.14 -9.63 0.57
CA HIS A 43 -6.80 -10.43 -0.59
C HIS A 43 -5.60 -9.82 -1.34
N ASP A 44 -4.67 -10.67 -1.73
CA ASP A 44 -3.48 -10.21 -2.45
C ASP A 44 -3.56 -10.59 -3.93
N PHE A 45 -2.45 -10.42 -4.63
CA PHE A 45 -2.38 -10.76 -6.05
C PHE A 45 -1.06 -11.41 -6.40
N SER A 46 -0.83 -12.61 -5.86
CA SER A 46 0.40 -13.34 -6.12
C SER A 46 0.41 -13.91 -7.53
N ASP A 47 -0.67 -14.58 -7.91
CA ASP A 47 -0.79 -15.16 -9.23
C ASP A 47 -0.47 -14.14 -10.32
N ALA A 48 0.61 -14.37 -11.04
CA ALA A 48 1.02 -13.46 -12.10
C ALA A 48 -0.08 -13.31 -13.16
N GLU A 49 -0.96 -14.29 -13.22
CA GLU A 49 -2.06 -14.28 -14.18
C GLU A 49 -3.33 -13.71 -13.54
N TYR A 50 -3.16 -12.90 -12.51
CA TYR A 50 -4.28 -12.29 -11.82
C TYR A 50 -3.84 -11.06 -11.02
N ILE A 51 -3.15 -10.15 -11.70
CA ILE A 51 -2.68 -8.93 -11.07
C ILE A 51 -3.25 -7.70 -11.75
N PRO A 52 -4.57 -7.48 -11.55
CA PRO A 52 -5.27 -6.33 -12.14
C PRO A 52 -4.86 -5.01 -11.50
N LEU A 53 -4.71 -3.98 -12.33
CA LEU A 53 -4.32 -2.66 -11.85
C LEU A 53 -5.24 -1.58 -12.40
N PRO A 54 -6.45 -1.49 -11.85
CA PRO A 54 -7.45 -0.50 -12.27
C PRO A 54 -7.05 0.93 -11.89
N GLU A 55 -7.99 1.85 -12.05
CA GLU A 55 -7.74 3.25 -11.72
C GLU A 55 -7.81 3.48 -10.21
N THR A 56 -8.57 2.63 -9.53
CA THR A 56 -8.73 2.74 -8.08
C THR A 56 -7.49 2.24 -7.35
N VAL A 57 -6.99 1.09 -7.77
CA VAL A 57 -5.79 0.51 -7.15
C VAL A 57 -4.57 1.38 -7.39
N ARG A 58 -4.29 1.67 -8.66
CA ARG A 58 -3.14 2.50 -9.02
C ARG A 58 -3.15 3.80 -8.23
N LEU A 59 -4.34 4.38 -8.07
CA LEU A 59 -4.48 5.64 -7.35
C LEU A 59 -4.30 5.43 -5.84
N ALA A 60 -5.03 4.45 -5.30
CA ALA A 60 -4.94 4.14 -3.88
C ALA A 60 -3.49 3.92 -3.45
N LEU A 61 -2.75 3.18 -4.26
CA LEU A 61 -1.35 2.90 -3.97
C LEU A 61 -0.49 4.15 -4.13
N LEU A 62 -0.74 4.90 -5.20
CA LEU A 62 0.01 6.12 -5.47
C LEU A 62 -0.10 7.09 -4.30
N LYS A 63 -1.30 7.19 -3.73
CA LYS A 63 -1.53 8.09 -2.61
C LYS A 63 -0.79 7.60 -1.36
N LEU A 64 -0.83 6.30 -1.11
CA LEU A 64 -0.15 5.72 0.04
C LEU A 64 1.36 5.86 -0.09
N SER A 65 1.89 5.59 -1.28
CA SER A 65 3.32 5.69 -1.53
C SER A 65 3.83 7.10 -1.23
N GLN A 66 3.07 8.10 -1.65
CA GLN A 66 3.43 9.49 -1.42
C GLN A 66 3.41 9.83 0.06
N PHE A 67 2.42 9.30 0.77
CA PHE A 67 2.28 9.53 2.20
C PHE A 67 3.54 9.09 2.95
N TYR A 68 3.90 7.82 2.79
CA TYR A 68 5.07 7.28 3.45
C TYR A 68 6.34 7.95 2.94
N ALA A 69 6.50 7.98 1.63
CA ALA A 69 7.67 8.59 1.01
C ALA A 69 7.88 10.02 1.51
N LEU A 70 6.78 10.67 1.89
CA LEU A 70 6.83 12.04 2.39
C LEU A 70 7.41 12.08 3.79
N ILE A 71 6.91 11.21 4.67
CA ILE A 71 7.38 11.15 6.04
C ILE A 71 8.46 10.09 6.21
N ASN A 72 9.14 9.78 5.10
CA ASN A 72 10.21 8.79 5.13
C ASN A 72 11.54 9.42 5.52
N GLY A 73 11.72 10.69 5.16
CA GLY A 73 12.95 11.39 5.48
C GLY A 73 12.84 12.88 5.24
N ASP A 74 11.73 13.47 5.68
CA ASP A 74 11.51 14.89 5.51
C ASP A 74 12.70 15.70 6.04
N GLU A 75 12.79 15.78 7.36
CA GLU A 75 13.88 16.53 7.99
C GLU A 75 14.23 15.91 9.35
N SER A 76 13.32 16.04 10.31
CA SER A 76 13.53 15.52 11.65
C SER A 76 12.26 14.86 12.18
N ILE A 77 11.84 13.78 11.52
CA ILE A 77 10.64 13.06 11.93
C ILE A 77 10.98 11.92 12.88
N ILE A 78 10.35 11.91 14.05
CA ILE A 78 10.59 10.87 15.03
C ILE A 78 9.32 10.06 15.29
N LYS A 79 9.47 8.74 15.29
CA LYS A 79 8.34 7.85 15.52
C LYS A 79 8.53 7.04 16.81
N GLY A 80 9.43 7.52 17.67
CA GLY A 80 9.70 6.83 18.92
C GLY A 80 10.43 5.53 18.71
N TYR A 81 9.70 4.48 18.38
CA TYR A 81 10.28 3.16 18.16
C TYR A 81 11.45 3.24 17.18
N THR A 82 12.20 2.15 17.06
CA THR A 82 13.34 2.09 16.16
C THR A 82 12.89 1.97 14.70
N THR A 83 13.84 2.10 13.79
CA THR A 83 13.54 2.00 12.36
C THR A 83 12.27 2.78 12.01
N GLU A 84 11.73 2.52 10.83
CA GLU A 84 10.52 3.19 10.38
C GLU A 84 9.53 2.19 9.80
N LYS A 85 9.82 0.91 9.98
CA LYS A 85 8.94 -0.15 9.48
C LYS A 85 8.42 -1.02 10.61
N ILE A 86 7.34 -0.56 11.24
CA ILE A 86 6.73 -1.30 12.35
C ILE A 86 5.45 -2.00 11.91
N GLY A 87 4.96 -1.64 10.73
CA GLY A 87 3.75 -2.25 10.22
C GLY A 87 2.52 -1.36 10.41
N ASP A 88 2.64 -0.39 11.31
CA ASP A 88 1.54 0.52 11.59
C ASP A 88 1.97 1.96 11.35
N TYR A 89 1.12 2.90 11.78
CA TYR A 89 1.41 4.32 11.60
C TYR A 89 1.68 4.99 12.96
N SER A 90 2.66 5.88 12.98
CA SER A 90 3.01 6.58 14.21
C SER A 90 4.07 7.65 13.94
N TYR A 91 3.70 8.66 13.18
CA TYR A 91 4.62 9.75 12.84
C TYR A 91 4.14 11.07 13.43
N THR A 92 5.06 12.03 13.54
CA THR A 92 4.73 13.34 14.09
C THR A 92 5.53 14.43 13.39
N LEU A 93 4.83 15.29 12.65
CA LEU A 93 5.47 16.38 11.94
C LEU A 93 5.90 17.49 12.90
N GLY A 94 6.87 18.29 12.48
CA GLY A 94 7.36 19.37 13.31
C GLY A 94 6.24 20.26 13.81
N ASP A 95 5.37 20.69 12.89
CA ASP A 95 4.26 21.56 13.24
C ASP A 95 3.39 20.92 14.34
N GLY A 96 3.43 19.59 14.41
CA GLY A 96 2.66 18.88 15.41
C GLY A 96 1.42 18.23 14.84
N SER A 97 1.41 18.04 13.52
CA SER A 97 0.28 17.43 12.84
C SER A 97 0.42 15.92 12.79
N SER A 98 -0.69 15.20 12.90
CA SER A 98 -0.69 13.75 12.87
C SER A 98 -1.00 13.23 11.46
N LEU A 99 0.00 13.30 10.58
CA LEU A 99 -0.16 12.84 9.20
C LEU A 99 -0.72 11.42 9.17
N GLN A 100 -1.96 11.29 8.74
CA GLN A 100 -2.62 9.98 8.65
C GLN A 100 -2.64 9.48 7.21
N LYS A 101 -2.60 8.17 7.04
CA LYS A 101 -2.62 7.55 5.72
C LYS A 101 -3.79 8.09 4.90
N PRO A 102 -3.71 7.93 3.57
CA PRO A 102 -4.76 8.39 2.65
C PRO A 102 -6.02 7.54 2.76
N ASP A 103 -7.17 8.20 2.65
CA ASP A 103 -8.45 7.51 2.74
C ASP A 103 -8.76 6.77 1.45
N VAL A 104 -8.01 5.69 1.22
CA VAL A 104 -8.20 4.89 0.01
C VAL A 104 -9.10 3.69 0.29
N TYR A 105 -9.97 3.83 1.29
CA TYR A 105 -10.89 2.76 1.66
C TYR A 105 -11.95 2.56 0.58
N ALA A 106 -12.62 3.65 0.22
CA ALA A 106 -13.67 3.60 -0.81
C ALA A 106 -13.08 3.22 -2.16
N LEU A 107 -11.79 3.49 -2.34
CA LEU A 107 -11.12 3.17 -3.60
C LEU A 107 -11.02 1.66 -3.80
N ILE A 108 -10.62 0.96 -2.74
CA ILE A 108 -10.49 -0.50 -2.81
C ILE A 108 -11.85 -1.18 -2.66
N LYS A 109 -12.85 -0.41 -2.25
CA LYS A 109 -14.20 -0.92 -2.07
C LYS A 109 -14.70 -1.60 -3.34
N ASP A 110 -14.10 -1.23 -4.48
CA ASP A 110 -14.48 -1.81 -5.76
C ASP A 110 -14.17 -3.29 -5.81
N TYR A 111 -13.26 -3.72 -4.94
CA TYR A 111 -12.86 -5.13 -4.89
C TYR A 111 -12.54 -5.55 -3.46
N VAL A 112 -13.23 -4.95 -2.49
CA VAL A 112 -13.02 -5.25 -1.09
C VAL A 112 -13.87 -6.45 -0.66
N LYS A 113 -13.22 -7.59 -0.47
CA LYS A 113 -13.91 -8.81 -0.05
C LYS A 113 -15.10 -9.09 -0.96
N PRO A 114 -14.83 -9.72 -2.12
CA PRO A 114 -15.87 -10.06 -3.09
C PRO A 114 -16.79 -11.17 -2.59
N ALA A 115 -17.71 -11.61 -3.44
CA ALA A 115 -18.64 -12.66 -3.08
C ALA A 115 -18.58 -13.81 -4.08
N ASP A 116 -17.38 -14.34 -4.29
CA ASP A 116 -17.18 -15.45 -5.22
C ASP A 116 -16.56 -16.65 -4.51
N PRO A 117 -16.78 -17.85 -5.07
CA PRO A 117 -16.24 -19.09 -4.51
C PRO A 117 -14.73 -19.19 -4.67
N ASP A 118 -14.20 -20.40 -4.49
CA ASP A 118 -12.77 -20.63 -4.62
C ASP A 118 -12.40 -20.98 -6.06
N LEU A 119 -13.22 -20.53 -7.00
CA LEU A 119 -12.98 -20.80 -8.41
C LEU A 119 -11.69 -20.13 -8.88
N GLU A 120 -11.19 -19.20 -8.07
CA GLU A 120 -9.95 -18.49 -8.41
C GLU A 120 -8.79 -19.46 -8.55
N GLY A 121 -7.58 -18.92 -8.62
CA GLY A 121 -6.40 -19.74 -8.76
C GLY A 121 -6.34 -20.87 -7.74
N ILE A 122 -6.68 -22.07 -8.18
CA ILE A 122 -6.67 -23.24 -7.29
C ILE A 122 -5.42 -24.09 -7.51
N GLU A 123 -4.89 -24.64 -6.43
CA GLU A 123 -3.71 -25.48 -6.50
C GLU A 123 -2.50 -24.67 -7.00
N ALA A 124 -2.62 -23.36 -6.95
CA ALA A 124 -1.55 -22.47 -7.39
C ALA A 124 -0.70 -22.01 -6.20
N LYS A 125 -1.37 -21.58 -5.14
CA LYS A 125 -0.67 -21.11 -3.95
C LYS A 125 -0.11 -22.28 -3.15
N VAL A 126 -0.81 -23.40 -3.19
CA VAL A 126 -0.39 -24.59 -2.46
C VAL A 126 0.96 -25.10 -2.97
N ARG A 127 1.21 -24.89 -4.25
CA ARG A 127 2.46 -25.32 -4.86
C ARG A 127 3.61 -24.39 -4.47
N MET A 128 3.26 -23.15 -4.15
CA MET A 128 4.27 -22.16 -3.75
C MET A 128 4.51 -22.21 -2.25
N ARG A 129 3.46 -22.54 -1.50
CA ARG A 129 3.55 -22.62 -0.04
C ARG A 129 4.11 -23.98 0.40
N SER A 130 3.91 -24.99 -0.44
CA SER A 130 4.38 -26.34 -0.14
C SER A 130 5.65 -26.66 -0.92
N ILE A 131 6.56 -25.68 -1.00
CA ILE A 131 7.80 -25.86 -1.72
C ILE A 131 9.00 -25.52 -0.85
N LEU A 132 10.13 -26.16 -1.11
CA LEU A 132 11.35 -25.93 -0.35
C LEU A 132 12.02 -24.62 -0.77
N GLU A 133 12.65 -24.62 -1.94
CA GLU A 133 13.32 -23.44 -2.45
C GLU A 133 14.60 -23.16 -1.68
N HIS A 134 14.44 -22.77 -0.41
CA HIS A 134 15.59 -22.46 0.44
C HIS A 134 15.12 -22.10 1.85
N HIS A 135 16.09 -21.88 2.74
CA HIS A 135 15.79 -21.52 4.12
C HIS A 135 16.66 -20.36 4.59
N HIS A 136 16.06 -19.17 4.64
CA HIS A 136 16.79 -17.97 5.07
C HIS A 136 15.82 -16.90 5.55
N HIS A 137 14.69 -17.33 6.10
CA HIS A 137 13.68 -16.40 6.60
C HIS A 137 13.28 -16.76 8.02
N HIS A 138 12.83 -15.75 8.77
CA HIS A 138 12.42 -15.95 10.16
C HIS A 138 10.92 -16.28 10.23
N HIS A 139 10.09 -15.28 9.99
CA HIS A 139 8.64 -15.45 10.03
C HIS A 139 8.04 -15.30 8.63
N MET A 1 5.34 -8.00 -5.57
CA MET A 1 3.93 -7.87 -5.21
C MET A 1 3.21 -6.94 -6.18
N LEU A 2 3.51 -5.65 -6.10
CA LEU A 2 2.88 -4.66 -6.96
C LEU A 2 3.41 -4.78 -8.40
N LEU A 3 2.77 -4.08 -9.32
CA LEU A 3 3.17 -4.10 -10.72
C LEU A 3 3.32 -2.69 -11.27
N ILE A 4 3.59 -1.74 -10.38
CA ILE A 4 3.76 -0.35 -10.77
C ILE A 4 5.24 0.05 -10.76
N THR A 5 5.53 1.23 -11.27
CA THR A 5 6.90 1.74 -11.31
C THR A 5 7.10 2.89 -10.34
N PRO A 6 8.28 2.94 -9.71
CA PRO A 6 8.62 3.99 -8.75
C PRO A 6 8.81 5.36 -9.42
N ASP A 7 8.92 5.35 -10.74
CA ASP A 7 9.11 6.57 -11.51
C ASP A 7 7.79 7.34 -11.64
N GLU A 8 6.68 6.59 -11.66
CA GLU A 8 5.37 7.20 -11.79
C GLU A 8 4.94 7.86 -10.47
N LEU A 9 5.40 7.31 -9.36
CA LEU A 9 5.08 7.84 -8.04
C LEU A 9 5.52 9.29 -7.93
N LYS A 10 6.75 9.57 -8.34
CA LYS A 10 7.29 10.93 -8.28
C LYS A 10 6.62 11.82 -9.32
N SER A 11 6.33 11.26 -10.48
CA SER A 11 5.69 12.01 -11.55
C SER A 11 4.26 12.39 -11.17
N TYR A 12 3.63 11.54 -10.38
CA TYR A 12 2.25 11.78 -9.94
C TYR A 12 2.22 12.62 -8.68
N SER A 13 3.13 12.33 -7.75
CA SER A 13 3.20 13.06 -6.49
C SER A 13 3.61 14.52 -6.74
N VAL A 14 3.38 15.37 -5.73
CA VAL A 14 3.72 16.78 -5.83
C VAL A 14 4.86 17.14 -4.89
N PHE A 15 5.05 16.32 -3.87
CA PHE A 15 6.11 16.55 -2.89
C PHE A 15 7.49 16.31 -3.52
N GLU A 16 8.37 17.30 -3.38
CA GLU A 16 9.71 17.20 -3.93
C GLU A 16 10.52 16.12 -3.22
N SER A 17 10.05 15.72 -2.04
CA SER A 17 10.72 14.69 -1.26
C SER A 17 10.62 13.33 -1.94
N VAL A 18 9.40 12.96 -2.32
CA VAL A 18 9.17 11.68 -2.97
C VAL A 18 9.92 11.60 -4.30
N LYS A 19 10.06 12.74 -4.97
CA LYS A 19 10.75 12.80 -6.24
C LYS A 19 12.27 12.79 -6.04
N THR A 20 12.74 13.62 -5.12
CA THR A 20 14.17 13.70 -4.83
C THR A 20 14.75 12.32 -4.53
N ARG A 21 14.01 11.52 -3.77
CA ARG A 21 14.44 10.18 -3.42
C ARG A 21 14.85 9.39 -4.66
N PRO A 22 15.68 8.36 -4.46
CA PRO A 22 16.15 7.50 -5.56
C PRO A 22 15.05 6.64 -6.14
N ASP A 23 15.43 5.69 -6.99
CA ASP A 23 14.47 4.79 -7.61
C ASP A 23 14.40 3.46 -6.87
N GLU A 24 15.49 3.12 -6.19
CA GLU A 24 15.56 1.87 -5.45
C GLU A 24 14.71 1.95 -4.18
N LEU A 25 14.80 3.09 -3.49
CA LEU A 25 14.04 3.29 -2.25
C LEU A 25 12.54 3.32 -2.54
N LEU A 26 12.16 4.04 -3.58
CA LEU A 26 10.75 4.15 -3.96
C LEU A 26 10.11 2.76 -4.09
N LYS A 27 10.88 1.82 -4.62
CA LYS A 27 10.40 0.46 -4.80
C LYS A 27 10.07 -0.19 -3.45
N GLN A 28 11.00 -0.06 -2.50
CA GLN A 28 10.82 -0.63 -1.17
C GLN A 28 9.56 -0.07 -0.52
N ASP A 29 9.34 1.23 -0.69
CA ASP A 29 8.17 1.89 -0.11
C ASP A 29 6.89 1.35 -0.72
N ILE A 30 6.83 1.34 -2.05
CA ILE A 30 5.65 0.85 -2.75
C ILE A 30 5.24 -0.53 -2.26
N LEU A 31 6.20 -1.44 -2.21
CA LEU A 31 5.95 -2.81 -1.76
C LEU A 31 5.48 -2.82 -0.31
N GLU A 32 5.93 -1.82 0.46
CA GLU A 32 5.55 -1.71 1.86
C GLU A 32 4.16 -1.10 2.01
N ALA A 33 3.75 -0.32 1.01
CA ALA A 33 2.44 0.32 1.03
C ALA A 33 1.34 -0.66 0.69
N THR A 34 1.61 -1.55 -0.28
CA THR A 34 0.63 -2.53 -0.70
C THR A 34 0.18 -3.39 0.49
N ALA A 35 1.01 -3.44 1.52
CA ALA A 35 0.69 -4.22 2.71
C ALA A 35 -0.53 -3.66 3.43
N ASP A 36 -0.74 -2.36 3.30
CA ASP A 36 -1.87 -1.69 3.93
C ASP A 36 -3.16 -1.98 3.18
N ILE A 37 -3.17 -1.69 1.88
CA ILE A 37 -4.34 -1.92 1.06
C ILE A 37 -4.76 -3.38 1.09
N ILE A 38 -3.81 -4.27 0.81
CA ILE A 38 -4.08 -5.70 0.82
C ILE A 38 -4.68 -6.15 2.15
N LEU A 39 -4.23 -5.51 3.23
CA LEU A 39 -4.73 -5.84 4.56
C LEU A 39 -6.19 -5.40 4.73
N LYS A 40 -6.60 -4.44 3.92
CA LYS A 40 -7.97 -3.94 3.98
C LYS A 40 -8.90 -4.81 3.12
N VAL A 41 -8.47 -5.09 1.90
CA VAL A 41 -9.26 -5.91 0.98
C VAL A 41 -9.24 -7.38 1.40
N GLY A 42 -8.12 -7.81 1.97
CA GLY A 42 -8.00 -9.19 2.41
C GLY A 42 -7.52 -10.10 1.30
N HIS A 43 -6.80 -9.55 0.34
CA HIS A 43 -6.29 -10.32 -0.78
C HIS A 43 -5.01 -9.70 -1.35
N ASP A 44 -4.00 -10.52 -1.57
CA ASP A 44 -2.73 -10.05 -2.10
C ASP A 44 -2.57 -10.45 -3.56
N PHE A 45 -3.68 -10.82 -4.20
CA PHE A 45 -3.66 -11.22 -5.59
C PHE A 45 -2.59 -12.28 -5.85
N SER A 46 -2.60 -13.32 -5.01
CA SER A 46 -1.63 -14.41 -5.14
C SER A 46 -1.88 -15.21 -6.41
N ASP A 47 -3.10 -15.70 -6.56
CA ASP A 47 -3.47 -16.49 -7.73
C ASP A 47 -3.10 -15.76 -9.03
N ALA A 48 -2.13 -16.29 -9.75
CA ALA A 48 -1.68 -15.70 -11.00
C ALA A 48 -2.84 -15.53 -11.97
N GLU A 49 -3.88 -16.34 -11.80
CA GLU A 49 -5.05 -16.29 -12.66
C GLU A 49 -6.14 -15.41 -12.05
N TYR A 50 -5.72 -14.50 -11.17
CA TYR A 50 -6.66 -13.60 -10.52
C TYR A 50 -5.94 -12.38 -9.94
N ILE A 51 -5.19 -11.69 -10.79
CA ILE A 51 -4.44 -10.51 -10.37
C ILE A 51 -4.93 -9.27 -11.09
N PRO A 52 -6.16 -8.84 -10.78
CA PRO A 52 -6.78 -7.66 -11.39
C PRO A 52 -6.10 -6.37 -10.94
N LEU A 53 -5.85 -5.47 -11.89
CA LEU A 53 -5.22 -4.19 -11.59
C LEU A 53 -5.98 -3.04 -12.25
N PRO A 54 -7.09 -2.63 -11.62
CA PRO A 54 -7.92 -1.53 -12.13
C PRO A 54 -7.23 -0.17 -12.01
N GLU A 55 -7.98 0.89 -12.26
CA GLU A 55 -7.45 2.24 -12.18
C GLU A 55 -7.49 2.76 -10.75
N THR A 56 -8.39 2.20 -9.95
CA THR A 56 -8.53 2.60 -8.56
C THR A 56 -7.36 2.11 -7.71
N VAL A 57 -7.01 0.84 -7.89
CA VAL A 57 -5.90 0.24 -7.15
C VAL A 57 -4.59 0.96 -7.45
N ARG A 58 -4.32 1.18 -8.73
CA ARG A 58 -3.10 1.84 -9.15
C ARG A 58 -2.94 3.18 -8.44
N LEU A 59 -4.03 3.92 -8.33
CA LEU A 59 -4.02 5.22 -7.66
C LEU A 59 -3.89 5.06 -6.15
N ALA A 60 -4.62 4.09 -5.60
CA ALA A 60 -4.59 3.84 -4.17
C ALA A 60 -3.16 3.66 -3.68
N LEU A 61 -2.38 2.87 -4.40
CA LEU A 61 -0.99 2.62 -4.04
C LEU A 61 -0.13 3.86 -4.26
N LEU A 62 -0.42 4.58 -5.34
CA LEU A 62 0.32 5.79 -5.68
C LEU A 62 0.26 6.79 -4.54
N LYS A 63 -0.90 6.88 -3.88
CA LYS A 63 -1.08 7.80 -2.76
C LYS A 63 -0.35 7.31 -1.52
N LEU A 64 -0.51 6.03 -1.21
CA LEU A 64 0.13 5.44 -0.06
C LEU A 64 1.66 5.56 -0.16
N SER A 65 2.19 5.20 -1.32
CA SER A 65 3.63 5.27 -1.55
C SER A 65 4.15 6.69 -1.31
N GLN A 66 3.35 7.68 -1.69
CA GLN A 66 3.73 9.07 -1.52
C GLN A 66 3.56 9.51 -0.07
N PHE A 67 2.59 8.92 0.61
CA PHE A 67 2.32 9.25 2.00
C PHE A 67 3.53 8.96 2.88
N TYR A 68 4.00 7.72 2.85
CA TYR A 68 5.16 7.31 3.64
C TYR A 68 6.43 7.97 3.12
N ALA A 69 6.59 7.96 1.79
CA ALA A 69 7.77 8.55 1.17
C ALA A 69 7.94 10.01 1.60
N LEU A 70 6.84 10.65 1.96
CA LEU A 70 6.88 12.04 2.40
C LEU A 70 7.44 12.15 3.82
N ILE A 71 6.91 11.33 4.72
CA ILE A 71 7.36 11.34 6.11
C ILE A 71 8.42 10.27 6.35
N ASN A 72 9.19 9.97 5.30
CA ASN A 72 10.24 8.95 5.40
C ASN A 72 11.61 9.59 5.27
N GLY A 73 11.67 10.73 4.58
CA GLY A 73 12.93 11.43 4.40
C GLY A 73 13.03 12.68 5.23
N ASP A 74 11.89 13.29 5.53
CA ASP A 74 11.85 14.52 6.32
C ASP A 74 12.47 14.29 7.70
N GLU A 75 13.67 14.84 7.90
CA GLU A 75 14.37 14.69 9.16
C GLU A 75 14.04 15.85 10.11
N SER A 76 12.76 16.18 10.19
CA SER A 76 12.31 17.26 11.07
C SER A 76 10.85 17.09 11.44
N ILE A 77 10.37 15.85 11.37
CA ILE A 77 8.98 15.54 11.70
C ILE A 77 8.90 14.47 12.80
N ILE A 78 9.57 14.74 13.92
CA ILE A 78 9.58 13.80 15.03
C ILE A 78 10.27 12.49 14.66
N LYS A 79 10.67 11.73 15.66
CA LYS A 79 11.34 10.45 15.43
C LYS A 79 12.78 10.65 15.00
N GLY A 80 13.19 11.92 14.92
CA GLY A 80 14.56 12.23 14.53
C GLY A 80 14.96 11.52 13.25
N TYR A 81 15.57 10.34 13.40
CA TYR A 81 16.01 9.56 12.25
C TYR A 81 14.95 9.53 11.16
N THR A 82 15.38 9.27 9.93
CA THR A 82 14.46 9.22 8.80
C THR A 82 14.57 7.88 8.07
N THR A 83 14.17 6.81 8.75
CA THR A 83 14.24 5.47 8.16
C THR A 83 13.02 5.21 7.28
N GLU A 84 12.93 3.99 6.75
CA GLU A 84 11.82 3.61 5.89
C GLU A 84 10.49 3.74 6.64
N LYS A 85 9.43 3.21 6.03
CA LYS A 85 8.10 3.26 6.63
C LYS A 85 8.02 2.36 7.86
N ILE A 86 7.62 2.92 9.00
CA ILE A 86 7.51 2.16 10.23
C ILE A 86 6.14 2.36 10.87
N GLY A 87 5.63 1.32 11.51
CA GLY A 87 4.33 1.41 12.17
C GLY A 87 4.40 2.16 13.49
N ASP A 88 4.84 3.41 13.43
CA ASP A 88 4.95 4.23 14.63
C ASP A 88 3.98 5.39 14.58
N TYR A 89 4.12 6.33 15.51
CA TYR A 89 3.25 7.50 15.58
C TYR A 89 4.06 8.78 15.76
N SER A 90 5.35 8.70 15.44
CA SER A 90 6.24 9.85 15.56
C SER A 90 6.39 10.56 14.22
N TYR A 91 5.30 11.18 13.76
CA TYR A 91 5.32 11.90 12.51
C TYR A 91 4.49 13.18 12.60
N THR A 92 4.76 13.98 13.62
CA THR A 92 4.05 15.24 13.82
C THR A 92 4.62 16.35 12.95
N LEU A 93 3.87 16.72 11.92
CA LEU A 93 4.30 17.78 11.01
C LEU A 93 4.49 19.10 11.75
N GLY A 94 5.21 20.03 11.12
CA GLY A 94 5.44 21.32 11.73
C GLY A 94 4.16 22.03 12.10
N ASP A 95 3.06 21.66 11.43
CA ASP A 95 1.76 22.26 11.70
C ASP A 95 0.97 21.44 12.70
N GLY A 96 1.67 20.63 13.48
CA GLY A 96 1.01 19.79 14.46
C GLY A 96 -0.12 18.97 13.87
N SER A 97 0.00 18.66 12.58
CA SER A 97 -1.02 17.88 11.90
C SER A 97 -0.67 16.40 11.90
N SER A 98 -1.62 15.57 12.32
CA SER A 98 -1.42 14.13 12.38
C SER A 98 -1.55 13.50 11.00
N LEU A 99 -0.53 13.65 10.17
CA LEU A 99 -0.53 13.10 8.83
C LEU A 99 -0.88 11.62 8.85
N GLN A 100 -2.12 11.31 8.49
CA GLN A 100 -2.58 9.92 8.46
C GLN A 100 -2.56 9.36 7.03
N LYS A 101 -2.53 8.05 6.92
CA LYS A 101 -2.51 7.39 5.62
C LYS A 101 -3.63 7.91 4.73
N PRO A 102 -3.48 7.71 3.41
CA PRO A 102 -4.47 8.15 2.42
C PRO A 102 -5.76 7.33 2.50
N ASP A 103 -6.89 8.01 2.37
CA ASP A 103 -8.19 7.34 2.41
C ASP A 103 -8.48 6.62 1.09
N VAL A 104 -7.65 5.64 0.77
CA VAL A 104 -7.81 4.88 -0.46
C VAL A 104 -8.88 3.80 -0.30
N TYR A 105 -9.44 3.72 0.89
CA TYR A 105 -10.48 2.73 1.18
C TYR A 105 -11.61 2.81 0.16
N ALA A 106 -11.99 4.03 -0.20
CA ALA A 106 -13.06 4.25 -1.16
C ALA A 106 -12.60 3.87 -2.57
N LEU A 107 -11.29 3.92 -2.79
CA LEU A 107 -10.72 3.58 -4.10
C LEU A 107 -10.70 2.08 -4.31
N ILE A 108 -10.11 1.36 -3.36
CA ILE A 108 -10.02 -0.09 -3.44
C ILE A 108 -11.34 -0.75 -3.03
N LYS A 109 -12.31 0.07 -2.64
CA LYS A 109 -13.61 -0.43 -2.24
C LYS A 109 -14.18 -1.37 -3.28
N ASP A 110 -13.82 -1.15 -4.54
CA ASP A 110 -14.29 -2.00 -5.64
C ASP A 110 -13.91 -3.45 -5.41
N TYR A 111 -12.75 -3.66 -4.80
CA TYR A 111 -12.26 -5.00 -4.52
C TYR A 111 -12.05 -5.22 -3.03
N VAL A 112 -13.02 -4.77 -2.23
CA VAL A 112 -12.95 -4.91 -0.78
C VAL A 112 -14.12 -5.75 -0.25
N LYS A 113 -13.81 -6.94 0.23
CA LYS A 113 -14.83 -7.84 0.77
C LYS A 113 -14.69 -7.97 2.28
N PRO A 114 -15.25 -7.00 3.03
CA PRO A 114 -15.20 -7.00 4.49
C PRO A 114 -16.06 -8.11 5.10
N ALA A 115 -16.05 -8.20 6.42
CA ALA A 115 -16.82 -9.20 7.14
C ALA A 115 -17.64 -8.57 8.25
N ASP A 116 -18.45 -7.58 7.89
CA ASP A 116 -19.29 -6.89 8.87
C ASP A 116 -20.77 -7.00 8.50
N PRO A 117 -21.65 -6.91 9.49
CA PRO A 117 -23.09 -6.99 9.29
C PRO A 117 -23.66 -5.77 8.56
N ASP A 118 -24.97 -5.61 8.61
CA ASP A 118 -25.62 -4.48 7.95
C ASP A 118 -25.65 -3.26 8.86
N LEU A 119 -24.84 -3.30 9.91
CA LEU A 119 -24.76 -2.19 10.86
C LEU A 119 -24.54 -0.87 10.14
N GLU A 120 -23.87 -0.92 8.99
CA GLU A 120 -23.59 0.27 8.20
C GLU A 120 -24.78 0.63 7.33
N GLY A 121 -24.65 1.73 6.59
CA GLY A 121 -25.73 2.17 5.72
C GLY A 121 -26.91 2.74 6.49
N ILE A 122 -26.64 3.24 7.69
CA ILE A 122 -27.68 3.81 8.53
C ILE A 122 -27.35 5.24 8.92
N GLU A 123 -28.38 6.07 9.04
CA GLU A 123 -28.20 7.47 9.41
C GLU A 123 -27.37 8.21 8.37
N ALA A 124 -27.26 7.62 7.18
CA ALA A 124 -26.50 8.22 6.10
C ALA A 124 -27.42 8.99 5.14
N LYS A 125 -28.58 8.44 4.87
CA LYS A 125 -29.55 9.07 3.98
C LYS A 125 -30.38 10.10 4.73
N VAL A 126 -30.71 9.80 5.98
CA VAL A 126 -31.51 10.71 6.80
C VAL A 126 -30.77 12.01 7.05
N ARG A 127 -29.48 11.91 7.37
CA ARG A 127 -28.67 13.09 7.63
C ARG A 127 -28.62 14.00 6.41
N MET A 128 -28.64 13.40 5.22
CA MET A 128 -28.61 14.16 3.98
C MET A 128 -29.91 14.92 3.77
N ARG A 129 -31.00 14.18 3.58
CA ARG A 129 -32.31 14.78 3.36
C ARG A 129 -32.67 15.70 4.51
N SER A 130 -32.12 15.44 5.69
CA SER A 130 -32.39 16.23 6.87
C SER A 130 -31.17 17.04 7.27
N ILE A 131 -30.63 17.80 6.32
CA ILE A 131 -29.45 18.62 6.57
C ILE A 131 -29.79 20.11 6.51
N LEU A 132 -29.05 20.91 7.27
CA LEU A 132 -29.28 22.35 7.30
C LEU A 132 -28.28 23.08 6.40
N GLU A 133 -27.05 23.18 6.85
CA GLU A 133 -26.00 23.85 6.09
C GLU A 133 -24.68 23.08 6.18
N HIS A 134 -24.78 21.76 6.31
CA HIS A 134 -23.60 20.91 6.40
C HIS A 134 -22.71 21.34 7.56
N HIS A 135 -23.05 20.88 8.77
CA HIS A 135 -22.29 21.21 9.96
C HIS A 135 -21.90 19.95 10.73
N HIS A 136 -20.68 19.47 10.49
CA HIS A 136 -20.19 18.27 11.15
C HIS A 136 -19.83 18.57 12.60
N HIS A 137 -20.73 18.21 13.51
CA HIS A 137 -20.52 18.42 14.94
C HIS A 137 -20.36 19.91 15.23
N HIS A 138 -20.07 20.23 16.49
CA HIS A 138 -19.91 21.62 16.91
C HIS A 138 -18.48 21.87 17.39
N HIS A 139 -17.84 22.89 16.83
CA HIS A 139 -16.48 23.23 17.20
C HIS A 139 -16.05 24.56 16.58
N MET A 1 6.80 -6.42 -5.56
CA MET A 1 6.62 -5.95 -6.93
C MET A 1 5.15 -5.96 -7.33
N LEU A 2 4.48 -4.84 -7.12
CA LEU A 2 3.06 -4.72 -7.45
C LEU A 2 2.86 -4.73 -8.96
N LEU A 3 3.31 -3.67 -9.61
CA LEU A 3 3.19 -3.55 -11.06
C LEU A 3 3.73 -2.21 -11.55
N ILE A 4 3.58 -1.17 -10.73
CA ILE A 4 4.05 0.16 -11.07
C ILE A 4 5.56 0.27 -10.87
N THR A 5 6.09 1.47 -11.10
CA THR A 5 7.52 1.70 -10.94
C THR A 5 7.79 2.88 -10.02
N PRO A 6 9.02 2.95 -9.47
CA PRO A 6 9.43 4.02 -8.57
C PRO A 6 9.55 5.36 -9.27
N ASP A 7 9.70 5.32 -10.60
CA ASP A 7 9.83 6.54 -11.39
C ASP A 7 8.47 7.19 -11.61
N GLU A 8 7.43 6.37 -11.68
CA GLU A 8 6.08 6.87 -11.89
C GLU A 8 5.54 7.54 -10.63
N LEU A 9 5.90 7.00 -9.47
CA LEU A 9 5.46 7.55 -8.20
C LEU A 9 5.82 9.02 -8.08
N LYS A 10 7.07 9.35 -8.35
CA LYS A 10 7.54 10.73 -8.28
C LYS A 10 6.88 11.58 -9.37
N SER A 11 6.66 10.97 -10.53
CA SER A 11 6.03 11.67 -11.65
C SER A 11 4.65 12.19 -11.26
N TYR A 12 3.92 11.40 -10.48
CA TYR A 12 2.59 11.77 -10.04
C TYR A 12 2.65 12.61 -8.75
N SER A 13 3.41 12.12 -7.78
CA SER A 13 3.55 12.82 -6.50
C SER A 13 3.94 14.29 -6.73
N VAL A 14 3.75 15.10 -5.69
CA VAL A 14 4.08 16.52 -5.78
C VAL A 14 5.20 16.88 -4.79
N PHE A 15 5.38 16.05 -3.78
CA PHE A 15 6.40 16.27 -2.77
C PHE A 15 7.80 16.09 -3.37
N GLU A 16 8.67 17.06 -3.13
CA GLU A 16 10.03 17.01 -3.65
C GLU A 16 10.84 15.92 -2.95
N SER A 17 10.33 15.47 -1.80
CA SER A 17 11.01 14.43 -1.02
C SER A 17 10.88 13.08 -1.71
N VAL A 18 9.73 12.85 -2.35
CA VAL A 18 9.48 11.59 -3.04
C VAL A 18 10.25 11.54 -4.36
N LYS A 19 10.41 12.69 -4.99
CA LYS A 19 11.13 12.76 -6.26
C LYS A 19 12.63 12.82 -6.03
N THR A 20 13.08 13.69 -5.13
CA THR A 20 14.48 13.84 -4.82
C THR A 20 15.12 12.49 -4.49
N ARG A 21 14.32 11.59 -3.95
CA ARG A 21 14.80 10.26 -3.59
C ARG A 21 15.06 9.42 -4.83
N PRO A 22 15.93 8.41 -4.70
CA PRO A 22 16.29 7.51 -5.80
C PRO A 22 15.13 6.59 -6.20
N ASP A 23 15.41 5.63 -7.07
CA ASP A 23 14.40 4.69 -7.53
C ASP A 23 14.41 3.43 -6.67
N GLU A 24 15.60 3.04 -6.22
CA GLU A 24 15.75 1.84 -5.40
C GLU A 24 14.99 1.99 -4.08
N LEU A 25 14.90 3.22 -3.60
CA LEU A 25 14.21 3.51 -2.35
C LEU A 25 12.74 3.82 -2.59
N LEU A 26 12.47 4.50 -3.70
CA LEU A 26 11.09 4.86 -4.07
C LEU A 26 10.22 3.62 -4.18
N LYS A 27 10.78 2.54 -4.72
CA LYS A 27 10.05 1.29 -4.88
C LYS A 27 9.76 0.66 -3.52
N GLN A 28 10.69 0.82 -2.59
CA GLN A 28 10.52 0.25 -1.25
C GLN A 28 9.27 0.81 -0.57
N ASP A 29 8.98 2.08 -0.84
CA ASP A 29 7.81 2.72 -0.26
C ASP A 29 6.53 2.25 -0.93
N ILE A 30 6.63 1.91 -2.22
CA ILE A 30 5.49 1.44 -2.98
C ILE A 30 5.10 0.01 -2.58
N LEU A 31 6.09 -0.87 -2.58
CA LEU A 31 5.86 -2.27 -2.21
C LEU A 31 5.35 -2.38 -0.78
N GLU A 32 5.73 -1.42 0.06
CA GLU A 32 5.31 -1.40 1.46
C GLU A 32 3.90 -0.85 1.59
N ALA A 33 3.48 -0.05 0.62
CA ALA A 33 2.15 0.53 0.63
C ALA A 33 1.08 -0.50 0.29
N THR A 34 1.38 -1.34 -0.70
CA THR A 34 0.45 -2.38 -1.12
C THR A 34 0.08 -3.29 0.04
N ALA A 35 0.92 -3.33 1.06
CA ALA A 35 0.67 -4.15 2.24
C ALA A 35 -0.53 -3.64 3.02
N ASP A 36 -0.76 -2.33 2.96
CA ASP A 36 -1.89 -1.72 3.66
C ASP A 36 -3.19 -1.97 2.92
N ILE A 37 -3.19 -1.71 1.62
CA ILE A 37 -4.37 -1.91 0.79
C ILE A 37 -4.87 -3.34 0.88
N ILE A 38 -3.93 -4.29 0.91
CA ILE A 38 -4.28 -5.70 1.00
C ILE A 38 -4.90 -6.04 2.35
N LEU A 39 -4.42 -5.36 3.39
CA LEU A 39 -4.93 -5.58 4.74
C LEU A 39 -6.38 -5.13 4.86
N LYS A 40 -6.78 -4.22 3.97
CA LYS A 40 -8.14 -3.69 3.98
C LYS A 40 -9.09 -4.63 3.23
N VAL A 41 -8.66 -5.06 2.04
CA VAL A 41 -9.47 -5.96 1.23
C VAL A 41 -9.49 -7.37 1.82
N GLY A 42 -8.38 -7.76 2.42
CA GLY A 42 -8.28 -9.08 3.02
C GLY A 42 -7.77 -10.13 2.04
N HIS A 43 -6.92 -9.70 1.13
CA HIS A 43 -6.35 -10.60 0.13
C HIS A 43 -5.33 -9.88 -0.75
N ASP A 44 -4.29 -10.61 -1.15
CA ASP A 44 -3.23 -10.03 -1.98
C ASP A 44 -3.40 -10.47 -3.43
N PHE A 45 -2.41 -10.15 -4.27
CA PHE A 45 -2.44 -10.51 -5.68
C PHE A 45 -1.18 -11.26 -6.07
N SER A 46 -0.77 -12.22 -5.24
CA SER A 46 0.43 -13.01 -5.50
C SER A 46 0.16 -14.05 -6.58
N ASP A 47 -0.96 -14.76 -6.45
CA ASP A 47 -1.32 -15.79 -7.41
C ASP A 47 -1.29 -15.25 -8.83
N ALA A 48 -0.42 -15.82 -9.66
CA ALA A 48 -0.29 -15.39 -11.04
C ALA A 48 -1.59 -15.56 -11.80
N GLU A 49 -2.48 -16.40 -11.26
CA GLU A 49 -3.77 -16.66 -11.90
C GLU A 49 -4.85 -15.77 -11.28
N TYR A 50 -4.44 -14.64 -10.73
CA TYR A 50 -5.38 -13.73 -10.10
C TYR A 50 -4.67 -12.43 -9.68
N ILE A 51 -4.15 -11.71 -10.66
CA ILE A 51 -3.44 -10.46 -10.38
C ILE A 51 -4.18 -9.27 -11.01
N PRO A 52 -5.35 -8.94 -10.44
CA PRO A 52 -6.17 -7.83 -10.93
C PRO A 52 -5.53 -6.46 -10.64
N LEU A 53 -5.80 -5.50 -11.50
CA LEU A 53 -5.24 -4.16 -11.34
C LEU A 53 -6.16 -3.12 -11.99
N PRO A 54 -7.25 -2.77 -11.29
CA PRO A 54 -8.22 -1.78 -11.77
C PRO A 54 -7.65 -0.37 -11.77
N GLU A 55 -8.53 0.61 -12.01
CA GLU A 55 -8.11 2.01 -12.03
C GLU A 55 -8.08 2.60 -10.62
N THR A 56 -8.83 1.98 -9.71
CA THR A 56 -8.89 2.43 -8.33
C THR A 56 -7.62 2.06 -7.57
N VAL A 57 -7.24 0.79 -7.66
CA VAL A 57 -6.04 0.30 -6.98
C VAL A 57 -4.81 1.11 -7.40
N ARG A 58 -4.64 1.29 -8.71
CA ARG A 58 -3.51 2.04 -9.24
C ARG A 58 -3.39 3.40 -8.56
N LEU A 59 -4.51 4.09 -8.41
CA LEU A 59 -4.53 5.39 -7.78
C LEU A 59 -4.33 5.28 -6.27
N ALA A 60 -4.97 4.28 -5.68
CA ALA A 60 -4.87 4.05 -4.24
C ALA A 60 -3.41 3.87 -3.82
N LEU A 61 -2.67 3.08 -4.60
CA LEU A 61 -1.26 2.82 -4.31
C LEU A 61 -0.42 4.07 -4.55
N LEU A 62 -0.76 4.82 -5.59
CA LEU A 62 -0.04 6.03 -5.93
C LEU A 62 -0.12 7.05 -4.79
N LYS A 63 -1.26 7.07 -4.11
CA LYS A 63 -1.46 8.00 -3.00
C LYS A 63 -0.65 7.56 -1.78
N LEU A 64 -0.83 6.31 -1.38
CA LEU A 64 -0.11 5.77 -0.23
C LEU A 64 1.39 5.78 -0.46
N SER A 65 1.79 5.59 -1.72
CA SER A 65 3.20 5.58 -2.08
C SER A 65 3.89 6.87 -1.64
N GLN A 66 3.20 7.99 -1.84
CA GLN A 66 3.74 9.29 -1.48
C GLN A 66 3.67 9.51 0.04
N PHE A 67 2.65 8.92 0.66
CA PHE A 67 2.45 9.04 2.10
C PHE A 67 3.69 8.57 2.86
N TYR A 68 4.12 7.34 2.57
CA TYR A 68 5.29 6.76 3.22
C TYR A 68 6.55 7.53 2.85
N ALA A 69 6.73 7.79 1.56
CA ALA A 69 7.90 8.51 1.08
C ALA A 69 8.02 9.87 1.77
N LEU A 70 6.88 10.41 2.20
CA LEU A 70 6.85 11.70 2.88
C LEU A 70 7.48 11.61 4.27
N ILE A 71 7.48 10.41 4.83
CA ILE A 71 8.05 10.17 6.15
C ILE A 71 9.27 9.26 6.07
N ASN A 72 9.64 8.88 4.86
CA ASN A 72 10.79 8.01 4.66
C ASN A 72 12.06 8.66 5.21
N GLY A 73 12.03 9.97 5.36
CA GLY A 73 13.19 10.68 5.87
C GLY A 73 12.82 12.01 6.50
N ASP A 74 12.81 13.06 5.69
CA ASP A 74 12.47 14.40 6.17
C ASP A 74 13.46 14.86 7.22
N GLU A 75 13.46 16.17 7.50
CA GLU A 75 14.37 16.74 8.49
C GLU A 75 13.59 17.22 9.71
N SER A 76 12.66 16.41 10.17
CA SER A 76 11.84 16.75 11.33
C SER A 76 10.84 15.64 11.64
N ILE A 77 11.30 14.40 11.56
CA ILE A 77 10.44 13.25 11.84
C ILE A 77 11.20 12.18 12.62
N ILE A 78 10.60 11.72 13.71
CA ILE A 78 11.22 10.69 14.54
C ILE A 78 10.23 9.58 14.86
N LYS A 79 10.54 8.36 14.41
CA LYS A 79 9.68 7.22 14.65
C LYS A 79 10.14 6.44 15.88
N GLY A 80 10.82 7.12 16.79
CA GLY A 80 11.31 6.49 17.99
C GLY A 80 12.74 6.01 17.86
N TYR A 81 13.69 6.91 18.13
CA TYR A 81 15.11 6.57 18.03
C TYR A 81 15.46 5.45 19.00
N THR A 82 16.77 5.21 19.16
CA THR A 82 17.25 4.17 20.06
C THR A 82 16.80 2.79 19.57
N THR A 83 16.71 2.61 18.27
CA THR A 83 16.30 1.34 17.69
C THR A 83 14.86 1.01 18.06
N GLU A 84 14.04 0.72 17.05
CA GLU A 84 12.64 0.39 17.28
C GLU A 84 12.01 -0.16 16.00
N LYS A 85 10.72 -0.49 16.09
CA LYS A 85 9.99 -1.02 14.94
C LYS A 85 9.94 -0.01 13.81
N ILE A 86 10.15 -0.48 12.58
CA ILE A 86 10.13 0.39 11.41
C ILE A 86 9.28 -0.22 10.30
N GLY A 87 8.62 0.65 9.53
CA GLY A 87 7.79 0.18 8.43
C GLY A 87 6.31 0.25 8.77
N ASP A 88 5.98 0.16 10.05
CA ASP A 88 4.60 0.22 10.49
C ASP A 88 4.18 1.65 10.79
N TYR A 89 3.01 1.81 11.40
CA TYR A 89 2.49 3.14 11.73
C TYR A 89 3.11 3.65 13.03
N SER A 90 3.97 4.65 12.91
CA SER A 90 4.64 5.24 14.06
C SER A 90 5.57 6.36 13.65
N TYR A 91 4.97 7.49 13.25
CA TYR A 91 5.75 8.65 12.82
C TYR A 91 5.22 9.92 13.46
N THR A 92 5.96 11.02 13.28
CA THR A 92 5.57 12.30 13.85
C THR A 92 5.86 13.44 12.88
N LEU A 93 5.10 14.52 13.00
CA LEU A 93 5.27 15.69 12.14
C LEU A 93 5.42 16.97 12.96
N GLY A 94 5.63 18.08 12.27
CA GLY A 94 5.79 19.35 12.95
C GLY A 94 4.52 19.79 13.66
N ASP A 95 3.39 19.25 13.22
CA ASP A 95 2.10 19.60 13.82
C ASP A 95 1.71 18.57 14.88
N GLY A 96 2.70 17.89 15.44
CA GLY A 96 2.44 16.89 16.46
C GLY A 96 1.53 15.79 15.97
N SER A 97 1.43 15.65 14.65
CA SER A 97 0.56 14.63 14.06
C SER A 97 1.39 13.41 13.62
N SER A 98 0.71 12.28 13.47
CA SER A 98 1.38 11.04 13.08
C SER A 98 1.17 10.78 11.58
N LEU A 99 0.91 11.84 10.83
CA LEU A 99 0.69 11.73 9.40
C LEU A 99 -0.41 10.72 9.09
N GLN A 100 -1.63 11.22 8.91
CA GLN A 100 -2.77 10.37 8.61
C GLN A 100 -2.68 9.83 7.18
N LYS A 101 -2.98 8.54 7.03
CA LYS A 101 -2.94 7.91 5.71
C LYS A 101 -4.09 8.40 4.84
N PRO A 102 -3.93 8.26 3.52
CA PRO A 102 -4.95 8.67 2.55
C PRO A 102 -6.19 7.78 2.59
N ASP A 103 -7.35 8.37 2.30
CA ASP A 103 -8.60 7.63 2.30
C ASP A 103 -8.80 6.89 0.99
N VAL A 104 -8.01 5.84 0.77
CA VAL A 104 -8.10 5.05 -0.44
C VAL A 104 -9.00 3.83 -0.24
N TYR A 105 -9.89 3.92 0.75
CA TYR A 105 -10.81 2.83 1.03
C TYR A 105 -11.86 2.69 -0.05
N ALA A 106 -12.54 3.79 -0.36
CA ALA A 106 -13.57 3.81 -1.39
C ALA A 106 -13.03 3.30 -2.72
N LEU A 107 -11.72 3.43 -2.91
CA LEU A 107 -11.07 2.98 -4.14
C LEU A 107 -11.06 1.46 -4.23
N ILE A 108 -10.59 0.81 -3.16
CA ILE A 108 -10.52 -0.63 -3.12
C ILE A 108 -11.79 -1.23 -2.52
N LYS A 109 -12.82 -0.39 -2.38
CA LYS A 109 -14.09 -0.83 -1.82
C LYS A 109 -14.79 -1.80 -2.76
N ASP A 110 -14.32 -1.88 -4.00
CA ASP A 110 -14.89 -2.77 -4.99
C ASP A 110 -14.22 -4.14 -4.95
N TYR A 111 -12.97 -4.16 -4.51
CA TYR A 111 -12.22 -5.41 -4.41
C TYR A 111 -12.02 -5.83 -2.96
N VAL A 112 -13.09 -5.76 -2.18
CA VAL A 112 -13.04 -6.13 -0.77
C VAL A 112 -13.75 -7.45 -0.52
N LYS A 113 -12.98 -8.53 -0.42
CA LYS A 113 -13.55 -9.85 -0.17
C LYS A 113 -14.66 -10.17 -1.16
N PRO A 114 -14.27 -10.60 -2.37
CA PRO A 114 -15.22 -10.95 -3.42
C PRO A 114 -16.01 -12.21 -3.12
N ALA A 115 -16.82 -12.66 -4.07
CA ALA A 115 -17.63 -13.85 -3.89
C ALA A 115 -17.60 -14.73 -5.14
N ASP A 116 -16.40 -15.03 -5.61
CA ASP A 116 -16.23 -15.86 -6.79
C ASP A 116 -15.38 -17.08 -6.49
N PRO A 117 -16.02 -18.16 -6.00
CA PRO A 117 -15.34 -19.41 -5.66
C PRO A 117 -14.84 -20.16 -6.89
N ASP A 118 -14.53 -21.43 -6.72
CA ASP A 118 -14.04 -22.25 -7.81
C ASP A 118 -15.17 -22.65 -8.75
N LEU A 119 -15.90 -21.64 -9.24
CA LEU A 119 -17.03 -21.89 -10.14
C LEU A 119 -16.67 -21.47 -11.57
N GLU A 120 -15.57 -20.74 -11.70
CA GLU A 120 -15.12 -20.28 -13.02
C GLU A 120 -14.84 -21.46 -13.94
N GLY A 121 -14.17 -21.19 -15.05
CA GLY A 121 -13.84 -22.23 -16.00
C GLY A 121 -13.29 -23.47 -15.32
N ILE A 122 -12.04 -23.39 -14.89
CA ILE A 122 -11.39 -24.52 -14.22
C ILE A 122 -11.26 -25.71 -15.16
N GLU A 123 -10.15 -26.44 -15.02
CA GLU A 123 -9.91 -27.61 -15.86
C GLU A 123 -9.71 -27.21 -17.32
N ALA A 124 -9.53 -25.91 -17.55
CA ALA A 124 -9.33 -25.39 -18.90
C ALA A 124 -7.84 -25.16 -19.18
N LYS A 125 -7.13 -24.65 -18.18
CA LYS A 125 -5.70 -24.39 -18.32
C LYS A 125 -4.91 -25.69 -18.32
N VAL A 126 -5.40 -26.67 -17.59
CA VAL A 126 -4.74 -27.97 -17.50
C VAL A 126 -4.74 -28.67 -18.85
N ARG A 127 -5.93 -28.88 -19.41
CA ARG A 127 -6.07 -29.54 -20.71
C ARG A 127 -5.16 -28.89 -21.74
N MET A 128 -4.92 -27.60 -21.59
CA MET A 128 -4.07 -26.87 -22.52
C MET A 128 -2.59 -27.08 -22.20
N ARG A 129 -2.21 -26.76 -20.97
CA ARG A 129 -0.83 -26.92 -20.54
C ARG A 129 -0.35 -28.35 -20.77
N SER A 130 -1.29 -29.29 -20.75
CA SER A 130 -0.96 -30.70 -20.96
C SER A 130 -1.45 -31.18 -22.31
N ILE A 131 -1.02 -30.50 -23.37
CA ILE A 131 -1.41 -30.85 -24.73
C ILE A 131 -0.20 -31.28 -25.56
N LEU A 132 -0.44 -32.13 -26.54
CA LEU A 132 0.62 -32.62 -27.41
C LEU A 132 1.41 -31.45 -28.00
N GLU A 133 0.80 -30.75 -28.96
CA GLU A 133 1.45 -29.61 -29.59
C GLU A 133 0.42 -28.70 -30.25
N HIS A 134 -0.11 -29.15 -31.38
CA HIS A 134 -1.10 -28.38 -32.13
C HIS A 134 -2.15 -29.29 -32.75
N HIS A 135 -3.11 -28.69 -33.45
CA HIS A 135 -4.17 -29.45 -34.10
C HIS A 135 -4.02 -29.39 -35.62
N HIS A 136 -2.80 -29.19 -36.08
CA HIS A 136 -2.53 -29.10 -37.51
C HIS A 136 -1.08 -29.47 -37.81
N HIS A 137 -0.16 -28.61 -37.41
CA HIS A 137 1.27 -28.85 -37.64
C HIS A 137 1.89 -29.58 -36.46
N HIS A 138 3.06 -30.16 -36.68
CA HIS A 138 3.77 -30.89 -35.63
C HIS A 138 5.26 -30.57 -35.65
N HIS A 139 5.91 -30.75 -34.51
CA HIS A 139 7.34 -30.48 -34.39
C HIS A 139 8.14 -31.41 -35.29
N MET A 1 6.83 -5.99 -5.22
CA MET A 1 6.68 -5.61 -6.62
C MET A 1 5.22 -5.72 -7.06
N LEU A 2 4.47 -4.64 -6.88
CA LEU A 2 3.06 -4.61 -7.26
C LEU A 2 2.90 -4.69 -8.77
N LEU A 3 3.32 -3.63 -9.46
CA LEU A 3 3.24 -3.57 -10.91
C LEU A 3 3.75 -2.24 -11.44
N ILE A 4 3.53 -1.18 -10.67
CA ILE A 4 3.98 0.15 -11.06
C ILE A 4 5.48 0.31 -10.88
N THR A 5 5.97 1.53 -11.08
CA THR A 5 7.40 1.80 -10.94
C THR A 5 7.64 2.96 -9.97
N PRO A 6 8.87 3.05 -9.45
CA PRO A 6 9.26 4.10 -8.52
C PRO A 6 9.34 5.47 -9.18
N ASP A 7 9.66 5.47 -10.48
CA ASP A 7 9.76 6.72 -11.23
C ASP A 7 8.39 7.36 -11.43
N GLU A 8 7.36 6.52 -11.51
CA GLU A 8 6.00 7.01 -11.70
C GLU A 8 5.50 7.72 -10.45
N LEU A 9 5.91 7.22 -9.29
CA LEU A 9 5.50 7.81 -8.02
C LEU A 9 5.83 9.29 -7.97
N LYS A 10 7.08 9.62 -8.30
CA LYS A 10 7.53 11.01 -8.30
C LYS A 10 6.89 11.79 -9.46
N SER A 11 6.59 11.09 -10.54
CA SER A 11 5.99 11.71 -11.70
C SER A 11 4.58 12.21 -11.39
N TYR A 12 3.85 11.46 -10.58
CA TYR A 12 2.50 11.82 -10.19
C TYR A 12 2.50 12.66 -8.91
N SER A 13 3.22 12.18 -7.90
CA SER A 13 3.29 12.90 -6.63
C SER A 13 3.78 14.32 -6.84
N VAL A 14 3.56 15.17 -5.83
CA VAL A 14 3.96 16.57 -5.90
C VAL A 14 4.91 16.92 -4.76
N PHE A 15 5.53 15.89 -4.18
CA PHE A 15 6.47 16.09 -3.08
C PHE A 15 7.91 16.02 -3.57
N GLU A 16 8.63 17.13 -3.45
CA GLU A 16 10.03 17.19 -3.88
C GLU A 16 10.87 16.15 -3.15
N SER A 17 10.45 15.80 -1.95
CA SER A 17 11.16 14.82 -1.14
C SER A 17 11.12 13.45 -1.80
N VAL A 18 9.96 13.10 -2.37
CA VAL A 18 9.79 11.82 -3.02
C VAL A 18 10.47 11.80 -4.39
N LYS A 19 10.51 12.96 -5.04
CA LYS A 19 11.14 13.09 -6.35
C LYS A 19 12.65 13.18 -6.23
N THR A 20 13.14 13.16 -4.99
CA THR A 20 14.58 13.26 -4.73
C THR A 20 15.13 11.91 -4.27
N ARG A 21 14.25 10.93 -4.13
CA ARG A 21 14.65 9.60 -3.69
C ARG A 21 15.00 8.71 -4.89
N PRO A 22 15.88 7.72 -4.66
CA PRO A 22 16.32 6.80 -5.71
C PRO A 22 15.22 5.85 -6.14
N ASP A 23 15.55 4.91 -7.02
CA ASP A 23 14.59 3.94 -7.51
C ASP A 23 14.40 2.81 -6.51
N GLU A 24 15.45 2.51 -5.75
CA GLU A 24 15.41 1.45 -4.76
C GLU A 24 14.58 1.87 -3.55
N LEU A 25 14.62 3.16 -3.24
CA LEU A 25 13.88 3.69 -2.10
C LEU A 25 12.42 3.96 -2.48
N LEU A 26 12.23 4.65 -3.59
CA LEU A 26 10.88 4.98 -4.06
C LEU A 26 10.01 3.73 -4.11
N LYS A 27 10.56 2.65 -4.66
CA LYS A 27 9.83 1.39 -4.76
C LYS A 27 9.57 0.80 -3.38
N GLN A 28 10.55 0.90 -2.50
CA GLN A 28 10.43 0.38 -1.15
C GLN A 28 9.18 0.94 -0.46
N ASP A 29 8.88 2.20 -0.75
CA ASP A 29 7.71 2.86 -0.16
C ASP A 29 6.43 2.38 -0.82
N ILE A 30 6.53 2.04 -2.10
CA ILE A 30 5.37 1.57 -2.85
C ILE A 30 5.00 0.15 -2.45
N LEU A 31 5.98 -0.75 -2.47
CA LEU A 31 5.76 -2.14 -2.11
C LEU A 31 5.21 -2.25 -0.68
N GLU A 32 5.54 -1.28 0.16
CA GLU A 32 5.08 -1.27 1.53
C GLU A 32 3.65 -0.76 1.63
N ALA A 33 3.25 0.03 0.63
CA ALA A 33 1.90 0.60 0.61
C ALA A 33 0.87 -0.49 0.29
N THR A 34 1.20 -1.36 -0.65
CA THR A 34 0.30 -2.44 -1.05
C THR A 34 -0.07 -3.31 0.15
N ALA A 35 0.76 -3.28 1.18
CA ALA A 35 0.52 -4.06 2.39
C ALA A 35 -0.70 -3.55 3.14
N ASP A 36 -0.93 -2.24 3.06
CA ASP A 36 -2.07 -1.63 3.73
C ASP A 36 -3.35 -1.87 2.96
N ILE A 37 -3.32 -1.63 1.65
CA ILE A 37 -4.47 -1.82 0.79
C ILE A 37 -4.99 -3.26 0.88
N ILE A 38 -4.07 -4.21 0.91
CA ILE A 38 -4.43 -5.62 1.00
C ILE A 38 -5.01 -5.96 2.38
N LEU A 39 -4.48 -5.29 3.40
CA LEU A 39 -4.95 -5.51 4.77
C LEU A 39 -6.39 -5.06 4.93
N LYS A 40 -6.82 -4.15 4.06
CA LYS A 40 -8.19 -3.64 4.10
C LYS A 40 -9.15 -4.57 3.39
N VAL A 41 -8.77 -5.00 2.19
CA VAL A 41 -9.60 -5.91 1.41
C VAL A 41 -9.58 -7.32 1.99
N GLY A 42 -8.50 -7.65 2.70
CA GLY A 42 -8.39 -8.97 3.29
C GLY A 42 -7.96 -10.03 2.29
N HIS A 43 -7.15 -9.62 1.31
CA HIS A 43 -6.67 -10.54 0.29
C HIS A 43 -5.67 -9.86 -0.63
N ASP A 44 -4.65 -10.61 -1.05
CA ASP A 44 -3.61 -10.07 -1.93
C ASP A 44 -3.79 -10.58 -3.35
N PHE A 45 -2.80 -10.34 -4.19
CA PHE A 45 -2.84 -10.78 -5.58
C PHE A 45 -1.56 -11.51 -5.97
N SER A 46 -1.19 -12.51 -5.18
CA SER A 46 0.02 -13.29 -5.43
C SER A 46 -0.19 -14.27 -6.57
N ASP A 47 -1.35 -14.93 -6.56
CA ASP A 47 -1.67 -15.90 -7.60
C ASP A 47 -1.49 -15.29 -8.99
N ALA A 48 -0.54 -15.83 -9.74
CA ALA A 48 -0.26 -15.35 -11.10
C ALA A 48 -1.50 -15.42 -11.97
N GLU A 49 -2.44 -16.29 -11.59
CA GLU A 49 -3.68 -16.46 -12.34
C GLU A 49 -4.80 -15.60 -11.76
N TYR A 50 -4.41 -14.52 -11.07
CA TYR A 50 -5.38 -13.62 -10.45
C TYR A 50 -4.70 -12.36 -9.96
N ILE A 51 -4.08 -11.63 -10.88
CA ILE A 51 -3.39 -10.39 -10.54
C ILE A 51 -4.05 -9.19 -11.20
N PRO A 52 -5.27 -8.84 -10.73
CA PRO A 52 -6.03 -7.72 -11.28
C PRO A 52 -5.40 -6.37 -10.92
N LEU A 53 -5.58 -5.39 -11.80
CA LEU A 53 -5.03 -4.05 -11.58
C LEU A 53 -5.92 -3.00 -12.22
N PRO A 54 -7.02 -2.65 -11.54
CA PRO A 54 -7.98 -1.65 -12.02
C PRO A 54 -7.40 -0.24 -11.97
N GLU A 55 -8.25 0.76 -12.20
CA GLU A 55 -7.82 2.15 -12.18
C GLU A 55 -7.83 2.70 -10.76
N THR A 56 -8.61 2.07 -9.89
CA THR A 56 -8.70 2.49 -8.50
C THR A 56 -7.46 2.09 -7.72
N VAL A 57 -7.07 0.82 -7.84
CA VAL A 57 -5.89 0.33 -7.14
C VAL A 57 -4.65 1.12 -7.50
N ARG A 58 -4.46 1.36 -8.80
CA ARG A 58 -3.30 2.11 -9.28
C ARG A 58 -3.19 3.44 -8.54
N LEU A 59 -4.31 4.13 -8.38
CA LEU A 59 -4.32 5.42 -7.70
C LEU A 59 -4.14 5.23 -6.19
N ALA A 60 -4.83 4.24 -5.63
CA ALA A 60 -4.75 3.97 -4.20
C ALA A 60 -3.29 3.81 -3.77
N LEU A 61 -2.52 3.05 -4.54
CA LEU A 61 -1.12 2.83 -4.22
C LEU A 61 -0.31 4.12 -4.35
N LEU A 62 -0.57 4.86 -5.44
CA LEU A 62 0.12 6.12 -5.68
C LEU A 62 -0.06 7.08 -4.51
N LYS A 63 -1.19 6.96 -3.83
CA LYS A 63 -1.50 7.82 -2.69
C LYS A 63 -0.66 7.43 -1.48
N LEU A 64 -0.68 6.15 -1.13
CA LEU A 64 0.08 5.64 0.00
C LEU A 64 1.58 5.78 -0.24
N SER A 65 1.98 5.61 -1.49
CA SER A 65 3.40 5.71 -1.86
C SER A 65 3.96 7.07 -1.47
N GLN A 66 3.14 8.11 -1.61
CA GLN A 66 3.57 9.46 -1.27
C GLN A 66 3.55 9.67 0.25
N PHE A 67 2.60 9.01 0.91
CA PHE A 67 2.48 9.13 2.36
C PHE A 67 3.77 8.73 3.06
N TYR A 68 4.23 7.51 2.78
CA TYR A 68 5.46 7.00 3.38
C TYR A 68 6.68 7.73 2.84
N ALA A 69 6.77 7.83 1.52
CA ALA A 69 7.89 8.53 0.89
C ALA A 69 8.03 9.94 1.42
N LEU A 70 6.92 10.52 1.88
CA LEU A 70 6.93 11.87 2.43
C LEU A 70 7.66 11.92 3.76
N ILE A 71 7.35 10.97 4.63
CA ILE A 71 7.98 10.90 5.94
C ILE A 71 9.22 10.01 5.92
N ASN A 72 9.72 9.73 4.72
CA ASN A 72 10.90 8.89 4.56
C ASN A 72 12.14 9.74 4.29
N GLY A 73 11.93 10.93 3.75
CA GLY A 73 13.04 11.82 3.45
C GLY A 73 12.76 13.25 3.87
N ASP A 74 11.80 13.43 4.76
CA ASP A 74 11.44 14.77 5.23
C ASP A 74 12.62 15.43 5.92
N GLU A 75 12.35 16.54 6.62
CA GLU A 75 13.39 17.27 7.33
C GLU A 75 13.59 16.71 8.73
N SER A 76 13.76 15.39 8.82
CA SER A 76 13.96 14.73 10.11
C SER A 76 12.72 14.88 10.98
N ILE A 77 11.72 14.04 10.74
CA ILE A 77 10.49 14.07 11.52
C ILE A 77 10.67 13.39 12.86
N ILE A 78 10.02 13.94 13.89
CA ILE A 78 10.11 13.37 15.23
C ILE A 78 9.06 12.28 15.43
N LYS A 79 9.49 11.15 15.99
CA LYS A 79 8.60 10.03 16.23
C LYS A 79 8.92 9.36 17.57
N GLY A 80 8.31 8.21 17.82
CA GLY A 80 8.54 7.50 19.07
C GLY A 80 10.01 7.22 19.31
N TYR A 81 10.50 6.11 18.74
CA TYR A 81 11.90 5.74 18.91
C TYR A 81 12.20 4.45 18.14
N THR A 82 12.81 4.59 16.97
CA THR A 82 13.14 3.44 16.14
C THR A 82 14.09 3.84 15.02
N THR A 83 15.25 3.17 14.95
CA THR A 83 16.24 3.45 13.92
C THR A 83 15.67 3.22 12.53
N GLU A 84 15.86 4.19 11.65
CA GLU A 84 15.36 4.09 10.28
C GLU A 84 13.88 3.73 10.26
N LYS A 85 13.35 3.48 9.07
CA LYS A 85 11.95 3.12 8.92
C LYS A 85 11.76 1.60 8.94
N ILE A 86 11.02 1.12 9.92
CA ILE A 86 10.76 -0.31 10.05
C ILE A 86 9.26 -0.61 9.92
N GLY A 87 8.44 0.43 9.97
CA GLY A 87 7.01 0.25 9.86
C GLY A 87 6.29 0.59 11.14
N ASP A 88 6.50 1.80 11.64
CA ASP A 88 5.85 2.25 12.87
C ASP A 88 4.53 2.96 12.57
N TYR A 89 3.96 3.58 13.60
CA TYR A 89 2.70 4.30 13.44
C TYR A 89 2.62 5.48 14.39
N SER A 90 3.79 6.04 14.72
CA SER A 90 3.86 7.18 15.62
C SER A 90 4.69 8.30 15.02
N TYR A 91 4.31 8.73 13.82
CA TYR A 91 5.02 9.80 13.11
C TYR A 91 4.54 11.17 13.58
N THR A 92 5.29 11.77 14.50
CA THR A 92 4.94 13.09 15.02
C THR A 92 5.50 14.20 14.16
N LEU A 93 4.70 14.69 13.23
CA LEU A 93 5.11 15.77 12.33
C LEU A 93 5.52 17.01 13.12
N GLY A 94 6.09 17.99 12.42
CA GLY A 94 6.50 19.22 13.07
C GLY A 94 5.37 19.89 13.82
N ASP A 95 4.14 19.65 13.38
CA ASP A 95 2.97 20.24 14.02
C ASP A 95 2.37 19.28 15.04
N GLY A 96 3.19 18.34 15.52
CA GLY A 96 2.72 17.38 16.50
C GLY A 96 1.46 16.67 16.05
N SER A 97 1.28 16.55 14.74
CA SER A 97 0.11 15.89 14.18
C SER A 97 0.41 14.44 13.84
N SER A 98 -0.54 13.56 14.11
CA SER A 98 -0.39 12.14 13.83
C SER A 98 -0.70 11.83 12.37
N LEU A 99 0.29 12.02 11.51
CA LEU A 99 0.13 11.76 10.09
C LEU A 99 -0.36 10.34 9.85
N GLN A 100 -1.66 10.19 9.59
CA GLN A 100 -2.25 8.88 9.33
C GLN A 100 -2.35 8.60 7.84
N LYS A 101 -2.23 7.34 7.46
CA LYS A 101 -2.31 6.94 6.07
C LYS A 101 -3.59 7.46 5.42
N PRO A 102 -3.60 7.54 4.09
CA PRO A 102 -4.76 8.02 3.32
C PRO A 102 -5.93 7.06 3.37
N ASP A 103 -7.08 7.49 2.87
CA ASP A 103 -8.28 6.66 2.86
C ASP A 103 -8.53 6.10 1.46
N VAL A 104 -7.80 5.05 1.12
CA VAL A 104 -7.95 4.41 -0.19
C VAL A 104 -8.93 3.25 -0.13
N TYR A 105 -9.75 3.22 0.91
CA TYR A 105 -10.73 2.16 1.09
C TYR A 105 -11.86 2.28 0.07
N ALA A 106 -12.20 3.52 -0.28
CA ALA A 106 -13.25 3.77 -1.25
C ALA A 106 -12.82 3.37 -2.65
N LEU A 107 -11.51 3.36 -2.89
CA LEU A 107 -10.96 3.00 -4.19
C LEU A 107 -10.99 1.48 -4.39
N ILE A 108 -10.59 0.75 -3.35
CA ILE A 108 -10.56 -0.70 -3.41
C ILE A 108 -11.91 -1.29 -3.02
N LYS A 109 -12.90 -0.42 -2.82
CA LYS A 109 -14.23 -0.85 -2.45
C LYS A 109 -14.82 -1.80 -3.49
N ASP A 110 -14.27 -1.74 -4.70
CA ASP A 110 -14.73 -2.61 -5.79
C ASP A 110 -14.10 -3.99 -5.68
N TYR A 111 -12.98 -4.09 -4.97
CA TYR A 111 -12.27 -5.34 -4.80
C TYR A 111 -12.07 -5.66 -3.32
N VAL A 112 -13.12 -5.48 -2.53
CA VAL A 112 -13.05 -5.74 -1.10
C VAL A 112 -13.87 -6.97 -0.73
N LYS A 113 -13.20 -8.09 -0.53
CA LYS A 113 -13.86 -9.34 -0.16
C LYS A 113 -15.00 -9.64 -1.13
N PRO A 114 -14.65 -10.24 -2.29
CA PRO A 114 -15.64 -10.59 -3.32
C PRO A 114 -16.53 -11.74 -2.88
N ALA A 115 -17.36 -12.22 -3.80
CA ALA A 115 -18.27 -13.32 -3.52
C ALA A 115 -17.62 -14.67 -3.84
N ASP A 116 -16.40 -14.86 -3.38
CA ASP A 116 -15.66 -16.10 -3.61
C ASP A 116 -16.20 -17.22 -2.74
N PRO A 117 -16.10 -18.47 -3.24
CA PRO A 117 -16.57 -19.65 -2.52
C PRO A 117 -15.70 -19.97 -1.31
N ASP A 118 -15.86 -21.18 -0.78
CA ASP A 118 -15.09 -21.60 0.39
C ASP A 118 -13.79 -22.28 -0.04
N LEU A 119 -13.37 -22.03 -1.27
CA LEU A 119 -12.15 -22.61 -1.80
C LEU A 119 -10.95 -22.27 -0.92
N GLU A 120 -11.07 -21.17 -0.17
CA GLU A 120 -10.00 -20.73 0.71
C GLU A 120 -9.57 -21.85 1.65
N GLY A 121 -8.42 -21.68 2.28
CA GLY A 121 -7.92 -22.69 3.20
C GLY A 121 -6.92 -23.63 2.55
N ILE A 122 -7.08 -23.85 1.25
CA ILE A 122 -6.18 -24.72 0.50
C ILE A 122 -4.90 -24.00 0.11
N GLU A 123 -3.79 -24.73 0.11
CA GLU A 123 -2.50 -24.16 -0.25
C GLU A 123 -2.08 -23.11 0.77
N ALA A 124 -2.75 -23.09 1.91
CA ALA A 124 -2.44 -22.13 2.97
C ALA A 124 -1.56 -22.77 4.05
N LYS A 125 -1.78 -24.06 4.29
CA LYS A 125 -1.01 -24.78 5.29
C LYS A 125 0.31 -25.27 4.72
N VAL A 126 0.34 -25.51 3.41
CA VAL A 126 1.54 -25.97 2.73
C VAL A 126 2.61 -24.89 2.72
N ARG A 127 2.23 -23.70 2.28
CA ARG A 127 3.17 -22.58 2.21
C ARG A 127 3.91 -22.41 3.54
N MET A 128 3.23 -22.73 4.64
CA MET A 128 3.82 -22.61 5.97
C MET A 128 4.74 -23.79 6.25
N ARG A 129 4.18 -25.00 6.16
CA ARG A 129 4.95 -26.22 6.41
C ARG A 129 6.19 -26.27 5.53
N SER A 130 6.13 -25.60 4.39
CA SER A 130 7.26 -25.57 3.46
C SER A 130 7.78 -24.14 3.28
N ILE A 131 8.11 -23.50 4.40
CA ILE A 131 8.62 -22.13 4.36
C ILE A 131 10.10 -22.10 4.71
N LEU A 132 10.82 -21.16 4.09
CA LEU A 132 12.25 -21.01 4.33
C LEU A 132 12.52 -20.26 5.63
N GLU A 133 11.80 -19.16 5.82
CA GLU A 133 11.96 -18.34 7.02
C GLU A 133 10.97 -17.18 7.01
N HIS A 134 10.84 -16.52 5.87
CA HIS A 134 9.94 -15.38 5.74
C HIS A 134 9.95 -14.84 4.32
N HIS A 135 11.14 -14.44 3.85
CA HIS A 135 11.28 -13.91 2.50
C HIS A 135 12.75 -13.80 2.11
N HIS A 136 13.02 -13.66 0.82
CA HIS A 136 14.38 -13.56 0.32
C HIS A 136 14.76 -12.10 0.09
N HIS A 137 15.64 -11.58 0.96
CA HIS A 137 16.08 -10.20 0.86
C HIS A 137 17.47 -10.12 0.22
N HIS A 138 17.71 -9.05 -0.55
CA HIS A 138 18.99 -8.86 -1.20
C HIS A 138 19.34 -7.38 -1.28
N HIS A 139 20.63 -7.08 -1.22
CA HIS A 139 21.11 -5.70 -1.28
C HIS A 139 21.81 -5.43 -2.61
N MET A 1 2.61 -8.60 -4.57
CA MET A 1 3.54 -7.52 -4.90
C MET A 1 2.91 -6.55 -5.89
N LEU A 2 3.41 -5.32 -5.90
CA LEU A 2 2.89 -4.30 -6.81
C LEU A 2 3.53 -4.42 -8.18
N LEU A 3 2.94 -3.75 -9.16
CA LEU A 3 3.44 -3.78 -10.53
C LEU A 3 3.52 -2.37 -11.12
N ILE A 4 3.75 -1.39 -10.25
CA ILE A 4 3.84 0.00 -10.69
C ILE A 4 5.31 0.42 -10.81
N THR A 5 5.51 1.64 -11.31
CA THR A 5 6.86 2.17 -11.48
C THR A 5 7.09 3.38 -10.60
N PRO A 6 8.32 3.50 -10.05
CA PRO A 6 8.69 4.62 -9.18
C PRO A 6 8.78 5.94 -9.93
N ASP A 7 8.77 5.87 -11.26
CA ASP A 7 8.86 7.06 -12.10
C ASP A 7 7.51 7.76 -12.18
N GLU A 8 6.43 6.99 -12.09
CA GLU A 8 5.09 7.54 -12.14
C GLU A 8 4.71 8.21 -10.82
N LEU A 9 5.16 7.62 -9.72
CA LEU A 9 4.87 8.15 -8.40
C LEU A 9 5.31 9.61 -8.29
N LYS A 10 6.54 9.88 -8.71
CA LYS A 10 7.09 11.24 -8.67
C LYS A 10 6.34 12.16 -9.62
N SER A 11 5.99 11.63 -10.80
CA SER A 11 5.28 12.40 -11.80
C SER A 11 3.88 12.77 -11.31
N TYR A 12 3.34 11.96 -10.41
CA TYR A 12 2.01 12.19 -9.86
C TYR A 12 2.09 12.99 -8.56
N SER A 13 3.22 12.88 -7.88
CA SER A 13 3.43 13.58 -6.61
C SER A 13 4.09 14.94 -6.85
N VAL A 14 3.95 15.83 -5.88
CA VAL A 14 4.54 17.16 -5.98
C VAL A 14 5.42 17.47 -4.78
N PHE A 15 5.91 16.41 -4.13
CA PHE A 15 6.76 16.57 -2.96
C PHE A 15 8.21 16.19 -3.29
N GLU A 16 9.15 17.06 -2.91
CA GLU A 16 10.55 16.81 -3.16
C GLU A 16 11.06 15.64 -2.34
N SER A 17 10.30 15.25 -1.33
CA SER A 17 10.66 14.13 -0.46
C SER A 17 10.65 12.82 -1.24
N VAL A 18 9.59 12.61 -2.00
CA VAL A 18 9.45 11.39 -2.80
C VAL A 18 10.31 11.44 -4.05
N LYS A 19 10.50 12.65 -4.58
CA LYS A 19 11.31 12.84 -5.77
C LYS A 19 12.77 12.49 -5.51
N THR A 20 13.27 12.91 -4.34
CA THR A 20 14.65 12.65 -3.96
C THR A 20 14.92 11.15 -3.86
N ARG A 21 13.84 10.36 -3.79
CA ARG A 21 13.96 8.92 -3.69
C ARG A 21 14.03 8.28 -5.07
N PRO A 22 15.13 7.58 -5.34
CA PRO A 22 15.35 6.90 -6.62
C PRO A 22 14.43 5.70 -6.81
N ASP A 23 14.69 4.92 -7.86
CA ASP A 23 13.88 3.74 -8.14
C ASP A 23 14.11 2.65 -7.11
N GLU A 24 15.35 2.56 -6.62
CA GLU A 24 15.70 1.56 -5.63
C GLU A 24 14.96 1.80 -4.31
N LEU A 25 15.02 3.03 -3.82
CA LEU A 25 14.36 3.40 -2.58
C LEU A 25 12.84 3.39 -2.76
N LEU A 26 12.37 4.11 -3.78
CA LEU A 26 10.93 4.18 -4.04
C LEU A 26 10.31 2.79 -4.07
N LYS A 27 10.99 1.86 -4.74
CA LYS A 27 10.50 0.48 -4.83
C LYS A 27 10.23 -0.10 -3.45
N GLN A 28 11.22 0.01 -2.57
CA GLN A 28 11.09 -0.52 -1.21
C GLN A 28 9.89 0.11 -0.50
N ASP A 29 9.57 1.34 -0.88
CA ASP A 29 8.43 2.05 -0.29
C ASP A 29 7.11 1.53 -0.85
N ILE A 30 7.03 1.44 -2.17
CA ILE A 30 5.83 0.96 -2.83
C ILE A 30 5.38 -0.38 -2.25
N LEU A 31 6.36 -1.24 -1.94
CA LEU A 31 6.07 -2.56 -1.39
C LEU A 31 5.50 -2.44 0.02
N GLU A 32 5.90 -1.38 0.72
CA GLU A 32 5.43 -1.14 2.09
C GLU A 32 4.03 -0.54 2.09
N ALA A 33 3.68 0.13 1.00
CA ALA A 33 2.37 0.76 0.87
C ALA A 33 1.30 -0.27 0.56
N THR A 34 1.60 -1.17 -0.38
CA THR A 34 0.66 -2.21 -0.78
C THR A 34 0.22 -3.04 0.42
N ALA A 35 1.04 -3.04 1.47
CA ALA A 35 0.73 -3.79 2.68
C ALA A 35 -0.50 -3.24 3.37
N ASP A 36 -0.74 -1.94 3.19
CA ASP A 36 -1.90 -1.29 3.81
C ASP A 36 -3.17 -1.63 3.04
N ILE A 37 -3.15 -1.42 1.73
CA ILE A 37 -4.31 -1.70 0.89
C ILE A 37 -4.74 -3.15 1.02
N ILE A 38 -3.77 -4.06 0.93
CA ILE A 38 -4.06 -5.49 1.05
C ILE A 38 -4.60 -5.83 2.42
N LEU A 39 -4.11 -5.14 3.44
CA LEU A 39 -4.56 -5.37 4.81
C LEU A 39 -6.03 -5.03 4.97
N LYS A 40 -6.54 -4.18 4.09
CA LYS A 40 -7.94 -3.77 4.13
C LYS A 40 -8.83 -4.82 3.46
N VAL A 41 -8.42 -5.27 2.28
CA VAL A 41 -9.18 -6.27 1.54
C VAL A 41 -9.03 -7.65 2.17
N GLY A 42 -7.93 -7.84 2.91
CA GLY A 42 -7.68 -9.11 3.55
C GLY A 42 -7.23 -10.17 2.57
N HIS A 43 -6.48 -9.76 1.55
CA HIS A 43 -5.98 -10.68 0.54
C HIS A 43 -5.05 -9.97 -0.43
N ASP A 44 -3.97 -10.64 -0.81
CA ASP A 44 -2.99 -10.08 -1.74
C ASP A 44 -3.16 -10.66 -3.14
N PHE A 45 -2.22 -10.37 -4.02
CA PHE A 45 -2.27 -10.87 -5.38
C PHE A 45 -0.94 -11.53 -5.77
N SER A 46 -0.59 -12.60 -5.05
CA SER A 46 0.64 -13.32 -5.31
C SER A 46 0.46 -14.31 -6.46
N ASP A 47 -0.68 -15.01 -6.46
CA ASP A 47 -0.97 -15.98 -7.50
C ASP A 47 -0.81 -15.36 -8.88
N ALA A 48 0.16 -15.87 -9.64
CA ALA A 48 0.43 -15.37 -10.98
C ALA A 48 -0.82 -15.48 -11.86
N GLU A 49 -1.72 -16.39 -11.49
CA GLU A 49 -2.94 -16.60 -12.25
C GLU A 49 -4.09 -15.78 -11.66
N TYR A 50 -3.75 -14.69 -10.96
CA TYR A 50 -4.75 -13.84 -10.34
C TYR A 50 -4.12 -12.56 -9.82
N ILE A 51 -3.52 -11.79 -10.73
CA ILE A 51 -2.87 -10.53 -10.36
C ILE A 51 -3.60 -9.35 -10.99
N PRO A 52 -4.79 -9.04 -10.45
CA PRO A 52 -5.61 -7.92 -10.94
C PRO A 52 -4.99 -6.56 -10.61
N LEU A 53 -5.24 -5.57 -11.46
CA LEU A 53 -4.71 -4.23 -11.25
C LEU A 53 -5.56 -3.19 -11.99
N PRO A 54 -6.70 -2.83 -11.38
CA PRO A 54 -7.63 -1.85 -11.96
C PRO A 54 -7.05 -0.44 -11.94
N GLU A 55 -7.89 0.54 -12.26
CA GLU A 55 -7.47 1.94 -12.26
C GLU A 55 -7.57 2.55 -10.87
N THR A 56 -8.41 1.94 -10.02
CA THR A 56 -8.60 2.43 -8.66
C THR A 56 -7.41 2.08 -7.78
N VAL A 57 -6.95 0.83 -7.86
CA VAL A 57 -5.82 0.38 -7.07
C VAL A 57 -4.57 1.17 -7.41
N ARG A 58 -4.29 1.33 -8.70
CA ARG A 58 -3.12 2.07 -9.14
C ARG A 58 -3.06 3.45 -8.48
N LEU A 59 -4.23 4.08 -8.36
CA LEU A 59 -4.31 5.40 -7.75
C LEU A 59 -4.10 5.33 -6.24
N ALA A 60 -4.83 4.42 -5.59
CA ALA A 60 -4.73 4.23 -4.16
C ALA A 60 -3.28 4.05 -3.73
N LEU A 61 -2.55 3.23 -4.47
CA LEU A 61 -1.14 2.98 -4.17
C LEU A 61 -0.29 4.20 -4.45
N LEU A 62 -0.64 4.95 -5.49
CA LEU A 62 0.09 6.15 -5.87
C LEU A 62 -0.02 7.21 -4.77
N LYS A 63 -1.21 7.35 -4.20
CA LYS A 63 -1.45 8.31 -3.14
C LYS A 63 -0.81 7.87 -1.84
N LEU A 64 -0.86 6.58 -1.56
CA LEU A 64 -0.28 6.02 -0.35
C LEU A 64 1.24 6.07 -0.40
N SER A 65 1.79 5.76 -1.57
CA SER A 65 3.24 5.76 -1.75
C SER A 65 3.83 7.13 -1.40
N GLN A 66 3.08 8.18 -1.72
CA GLN A 66 3.53 9.54 -1.44
C GLN A 66 3.41 9.86 0.04
N PHE A 67 2.44 9.25 0.70
CA PHE A 67 2.21 9.47 2.12
C PHE A 67 3.36 8.88 2.94
N TYR A 68 3.72 7.64 2.65
CA TYR A 68 4.79 6.96 3.36
C TYR A 68 6.16 7.54 2.96
N ALA A 69 6.38 7.66 1.66
CA ALA A 69 7.63 8.19 1.14
C ALA A 69 7.95 9.54 1.77
N LEU A 70 6.91 10.29 2.10
CA LEU A 70 7.08 11.61 2.70
C LEU A 70 7.66 11.49 4.12
N ILE A 71 7.07 10.60 4.91
CA ILE A 71 7.52 10.39 6.28
C ILE A 71 8.50 9.22 6.36
N ASN A 72 9.16 8.93 5.24
CA ASN A 72 10.12 7.83 5.18
C ASN A 72 11.53 8.37 5.00
N GLY A 73 11.65 9.50 4.32
CA GLY A 73 12.94 10.10 4.07
C GLY A 73 13.14 11.40 4.84
N ASP A 74 12.04 12.00 5.26
CA ASP A 74 12.10 13.25 6.02
C ASP A 74 13.04 13.13 7.20
N GLU A 75 14.15 13.84 7.15
CA GLU A 75 15.13 13.81 8.23
C GLU A 75 14.68 14.66 9.41
N SER A 76 13.58 14.23 10.04
CA SER A 76 13.03 14.94 11.18
C SER A 76 11.98 14.10 11.90
N ILE A 77 11.17 13.39 11.11
CA ILE A 77 10.12 12.54 11.66
C ILE A 77 10.67 11.21 12.14
N ILE A 78 10.12 10.69 13.23
CA ILE A 78 10.57 9.42 13.78
C ILE A 78 9.61 8.30 13.41
N LYS A 79 10.16 7.22 12.85
CA LYS A 79 9.35 6.07 12.46
C LYS A 79 10.22 4.83 12.29
N GLY A 80 9.58 3.66 12.31
CA GLY A 80 10.31 2.41 12.16
C GLY A 80 11.14 2.07 13.38
N TYR A 81 10.63 1.17 14.20
CA TYR A 81 11.32 0.74 15.40
C TYR A 81 11.66 -0.74 15.35
N THR A 82 10.68 -1.56 14.99
CA THR A 82 10.87 -3.00 14.90
C THR A 82 9.60 -3.70 14.43
N THR A 83 9.67 -5.02 14.29
CA THR A 83 8.52 -5.80 13.84
C THR A 83 8.06 -5.35 12.46
N GLU A 84 7.01 -6.00 11.96
CA GLU A 84 6.47 -5.66 10.65
C GLU A 84 5.98 -4.22 10.61
N LYS A 85 5.28 -3.86 9.54
CA LYS A 85 4.76 -2.52 9.38
C LYS A 85 3.28 -2.47 9.70
N ILE A 86 2.95 -2.32 10.98
CA ILE A 86 1.56 -2.26 11.41
C ILE A 86 0.98 -0.86 11.24
N GLY A 87 1.86 0.10 10.95
CA GLY A 87 1.42 1.47 10.75
C GLY A 87 0.91 2.10 12.02
N ASP A 88 1.72 2.04 13.07
CA ASP A 88 1.35 2.61 14.37
C ASP A 88 1.25 4.13 14.28
N TYR A 89 0.94 4.77 15.40
CA TYR A 89 0.82 6.22 15.45
C TYR A 89 2.16 6.87 15.75
N SER A 90 3.18 6.50 14.98
CA SER A 90 4.52 7.03 15.16
C SER A 90 4.98 7.79 13.92
N TYR A 91 4.22 8.82 13.55
CA TYR A 91 4.55 9.62 12.37
C TYR A 91 4.47 11.11 12.69
N THR A 92 4.77 11.46 13.94
CA THR A 92 4.73 12.85 14.37
C THR A 92 5.53 13.75 13.44
N LEU A 93 4.94 14.88 13.06
CA LEU A 93 5.62 15.82 12.17
C LEU A 93 6.24 16.97 12.96
N GLY A 94 6.73 17.97 12.24
CA GLY A 94 7.35 19.12 12.89
C GLY A 94 6.35 19.93 13.68
N ASP A 95 5.09 19.89 13.27
CA ASP A 95 4.04 20.63 13.96
C ASP A 95 3.20 19.71 14.83
N GLY A 96 3.80 18.62 15.28
CA GLY A 96 3.09 17.66 16.12
C GLY A 96 1.78 17.21 15.50
N SER A 97 1.74 17.15 14.17
CA SER A 97 0.54 16.74 13.46
C SER A 97 0.54 15.23 13.24
N SER A 98 -0.62 14.61 13.49
CA SER A 98 -0.76 13.16 13.32
C SER A 98 -1.06 12.81 11.87
N LEU A 99 -0.03 12.78 11.04
CA LEU A 99 -0.19 12.45 9.63
C LEU A 99 -0.96 11.15 9.45
N GLN A 100 -2.19 11.25 8.96
CA GLN A 100 -3.03 10.07 8.75
C GLN A 100 -3.00 9.65 7.29
N LYS A 101 -2.98 8.34 7.06
CA LYS A 101 -2.97 7.81 5.70
C LYS A 101 -4.15 8.33 4.88
N PRO A 102 -4.02 8.27 3.55
CA PRO A 102 -5.06 8.72 2.64
C PRO A 102 -6.30 7.83 2.67
N ASP A 103 -7.45 8.40 2.35
CA ASP A 103 -8.70 7.64 2.34
C ASP A 103 -8.89 6.93 1.00
N VAL A 104 -8.20 5.81 0.84
CA VAL A 104 -8.29 5.02 -0.39
C VAL A 104 -9.11 3.76 -0.18
N TYR A 105 -9.98 3.78 0.83
CA TYR A 105 -10.82 2.63 1.14
C TYR A 105 -11.89 2.44 0.07
N ALA A 106 -12.51 3.53 -0.35
CA ALA A 106 -13.55 3.47 -1.37
C ALA A 106 -12.96 3.16 -2.74
N LEU A 107 -11.69 3.49 -2.92
CA LEU A 107 -11.00 3.25 -4.18
C LEU A 107 -10.88 1.75 -4.46
N ILE A 108 -10.34 1.02 -3.49
CA ILE A 108 -10.17 -0.42 -3.63
C ILE A 108 -11.47 -1.15 -3.32
N LYS A 109 -12.51 -0.40 -2.97
CA LYS A 109 -13.81 -0.98 -2.66
C LYS A 109 -14.29 -1.88 -3.78
N ASP A 110 -13.83 -1.60 -5.00
CA ASP A 110 -14.21 -2.40 -6.16
C ASP A 110 -13.78 -3.85 -6.00
N TYR A 111 -12.77 -4.07 -5.17
CA TYR A 111 -12.26 -5.41 -4.92
C TYR A 111 -12.08 -5.67 -3.43
N VAL A 112 -13.07 -5.24 -2.64
CA VAL A 112 -13.02 -5.42 -1.19
C VAL A 112 -14.16 -6.31 -0.71
N LYS A 113 -13.86 -7.17 0.25
CA LYS A 113 -14.86 -8.08 0.80
C LYS A 113 -15.23 -7.69 2.23
N PRO A 114 -16.15 -6.73 2.35
CA PRO A 114 -16.62 -6.24 3.66
C PRO A 114 -17.44 -7.28 4.41
N ALA A 115 -17.99 -6.88 5.55
CA ALA A 115 -18.81 -7.78 6.36
C ALA A 115 -18.04 -9.05 6.71
N ASP A 116 -16.82 -8.89 7.17
CA ASP A 116 -15.98 -10.03 7.54
C ASP A 116 -15.60 -9.96 9.01
N PRO A 117 -16.46 -10.50 9.89
CA PRO A 117 -16.24 -10.52 11.33
C PRO A 117 -15.11 -11.46 11.73
N ASP A 118 -15.06 -11.80 13.01
CA ASP A 118 -14.02 -12.69 13.52
C ASP A 118 -14.32 -14.14 13.14
N LEU A 119 -14.50 -14.38 11.85
CA LEU A 119 -14.79 -15.71 11.35
C LEU A 119 -13.58 -16.30 10.63
N GLU A 120 -12.62 -15.43 10.30
CA GLU A 120 -11.42 -15.87 9.60
C GLU A 120 -10.64 -16.89 10.43
N GLY A 121 -9.40 -17.14 10.04
CA GLY A 121 -8.58 -18.09 10.77
C GLY A 121 -8.66 -17.91 12.27
N ILE A 122 -7.99 -16.87 12.77
CA ILE A 122 -8.00 -16.59 14.20
C ILE A 122 -7.34 -17.72 14.99
N GLU A 123 -6.64 -17.37 16.06
CA GLU A 123 -5.96 -18.35 16.90
C GLU A 123 -4.88 -19.08 16.10
N ALA A 124 -4.49 -18.51 14.97
CA ALA A 124 -3.47 -19.10 14.12
C ALA A 124 -2.11 -18.47 14.39
N LYS A 125 -2.06 -17.15 14.34
CA LYS A 125 -0.81 -16.42 14.59
C LYS A 125 -0.42 -16.48 16.05
N VAL A 126 -1.40 -16.68 16.92
CA VAL A 126 -1.15 -16.77 18.36
C VAL A 126 -0.41 -18.05 18.71
N ARG A 127 -0.62 -19.09 17.91
CA ARG A 127 0.03 -20.37 18.14
C ARG A 127 1.52 -20.30 17.80
N MET A 128 1.86 -19.41 16.86
CA MET A 128 3.24 -19.24 16.45
C MET A 128 3.91 -18.10 17.22
N ARG A 129 3.10 -17.13 17.62
CA ARG A 129 3.61 -15.98 18.37
C ARG A 129 3.78 -16.32 19.85
N SER A 130 3.02 -17.30 20.32
CA SER A 130 3.10 -17.72 21.71
C SER A 130 3.97 -18.96 21.86
N ILE A 131 5.00 -19.05 21.02
CA ILE A 131 5.92 -20.19 21.06
C ILE A 131 7.20 -19.83 21.80
N LEU A 132 7.83 -20.83 22.40
CA LEU A 132 9.07 -20.62 23.15
C LEU A 132 10.10 -19.90 22.29
N GLU A 133 10.68 -20.62 21.33
CA GLU A 133 11.68 -20.04 20.44
C GLU A 133 11.49 -20.55 19.02
N HIS A 134 11.37 -21.87 18.88
CA HIS A 134 11.20 -22.49 17.57
C HIS A 134 12.37 -22.15 16.64
N HIS A 135 12.22 -22.49 15.37
CA HIS A 135 13.27 -22.22 14.38
C HIS A 135 13.14 -20.81 13.82
N HIS A 136 11.90 -20.40 13.56
CA HIS A 136 11.64 -19.07 13.02
C HIS A 136 12.27 -17.99 13.88
N HIS A 137 12.49 -16.82 13.30
CA HIS A 137 13.09 -15.70 14.02
C HIS A 137 12.65 -14.36 13.44
N HIS A 138 13.28 -13.28 13.88
CA HIS A 138 12.95 -11.95 13.40
C HIS A 138 14.22 -11.12 13.19
N HIS A 139 14.04 -9.88 12.75
CA HIS A 139 15.16 -8.99 12.51
C HIS A 139 15.34 -8.00 13.66
N MET A 1 3.13 -9.43 -5.53
CA MET A 1 3.73 -8.11 -5.42
C MET A 1 2.98 -7.10 -6.29
N LEU A 2 3.45 -5.85 -6.29
CA LEU A 2 2.82 -4.80 -7.07
C LEU A 2 3.19 -4.91 -8.55
N LEU A 3 2.72 -3.97 -9.35
CA LEU A 3 3.01 -3.96 -10.78
C LEU A 3 3.28 -2.55 -11.28
N ILE A 4 3.92 -1.74 -10.43
CA ILE A 4 4.24 -0.37 -10.78
C ILE A 4 5.73 -0.09 -10.62
N THR A 5 6.15 1.12 -10.98
CA THR A 5 7.55 1.51 -10.87
C THR A 5 7.70 2.75 -10.01
N PRO A 6 8.92 2.97 -9.48
CA PRO A 6 9.22 4.12 -8.63
C PRO A 6 9.22 5.44 -9.42
N ASP A 7 9.64 5.36 -10.68
CA ASP A 7 9.69 6.55 -11.53
C ASP A 7 8.29 7.11 -11.76
N GLU A 8 7.30 6.22 -11.82
CA GLU A 8 5.92 6.63 -12.03
C GLU A 8 5.37 7.37 -10.80
N LEU A 9 5.77 6.90 -9.62
CA LEU A 9 5.33 7.52 -8.37
C LEU A 9 5.60 9.02 -8.37
N LYS A 10 6.83 9.39 -8.70
CA LYS A 10 7.22 10.79 -8.74
C LYS A 10 6.56 11.51 -9.93
N SER A 11 6.30 10.76 -10.99
CA SER A 11 5.68 11.31 -12.18
C SER A 11 4.32 11.91 -11.86
N TYR A 12 3.58 11.25 -10.97
CA TYR A 12 2.26 11.70 -10.58
C TYR A 12 2.32 12.51 -9.28
N SER A 13 3.00 11.95 -8.28
CA SER A 13 3.14 12.62 -6.99
C SER A 13 3.65 14.04 -7.16
N VAL A 14 3.34 14.90 -6.20
CA VAL A 14 3.78 16.29 -6.24
C VAL A 14 4.87 16.56 -5.21
N PHE A 15 4.88 15.75 -4.15
CA PHE A 15 5.87 15.91 -3.09
C PHE A 15 7.29 15.79 -3.64
N GLU A 16 8.00 16.90 -3.67
CA GLU A 16 9.37 16.92 -4.17
C GLU A 16 10.25 15.93 -3.41
N SER A 17 9.85 15.60 -2.18
CA SER A 17 10.59 14.66 -1.36
C SER A 17 10.58 13.27 -1.98
N VAL A 18 9.44 12.88 -2.52
CA VAL A 18 9.30 11.57 -3.15
C VAL A 18 10.00 11.52 -4.49
N LYS A 19 10.02 12.65 -5.19
CA LYS A 19 10.67 12.74 -6.49
C LYS A 19 12.18 12.90 -6.34
N THR A 20 12.61 13.42 -5.19
CA THR A 20 14.02 13.62 -4.92
C THR A 20 14.70 12.30 -4.54
N ARG A 21 14.01 11.50 -3.73
CA ARG A 21 14.54 10.21 -3.30
C ARG A 21 15.02 9.39 -4.48
N PRO A 22 15.90 8.41 -4.21
CA PRO A 22 16.45 7.53 -5.24
C PRO A 22 15.41 6.57 -5.82
N ASP A 23 15.87 5.62 -6.60
CA ASP A 23 14.98 4.64 -7.21
C ASP A 23 14.86 3.39 -6.34
N GLU A 24 15.89 3.12 -5.55
CA GLU A 24 15.90 1.96 -4.68
C GLU A 24 14.98 2.19 -3.48
N LEU A 25 15.03 3.37 -2.91
CA LEU A 25 14.20 3.71 -1.76
C LEU A 25 12.72 3.71 -2.14
N LEU A 26 12.40 4.38 -3.24
CA LEU A 26 11.01 4.44 -3.71
C LEU A 26 10.40 3.05 -3.80
N LYS A 27 11.19 2.09 -4.28
CA LYS A 27 10.73 0.71 -4.42
C LYS A 27 10.27 0.16 -3.08
N GLN A 28 11.02 0.45 -2.03
CA GLN A 28 10.68 -0.01 -0.69
C GLN A 28 9.34 0.54 -0.23
N ASP A 29 9.15 1.85 -0.43
CA ASP A 29 7.91 2.51 -0.04
C ASP A 29 6.73 1.95 -0.83
N ILE A 30 6.96 1.67 -2.11
CA ILE A 30 5.92 1.14 -2.98
C ILE A 30 5.50 -0.26 -2.54
N LEU A 31 6.48 -1.14 -2.35
CA LEU A 31 6.22 -2.51 -1.93
C LEU A 31 5.62 -2.54 -0.52
N GLU A 32 5.97 -1.53 0.28
CA GLU A 32 5.47 -1.44 1.65
C GLU A 32 4.05 -0.88 1.67
N ALA A 33 3.70 -0.13 0.63
CA ALA A 33 2.37 0.47 0.53
C ALA A 33 1.33 -0.58 0.16
N THR A 34 1.67 -1.42 -0.81
CA THR A 34 0.76 -2.47 -1.26
C THR A 34 0.33 -3.37 -0.10
N ALA A 35 1.12 -3.39 0.96
CA ALA A 35 0.82 -4.19 2.13
C ALA A 35 -0.41 -3.67 2.86
N ASP A 36 -0.64 -2.37 2.75
CA ASP A 36 -1.78 -1.73 3.40
C ASP A 36 -3.07 -2.03 2.63
N ILE A 37 -3.04 -1.81 1.33
CA ILE A 37 -4.21 -2.06 0.48
C ILE A 37 -4.67 -3.51 0.59
N ILE A 38 -3.73 -4.43 0.43
CA ILE A 38 -4.04 -5.85 0.52
C ILE A 38 -4.60 -6.22 1.89
N LEU A 39 -4.11 -5.54 2.92
CA LEU A 39 -4.56 -5.79 4.28
C LEU A 39 -6.00 -5.31 4.47
N LYS A 40 -6.42 -4.38 3.63
CA LYS A 40 -7.78 -3.85 3.70
C LYS A 40 -8.75 -4.73 2.92
N VAL A 41 -8.37 -5.10 1.71
CA VAL A 41 -9.21 -5.94 0.87
C VAL A 41 -9.29 -7.37 1.42
N GLY A 42 -8.22 -7.79 2.10
CA GLY A 42 -8.19 -9.13 2.66
C GLY A 42 -7.75 -10.17 1.66
N HIS A 43 -6.89 -9.77 0.72
CA HIS A 43 -6.40 -10.69 -0.30
C HIS A 43 -5.35 -10.01 -1.17
N ASP A 44 -4.33 -10.76 -1.55
CA ASP A 44 -3.26 -10.24 -2.40
C ASP A 44 -3.45 -10.65 -3.85
N PHE A 45 -2.53 -10.22 -4.71
CA PHE A 45 -2.61 -10.54 -6.12
C PHE A 45 -1.35 -11.26 -6.59
N SER A 46 -0.98 -12.31 -5.86
CA SER A 46 0.22 -13.09 -6.19
C SER A 46 -0.07 -14.08 -7.31
N ASP A 47 -1.20 -14.77 -7.20
CA ASP A 47 -1.60 -15.74 -8.21
C ASP A 47 -1.55 -15.14 -9.61
N ALA A 48 -0.70 -15.69 -10.45
CA ALA A 48 -0.55 -15.20 -11.82
C ALA A 48 -1.87 -15.31 -12.59
N GLU A 49 -2.76 -16.17 -12.09
CA GLU A 49 -4.05 -16.37 -12.73
C GLU A 49 -5.13 -15.51 -12.06
N TYR A 50 -4.70 -14.41 -11.45
CA TYR A 50 -5.61 -13.50 -10.77
C TYR A 50 -4.88 -12.26 -10.27
N ILE A 51 -4.34 -11.48 -11.20
CA ILE A 51 -3.62 -10.27 -10.86
C ILE A 51 -4.36 -9.03 -11.37
N PRO A 52 -5.48 -8.70 -10.71
CA PRO A 52 -6.29 -7.54 -11.08
C PRO A 52 -5.60 -6.22 -10.75
N LEU A 53 -5.91 -5.19 -11.53
CA LEU A 53 -5.31 -3.87 -11.32
C LEU A 53 -6.17 -2.78 -11.97
N PRO A 54 -7.27 -2.42 -11.30
CA PRO A 54 -8.19 -1.38 -11.78
C PRO A 54 -7.58 0.01 -11.73
N GLU A 55 -8.40 1.02 -11.96
CA GLU A 55 -7.94 2.41 -11.94
C GLU A 55 -7.94 2.96 -10.52
N THR A 56 -8.75 2.34 -9.66
CA THR A 56 -8.85 2.77 -8.27
C THR A 56 -7.61 2.35 -7.47
N VAL A 57 -7.22 1.08 -7.63
CA VAL A 57 -6.06 0.56 -6.93
C VAL A 57 -4.80 1.33 -7.29
N ARG A 58 -4.57 1.50 -8.60
CA ARG A 58 -3.40 2.22 -9.08
C ARG A 58 -3.27 3.58 -8.39
N LEU A 59 -4.41 4.24 -8.19
CA LEU A 59 -4.42 5.55 -7.55
C LEU A 59 -4.15 5.42 -6.06
N ALA A 60 -4.89 4.54 -5.40
CA ALA A 60 -4.72 4.32 -3.97
C ALA A 60 -3.26 4.06 -3.62
N LEU A 61 -2.59 3.23 -4.42
CA LEU A 61 -1.20 2.90 -4.19
C LEU A 61 -0.30 4.12 -4.43
N LEU A 62 -0.62 4.88 -5.47
CA LEU A 62 0.14 6.07 -5.80
C LEU A 62 0.07 7.11 -4.69
N LYS A 63 -1.11 7.25 -4.09
CA LYS A 63 -1.33 8.20 -3.01
C LYS A 63 -0.66 7.70 -1.73
N LEU A 64 -0.74 6.41 -1.48
CA LEU A 64 -0.16 5.81 -0.29
C LEU A 64 1.37 5.84 -0.36
N SER A 65 1.91 5.52 -1.53
CA SER A 65 3.35 5.51 -1.74
C SER A 65 3.96 6.87 -1.41
N GLN A 66 3.20 7.92 -1.68
CA GLN A 66 3.66 9.28 -1.41
C GLN A 66 3.57 9.60 0.07
N PHE A 67 2.54 9.07 0.72
CA PHE A 67 2.33 9.31 2.15
C PHE A 67 3.53 8.82 2.97
N TYR A 68 3.84 7.53 2.81
CA TYR A 68 4.96 6.94 3.53
C TYR A 68 6.29 7.58 3.12
N ALA A 69 6.48 7.72 1.81
CA ALA A 69 7.70 8.33 1.28
C ALA A 69 7.96 9.69 1.91
N LEU A 70 6.88 10.42 2.18
CA LEU A 70 7.00 11.74 2.79
C LEU A 70 7.59 11.64 4.20
N ILE A 71 7.04 10.74 5.00
CA ILE A 71 7.51 10.55 6.37
C ILE A 71 8.54 9.43 6.44
N ASN A 72 9.20 9.16 5.32
CA ASN A 72 10.21 8.11 5.26
C ASN A 72 11.61 8.70 5.15
N GLY A 73 11.69 9.91 4.60
CA GLY A 73 12.97 10.57 4.44
C GLY A 73 12.87 12.08 4.60
N ASP A 74 11.88 12.53 5.35
CA ASP A 74 11.68 13.95 5.58
C ASP A 74 12.90 14.57 6.26
N GLU A 75 13.05 14.31 7.55
CA GLU A 75 14.18 14.85 8.31
C GLU A 75 14.48 13.98 9.52
N SER A 76 13.58 14.02 10.50
CA SER A 76 13.75 13.24 11.73
C SER A 76 12.40 12.96 12.38
N ILE A 77 11.36 12.88 11.57
CA ILE A 77 10.01 12.62 12.06
C ILE A 77 9.96 11.32 12.86
N ILE A 78 9.27 11.35 13.99
CA ILE A 78 9.14 10.16 14.83
C ILE A 78 8.45 9.02 14.08
N LYS A 79 8.88 7.79 14.34
CA LYS A 79 8.31 6.62 13.71
C LYS A 79 8.62 5.35 14.51
N GLY A 80 8.33 4.20 13.91
CA GLY A 80 8.58 2.94 14.58
C GLY A 80 7.63 2.70 15.74
N TYR A 81 6.46 2.14 15.43
CA TYR A 81 5.46 1.85 16.45
C TYR A 81 5.49 0.38 16.84
N THR A 82 5.73 0.12 18.12
CA THR A 82 5.78 -1.25 18.63
C THR A 82 4.45 -1.97 18.43
N THR A 83 4.33 -3.15 19.02
CA THR A 83 3.11 -3.93 18.90
C THR A 83 2.85 -4.33 17.45
N GLU A 84 1.67 -4.89 17.20
CA GLU A 84 1.29 -5.31 15.85
C GLU A 84 1.52 -4.19 14.85
N LYS A 85 2.10 -4.53 13.71
CA LYS A 85 2.39 -3.55 12.66
C LYS A 85 3.27 -2.43 13.19
N ILE A 86 3.92 -1.71 12.28
CA ILE A 86 4.80 -0.60 12.65
C ILE A 86 4.38 0.69 11.95
N GLY A 87 3.40 0.58 11.07
CA GLY A 87 2.92 1.74 10.35
C GLY A 87 1.68 2.35 10.98
N ASP A 88 1.68 2.45 12.30
CA ASP A 88 0.55 3.02 13.03
C ASP A 88 0.54 4.54 12.93
N TYR A 89 -0.33 5.17 13.71
CA TYR A 89 -0.43 6.63 13.71
C TYR A 89 0.56 7.24 14.70
N SER A 90 1.84 6.89 14.53
CA SER A 90 2.89 7.40 15.41
C SER A 90 3.75 8.42 14.67
N TYR A 91 3.17 9.07 13.67
CA TYR A 91 3.88 10.07 12.89
C TYR A 91 3.57 11.48 13.39
N THR A 92 4.40 11.97 14.29
CA THR A 92 4.23 13.30 14.86
C THR A 92 5.06 14.34 14.10
N LEU A 93 4.43 15.00 13.14
CA LEU A 93 5.11 16.01 12.34
C LEU A 93 5.57 17.17 13.21
N GLY A 94 6.21 18.16 12.59
CA GLY A 94 6.70 19.31 13.34
C GLY A 94 5.57 20.13 13.93
N ASP A 95 4.42 20.12 13.27
CA ASP A 95 3.26 20.87 13.74
C ASP A 95 2.33 19.98 14.56
N GLY A 96 2.91 18.95 15.16
CA GLY A 96 2.11 18.03 15.97
C GLY A 96 0.90 17.50 15.24
N SER A 97 1.00 17.43 13.90
CA SER A 97 -0.10 16.94 13.08
C SER A 97 -0.03 15.43 12.93
N SER A 98 -1.12 14.76 13.28
CA SER A 98 -1.18 13.31 13.18
C SER A 98 -1.36 12.85 11.73
N LEU A 99 -0.28 12.96 10.95
CA LEU A 99 -0.31 12.58 9.55
C LEU A 99 -0.80 11.14 9.39
N GLN A 100 -2.07 11.00 9.01
CA GLN A 100 -2.66 9.68 8.82
C GLN A 100 -2.70 9.30 7.34
N LYS A 101 -2.70 8.01 7.07
CA LYS A 101 -2.74 7.52 5.69
C LYS A 101 -3.88 8.16 4.92
N PRO A 102 -3.79 8.12 3.58
CA PRO A 102 -4.80 8.70 2.69
C PRO A 102 -6.11 7.92 2.72
N ASP A 103 -7.22 8.62 2.51
CA ASP A 103 -8.53 7.99 2.52
C ASP A 103 -8.77 7.20 1.22
N VAL A 104 -8.05 6.10 1.07
CA VAL A 104 -8.17 5.26 -0.12
C VAL A 104 -8.99 4.01 0.17
N TYR A 105 -9.84 4.09 1.19
CA TYR A 105 -10.67 2.96 1.57
C TYR A 105 -11.77 2.71 0.54
N ALA A 106 -12.43 3.79 0.12
CA ALA A 106 -13.50 3.69 -0.87
C ALA A 106 -12.94 3.36 -2.25
N LEU A 107 -11.68 3.71 -2.47
CA LEU A 107 -11.02 3.45 -3.75
C LEU A 107 -10.89 1.95 -4.00
N ILE A 108 -10.31 1.25 -3.04
CA ILE A 108 -10.13 -0.19 -3.15
C ILE A 108 -11.37 -0.95 -2.68
N LYS A 109 -12.33 -0.21 -2.14
CA LYS A 109 -13.57 -0.80 -1.65
C LYS A 109 -14.24 -1.64 -2.73
N ASP A 110 -13.95 -1.30 -3.98
CA ASP A 110 -14.54 -2.02 -5.12
C ASP A 110 -14.04 -3.46 -5.15
N TYR A 111 -12.86 -3.69 -4.58
CA TYR A 111 -12.27 -5.02 -4.55
C TYR A 111 -11.94 -5.44 -3.13
N VAL A 112 -12.86 -5.16 -2.21
CA VAL A 112 -12.67 -5.51 -0.80
C VAL A 112 -13.77 -6.44 -0.31
N LYS A 113 -13.38 -7.54 0.32
CA LYS A 113 -14.34 -8.50 0.85
C LYS A 113 -13.72 -9.32 1.98
N PRO A 114 -13.74 -8.76 3.19
CA PRO A 114 -13.18 -9.43 4.38
C PRO A 114 -14.02 -10.63 4.81
N ALA A 115 -13.35 -11.76 5.03
CA ALA A 115 -14.03 -12.98 5.45
C ALA A 115 -13.22 -13.72 6.51
N ASP A 116 -12.81 -13.00 7.54
CA ASP A 116 -12.02 -13.60 8.62
C ASP A 116 -12.71 -13.41 9.97
N PRO A 117 -12.44 -14.32 10.91
CA PRO A 117 -13.03 -14.27 12.25
C PRO A 117 -12.48 -13.11 13.08
N ASP A 118 -12.70 -13.17 14.39
CA ASP A 118 -12.24 -12.13 15.29
C ASP A 118 -10.81 -12.40 15.75
N LEU A 119 -10.13 -13.30 15.04
CA LEU A 119 -8.75 -13.65 15.36
C LEU A 119 -7.89 -12.41 15.52
N GLU A 120 -8.23 -11.36 14.77
CA GLU A 120 -7.48 -10.11 14.83
C GLU A 120 -6.04 -10.32 14.39
N GLY A 121 -5.44 -9.27 13.82
CA GLY A 121 -4.07 -9.37 13.36
C GLY A 121 -3.14 -9.89 14.44
N ILE A 122 -2.78 -11.16 14.35
CA ILE A 122 -1.89 -11.78 15.32
C ILE A 122 -0.99 -12.82 14.66
N GLU A 123 0.25 -12.90 15.13
CA GLU A 123 1.21 -13.86 14.59
C GLU A 123 1.49 -13.56 13.11
N ALA A 124 1.14 -12.35 12.67
CA ALA A 124 1.35 -11.96 11.29
C ALA A 124 2.63 -11.14 11.16
N LYS A 125 2.94 -10.34 12.17
CA LYS A 125 4.14 -9.51 12.17
C LYS A 125 5.33 -10.27 12.74
N VAL A 126 5.06 -11.13 13.72
CA VAL A 126 6.11 -11.91 14.36
C VAL A 126 6.57 -13.06 13.45
N ARG A 127 5.64 -13.60 12.67
CA ARG A 127 5.94 -14.70 11.77
C ARG A 127 6.94 -14.26 10.70
N MET A 128 6.92 -12.97 10.37
CA MET A 128 7.83 -12.42 9.37
C MET A 128 9.06 -11.83 10.03
N ARG A 129 8.88 -11.24 11.20
CA ARG A 129 9.99 -10.64 11.93
C ARG A 129 10.92 -11.71 12.50
N SER A 130 10.38 -12.90 12.72
CA SER A 130 11.17 -14.00 13.26
C SER A 130 11.23 -15.16 12.27
N ILE A 131 11.51 -14.83 11.01
CA ILE A 131 11.60 -15.83 9.96
C ILE A 131 13.04 -16.02 9.50
N LEU A 132 13.36 -17.22 9.04
CA LEU A 132 14.71 -17.53 8.57
C LEU A 132 15.02 -16.78 7.29
N GLU A 133 14.43 -17.22 6.18
CA GLU A 133 14.65 -16.58 4.88
C GLU A 133 13.73 -17.19 3.82
N HIS A 134 12.76 -16.40 3.37
CA HIS A 134 11.82 -16.86 2.35
C HIS A 134 11.93 -16.01 1.09
N HIS A 135 12.06 -16.68 -0.06
CA HIS A 135 12.18 -15.99 -1.34
C HIS A 135 11.45 -16.75 -2.44
N HIS A 136 11.83 -18.00 -2.64
CA HIS A 136 11.21 -18.83 -3.67
C HIS A 136 10.94 -20.23 -3.13
N HIS A 137 10.12 -20.32 -2.09
CA HIS A 137 9.78 -21.59 -1.47
C HIS A 137 8.30 -21.92 -1.67
N HIS A 138 7.98 -22.53 -2.81
CA HIS A 138 6.60 -22.89 -3.11
C HIS A 138 6.55 -24.07 -4.09
N HIS A 139 6.27 -25.26 -3.55
CA HIS A 139 6.19 -26.46 -4.37
C HIS A 139 4.88 -26.50 -5.14
N MET A 1 7.62 -4.75 -7.35
CA MET A 1 6.94 -6.00 -7.01
C MET A 1 5.47 -5.95 -7.41
N LEU A 2 4.77 -4.93 -6.93
CA LEU A 2 3.35 -4.77 -7.25
C LEU A 2 3.12 -4.83 -8.75
N LEU A 3 3.53 -3.77 -9.45
CA LEU A 3 3.36 -3.70 -10.89
C LEU A 3 3.86 -2.36 -11.43
N ILE A 4 3.68 -1.31 -10.65
CA ILE A 4 4.11 0.03 -11.04
C ILE A 4 5.62 0.19 -10.85
N THR A 5 6.10 1.41 -11.06
CA THR A 5 7.52 1.70 -10.90
C THR A 5 7.73 2.88 -9.96
N PRO A 6 8.96 2.99 -9.42
CA PRO A 6 9.33 4.07 -8.49
C PRO A 6 9.39 5.42 -9.19
N ASP A 7 9.70 5.41 -10.48
CA ASP A 7 9.80 6.64 -11.26
C ASP A 7 8.42 7.25 -11.48
N GLU A 8 7.40 6.40 -11.57
CA GLU A 8 6.04 6.87 -11.79
C GLU A 8 5.51 7.58 -10.55
N LEU A 9 5.89 7.09 -9.38
CA LEU A 9 5.45 7.68 -8.12
C LEU A 9 5.75 9.18 -8.08
N LYS A 10 6.98 9.54 -8.40
CA LYS A 10 7.39 10.94 -8.41
C LYS A 10 6.78 11.67 -9.59
N SER A 11 6.52 10.94 -10.67
CA SER A 11 5.93 11.53 -11.86
C SER A 11 4.53 12.07 -11.58
N TYR A 12 3.78 11.33 -10.76
CA TYR A 12 2.42 11.73 -10.41
C TYR A 12 2.42 12.56 -9.13
N SER A 13 3.10 12.06 -8.10
CA SER A 13 3.16 12.75 -6.82
C SER A 13 3.63 14.19 -7.01
N VAL A 14 3.33 15.04 -6.03
CA VAL A 14 3.71 16.45 -6.08
C VAL A 14 4.80 16.75 -5.07
N PHE A 15 4.88 15.93 -4.03
CA PHE A 15 5.88 16.12 -2.98
C PHE A 15 7.29 16.07 -3.56
N GLU A 16 8.06 17.13 -3.32
CA GLU A 16 9.43 17.21 -3.83
C GLU A 16 10.33 16.20 -3.11
N SER A 17 9.94 15.84 -1.89
CA SER A 17 10.71 14.88 -1.10
C SER A 17 10.73 13.51 -1.77
N VAL A 18 9.59 13.11 -2.33
CA VAL A 18 9.47 11.83 -2.99
C VAL A 18 10.14 11.85 -4.36
N LYS A 19 10.14 13.02 -5.00
CA LYS A 19 10.76 13.18 -6.31
C LYS A 19 12.27 13.35 -6.18
N THR A 20 12.77 13.34 -4.94
CA THR A 20 14.19 13.49 -4.69
C THR A 20 14.81 12.17 -4.22
N ARG A 21 13.97 11.15 -4.09
CA ARG A 21 14.43 9.83 -3.65
C ARG A 21 14.85 8.98 -4.84
N PRO A 22 15.75 8.02 -4.60
CA PRO A 22 16.24 7.11 -5.64
C PRO A 22 15.17 6.12 -6.10
N ASP A 23 15.58 5.15 -6.89
CA ASP A 23 14.65 4.13 -7.41
C ASP A 23 14.47 3.01 -6.40
N GLU A 24 15.52 2.73 -5.62
CA GLU A 24 15.47 1.67 -4.63
C GLU A 24 14.62 2.09 -3.43
N LEU A 25 14.61 3.39 -3.15
CA LEU A 25 13.82 3.91 -2.02
C LEU A 25 12.37 4.14 -2.43
N LEU A 26 12.18 4.81 -3.56
CA LEU A 26 10.83 5.09 -4.06
C LEU A 26 10.00 3.81 -4.10
N LYS A 27 10.59 2.75 -4.63
CA LYS A 27 9.90 1.46 -4.72
C LYS A 27 9.62 0.88 -3.34
N GLN A 28 10.59 1.03 -2.44
CA GLN A 28 10.45 0.53 -1.07
C GLN A 28 9.18 1.05 -0.43
N ASP A 29 8.82 2.29 -0.76
CA ASP A 29 7.62 2.91 -0.21
C ASP A 29 6.36 2.38 -0.89
N ILE A 30 6.51 2.01 -2.16
CA ILE A 30 5.38 1.48 -2.93
C ILE A 30 5.07 0.05 -2.53
N LEU A 31 6.09 -0.79 -2.52
CA LEU A 31 5.92 -2.20 -2.15
C LEU A 31 5.38 -2.33 -0.73
N GLU A 32 5.69 -1.35 0.10
CA GLU A 32 5.23 -1.36 1.49
C GLU A 32 3.79 -0.88 1.58
N ALA A 33 3.36 -0.10 0.59
CA ALA A 33 2.00 0.42 0.57
C ALA A 33 1.00 -0.67 0.21
N THR A 34 1.36 -1.50 -0.77
CA THR A 34 0.49 -2.58 -1.20
C THR A 34 0.14 -3.51 -0.04
N ALA A 35 0.97 -3.49 0.99
CA ALA A 35 0.73 -4.33 2.17
C ALA A 35 -0.43 -3.79 2.99
N ASP A 36 -0.62 -2.48 2.97
CA ASP A 36 -1.70 -1.85 3.72
C ASP A 36 -3.03 -2.03 3.01
N ILE A 37 -3.05 -1.75 1.71
CA ILE A 37 -4.27 -1.90 0.92
C ILE A 37 -4.80 -3.33 0.98
N ILE A 38 -3.93 -4.29 0.70
CA ILE A 38 -4.30 -5.70 0.71
C ILE A 38 -4.82 -6.10 2.09
N LEU A 39 -4.25 -5.52 3.13
CA LEU A 39 -4.66 -5.81 4.50
C LEU A 39 -6.12 -5.45 4.72
N LYS A 40 -6.64 -4.55 3.90
CA LYS A 40 -8.03 -4.11 4.01
C LYS A 40 -8.95 -5.09 3.29
N VAL A 41 -8.59 -5.45 2.07
CA VAL A 41 -9.39 -6.39 1.29
C VAL A 41 -9.15 -7.83 1.73
N GLY A 42 -8.20 -8.01 2.64
CA GLY A 42 -7.89 -9.35 3.13
C GLY A 42 -7.59 -10.32 2.01
N HIS A 43 -7.05 -9.82 0.91
CA HIS A 43 -6.73 -10.66 -0.23
C HIS A 43 -5.57 -10.05 -1.03
N ASP A 44 -4.60 -10.89 -1.38
CA ASP A 44 -3.44 -10.44 -2.14
C ASP A 44 -3.50 -10.96 -3.57
N PHE A 45 -2.53 -10.56 -4.39
CA PHE A 45 -2.48 -10.98 -5.78
C PHE A 45 -1.14 -11.65 -6.10
N SER A 46 -0.87 -12.74 -5.40
CA SER A 46 0.37 -13.48 -5.60
C SER A 46 0.29 -14.38 -6.82
N ASP A 47 -0.84 -15.07 -6.96
CA ASP A 47 -1.06 -15.96 -8.09
C ASP A 47 -0.78 -15.25 -9.41
N ALA A 48 0.24 -15.69 -10.12
CA ALA A 48 0.61 -15.09 -11.40
C ALA A 48 -0.55 -15.13 -12.38
N GLU A 49 -1.47 -16.07 -12.16
CA GLU A 49 -2.63 -16.22 -13.02
C GLU A 49 -3.83 -15.48 -12.46
N TYR A 50 -3.56 -14.45 -11.65
CA TYR A 50 -4.62 -13.66 -11.04
C TYR A 50 -4.06 -12.39 -10.41
N ILE A 51 -3.40 -11.58 -11.23
CA ILE A 51 -2.81 -10.33 -10.76
C ILE A 51 -3.49 -9.12 -11.40
N PRO A 52 -4.73 -8.86 -10.97
CA PRO A 52 -5.53 -7.73 -11.48
C PRO A 52 -4.97 -6.38 -11.03
N LEU A 53 -5.16 -5.37 -11.87
CA LEU A 53 -4.68 -4.03 -11.55
C LEU A 53 -5.60 -2.97 -12.15
N PRO A 54 -6.72 -2.69 -11.45
CA PRO A 54 -7.70 -1.69 -11.89
C PRO A 54 -7.16 -0.27 -11.79
N GLU A 55 -8.05 0.70 -11.98
CA GLU A 55 -7.67 2.11 -11.91
C GLU A 55 -7.68 2.60 -10.47
N THR A 56 -8.48 1.94 -9.62
CA THR A 56 -8.58 2.32 -8.22
C THR A 56 -7.31 1.95 -7.46
N VAL A 57 -6.83 0.73 -7.67
CA VAL A 57 -5.62 0.26 -7.01
C VAL A 57 -4.43 1.13 -7.37
N ARG A 58 -4.31 1.47 -8.65
CA ARG A 58 -3.21 2.31 -9.12
C ARG A 58 -3.17 3.64 -8.39
N LEU A 59 -4.35 4.23 -8.20
CA LEU A 59 -4.46 5.51 -7.51
C LEU A 59 -4.23 5.35 -6.01
N ALA A 60 -4.95 4.40 -5.41
CA ALA A 60 -4.83 4.14 -3.98
C ALA A 60 -3.37 3.93 -3.58
N LEU A 61 -2.64 3.16 -4.39
CA LEU A 61 -1.24 2.88 -4.13
C LEU A 61 -0.38 4.12 -4.35
N LEU A 62 -0.69 4.85 -5.42
CA LEU A 62 0.05 6.07 -5.76
C LEU A 62 0.00 7.07 -4.60
N LYS A 63 -1.15 7.14 -3.95
CA LYS A 63 -1.33 8.06 -2.83
C LYS A 63 -0.57 7.56 -1.59
N LEU A 64 -0.73 6.28 -1.29
CA LEU A 64 -0.05 5.67 -0.14
C LEU A 64 1.46 5.75 -0.28
N SER A 65 1.95 5.50 -1.50
CA SER A 65 3.38 5.54 -1.77
C SER A 65 3.96 6.91 -1.40
N GLN A 66 3.24 7.97 -1.77
CA GLN A 66 3.68 9.33 -1.49
C GLN A 66 3.67 9.60 0.01
N PHE A 67 2.67 9.05 0.70
CA PHE A 67 2.55 9.23 2.14
C PHE A 67 3.76 8.67 2.87
N TYR A 68 4.11 7.43 2.56
CA TYR A 68 5.25 6.78 3.19
C TYR A 68 6.57 7.36 2.68
N ALA A 69 6.69 7.45 1.36
CA ALA A 69 7.89 8.00 0.74
C ALA A 69 8.22 9.39 1.30
N LEU A 70 7.18 10.09 1.74
CA LEU A 70 7.36 11.43 2.30
C LEU A 70 7.95 11.36 3.70
N ILE A 71 7.40 10.48 4.53
CA ILE A 71 7.88 10.32 5.90
C ILE A 71 8.88 9.18 6.00
N ASN A 72 9.57 8.90 4.89
CA ASN A 72 10.56 7.83 4.85
C ASN A 72 11.96 8.39 5.14
N GLY A 73 12.16 9.66 4.82
CA GLY A 73 13.45 10.28 5.05
C GLY A 73 13.58 11.62 4.35
N ASP A 74 12.79 12.59 4.79
CA ASP A 74 12.82 13.92 4.20
C ASP A 74 13.97 14.74 4.77
N GLU A 75 13.80 15.22 6.01
CA GLU A 75 14.83 16.01 6.66
C GLU A 75 14.40 16.39 8.07
N SER A 76 13.27 17.11 8.17
CA SER A 76 12.76 17.54 9.47
C SER A 76 11.75 16.53 10.01
N ILE A 77 12.07 15.25 9.89
CA ILE A 77 11.19 14.19 10.37
C ILE A 77 11.95 13.19 11.22
N ILE A 78 11.59 13.10 12.49
CA ILE A 78 12.24 12.17 13.42
C ILE A 78 11.88 10.73 13.09
N LYS A 79 12.58 10.14 12.13
CA LYS A 79 12.34 8.77 11.72
C LYS A 79 13.63 8.09 11.29
N GLY A 80 14.22 7.32 12.20
CA GLY A 80 15.46 6.62 11.90
C GLY A 80 15.75 5.51 12.88
N TYR A 81 15.99 4.31 12.35
CA TYR A 81 16.27 3.15 13.19
C TYR A 81 17.02 2.07 12.40
N THR A 82 17.21 0.92 13.02
CA THR A 82 17.90 -0.19 12.38
C THR A 82 17.13 -1.50 12.54
N THR A 83 15.81 -1.42 12.34
CA THR A 83 14.95 -2.60 12.47
C THR A 83 14.01 -2.71 11.28
N GLU A 84 13.87 -3.92 10.76
CA GLU A 84 13.00 -4.17 9.61
C GLU A 84 11.58 -3.68 9.90
N LYS A 85 11.19 -2.61 9.21
CA LYS A 85 9.85 -2.05 9.39
C LYS A 85 9.69 -1.47 10.80
N ILE A 86 9.31 -0.20 10.87
CA ILE A 86 9.12 0.46 12.15
C ILE A 86 7.64 0.44 12.57
N GLY A 87 6.90 1.45 12.14
CA GLY A 87 5.49 1.52 12.47
C GLY A 87 5.24 2.27 13.75
N ASP A 88 5.78 3.48 13.85
CA ASP A 88 5.61 4.31 15.04
C ASP A 88 4.77 5.54 14.74
N TYR A 89 4.72 6.47 15.69
CA TYR A 89 3.94 7.69 15.52
C TYR A 89 4.86 8.91 15.56
N SER A 90 6.08 8.74 15.08
CA SER A 90 7.05 9.84 15.06
C SER A 90 7.31 10.30 13.63
N TYR A 91 6.25 10.40 12.85
CA TYR A 91 6.35 10.83 11.45
C TYR A 91 6.06 12.33 11.32
N THR A 92 6.28 13.06 12.41
CA THR A 92 6.04 14.50 12.43
C THR A 92 6.75 15.19 11.26
N LEU A 93 5.97 15.84 10.40
CA LEU A 93 6.52 16.53 9.25
C LEU A 93 7.20 17.84 9.67
N GLY A 94 7.78 18.54 8.70
CA GLY A 94 8.45 19.79 8.99
C GLY A 94 7.47 20.90 9.34
N ASP A 95 6.24 20.77 8.89
CA ASP A 95 5.21 21.77 9.15
C ASP A 95 4.37 21.37 10.36
N GLY A 96 4.95 20.57 11.24
CA GLY A 96 4.24 20.13 12.43
C GLY A 96 2.89 19.53 12.10
N SER A 97 2.78 18.96 10.90
CA SER A 97 1.52 18.35 10.47
C SER A 97 1.53 16.84 10.76
N SER A 98 0.43 16.36 11.36
CA SER A 98 0.31 14.95 11.69
C SER A 98 -0.18 14.15 10.49
N LEU A 99 0.73 13.84 9.56
CA LEU A 99 0.39 13.09 8.37
C LEU A 99 -0.34 11.80 8.73
N GLN A 100 -1.56 11.65 8.21
CA GLN A 100 -2.35 10.46 8.48
C GLN A 100 -2.55 9.63 7.21
N LYS A 101 -2.91 8.37 7.38
CA LYS A 101 -3.12 7.47 6.25
C LYS A 101 -4.09 8.09 5.25
N PRO A 102 -3.75 7.97 3.95
CA PRO A 102 -4.57 8.51 2.87
C PRO A 102 -5.88 7.74 2.69
N ASP A 103 -6.99 8.46 2.66
CA ASP A 103 -8.30 7.85 2.50
C ASP A 103 -8.42 7.19 1.12
N VAL A 104 -8.07 5.91 1.05
CA VAL A 104 -8.15 5.17 -0.19
C VAL A 104 -9.02 3.93 -0.05
N TYR A 105 -9.90 3.94 0.94
CA TYR A 105 -10.79 2.82 1.19
C TYR A 105 -11.86 2.72 0.10
N ALA A 106 -12.56 3.83 -0.13
CA ALA A 106 -13.61 3.87 -1.15
C ALA A 106 -13.06 3.46 -2.51
N LEU A 107 -11.77 3.63 -2.70
CA LEU A 107 -11.12 3.28 -3.96
C LEU A 107 -11.06 1.76 -4.14
N ILE A 108 -10.51 1.08 -3.14
CA ILE A 108 -10.40 -0.37 -3.17
C ILE A 108 -11.73 -1.04 -2.83
N LYS A 109 -12.68 -0.24 -2.38
CA LYS A 109 -14.00 -0.75 -2.02
C LYS A 109 -14.58 -1.60 -3.14
N ASP A 110 -14.14 -1.34 -4.37
CA ASP A 110 -14.61 -2.09 -5.53
C ASP A 110 -14.43 -3.59 -5.33
N TYR A 111 -13.45 -3.95 -4.50
CA TYR A 111 -13.17 -5.35 -4.22
C TYR A 111 -12.84 -5.56 -2.74
N VAL A 112 -13.65 -4.95 -1.88
CA VAL A 112 -13.46 -5.07 -0.44
C VAL A 112 -14.62 -5.81 0.21
N LYS A 113 -14.31 -6.66 1.18
CA LYS A 113 -15.32 -7.44 1.88
C LYS A 113 -15.46 -6.95 3.32
N PRO A 114 -16.26 -5.88 3.51
CA PRO A 114 -16.51 -5.30 4.84
C PRO A 114 -17.35 -6.21 5.72
N ALA A 115 -17.11 -6.16 7.02
CA ALA A 115 -17.85 -6.97 7.97
C ALA A 115 -18.74 -6.11 8.87
N ASP A 116 -19.94 -5.82 8.38
CA ASP A 116 -20.89 -5.00 9.14
C ASP A 116 -21.38 -5.75 10.37
N PRO A 117 -21.91 -4.98 11.35
CA PRO A 117 -22.43 -5.55 12.59
C PRO A 117 -23.72 -6.34 12.38
N ASP A 118 -24.42 -6.62 13.48
CA ASP A 118 -25.66 -7.37 13.41
C ASP A 118 -26.82 -6.48 13.00
N LEU A 119 -26.64 -5.76 11.90
CA LEU A 119 -27.68 -4.85 11.40
C LEU A 119 -28.38 -5.45 10.19
N GLU A 120 -27.77 -6.47 9.60
CA GLU A 120 -28.35 -7.13 8.44
C GLU A 120 -29.74 -7.68 8.75
N GLY A 121 -30.33 -8.38 7.78
CA GLY A 121 -31.64 -8.95 7.97
C GLY A 121 -31.70 -9.89 9.16
N ILE A 122 -32.51 -9.54 10.14
CA ILE A 122 -32.66 -10.36 11.35
C ILE A 122 -34.10 -10.32 11.86
N GLU A 123 -34.56 -11.46 12.38
CA GLU A 123 -35.91 -11.56 12.91
C GLU A 123 -36.95 -11.32 11.81
N ALA A 124 -36.51 -11.42 10.57
CA ALA A 124 -37.40 -11.22 9.43
C ALA A 124 -37.91 -12.55 8.88
N LYS A 125 -37.00 -13.50 8.72
CA LYS A 125 -37.35 -14.82 8.21
C LYS A 125 -38.02 -15.66 9.29
N VAL A 126 -37.62 -15.44 10.54
CA VAL A 126 -38.18 -16.17 11.67
C VAL A 126 -39.70 -16.07 11.69
N ARG A 127 -40.21 -14.88 11.34
CA ARG A 127 -41.64 -14.65 11.32
C ARG A 127 -42.31 -15.44 10.21
N MET A 128 -41.56 -15.75 9.16
CA MET A 128 -42.07 -16.52 8.04
C MET A 128 -41.94 -18.01 8.28
N ARG A 129 -40.71 -18.47 8.46
CA ARG A 129 -40.44 -19.89 8.71
C ARG A 129 -41.29 -20.40 9.86
N SER A 130 -41.60 -19.51 10.81
CA SER A 130 -42.41 -19.89 11.97
C SER A 130 -43.80 -19.26 11.89
N ILE A 131 -44.39 -19.30 10.70
CA ILE A 131 -45.72 -18.74 10.49
C ILE A 131 -46.80 -19.80 10.67
N LEU A 132 -47.98 -19.37 11.08
CA LEU A 132 -49.10 -20.29 11.29
C LEU A 132 -49.33 -21.14 10.06
N GLU A 133 -49.26 -20.52 8.88
CA GLU A 133 -49.47 -21.23 7.63
C GLU A 133 -50.81 -21.97 7.63
N HIS A 134 -51.85 -21.29 7.17
CA HIS A 134 -53.19 -21.89 7.12
C HIS A 134 -53.83 -21.67 5.76
N HIS A 135 -53.67 -20.46 5.22
CA HIS A 135 -54.23 -20.12 3.92
C HIS A 135 -53.50 -20.86 2.79
N HIS A 136 -52.25 -20.49 2.56
CA HIS A 136 -51.45 -21.12 1.51
C HIS A 136 -50.71 -22.34 2.06
N HIS A 137 -50.25 -23.20 1.15
CA HIS A 137 -49.53 -24.40 1.54
C HIS A 137 -48.12 -24.41 0.97
N HIS A 138 -47.16 -24.85 1.77
CA HIS A 138 -45.76 -24.89 1.35
C HIS A 138 -45.37 -26.30 0.92
N HIS A 139 -45.25 -26.50 -0.39
CA HIS A 139 -44.87 -27.80 -0.93
C HIS A 139 -43.44 -27.79 -1.46
N MET A 1 3.83 -8.41 -4.29
CA MET A 1 3.58 -7.15 -3.61
C MET A 1 2.85 -6.17 -4.53
N LEU A 2 3.54 -5.72 -5.57
CA LEU A 2 2.95 -4.79 -6.53
C LEU A 2 3.52 -5.00 -7.93
N LEU A 3 3.07 -4.19 -8.87
CA LEU A 3 3.54 -4.29 -10.25
C LEU A 3 3.66 -2.90 -10.89
N ILE A 4 3.99 -1.91 -10.06
CA ILE A 4 4.14 -0.54 -10.54
C ILE A 4 5.60 -0.13 -10.55
N THR A 5 5.88 1.06 -11.07
CA THR A 5 7.23 1.58 -11.14
C THR A 5 7.42 2.79 -10.23
N PRO A 6 8.60 2.90 -9.61
CA PRO A 6 8.92 4.01 -8.71
C PRO A 6 9.07 5.34 -9.45
N ASP A 7 9.09 5.26 -10.77
CA ASP A 7 9.23 6.46 -11.60
C ASP A 7 7.90 7.20 -11.73
N GLU A 8 6.81 6.43 -11.67
CA GLU A 8 5.47 7.01 -11.79
C GLU A 8 5.06 7.70 -10.49
N LEU A 9 5.47 7.12 -9.36
CA LEU A 9 5.16 7.69 -8.06
C LEU A 9 5.57 9.15 -7.97
N LYS A 10 6.79 9.44 -8.41
CA LYS A 10 7.30 10.81 -8.40
C LYS A 10 6.62 11.66 -9.44
N SER A 11 6.32 11.05 -10.60
CA SER A 11 5.67 11.77 -11.68
C SER A 11 4.26 12.20 -11.28
N TYR A 12 3.60 11.37 -10.48
CA TYR A 12 2.25 11.67 -10.03
C TYR A 12 2.28 12.54 -8.77
N SER A 13 3.09 12.12 -7.79
CA SER A 13 3.20 12.85 -6.54
C SER A 13 3.74 14.26 -6.78
N VAL A 14 3.55 15.14 -5.79
CA VAL A 14 4.01 16.51 -5.90
C VAL A 14 5.16 16.78 -4.92
N PHE A 15 5.24 15.96 -3.88
CA PHE A 15 6.29 16.11 -2.87
C PHE A 15 7.67 15.94 -3.50
N GLU A 16 8.46 17.01 -3.47
CA GLU A 16 9.80 16.99 -4.04
C GLU A 16 10.66 15.92 -3.35
N SER A 17 10.28 15.57 -2.13
CA SER A 17 11.01 14.58 -1.35
C SER A 17 10.93 13.20 -2.02
N VAL A 18 9.75 12.88 -2.56
CA VAL A 18 9.54 11.60 -3.22
C VAL A 18 10.20 11.58 -4.59
N LYS A 19 10.24 12.74 -5.25
CA LYS A 19 10.85 12.85 -6.57
C LYS A 19 12.37 12.93 -6.46
N THR A 20 12.85 13.41 -5.31
CA THR A 20 14.28 13.55 -5.08
C THR A 20 14.93 12.19 -4.82
N ARG A 21 14.27 11.38 -4.01
CA ARG A 21 14.78 10.05 -3.67
C ARG A 21 15.04 9.24 -4.94
N PRO A 22 15.91 8.23 -4.82
CA PRO A 22 16.25 7.35 -5.94
C PRO A 22 15.10 6.44 -6.36
N ASP A 23 15.38 5.48 -7.22
CA ASP A 23 14.37 4.54 -7.70
C ASP A 23 14.42 3.25 -6.90
N GLU A 24 15.58 2.96 -6.32
CA GLU A 24 15.76 1.74 -5.54
C GLU A 24 15.04 1.86 -4.19
N LEU A 25 14.97 3.07 -3.67
CA LEU A 25 14.32 3.32 -2.39
C LEU A 25 12.82 3.60 -2.58
N LEU A 26 12.49 4.28 -3.68
CA LEU A 26 11.11 4.60 -3.99
C LEU A 26 10.25 3.34 -4.03
N LYS A 27 10.79 2.29 -4.64
CA LYS A 27 10.08 1.02 -4.76
C LYS A 27 9.91 0.36 -3.39
N GLN A 28 10.91 0.53 -2.54
CA GLN A 28 10.88 -0.05 -1.20
C GLN A 28 9.67 0.46 -0.42
N ASP A 29 9.51 1.78 -0.39
CA ASP A 29 8.39 2.38 0.32
C ASP A 29 7.05 1.95 -0.27
N ILE A 30 7.05 1.68 -1.57
CA ILE A 30 5.84 1.24 -2.26
C ILE A 30 5.42 -0.15 -1.80
N LEU A 31 6.38 -1.07 -1.74
CA LEU A 31 6.10 -2.44 -1.31
C LEU A 31 5.46 -2.46 0.08
N GLU A 32 5.77 -1.44 0.87
CA GLU A 32 5.22 -1.34 2.22
C GLU A 32 3.80 -0.80 2.20
N ALA A 33 3.47 -0.07 1.14
CA ALA A 33 2.14 0.51 0.99
C ALA A 33 1.11 -0.57 0.64
N THR A 34 1.49 -1.47 -0.25
CA THR A 34 0.60 -2.56 -0.67
C THR A 34 0.14 -3.37 0.54
N ALA A 35 0.90 -3.31 1.63
CA ALA A 35 0.57 -4.05 2.84
C ALA A 35 -0.71 -3.50 3.47
N ASP A 36 -0.96 -2.22 3.25
CA ASP A 36 -2.15 -1.58 3.80
C ASP A 36 -3.39 -1.94 3.00
N ILE A 37 -3.35 -1.68 1.70
CA ILE A 37 -4.47 -1.98 0.81
C ILE A 37 -4.83 -3.46 0.89
N ILE A 38 -3.84 -4.32 0.69
CA ILE A 38 -4.07 -5.76 0.73
C ILE A 38 -4.74 -6.17 2.04
N LEU A 39 -4.33 -5.54 3.13
CA LEU A 39 -4.90 -5.84 4.45
C LEU A 39 -6.37 -5.45 4.50
N LYS A 40 -6.77 -4.52 3.65
CA LYS A 40 -8.15 -4.06 3.60
C LYS A 40 -9.04 -5.10 2.93
N VAL A 41 -8.60 -5.61 1.79
CA VAL A 41 -9.36 -6.62 1.06
C VAL A 41 -9.19 -8.00 1.67
N GLY A 42 -8.10 -8.18 2.41
CA GLY A 42 -7.83 -9.45 3.05
C GLY A 42 -7.27 -10.47 2.08
N HIS A 43 -6.48 -10.01 1.12
CA HIS A 43 -5.88 -10.89 0.12
C HIS A 43 -4.92 -10.12 -0.78
N ASP A 44 -3.80 -10.74 -1.12
CA ASP A 44 -2.80 -10.11 -1.98
C ASP A 44 -2.94 -10.60 -3.42
N PHE A 45 -2.22 -9.96 -4.33
CA PHE A 45 -2.26 -10.33 -5.74
C PHE A 45 -1.03 -11.14 -6.13
N SER A 46 -0.75 -12.20 -5.36
CA SER A 46 0.40 -13.06 -5.63
C SER A 46 0.18 -13.88 -6.89
N ASP A 47 -1.00 -14.47 -7.01
CA ASP A 47 -1.34 -15.28 -8.18
C ASP A 47 -1.05 -14.53 -9.47
N ALA A 48 -0.18 -15.10 -10.30
CA ALA A 48 0.18 -14.48 -11.57
C ALA A 48 -1.01 -14.46 -12.52
N GLU A 49 -1.94 -15.39 -12.33
CA GLU A 49 -3.12 -15.47 -13.18
C GLU A 49 -4.27 -14.65 -12.61
N TYR A 50 -3.96 -13.88 -11.56
CA TYR A 50 -4.97 -13.04 -10.91
C TYR A 50 -4.33 -11.75 -10.39
N ILE A 51 -3.76 -10.97 -11.30
CA ILE A 51 -3.14 -9.70 -10.93
C ILE A 51 -3.88 -8.52 -11.54
N PRO A 52 -5.09 -8.27 -11.03
CA PRO A 52 -5.94 -7.16 -11.51
C PRO A 52 -5.37 -5.79 -11.12
N LEU A 53 -5.37 -4.87 -12.07
CA LEU A 53 -4.85 -3.53 -11.83
C LEU A 53 -5.77 -2.47 -12.45
N PRO A 54 -6.90 -2.22 -11.79
CA PRO A 54 -7.89 -1.23 -12.24
C PRO A 54 -7.39 0.19 -12.12
N GLU A 55 -8.29 1.16 -12.30
CA GLU A 55 -7.93 2.56 -12.20
C GLU A 55 -7.97 3.04 -10.76
N THR A 56 -8.76 2.35 -9.94
CA THR A 56 -8.89 2.69 -8.53
C THR A 56 -7.66 2.27 -7.73
N VAL A 57 -7.25 1.02 -7.90
CA VAL A 57 -6.09 0.49 -7.21
C VAL A 57 -4.85 1.32 -7.51
N ARG A 58 -4.63 1.60 -8.80
CA ARG A 58 -3.47 2.39 -9.22
C ARG A 58 -3.37 3.69 -8.42
N LEU A 59 -4.51 4.36 -8.27
CA LEU A 59 -4.54 5.62 -7.53
C LEU A 59 -4.41 5.38 -6.02
N ALA A 60 -5.16 4.40 -5.52
CA ALA A 60 -5.12 4.06 -4.10
C ALA A 60 -3.69 3.85 -3.64
N LEU A 61 -2.91 3.10 -4.41
CA LEU A 61 -1.53 2.81 -4.07
C LEU A 61 -0.66 4.05 -4.29
N LEU A 62 -0.89 4.74 -5.39
CA LEU A 62 -0.12 5.94 -5.72
C LEU A 62 -0.22 6.98 -4.59
N LYS A 63 -1.35 6.98 -3.90
CA LYS A 63 -1.57 7.91 -2.79
C LYS A 63 -0.75 7.50 -1.58
N LEU A 64 -0.77 6.21 -1.25
CA LEU A 64 -0.04 5.70 -0.11
C LEU A 64 1.46 5.74 -0.37
N SER A 65 1.84 5.55 -1.63
CA SER A 65 3.25 5.56 -2.02
C SER A 65 3.92 6.88 -1.61
N GLN A 66 3.20 7.98 -1.80
CA GLN A 66 3.72 9.30 -1.45
C GLN A 66 3.65 9.53 0.05
N PHE A 67 2.65 8.93 0.69
CA PHE A 67 2.46 9.08 2.13
C PHE A 67 3.71 8.64 2.88
N TYR A 68 4.18 7.44 2.59
CA TYR A 68 5.37 6.90 3.25
C TYR A 68 6.63 7.60 2.76
N ALA A 69 6.77 7.71 1.44
CA ALA A 69 7.93 8.37 0.85
C ALA A 69 8.12 9.77 1.43
N LEU A 70 7.02 10.38 1.84
CA LEU A 70 7.06 11.72 2.41
C LEU A 70 7.68 11.71 3.81
N ILE A 71 7.26 10.76 4.63
CA ILE A 71 7.77 10.63 5.98
C ILE A 71 8.87 9.58 6.06
N ASN A 72 9.54 9.36 4.92
CA ASN A 72 10.62 8.38 4.86
C ASN A 72 11.97 9.03 5.13
N GLY A 73 12.15 10.25 4.62
CA GLY A 73 13.39 10.96 4.82
C GLY A 73 13.18 12.45 5.04
N ASP A 74 12.09 12.79 5.73
CA ASP A 74 11.78 14.19 6.02
C ASP A 74 12.87 14.84 6.86
N GLU A 75 13.68 14.00 7.50
CA GLU A 75 14.76 14.49 8.35
C GLU A 75 14.23 15.46 9.39
N SER A 76 13.32 14.99 10.23
CA SER A 76 12.73 15.82 11.27
C SER A 76 11.71 15.03 12.09
N ILE A 77 11.00 14.12 11.43
CA ILE A 77 10.00 13.30 12.09
C ILE A 77 10.64 12.41 13.16
N ILE A 78 9.96 12.28 14.30
CA ILE A 78 10.45 11.45 15.39
C ILE A 78 9.58 10.23 15.60
N LYS A 79 9.95 9.13 14.96
CA LYS A 79 9.20 7.88 15.07
C LYS A 79 9.70 7.05 16.25
N GLY A 80 9.24 5.81 16.34
CA GLY A 80 9.65 4.94 17.42
C GLY A 80 11.11 4.56 17.34
N TYR A 81 11.39 3.26 17.35
CA TYR A 81 12.76 2.76 17.28
C TYR A 81 12.79 1.24 17.29
N THR A 82 13.96 0.68 17.59
CA THR A 82 14.12 -0.76 17.63
C THR A 82 14.06 -1.37 16.23
N THR A 83 14.09 -0.51 15.22
CA THR A 83 14.04 -0.96 13.84
C THR A 83 12.85 -1.89 13.61
N GLU A 84 12.80 -2.49 12.42
CA GLU A 84 11.72 -3.41 12.08
C GLU A 84 10.38 -2.67 12.03
N LYS A 85 10.44 -1.35 12.02
CA LYS A 85 9.23 -0.53 11.97
C LYS A 85 9.28 0.45 10.81
N ILE A 86 8.89 -0.02 9.63
CA ILE A 86 8.89 0.82 8.43
C ILE A 86 7.46 1.15 7.99
N GLY A 87 7.25 2.39 7.56
CA GLY A 87 5.94 2.80 7.11
C GLY A 87 4.86 2.50 8.13
N ASP A 88 5.22 2.53 9.39
CA ASP A 88 4.28 2.26 10.48
C ASP A 88 3.30 3.42 10.64
N TYR A 89 2.45 3.32 11.67
CA TYR A 89 1.46 4.37 11.93
C TYR A 89 1.94 5.29 13.05
N SER A 90 3.25 5.39 13.21
CA SER A 90 3.84 6.24 14.24
C SER A 90 4.87 7.19 13.64
N TYR A 91 4.39 8.23 12.96
CA TYR A 91 5.27 9.20 12.34
C TYR A 91 4.83 10.63 12.67
N THR A 92 5.32 11.15 13.79
CA THR A 92 4.97 12.49 14.23
C THR A 92 5.20 13.51 13.10
N LEU A 93 4.51 14.64 13.19
CA LEU A 93 4.63 15.68 12.19
C LEU A 93 5.16 16.97 12.81
N GLY A 94 5.08 17.07 14.14
CA GLY A 94 5.56 18.24 14.82
C GLY A 94 4.47 18.92 15.65
N ASP A 95 3.23 18.66 15.29
CA ASP A 95 2.09 19.25 16.00
C ASP A 95 1.39 18.19 16.86
N GLY A 96 1.96 17.00 16.89
CA GLY A 96 1.37 15.93 17.68
C GLY A 96 0.59 14.95 16.83
N SER A 97 0.69 15.10 15.51
CA SER A 97 -0.03 14.22 14.59
C SER A 97 0.92 13.21 13.96
N SER A 98 0.45 11.98 13.83
CA SER A 98 1.26 10.91 13.25
C SER A 98 0.99 10.76 11.75
N LEU A 99 0.46 11.83 11.16
CA LEU A 99 0.16 11.83 9.73
C LEU A 99 -0.74 10.64 9.37
N GLN A 100 -2.04 10.89 9.35
CA GLN A 100 -3.01 9.84 9.01
C GLN A 100 -2.87 9.42 7.55
N LYS A 101 -3.07 8.14 7.28
CA LYS A 101 -2.97 7.61 5.93
C LYS A 101 -4.11 8.14 5.05
N PRO A 102 -3.92 8.07 3.73
CA PRO A 102 -4.92 8.53 2.76
C PRO A 102 -6.15 7.64 2.73
N ASP A 103 -7.33 8.25 2.58
CA ASP A 103 -8.58 7.51 2.53
C ASP A 103 -8.75 6.83 1.19
N VAL A 104 -7.95 5.78 0.95
CA VAL A 104 -8.01 5.03 -0.30
C VAL A 104 -8.88 3.79 -0.15
N TYR A 105 -9.73 3.79 0.86
CA TYR A 105 -10.63 2.66 1.12
C TYR A 105 -11.72 2.59 0.07
N ALA A 106 -12.40 3.71 -0.15
CA ALA A 106 -13.47 3.78 -1.12
C ALA A 106 -12.97 3.43 -2.52
N LEU A 107 -11.67 3.63 -2.75
CA LEU A 107 -11.07 3.33 -4.04
C LEU A 107 -10.98 1.83 -4.27
N ILE A 108 -10.41 1.11 -3.31
CA ILE A 108 -10.27 -0.33 -3.42
C ILE A 108 -11.58 -1.03 -3.05
N LYS A 109 -12.56 -0.25 -2.61
CA LYS A 109 -13.85 -0.79 -2.23
C LYS A 109 -14.46 -1.61 -3.37
N ASP A 110 -14.04 -1.30 -4.60
CA ASP A 110 -14.54 -2.01 -5.78
C ASP A 110 -14.14 -3.48 -5.74
N TYR A 111 -13.05 -3.76 -5.03
CA TYR A 111 -12.55 -5.14 -4.91
C TYR A 111 -12.70 -5.65 -3.48
N VAL A 112 -12.68 -4.73 -2.53
CA VAL A 112 -12.80 -5.08 -1.12
C VAL A 112 -14.02 -5.98 -0.89
N LYS A 113 -13.77 -7.19 -0.41
CA LYS A 113 -14.84 -8.15 -0.13
C LYS A 113 -15.96 -7.49 0.68
N PRO A 114 -17.09 -7.25 0.02
CA PRO A 114 -18.26 -6.63 0.66
C PRO A 114 -18.93 -7.56 1.67
N ALA A 115 -19.83 -7.01 2.48
CA ALA A 115 -20.54 -7.78 3.49
C ALA A 115 -21.93 -7.22 3.73
N ASP A 116 -22.71 -7.07 2.67
CA ASP A 116 -24.06 -6.54 2.77
C ASP A 116 -25.09 -7.53 2.24
N PRO A 117 -26.33 -7.43 2.74
CA PRO A 117 -27.42 -8.31 2.31
C PRO A 117 -27.86 -8.06 0.88
N ASP A 118 -29.04 -8.57 0.53
CA ASP A 118 -29.57 -8.39 -0.82
C ASP A 118 -30.37 -7.09 -0.92
N LEU A 119 -30.15 -6.19 0.04
CA LEU A 119 -30.85 -4.91 0.06
C LEU A 119 -30.66 -4.17 -1.27
N GLU A 120 -29.56 -4.45 -1.96
CA GLU A 120 -29.27 -3.81 -3.23
C GLU A 120 -30.37 -4.11 -4.25
N GLY A 121 -30.12 -3.74 -5.50
CA GLY A 121 -31.09 -3.97 -6.55
C GLY A 121 -31.39 -5.44 -6.76
N ILE A 122 -32.58 -5.87 -6.34
CA ILE A 122 -32.98 -7.27 -6.47
C ILE A 122 -34.38 -7.38 -7.06
N GLU A 123 -34.59 -8.40 -7.89
CA GLU A 123 -35.89 -8.61 -8.52
C GLU A 123 -36.25 -7.44 -9.42
N ALA A 124 -35.26 -6.64 -9.78
CA ALA A 124 -35.47 -5.49 -10.64
C ALA A 124 -35.14 -5.82 -12.10
N LYS A 125 -34.07 -6.59 -12.29
CA LYS A 125 -33.64 -6.98 -13.63
C LYS A 125 -34.41 -8.21 -14.11
N VAL A 126 -34.65 -9.14 -13.20
CA VAL A 126 -35.38 -10.36 -13.52
C VAL A 126 -36.79 -10.05 -14.01
N ARG A 127 -37.40 -9.03 -13.40
CA ARG A 127 -38.75 -8.62 -13.77
C ARG A 127 -38.79 -8.06 -15.18
N MET A 128 -37.67 -7.48 -15.61
CA MET A 128 -37.57 -6.90 -16.95
C MET A 128 -37.21 -7.97 -17.97
N ARG A 129 -36.15 -8.72 -17.70
CA ARG A 129 -35.70 -9.77 -18.61
C ARG A 129 -36.78 -10.84 -18.77
N SER A 130 -37.62 -10.98 -17.76
CA SER A 130 -38.69 -11.97 -17.80
C SER A 130 -40.06 -11.29 -17.80
N ILE A 131 -40.23 -10.34 -18.69
CA ILE A 131 -41.50 -9.61 -18.80
C ILE A 131 -42.29 -10.07 -20.02
N LEU A 132 -43.61 -9.98 -19.92
CA LEU A 132 -44.49 -10.38 -21.02
C LEU A 132 -44.84 -9.19 -21.91
N GLU A 133 -45.71 -8.32 -21.41
CA GLU A 133 -46.12 -7.14 -22.16
C GLU A 133 -46.83 -6.14 -21.26
N HIS A 134 -47.80 -6.63 -20.48
CA HIS A 134 -48.55 -5.78 -19.58
C HIS A 134 -49.23 -4.65 -20.33
N HIS A 135 -50.28 -4.99 -21.09
CA HIS A 135 -51.02 -4.01 -21.85
C HIS A 135 -52.46 -3.88 -21.34
N HIS A 136 -53.06 -5.02 -20.99
CA HIS A 136 -54.43 -5.04 -20.48
C HIS A 136 -54.53 -5.89 -19.23
N HIS A 137 -53.53 -5.77 -18.35
CA HIS A 137 -53.51 -6.53 -17.10
C HIS A 137 -54.02 -5.68 -15.94
N HIS A 138 -55.30 -5.30 -15.99
CA HIS A 138 -55.90 -4.50 -14.94
C HIS A 138 -57.12 -5.20 -14.35
N HIS A 139 -57.08 -5.44 -13.05
CA HIS A 139 -58.18 -6.12 -12.36
C HIS A 139 -58.28 -5.63 -10.92
N MET A 1 3.88 -8.09 -4.56
CA MET A 1 4.92 -7.07 -4.56
C MET A 1 4.60 -5.97 -5.56
N LEU A 2 3.32 -5.77 -5.83
CA LEU A 2 2.88 -4.75 -6.77
C LEU A 2 3.50 -4.96 -8.15
N LEU A 3 3.17 -4.09 -9.09
CA LEU A 3 3.70 -4.18 -10.44
C LEU A 3 3.86 -2.80 -11.07
N ILE A 4 3.96 -1.78 -10.22
CA ILE A 4 4.11 -0.41 -10.68
C ILE A 4 5.57 0.02 -10.66
N THR A 5 5.86 1.19 -11.22
CA THR A 5 7.21 1.72 -11.26
C THR A 5 7.38 2.91 -10.32
N PRO A 6 8.54 3.01 -9.68
CA PRO A 6 8.85 4.10 -8.75
C PRO A 6 9.01 5.44 -9.46
N ASP A 7 9.11 5.40 -10.78
CA ASP A 7 9.27 6.60 -11.58
C ASP A 7 7.93 7.32 -11.74
N GLU A 8 6.85 6.56 -11.75
CA GLU A 8 5.51 7.12 -11.91
C GLU A 8 5.06 7.81 -10.63
N LEU A 9 5.53 7.32 -9.50
CA LEU A 9 5.18 7.89 -8.20
C LEU A 9 5.57 9.36 -8.14
N LYS A 10 6.79 9.67 -8.56
CA LYS A 10 7.29 11.04 -8.55
C LYS A 10 6.60 11.87 -9.63
N SER A 11 6.34 11.25 -10.78
CA SER A 11 5.68 11.94 -11.89
C SER A 11 4.23 12.30 -11.52
N TYR A 12 3.61 11.44 -10.73
CA TYR A 12 2.23 11.67 -10.31
C TYR A 12 2.17 12.55 -9.07
N SER A 13 2.97 12.20 -8.06
CA SER A 13 3.00 12.95 -6.82
C SER A 13 3.76 14.27 -7.01
N VAL A 14 3.26 15.33 -6.39
CA VAL A 14 3.90 16.64 -6.49
C VAL A 14 4.86 16.87 -5.32
N PHE A 15 5.25 15.79 -4.66
CA PHE A 15 6.17 15.87 -3.53
C PHE A 15 7.61 15.94 -4.00
N GLU A 16 8.23 17.11 -3.83
CA GLU A 16 9.61 17.31 -4.25
C GLU A 16 10.54 16.34 -3.52
N SER A 17 10.11 15.87 -2.36
CA SER A 17 10.91 14.94 -1.56
C SER A 17 10.84 13.54 -2.15
N VAL A 18 9.67 13.17 -2.64
CA VAL A 18 9.47 11.85 -3.23
C VAL A 18 10.13 11.76 -4.60
N LYS A 19 10.17 12.87 -5.31
CA LYS A 19 10.77 12.92 -6.65
C LYS A 19 12.29 13.10 -6.55
N THR A 20 12.78 13.19 -5.32
CA THR A 20 14.22 13.36 -5.09
C THR A 20 14.84 12.08 -4.54
N ARG A 21 14.01 11.07 -4.33
CA ARG A 21 14.49 9.79 -3.80
C ARG A 21 14.94 8.88 -4.93
N PRO A 22 15.86 7.95 -4.61
CA PRO A 22 16.41 7.00 -5.58
C PRO A 22 15.38 5.97 -6.02
N ASP A 23 15.84 4.96 -6.74
CA ASP A 23 14.96 3.90 -7.22
C ASP A 23 14.79 2.81 -6.16
N GLU A 24 15.79 2.65 -5.32
CA GLU A 24 15.75 1.65 -4.26
C GLU A 24 14.79 2.07 -3.14
N LEU A 25 14.87 3.35 -2.77
CA LEU A 25 14.01 3.88 -1.72
C LEU A 25 12.55 3.90 -2.15
N LEU A 26 12.28 4.55 -3.29
CA LEU A 26 10.92 4.64 -3.82
C LEU A 26 10.27 3.27 -3.87
N LYS A 27 11.06 2.25 -4.20
CA LYS A 27 10.57 0.88 -4.27
C LYS A 27 10.03 0.42 -2.92
N GLN A 28 10.83 0.63 -1.88
CA GLN A 28 10.43 0.23 -0.53
C GLN A 28 9.07 0.83 -0.16
N ASP A 29 8.91 2.12 -0.46
CA ASP A 29 7.67 2.81 -0.14
C ASP A 29 6.50 2.22 -0.94
N ILE A 30 6.79 1.78 -2.15
CA ILE A 30 5.77 1.19 -3.01
C ILE A 30 5.35 -0.19 -2.51
N LEU A 31 6.33 -0.99 -2.09
CA LEU A 31 6.06 -2.32 -1.58
C LEU A 31 5.46 -2.26 -0.19
N GLU A 32 5.79 -1.21 0.55
CA GLU A 32 5.29 -1.02 1.91
C GLU A 32 3.87 -0.47 1.89
N ALA A 33 3.53 0.21 0.80
CA ALA A 33 2.19 0.79 0.66
C ALA A 33 1.15 -0.29 0.37
N THR A 34 1.51 -1.23 -0.50
CA THR A 34 0.60 -2.30 -0.86
C THR A 34 0.15 -3.08 0.37
N ALA A 35 0.94 -3.00 1.43
CA ALA A 35 0.61 -3.69 2.68
C ALA A 35 -0.64 -3.11 3.32
N ASP A 36 -0.88 -1.82 3.07
CA ASP A 36 -2.05 -1.14 3.63
C ASP A 36 -3.32 -1.53 2.88
N ILE A 37 -3.27 -1.38 1.56
CA ILE A 37 -4.42 -1.71 0.71
C ILE A 37 -4.84 -3.17 0.91
N ILE A 38 -3.90 -4.08 0.74
CA ILE A 38 -4.18 -5.51 0.90
C ILE A 38 -4.77 -5.79 2.28
N LEU A 39 -4.32 -5.05 3.27
CA LEU A 39 -4.81 -5.22 4.65
C LEU A 39 -6.28 -4.83 4.75
N LYS A 40 -6.73 -3.98 3.82
CA LYS A 40 -8.12 -3.53 3.81
C LYS A 40 -9.02 -4.54 3.10
N VAL A 41 -8.56 -4.98 1.93
CA VAL A 41 -9.33 -5.96 1.14
C VAL A 41 -9.28 -7.34 1.78
N GLY A 42 -8.20 -7.61 2.52
CA GLY A 42 -8.06 -8.90 3.18
C GLY A 42 -7.59 -9.98 2.23
N HIS A 43 -6.75 -9.60 1.27
CA HIS A 43 -6.22 -10.56 0.29
C HIS A 43 -5.18 -9.90 -0.60
N ASP A 44 -4.07 -10.60 -0.82
CA ASP A 44 -2.99 -10.08 -1.65
C ASP A 44 -3.09 -10.65 -3.07
N PHE A 45 -2.41 -9.99 -4.01
CA PHE A 45 -2.42 -10.42 -5.40
C PHE A 45 -1.14 -11.19 -5.73
N SER A 46 -0.97 -12.35 -5.11
CA SER A 46 0.21 -13.18 -5.35
C SER A 46 0.16 -13.82 -6.73
N ASP A 47 -0.94 -14.51 -7.01
CA ASP A 47 -1.11 -15.18 -8.30
C ASP A 47 -0.86 -14.21 -9.45
N ALA A 48 0.17 -14.48 -10.23
CA ALA A 48 0.52 -13.63 -11.37
C ALA A 48 -0.63 -13.56 -12.37
N GLU A 49 -1.54 -14.52 -12.28
CA GLU A 49 -2.69 -14.56 -13.19
C GLU A 49 -3.90 -13.90 -12.54
N TYR A 50 -3.65 -13.00 -11.60
CA TYR A 50 -4.73 -12.30 -10.90
C TYR A 50 -4.21 -11.05 -10.22
N ILE A 51 -3.55 -10.19 -10.99
CA ILE A 51 -3.00 -8.95 -10.47
C ILE A 51 -3.53 -7.74 -11.24
N PRO A 52 -4.83 -7.46 -11.09
CA PRO A 52 -5.48 -6.34 -11.77
C PRO A 52 -5.04 -4.99 -11.21
N LEU A 53 -4.78 -4.04 -12.10
CA LEU A 53 -4.35 -2.70 -11.69
C LEU A 53 -5.27 -1.64 -12.27
N PRO A 54 -6.52 -1.60 -11.79
CA PRO A 54 -7.52 -0.63 -12.25
C PRO A 54 -7.20 0.79 -11.79
N GLU A 55 -7.97 1.75 -12.28
CA GLU A 55 -7.76 3.15 -11.92
C GLU A 55 -7.90 3.35 -10.42
N THR A 56 -8.66 2.47 -9.78
CA THR A 56 -8.86 2.54 -8.33
C THR A 56 -7.62 2.07 -7.57
N VAL A 57 -7.12 0.90 -7.94
CA VAL A 57 -5.95 0.34 -7.29
C VAL A 57 -4.71 1.18 -7.59
N ARG A 58 -4.43 1.39 -8.87
CA ARG A 58 -3.27 2.18 -9.28
C ARG A 58 -3.25 3.51 -8.56
N LEU A 59 -4.41 4.13 -8.40
CA LEU A 59 -4.52 5.41 -7.72
C LEU A 59 -4.32 5.26 -6.22
N ALA A 60 -5.06 4.33 -5.62
CA ALA A 60 -4.95 4.08 -4.19
C ALA A 60 -3.51 3.87 -3.77
N LEU A 61 -2.77 3.09 -4.57
CA LEU A 61 -1.37 2.81 -4.27
C LEU A 61 -0.51 4.03 -4.53
N LEU A 62 -0.78 4.72 -5.63
CA LEU A 62 -0.02 5.92 -5.99
C LEU A 62 -0.07 6.96 -4.88
N LYS A 63 -1.24 7.06 -4.24
CA LYS A 63 -1.43 8.01 -3.15
C LYS A 63 -0.70 7.56 -1.89
N LEU A 64 -0.76 6.25 -1.62
CA LEU A 64 -0.11 5.68 -0.45
C LEU A 64 1.41 5.74 -0.59
N SER A 65 1.89 5.59 -1.81
CA SER A 65 3.33 5.63 -2.07
C SER A 65 3.94 6.95 -1.59
N GLN A 66 3.24 8.05 -1.87
CA GLN A 66 3.71 9.37 -1.47
C GLN A 66 3.69 9.51 0.06
N PHE A 67 2.64 8.99 0.68
CA PHE A 67 2.50 9.06 2.14
C PHE A 67 3.73 8.47 2.82
N TYR A 68 4.03 7.22 2.51
CA TYR A 68 5.17 6.53 3.10
C TYR A 68 6.48 7.19 2.69
N ALA A 69 6.63 7.42 1.38
CA ALA A 69 7.83 8.06 0.86
C ALA A 69 8.13 9.38 1.57
N LEU A 70 7.06 10.10 1.91
CA LEU A 70 7.20 11.37 2.60
C LEU A 70 7.79 11.19 4.00
N ILE A 71 7.25 10.23 4.73
CA ILE A 71 7.73 9.94 6.08
C ILE A 71 8.74 8.80 6.08
N ASN A 72 9.42 8.63 4.94
CA ASN A 72 10.42 7.58 4.80
C ASN A 72 11.82 8.13 5.00
N GLY A 73 11.98 9.43 4.73
CA GLY A 73 13.28 10.06 4.87
C GLY A 73 13.21 11.58 4.76
N ASP A 74 12.34 12.18 5.57
CA ASP A 74 12.17 13.63 5.56
C ASP A 74 13.06 14.29 6.60
N GLU A 75 13.42 15.55 6.37
CA GLU A 75 14.27 16.29 7.29
C GLU A 75 13.42 17.07 8.30
N SER A 76 12.39 16.42 8.84
CA SER A 76 11.52 17.04 9.81
C SER A 76 10.63 16.00 10.50
N ILE A 77 11.13 14.78 10.59
CA ILE A 77 10.40 13.69 11.22
C ILE A 77 11.33 12.75 11.97
N ILE A 78 10.81 12.14 13.03
CA ILE A 78 11.60 11.21 13.83
C ILE A 78 10.90 9.86 13.96
N LYS A 79 11.61 8.80 13.59
CA LYS A 79 11.06 7.45 13.66
C LYS A 79 11.11 6.91 15.08
N GLY A 80 10.10 7.25 15.88
CA GLY A 80 10.05 6.78 17.26
C GLY A 80 11.17 7.38 18.10
N TYR A 81 12.30 6.69 18.15
CA TYR A 81 13.44 7.16 18.94
C TYR A 81 14.73 6.54 18.44
N THR A 82 14.71 5.22 18.26
CA THR A 82 15.90 4.50 17.78
C THR A 82 15.53 3.09 17.32
N THR A 83 14.29 2.93 16.88
CA THR A 83 13.81 1.63 16.42
C THR A 83 13.72 1.59 14.89
N GLU A 84 13.93 0.41 14.32
CA GLU A 84 13.88 0.24 12.87
C GLU A 84 12.50 0.60 12.33
N LYS A 85 12.25 0.23 11.08
CA LYS A 85 10.97 0.50 10.45
C LYS A 85 9.88 -0.42 10.98
N ILE A 86 9.02 0.11 11.85
CA ILE A 86 7.94 -0.67 12.43
C ILE A 86 6.59 -0.18 11.93
N GLY A 87 6.57 0.98 11.30
CA GLY A 87 5.34 1.53 10.79
C GLY A 87 4.37 1.92 11.88
N ASP A 88 4.88 2.05 13.10
CA ASP A 88 4.06 2.41 14.25
C ASP A 88 4.87 3.13 15.31
N TYR A 89 4.23 4.02 16.05
CA TYR A 89 4.90 4.79 17.10
C TYR A 89 6.03 5.62 16.51
N SER A 90 5.98 5.85 15.20
CA SER A 90 7.00 6.64 14.52
C SER A 90 6.37 7.63 13.55
N TYR A 91 7.20 8.24 12.72
CA TYR A 91 6.72 9.21 11.74
C TYR A 91 6.08 10.41 12.43
N THR A 92 6.50 10.67 13.66
CA THR A 92 5.98 11.79 14.44
C THR A 92 6.48 13.12 13.90
N LEU A 93 5.68 13.74 13.03
CA LEU A 93 6.04 15.02 12.44
C LEU A 93 6.43 16.03 13.52
N GLY A 94 7.21 17.03 13.13
CA GLY A 94 7.63 18.05 14.08
C GLY A 94 6.46 18.83 14.65
N ASP A 95 5.31 18.73 13.99
CA ASP A 95 4.12 19.44 14.44
C ASP A 95 3.26 18.55 15.33
N GLY A 96 3.88 17.52 15.90
CA GLY A 96 3.15 16.60 16.76
C GLY A 96 1.89 16.07 16.12
N SER A 97 1.88 15.99 14.80
CA SER A 97 0.73 15.51 14.06
C SER A 97 0.94 14.09 13.57
N SER A 98 0.11 13.17 14.04
CA SER A 98 0.23 11.76 13.66
C SER A 98 -0.22 11.55 12.22
N LEU A 99 0.71 11.76 11.29
CA LEU A 99 0.43 11.60 9.87
C LEU A 99 -0.22 10.24 9.59
N GLN A 100 -1.53 10.25 9.39
CA GLN A 100 -2.27 9.02 9.11
C GLN A 100 -2.35 8.76 7.61
N LYS A 101 -2.34 7.48 7.24
CA LYS A 101 -2.42 7.09 5.84
C LYS A 101 -3.65 7.70 5.17
N PRO A 102 -3.62 7.77 3.83
CA PRO A 102 -4.72 8.33 3.05
C PRO A 102 -5.96 7.45 3.06
N ASP A 103 -7.09 8.01 2.65
CA ASP A 103 -8.35 7.27 2.63
C ASP A 103 -8.57 6.63 1.26
N VAL A 104 -8.07 5.41 1.09
CA VAL A 104 -8.21 4.69 -0.18
C VAL A 104 -9.10 3.47 0.00
N TYR A 105 -9.96 3.49 1.02
CA TYR A 105 -10.86 2.38 1.29
C TYR A 105 -11.95 2.29 0.23
N ALA A 106 -12.57 3.43 -0.07
CA ALA A 106 -13.63 3.49 -1.06
C ALA A 106 -13.11 3.11 -2.45
N LEU A 107 -11.81 3.30 -2.66
CA LEU A 107 -11.18 2.98 -3.94
C LEU A 107 -11.21 1.48 -4.19
N ILE A 108 -10.70 0.71 -3.23
CA ILE A 108 -10.67 -0.74 -3.35
C ILE A 108 -11.96 -1.36 -2.82
N LYS A 109 -12.94 -0.53 -2.53
CA LYS A 109 -14.23 -1.00 -2.02
C LYS A 109 -14.85 -2.01 -2.98
N ASP A 110 -14.46 -1.94 -4.24
CA ASP A 110 -14.97 -2.85 -5.25
C ASP A 110 -14.22 -4.17 -5.23
N TYR A 111 -12.96 -4.13 -4.79
CA TYR A 111 -12.13 -5.32 -4.73
C TYR A 111 -11.85 -5.71 -3.28
N VAL A 112 -12.89 -5.68 -2.46
CA VAL A 112 -12.77 -6.04 -1.04
C VAL A 112 -13.49 -7.34 -0.74
N LYS A 113 -12.73 -8.43 -0.67
CA LYS A 113 -13.30 -9.75 -0.38
C LYS A 113 -14.47 -10.04 -1.30
N PRO A 114 -14.16 -10.51 -2.53
CA PRO A 114 -15.17 -10.85 -3.53
C PRO A 114 -15.97 -12.09 -3.16
N ALA A 115 -16.83 -12.53 -4.07
CA ALA A 115 -17.64 -13.71 -3.84
C ALA A 115 -16.82 -14.99 -4.01
N ASP A 116 -15.78 -15.14 -3.21
CA ASP A 116 -14.91 -16.31 -3.27
C ASP A 116 -14.76 -16.95 -1.90
N PRO A 117 -15.71 -17.84 -1.55
CA PRO A 117 -15.70 -18.53 -0.26
C PRO A 117 -14.57 -19.56 -0.17
N ASP A 118 -14.68 -20.46 0.79
CA ASP A 118 -13.66 -21.49 1.00
C ASP A 118 -13.78 -22.58 -0.05
N LEU A 119 -13.76 -22.18 -1.33
CA LEU A 119 -13.85 -23.12 -2.43
C LEU A 119 -12.51 -23.30 -3.11
N GLU A 120 -11.59 -22.37 -2.88
CA GLU A 120 -10.26 -22.43 -3.47
C GLU A 120 -9.52 -23.69 -3.02
N GLY A 121 -8.23 -23.74 -3.32
CA GLY A 121 -7.43 -24.89 -2.93
C GLY A 121 -7.07 -24.88 -1.46
N ILE A 122 -8.09 -24.88 -0.60
CA ILE A 122 -7.87 -24.88 0.84
C ILE A 122 -7.52 -26.27 1.35
N GLU A 123 -6.64 -26.32 2.34
CA GLU A 123 -6.23 -27.60 2.92
C GLU A 123 -5.51 -28.46 1.88
N ALA A 124 -5.08 -27.83 0.80
CA ALA A 124 -4.37 -28.53 -0.27
C ALA A 124 -2.87 -28.39 -0.12
N LYS A 125 -2.41 -27.15 0.08
CA LYS A 125 -0.99 -26.88 0.24
C LYS A 125 -0.49 -27.34 1.61
N VAL A 126 -1.37 -27.25 2.60
CA VAL A 126 -1.02 -27.66 3.96
C VAL A 126 -0.45 -29.07 3.99
N ARG A 127 -1.08 -29.97 3.23
CA ARG A 127 -0.63 -31.36 3.17
C ARG A 127 0.75 -31.45 2.52
N MET A 128 1.06 -30.52 1.63
CA MET A 128 2.34 -30.49 0.95
C MET A 128 3.42 -29.91 1.85
N ARG A 129 3.19 -28.69 2.34
CA ARG A 129 4.15 -28.03 3.21
C ARG A 129 4.38 -28.83 4.49
N SER A 130 3.37 -29.61 4.87
CA SER A 130 3.46 -30.43 6.07
C SER A 130 3.59 -31.91 5.72
N ILE A 131 4.57 -32.23 4.88
CA ILE A 131 4.81 -33.60 4.46
C ILE A 131 6.14 -34.11 4.98
N LEU A 132 6.21 -35.42 5.21
CA LEU A 132 7.44 -36.04 5.71
C LEU A 132 8.64 -35.64 4.86
N GLU A 133 8.73 -36.24 3.67
CA GLU A 133 9.82 -35.94 2.75
C GLU A 133 11.17 -36.11 3.45
N HIS A 134 11.31 -37.20 4.20
CA HIS A 134 12.55 -37.48 4.91
C HIS A 134 13.75 -37.42 3.97
N HIS A 135 14.75 -36.64 4.36
CA HIS A 135 15.96 -36.48 3.55
C HIS A 135 17.05 -35.75 4.32
N HIS A 136 16.71 -34.56 4.81
CA HIS A 136 17.66 -33.75 5.58
C HIS A 136 17.86 -34.33 6.97
N HIS A 137 19.01 -34.96 7.18
CA HIS A 137 19.32 -35.56 8.49
C HIS A 137 20.74 -36.12 8.50
N HIS A 138 21.71 -35.24 8.69
CA HIS A 138 23.11 -35.64 8.73
C HIS A 138 23.93 -34.72 9.63
N HIS A 139 25.24 -34.94 9.67
CA HIS A 139 26.12 -34.12 10.48
C HIS A 139 26.08 -32.66 10.05
N MET A 1 4.54 -8.14 -4.78
CA MET A 1 5.46 -7.01 -4.80
C MET A 1 4.96 -5.92 -5.74
N LEU A 2 3.64 -5.84 -5.89
CA LEU A 2 3.02 -4.84 -6.76
C LEU A 2 3.51 -5.00 -8.20
N LEU A 3 3.02 -4.13 -9.09
CA LEU A 3 3.40 -4.17 -10.49
C LEU A 3 3.49 -2.77 -11.08
N ILE A 4 3.67 -1.79 -10.20
CA ILE A 4 3.77 -0.40 -10.64
C ILE A 4 5.22 0.06 -10.70
N THR A 5 5.43 1.28 -11.18
CA THR A 5 6.78 1.83 -11.29
C THR A 5 6.96 3.04 -10.38
N PRO A 6 8.17 3.17 -9.80
CA PRO A 6 8.50 4.28 -8.90
C PRO A 6 8.59 5.62 -9.63
N ASP A 7 8.57 5.56 -10.96
CA ASP A 7 8.64 6.77 -11.78
C ASP A 7 7.29 7.47 -11.84
N GLU A 8 6.22 6.69 -11.75
CA GLU A 8 4.87 7.23 -11.80
C GLU A 8 4.51 7.92 -10.49
N LEU A 9 5.01 7.38 -9.38
CA LEU A 9 4.75 7.94 -8.06
C LEU A 9 5.13 9.42 -8.02
N LYS A 10 6.33 9.73 -8.50
CA LYS A 10 6.82 11.10 -8.52
C LYS A 10 6.05 11.95 -9.53
N SER A 11 5.71 11.34 -10.66
CA SER A 11 4.98 12.03 -11.72
C SER A 11 3.62 12.49 -11.21
N TYR A 12 3.09 11.78 -10.22
CA TYR A 12 1.79 12.11 -9.64
C TYR A 12 1.96 12.88 -8.33
N SER A 13 3.09 12.68 -7.68
CA SER A 13 3.37 13.35 -6.41
C SER A 13 3.94 14.75 -6.65
N VAL A 14 3.80 15.61 -5.64
CA VAL A 14 4.30 16.98 -5.73
C VAL A 14 5.23 17.31 -4.58
N PHE A 15 5.83 16.28 -4.00
CA PHE A 15 6.75 16.45 -2.88
C PHE A 15 8.17 16.12 -3.28
N GLU A 16 9.11 17.02 -2.96
CA GLU A 16 10.51 16.81 -3.29
C GLU A 16 11.10 15.67 -2.46
N SER A 17 10.40 15.28 -1.41
CA SER A 17 10.87 14.22 -0.54
C SER A 17 10.85 12.88 -1.27
N VAL A 18 9.76 12.61 -1.99
CA VAL A 18 9.63 11.37 -2.73
C VAL A 18 10.44 11.42 -4.02
N LYS A 19 10.58 12.60 -4.59
CA LYS A 19 11.33 12.79 -5.83
C LYS A 19 12.83 12.54 -5.59
N THR A 20 13.32 13.01 -4.46
CA THR A 20 14.73 12.85 -4.11
C THR A 20 15.09 11.37 -3.97
N ARG A 21 14.07 10.52 -3.85
CA ARG A 21 14.27 9.09 -3.71
C ARG A 21 14.37 8.42 -5.07
N PRO A 22 15.46 7.66 -5.28
CA PRO A 22 15.70 6.95 -6.54
C PRO A 22 14.73 5.79 -6.75
N ASP A 23 15.00 4.97 -7.75
CA ASP A 23 14.16 3.82 -8.05
C ASP A 23 14.38 2.69 -7.05
N GLU A 24 15.58 2.65 -6.47
CA GLU A 24 15.93 1.64 -5.50
C GLU A 24 15.22 1.87 -4.17
N LEU A 25 15.17 3.13 -3.75
CA LEU A 25 14.51 3.49 -2.50
C LEU A 25 12.99 3.49 -2.65
N LEU A 26 12.51 4.19 -3.68
CA LEU A 26 11.07 4.27 -3.95
C LEU A 26 10.45 2.88 -3.95
N LYS A 27 11.11 1.93 -4.61
CA LYS A 27 10.62 0.56 -4.68
C LYS A 27 10.34 0.01 -3.28
N GLN A 28 11.29 0.17 -2.38
CA GLN A 28 11.13 -0.31 -1.02
C GLN A 28 9.87 0.25 -0.37
N ASP A 29 9.63 1.54 -0.58
CA ASP A 29 8.45 2.20 -0.03
C ASP A 29 7.18 1.70 -0.72
N ILE A 30 7.25 1.55 -2.03
CA ILE A 30 6.11 1.08 -2.81
C ILE A 30 5.64 -0.29 -2.33
N LEU A 31 6.59 -1.13 -1.96
CA LEU A 31 6.28 -2.47 -1.48
C LEU A 31 5.66 -2.43 -0.08
N GLU A 32 6.02 -1.39 0.68
CA GLU A 32 5.50 -1.23 2.03
C GLU A 32 4.08 -0.65 2.00
N ALA A 33 3.77 0.07 0.93
CA ALA A 33 2.45 0.68 0.78
C ALA A 33 1.39 -0.37 0.46
N THR A 34 1.73 -1.31 -0.42
CA THR A 34 0.80 -2.37 -0.80
C THR A 34 0.34 -3.16 0.41
N ALA A 35 1.13 -3.12 1.48
CA ALA A 35 0.79 -3.82 2.72
C ALA A 35 -0.45 -3.23 3.37
N ASP A 36 -0.67 -1.93 3.15
CA ASP A 36 -1.81 -1.24 3.72
C ASP A 36 -3.08 -1.58 2.95
N ILE A 37 -3.05 -1.40 1.64
CA ILE A 37 -4.19 -1.69 0.79
C ILE A 37 -4.65 -3.13 0.95
N ILE A 38 -3.72 -4.06 0.78
CA ILE A 38 -4.03 -5.48 0.90
C ILE A 38 -4.61 -5.80 2.28
N LEU A 39 -4.14 -5.08 3.30
CA LEU A 39 -4.61 -5.28 4.66
C LEU A 39 -6.08 -4.91 4.79
N LYS A 40 -6.55 -4.06 3.87
CA LYS A 40 -7.94 -3.63 3.88
C LYS A 40 -8.84 -4.66 3.21
N VAL A 41 -8.41 -5.14 2.04
CA VAL A 41 -9.18 -6.12 1.29
C VAL A 41 -9.07 -7.50 1.94
N GLY A 42 -7.99 -7.71 2.69
CA GLY A 42 -7.80 -8.98 3.36
C GLY A 42 -7.36 -10.08 2.41
N HIS A 43 -6.53 -9.72 1.43
CA HIS A 43 -6.04 -10.68 0.45
C HIS A 43 -5.01 -10.03 -0.47
N ASP A 44 -3.97 -10.79 -0.81
CA ASP A 44 -2.92 -10.30 -1.69
C ASP A 44 -3.04 -10.91 -3.08
N PHE A 45 -2.41 -10.26 -4.06
CA PHE A 45 -2.44 -10.73 -5.44
C PHE A 45 -1.16 -11.48 -5.78
N SER A 46 -1.00 -12.68 -5.21
CA SER A 46 0.18 -13.48 -5.45
C SER A 46 0.10 -14.16 -6.82
N ASP A 47 -1.00 -14.89 -7.05
CA ASP A 47 -1.20 -15.59 -8.31
C ASP A 47 -1.01 -14.64 -9.49
N ALA A 48 0.00 -14.92 -10.31
CA ALA A 48 0.29 -14.09 -11.48
C ALA A 48 -0.92 -14.02 -12.41
N GLU A 49 -1.80 -15.02 -12.31
CA GLU A 49 -3.00 -15.06 -13.14
C GLU A 49 -4.19 -14.44 -12.42
N TYR A 50 -3.93 -13.39 -11.65
CA TYR A 50 -4.98 -12.71 -10.90
C TYR A 50 -4.44 -11.45 -10.24
N ILE A 51 -3.77 -10.62 -11.01
CA ILE A 51 -3.21 -9.37 -10.50
C ILE A 51 -3.73 -8.17 -11.27
N PRO A 52 -5.03 -7.88 -11.11
CA PRO A 52 -5.68 -6.74 -11.78
C PRO A 52 -5.20 -5.40 -11.24
N LEU A 53 -4.93 -4.47 -12.15
CA LEU A 53 -4.47 -3.13 -11.77
C LEU A 53 -5.26 -2.06 -12.49
N PRO A 54 -6.51 -1.84 -12.05
CA PRO A 54 -7.39 -0.83 -12.64
C PRO A 54 -6.93 0.59 -12.34
N GLU A 55 -7.79 1.57 -12.65
CA GLU A 55 -7.47 2.96 -12.42
C GLU A 55 -7.67 3.34 -10.95
N THR A 56 -8.58 2.62 -10.28
CA THR A 56 -8.87 2.87 -8.88
C THR A 56 -7.77 2.32 -7.98
N VAL A 57 -7.23 1.16 -8.35
CA VAL A 57 -6.17 0.53 -7.57
C VAL A 57 -4.84 1.28 -7.76
N ARG A 58 -4.42 1.43 -9.00
CA ARG A 58 -3.18 2.13 -9.31
C ARG A 58 -3.13 3.48 -8.62
N LEU A 59 -4.29 4.14 -8.51
CA LEU A 59 -4.38 5.44 -7.87
C LEU A 59 -4.22 5.31 -6.36
N ALA A 60 -4.88 4.31 -5.78
CA ALA A 60 -4.81 4.08 -4.35
C ALA A 60 -3.37 3.89 -3.88
N LEU A 61 -2.61 3.11 -4.65
CA LEU A 61 -1.22 2.85 -4.32
C LEU A 61 -0.35 4.07 -4.60
N LEU A 62 -0.62 4.74 -5.71
CA LEU A 62 0.14 5.93 -6.10
C LEU A 62 0.08 6.99 -5.01
N LYS A 63 -1.11 7.17 -4.44
CA LYS A 63 -1.30 8.15 -3.38
C LYS A 63 -0.67 7.68 -2.07
N LEU A 64 -0.88 6.41 -1.74
CA LEU A 64 -0.32 5.84 -0.52
C LEU A 64 1.21 5.89 -0.55
N SER A 65 1.79 5.64 -1.71
CA SER A 65 3.23 5.66 -1.86
C SER A 65 3.81 7.00 -1.44
N GLN A 66 3.13 8.07 -1.82
CA GLN A 66 3.58 9.43 -1.48
C GLN A 66 3.48 9.66 0.02
N PHE A 67 2.42 9.15 0.63
CA PHE A 67 2.20 9.30 2.06
C PHE A 67 3.37 8.72 2.85
N TYR A 68 3.65 7.45 2.63
CA TYR A 68 4.74 6.77 3.33
C TYR A 68 6.08 7.36 2.94
N ALA A 69 6.31 7.51 1.63
CA ALA A 69 7.54 8.06 1.12
C ALA A 69 7.81 9.45 1.70
N LEU A 70 6.73 10.19 1.97
CA LEU A 70 6.84 11.53 2.53
C LEU A 70 7.37 11.48 3.96
N ILE A 71 6.78 10.60 4.78
CA ILE A 71 7.19 10.46 6.17
C ILE A 71 8.21 9.34 6.33
N ASN A 72 8.92 9.03 5.25
CA ASN A 72 9.93 7.98 5.26
C ASN A 72 11.33 8.57 5.24
N GLY A 73 11.45 9.76 4.65
CA GLY A 73 12.75 10.41 4.56
C GLY A 73 12.81 11.68 5.38
N ASP A 74 11.64 12.23 5.71
CA ASP A 74 11.58 13.46 6.49
C ASP A 74 12.40 13.33 7.77
N GLU A 75 13.25 14.32 8.02
CA GLU A 75 14.10 14.31 9.21
C GLU A 75 13.48 15.13 10.33
N SER A 76 12.14 15.24 10.29
CA SER A 76 11.42 16.00 11.31
C SER A 76 10.17 15.25 11.75
N ILE A 77 10.23 13.92 11.71
CA ILE A 77 9.11 13.09 12.11
C ILE A 77 9.55 11.99 13.07
N ILE A 78 8.69 11.66 14.02
CA ILE A 78 8.99 10.63 15.01
C ILE A 78 7.99 9.48 14.93
N LYS A 79 8.28 8.51 14.07
CA LYS A 79 7.40 7.35 13.90
C LYS A 79 7.37 6.50 15.17
N GLY A 80 6.77 5.31 15.06
CA GLY A 80 6.69 4.42 16.21
C GLY A 80 8.04 3.89 16.64
N TYR A 81 8.09 2.61 17.00
CA TYR A 81 9.33 2.00 17.44
C TYR A 81 9.28 0.48 17.23
N THR A 82 8.18 -0.13 17.65
CA THR A 82 8.00 -1.57 17.52
C THR A 82 6.66 -1.90 16.88
N THR A 83 5.92 -0.87 16.48
CA THR A 83 4.62 -1.05 15.86
C THR A 83 4.71 -0.94 14.35
N GLU A 84 3.92 -1.76 13.65
CA GLU A 84 3.91 -1.75 12.19
C GLU A 84 3.49 -0.39 11.65
N LYS A 85 3.22 -0.33 10.35
CA LYS A 85 2.80 0.91 9.71
C LYS A 85 1.28 0.99 9.64
N ILE A 86 0.61 0.48 10.67
CA ILE A 86 -0.85 0.50 10.72
C ILE A 86 -1.38 1.93 10.70
N GLY A 87 -0.51 2.88 11.02
CA GLY A 87 -0.90 4.28 11.02
C GLY A 87 -1.41 4.73 12.38
N ASP A 88 -1.00 4.03 13.43
CA ASP A 88 -1.42 4.36 14.78
C ASP A 88 -0.93 5.75 15.18
N TYR A 89 -1.06 6.08 16.45
CA TYR A 89 -0.65 7.38 16.96
C TYR A 89 0.86 7.56 16.82
N SER A 90 1.28 8.18 15.72
CA SER A 90 2.69 8.41 15.46
C SER A 90 2.88 9.21 14.16
N TYR A 91 4.13 9.30 13.71
CA TYR A 91 4.45 10.03 12.50
C TYR A 91 4.12 11.51 12.65
N THR A 92 4.62 12.11 13.72
CA THR A 92 4.38 13.52 13.99
C THR A 92 5.06 14.40 12.94
N LEU A 93 4.46 15.55 12.67
CA LEU A 93 5.01 16.48 11.68
C LEU A 93 5.49 17.77 12.35
N GLY A 94 5.99 18.70 11.54
CA GLY A 94 6.47 19.96 12.07
C GLY A 94 5.45 20.64 12.96
N ASP A 95 4.19 20.59 12.56
CA ASP A 95 3.11 21.20 13.32
C ASP A 95 2.44 20.18 14.24
N GLY A 96 3.19 19.16 14.64
CA GLY A 96 2.66 18.14 15.51
C GLY A 96 1.36 17.56 14.98
N SER A 97 1.20 17.57 13.66
CA SER A 97 0.00 17.05 13.03
C SER A 97 0.07 15.52 12.91
N SER A 98 -1.09 14.88 12.82
CA SER A 98 -1.15 13.43 12.70
C SER A 98 -1.42 13.02 11.27
N LEU A 99 -0.39 13.06 10.43
CA LEU A 99 -0.52 12.70 9.02
C LEU A 99 -1.15 11.32 8.88
N GLN A 100 -2.43 11.29 8.52
CA GLN A 100 -3.16 10.03 8.35
C GLN A 100 -3.10 9.58 6.90
N LYS A 101 -3.20 8.27 6.70
CA LYS A 101 -3.17 7.69 5.36
C LYS A 101 -4.18 8.38 4.45
N PRO A 102 -3.97 8.25 3.12
CA PRO A 102 -4.85 8.85 2.12
C PRO A 102 -6.22 8.18 2.08
N ASP A 103 -7.21 8.89 1.55
CA ASP A 103 -8.56 8.36 1.44
C ASP A 103 -8.71 7.48 0.21
N VAL A 104 -8.12 6.28 0.26
CA VAL A 104 -8.18 5.34 -0.84
C VAL A 104 -8.95 4.08 -0.46
N TYR A 105 -9.83 4.21 0.52
CA TYR A 105 -10.62 3.08 0.99
C TYR A 105 -11.67 2.70 -0.05
N ALA A 106 -12.44 3.67 -0.50
CA ALA A 106 -13.48 3.44 -1.49
C ALA A 106 -12.89 2.92 -2.80
N LEU A 107 -11.62 3.25 -3.03
CA LEU A 107 -10.93 2.82 -4.24
C LEU A 107 -10.72 1.31 -4.25
N ILE A 108 -10.44 0.75 -3.08
CA ILE A 108 -10.22 -0.68 -2.94
C ILE A 108 -11.36 -1.34 -2.19
N LYS A 109 -12.45 -0.60 -2.00
CA LYS A 109 -13.62 -1.12 -1.30
C LYS A 109 -14.43 -2.04 -2.20
N ASP A 110 -14.07 -2.09 -3.48
CA ASP A 110 -14.75 -2.93 -4.45
C ASP A 110 -14.13 -4.32 -4.50
N TYR A 111 -12.85 -4.39 -4.16
CA TYR A 111 -12.13 -5.67 -4.17
C TYR A 111 -11.83 -6.14 -2.75
N VAL A 112 -12.84 -6.07 -1.89
CA VAL A 112 -12.70 -6.49 -0.50
C VAL A 112 -13.41 -7.82 -0.26
N LYS A 113 -12.64 -8.89 -0.10
CA LYS A 113 -13.19 -10.21 0.14
C LYS A 113 -12.14 -11.14 0.74
N PRO A 114 -11.97 -11.05 2.07
CA PRO A 114 -11.00 -11.88 2.80
C PRO A 114 -11.41 -13.35 2.84
N ALA A 115 -10.48 -14.23 2.50
CA ALA A 115 -10.74 -15.66 2.51
C ALA A 115 -9.57 -16.43 3.12
N ASP A 116 -9.20 -16.07 4.35
CA ASP A 116 -8.11 -16.72 5.04
C ASP A 116 -8.57 -17.29 6.37
N PRO A 117 -7.83 -18.28 6.89
CA PRO A 117 -8.15 -18.93 8.16
C PRO A 117 -7.92 -18.01 9.36
N ASP A 118 -7.88 -18.60 10.55
CA ASP A 118 -7.67 -17.84 11.77
C ASP A 118 -6.19 -17.54 11.98
N LEU A 119 -5.57 -16.98 10.95
CA LEU A 119 -4.14 -16.64 11.01
C LEU A 119 -3.95 -15.14 11.19
N GLU A 120 -5.01 -14.38 10.97
CA GLU A 120 -4.96 -12.93 11.10
C GLU A 120 -4.59 -12.52 12.52
N GLY A 121 -4.78 -11.25 12.84
CA GLY A 121 -4.45 -10.76 14.17
C GLY A 121 -4.96 -11.68 15.27
N ILE A 122 -6.25 -11.60 15.56
CA ILE A 122 -6.85 -12.43 16.59
C ILE A 122 -6.25 -12.13 17.96
N GLU A 123 -7.09 -12.20 18.99
CA GLU A 123 -6.65 -11.92 20.35
C GLU A 123 -6.16 -10.48 20.50
N ALA A 124 -6.53 -9.65 19.53
CA ALA A 124 -6.13 -8.25 19.54
C ALA A 124 -7.24 -7.37 20.12
N LYS A 125 -8.46 -7.56 19.64
CA LYS A 125 -9.61 -6.79 20.11
C LYS A 125 -10.02 -7.23 21.51
N VAL A 126 -10.00 -8.53 21.75
CA VAL A 126 -10.36 -9.09 23.05
C VAL A 126 -9.39 -8.65 24.12
N ARG A 127 -8.12 -8.48 23.74
CA ARG A 127 -7.08 -8.07 24.68
C ARG A 127 -7.27 -6.61 25.09
N MET A 128 -7.90 -5.84 24.21
CA MET A 128 -8.14 -4.42 24.47
C MET A 128 -9.46 -4.22 25.20
N ARG A 129 -10.55 -4.68 24.58
CA ARG A 129 -11.88 -4.55 25.17
C ARG A 129 -11.89 -5.10 26.60
N SER A 130 -11.07 -6.10 26.84
CA SER A 130 -11.00 -6.72 28.17
C SER A 130 -9.56 -6.71 28.69
N ILE A 131 -8.94 -5.54 28.67
CA ILE A 131 -7.57 -5.38 29.14
C ILE A 131 -7.53 -5.28 30.67
N LEU A 132 -6.49 -5.86 31.26
CA LEU A 132 -6.32 -5.84 32.70
C LEU A 132 -5.47 -4.65 33.13
N GLU A 133 -4.55 -4.24 32.26
CA GLU A 133 -3.67 -3.12 32.55
C GLU A 133 -2.87 -3.37 33.82
N HIS A 134 -1.67 -3.91 33.65
CA HIS A 134 -0.79 -4.20 34.78
C HIS A 134 0.41 -3.27 34.80
N HIS A 135 0.63 -2.60 35.93
CA HIS A 135 1.75 -1.68 36.07
C HIS A 135 1.79 -1.08 37.47
N HIS A 136 2.78 -0.23 37.73
CA HIS A 136 2.94 0.40 39.03
C HIS A 136 1.64 1.08 39.46
N HIS A 137 1.38 1.09 40.76
CA HIS A 137 0.18 1.70 41.31
C HIS A 137 0.16 3.19 41.02
N HIS A 138 -0.94 3.67 40.46
CA HIS A 138 -1.08 5.09 40.13
C HIS A 138 -2.54 5.44 39.86
N HIS A 139 -3.34 5.53 40.91
CA HIS A 139 -4.76 5.86 40.78
C HIS A 139 -5.00 7.34 41.05
N MET A 1 7.30 -4.93 -7.25
CA MET A 1 6.57 -6.13 -6.85
C MET A 1 5.15 -6.10 -7.40
N LEU A 2 4.38 -5.10 -7.01
CA LEU A 2 2.99 -4.97 -7.46
C LEU A 2 2.93 -4.94 -8.99
N LEU A 3 3.40 -3.84 -9.57
CA LEU A 3 3.40 -3.70 -11.03
C LEU A 3 3.92 -2.33 -11.43
N ILE A 4 3.59 -1.31 -10.63
CA ILE A 4 4.02 0.05 -10.91
C ILE A 4 5.51 0.22 -10.62
N THR A 5 6.08 1.34 -11.07
CA THR A 5 7.49 1.62 -10.86
C THR A 5 7.67 2.81 -9.93
N PRO A 6 8.88 2.93 -9.36
CA PRO A 6 9.23 4.03 -8.45
C PRO A 6 9.33 5.37 -9.16
N ASP A 7 9.68 5.33 -10.45
CA ASP A 7 9.82 6.54 -11.24
C ASP A 7 8.45 7.16 -11.51
N GLU A 8 7.43 6.32 -11.59
CA GLU A 8 6.07 6.80 -11.84
C GLU A 8 5.49 7.48 -10.60
N LEU A 9 5.85 6.96 -9.43
CA LEU A 9 5.37 7.53 -8.17
C LEU A 9 5.66 9.02 -8.08
N LYS A 10 6.90 9.39 -8.40
CA LYS A 10 7.31 10.79 -8.37
C LYS A 10 6.67 11.57 -9.51
N SER A 11 6.52 10.92 -10.66
CA SER A 11 5.91 11.56 -11.82
C SER A 11 4.54 12.12 -11.49
N TYR A 12 3.80 11.41 -10.64
CA TYR A 12 2.47 11.84 -10.24
C TYR A 12 2.51 12.60 -8.92
N SER A 13 3.20 12.03 -7.93
CA SER A 13 3.30 12.65 -6.62
C SER A 13 3.79 14.10 -6.75
N VAL A 14 3.13 15.00 -6.04
CA VAL A 14 3.49 16.41 -6.07
C VAL A 14 4.52 16.74 -4.99
N PHE A 15 4.58 15.89 -3.97
CA PHE A 15 5.52 16.09 -2.87
C PHE A 15 6.97 15.99 -3.36
N GLU A 16 7.70 17.10 -3.27
CA GLU A 16 9.09 17.13 -3.70
C GLU A 16 9.92 16.13 -2.92
N SER A 17 9.43 15.72 -1.76
CA SER A 17 10.13 14.75 -0.92
C SER A 17 10.22 13.39 -1.61
N VAL A 18 9.11 12.96 -2.19
CA VAL A 18 9.06 11.68 -2.89
C VAL A 18 9.77 11.75 -4.23
N LYS A 19 9.75 12.93 -4.85
CA LYS A 19 10.40 13.13 -6.13
C LYS A 19 11.89 13.35 -5.96
N THR A 20 12.35 13.33 -4.71
CA THR A 20 13.76 13.53 -4.41
C THR A 20 14.40 12.24 -3.91
N ARG A 21 13.64 11.16 -3.95
CA ARG A 21 14.13 9.87 -3.50
C ARG A 21 14.58 9.00 -4.68
N PRO A 22 15.52 8.07 -4.42
CA PRO A 22 16.04 7.17 -5.44
C PRO A 22 15.01 6.15 -5.89
N ASP A 23 15.42 5.26 -6.79
CA ASP A 23 14.53 4.21 -7.30
C ASP A 23 14.41 3.06 -6.30
N GLU A 24 15.47 2.86 -5.52
CA GLU A 24 15.49 1.79 -4.53
C GLU A 24 14.60 2.14 -3.33
N LEU A 25 14.53 3.43 -3.02
CA LEU A 25 13.71 3.91 -1.91
C LEU A 25 12.26 4.08 -2.32
N LEU A 26 12.05 4.76 -3.44
CA LEU A 26 10.70 5.00 -3.94
C LEU A 26 9.91 3.69 -4.03
N LYS A 27 10.56 2.65 -4.54
CA LYS A 27 9.92 1.34 -4.68
C LYS A 27 9.62 0.75 -3.31
N GLN A 28 10.56 0.91 -2.37
CA GLN A 28 10.39 0.39 -1.02
C GLN A 28 9.08 0.88 -0.41
N ASP A 29 8.73 2.12 -0.71
CA ASP A 29 7.50 2.72 -0.19
C ASP A 29 6.28 2.16 -0.90
N ILE A 30 6.45 1.79 -2.16
CA ILE A 30 5.35 1.24 -2.95
C ILE A 30 5.08 -0.22 -2.56
N LEU A 31 6.13 -1.03 -2.55
CA LEU A 31 6.01 -2.44 -2.19
C LEU A 31 5.52 -2.59 -0.76
N GLU A 32 5.89 -1.64 0.10
CA GLU A 32 5.49 -1.68 1.49
C GLU A 32 4.06 -1.17 1.66
N ALA A 33 3.62 -0.34 0.72
CA ALA A 33 2.27 0.23 0.78
C ALA A 33 1.24 -0.81 0.38
N THR A 34 1.55 -1.61 -0.65
CA THR A 34 0.64 -2.64 -1.12
C THR A 34 0.25 -3.58 0.00
N ALA A 35 1.09 -3.66 1.02
CA ALA A 35 0.83 -4.53 2.16
C ALA A 35 -0.31 -4.00 3.01
N ASP A 36 -0.49 -2.68 3.02
CA ASP A 36 -1.54 -2.04 3.80
C ASP A 36 -2.89 -2.19 3.09
N ILE A 37 -2.92 -1.85 1.81
CA ILE A 37 -4.15 -1.96 1.02
C ILE A 37 -4.71 -3.37 1.05
N ILE A 38 -3.84 -4.34 0.76
CA ILE A 38 -4.26 -5.74 0.76
C ILE A 38 -4.75 -6.18 2.13
N LEU A 39 -4.15 -5.63 3.18
CA LEU A 39 -4.52 -5.96 4.54
C LEU A 39 -5.95 -5.50 4.84
N LYS A 40 -6.42 -4.51 4.08
CA LYS A 40 -7.77 -3.98 4.25
C LYS A 40 -8.79 -4.81 3.48
N VAL A 41 -8.47 -5.10 2.23
CA VAL A 41 -9.36 -5.90 1.38
C VAL A 41 -9.31 -7.38 1.77
N GLY A 42 -8.28 -7.76 2.52
CA GLY A 42 -8.15 -9.14 2.95
C GLY A 42 -7.88 -10.08 1.79
N HIS A 43 -7.31 -9.55 0.72
CA HIS A 43 -7.01 -10.34 -0.47
C HIS A 43 -5.80 -9.78 -1.22
N ASP A 44 -4.92 -10.65 -1.67
CA ASP A 44 -3.74 -10.23 -2.41
C ASP A 44 -3.87 -10.58 -3.90
N PHE A 45 -2.77 -10.44 -4.63
CA PHE A 45 -2.77 -10.73 -6.06
C PHE A 45 -1.49 -11.49 -6.46
N SER A 46 -1.23 -12.59 -5.78
CA SER A 46 -0.05 -13.40 -6.05
C SER A 46 -0.30 -14.38 -7.20
N ASP A 47 -1.47 -15.02 -7.17
CA ASP A 47 -1.84 -15.97 -8.19
C ASP A 47 -1.69 -15.36 -9.59
N ALA A 48 -0.79 -15.93 -10.38
CA ALA A 48 -0.56 -15.44 -11.73
C ALA A 48 -1.82 -15.50 -12.58
N GLU A 49 -2.78 -16.32 -12.15
CA GLU A 49 -4.04 -16.48 -12.86
C GLU A 49 -5.11 -15.59 -12.26
N TYR A 50 -4.68 -14.50 -11.62
CA TYR A 50 -5.61 -13.56 -10.99
C TYR A 50 -4.88 -12.35 -10.44
N ILE A 51 -4.25 -11.58 -11.34
CA ILE A 51 -3.51 -10.40 -10.95
C ILE A 51 -4.16 -9.14 -11.52
N PRO A 52 -5.33 -8.78 -11.00
CA PRO A 52 -6.07 -7.59 -11.44
C PRO A 52 -5.38 -6.29 -11.02
N LEU A 53 -5.54 -5.26 -11.85
CA LEU A 53 -4.94 -3.97 -11.57
C LEU A 53 -5.67 -2.85 -12.31
N PRO A 54 -6.83 -2.44 -11.77
CA PRO A 54 -7.65 -1.39 -12.37
C PRO A 54 -7.00 -0.01 -12.25
N GLU A 55 -7.77 1.04 -12.52
CA GLU A 55 -7.27 2.40 -12.44
C GLU A 55 -7.33 2.92 -11.01
N THR A 56 -8.28 2.40 -10.23
CA THR A 56 -8.45 2.81 -8.85
C THR A 56 -7.36 2.22 -7.96
N VAL A 57 -7.02 0.96 -8.22
CA VAL A 57 -5.99 0.28 -7.44
C VAL A 57 -4.63 0.92 -7.64
N ARG A 58 -4.40 1.45 -8.84
CA ARG A 58 -3.14 2.09 -9.16
C ARG A 58 -3.03 3.45 -8.45
N LEU A 59 -4.16 4.12 -8.29
CA LEU A 59 -4.18 5.43 -7.64
C LEU A 59 -3.99 5.27 -6.13
N ALA A 60 -4.76 4.36 -5.52
CA ALA A 60 -4.66 4.12 -4.09
C ALA A 60 -3.22 3.87 -3.66
N LEU A 61 -2.51 3.06 -4.43
CA LEU A 61 -1.12 2.74 -4.14
C LEU A 61 -0.22 3.94 -4.38
N LEU A 62 -0.56 4.73 -5.40
CA LEU A 62 0.22 5.91 -5.74
C LEU A 62 0.22 6.92 -4.58
N LYS A 63 -0.92 7.04 -3.92
CA LYS A 63 -1.05 7.95 -2.79
C LYS A 63 -0.32 7.42 -1.56
N LEU A 64 -0.63 6.18 -1.19
CA LEU A 64 0.00 5.55 -0.04
C LEU A 64 1.52 5.46 -0.22
N SER A 65 1.94 5.23 -1.45
CA SER A 65 3.36 5.13 -1.76
C SER A 65 4.08 6.45 -1.47
N GLN A 66 3.50 7.56 -1.94
CA GLN A 66 4.09 8.87 -1.74
C GLN A 66 3.99 9.29 -0.27
N PHE A 67 2.94 8.81 0.41
CA PHE A 67 2.73 9.12 1.81
C PHE A 67 3.93 8.70 2.65
N TYR A 68 4.27 7.42 2.59
CA TYR A 68 5.39 6.89 3.34
C TYR A 68 6.71 7.49 2.86
N ALA A 69 6.90 7.52 1.54
CA ALA A 69 8.10 8.07 0.95
C ALA A 69 8.32 9.51 1.39
N LEU A 70 7.23 10.20 1.71
CA LEU A 70 7.30 11.59 2.13
C LEU A 70 7.86 11.69 3.55
N ILE A 71 7.60 10.68 4.36
CA ILE A 71 8.08 10.65 5.74
C ILE A 71 9.18 9.62 5.91
N ASN A 72 9.79 9.21 4.81
CA ASN A 72 10.87 8.23 4.85
C ASN A 72 12.20 8.90 5.16
N GLY A 73 12.28 10.20 4.92
CA GLY A 73 13.50 10.94 5.19
C GLY A 73 13.39 12.40 4.82
N ASP A 74 12.34 13.05 5.32
CA ASP A 74 12.12 14.47 5.05
C ASP A 74 13.25 15.31 5.62
N GLU A 75 13.23 15.50 6.93
CA GLU A 75 14.25 16.29 7.61
C GLU A 75 14.00 16.34 9.11
N SER A 76 12.83 16.84 9.50
CA SER A 76 12.46 16.94 10.91
C SER A 76 11.20 16.15 11.20
N ILE A 77 11.29 14.84 11.04
CA ILE A 77 10.14 13.96 11.29
C ILE A 77 10.56 12.74 12.11
N ILE A 78 9.79 12.44 13.14
CA ILE A 78 10.07 11.30 14.00
C ILE A 78 9.53 10.01 13.40
N LYS A 79 10.19 8.89 13.68
CA LYS A 79 9.77 7.60 13.18
C LYS A 79 10.41 6.46 13.98
N GLY A 80 9.74 6.05 15.04
CA GLY A 80 10.26 4.97 15.87
C GLY A 80 9.17 4.05 16.38
N TYR A 81 9.25 2.78 16.01
CA TYR A 81 8.26 1.79 16.42
C TYR A 81 8.82 0.38 16.33
N THR A 82 8.51 -0.44 17.32
CA THR A 82 8.98 -1.82 17.35
C THR A 82 7.97 -2.76 16.71
N THR A 83 7.02 -2.19 15.97
CA THR A 83 5.99 -2.99 15.31
C THR A 83 6.03 -2.79 13.79
N GLU A 84 5.04 -3.35 13.10
CA GLU A 84 4.97 -3.24 11.65
C GLU A 84 4.86 -1.78 11.22
N LYS A 85 4.59 -1.57 9.94
CA LYS A 85 4.46 -0.22 9.39
C LYS A 85 3.01 0.26 9.45
N ILE A 86 2.61 0.80 10.60
CA ILE A 86 1.26 1.29 10.77
C ILE A 86 1.19 2.80 10.60
N GLY A 87 0.00 3.32 10.35
CA GLY A 87 -0.17 4.75 10.17
C GLY A 87 -0.52 5.46 11.46
N ASP A 88 0.15 5.06 12.55
CA ASP A 88 -0.08 5.66 13.85
C ASP A 88 0.49 7.08 13.91
N TYR A 89 0.52 7.66 15.10
CA TYR A 89 1.04 9.01 15.30
C TYR A 89 2.55 8.98 15.53
N SER A 90 3.27 8.30 14.64
CA SER A 90 4.72 8.19 14.75
C SER A 90 5.40 8.87 13.57
N TYR A 91 4.78 9.95 13.08
CA TYR A 91 5.33 10.68 11.95
C TYR A 91 4.91 12.15 12.01
N THR A 92 5.28 12.83 13.08
CA THR A 92 4.93 14.24 13.26
C THR A 92 5.31 15.06 12.03
N LEU A 93 4.76 16.27 11.94
CA LEU A 93 5.05 17.15 10.81
C LEU A 93 5.34 18.56 11.29
N GLY A 94 5.51 19.48 10.34
CA GLY A 94 5.79 20.86 10.68
C GLY A 94 4.60 21.56 11.34
N ASP A 95 3.41 21.24 10.85
CA ASP A 95 2.19 21.84 11.38
C ASP A 95 1.85 21.25 12.74
N GLY A 96 2.16 19.97 12.93
CA GLY A 96 1.87 19.31 14.19
C GLY A 96 1.25 17.95 14.00
N SER A 97 0.58 17.75 12.86
CA SER A 97 -0.08 16.48 12.57
C SER A 97 0.95 15.39 12.30
N SER A 98 0.53 14.14 12.48
CA SER A 98 1.41 12.99 12.26
C SER A 98 1.25 12.45 10.85
N LEU A 99 0.76 13.28 9.94
CA LEU A 99 0.56 12.88 8.56
C LEU A 99 -0.34 11.64 8.48
N GLN A 100 -1.63 11.85 8.29
CA GLN A 100 -2.58 10.75 8.20
C GLN A 100 -2.57 10.15 6.80
N LYS A 101 -2.55 8.82 6.74
CA LYS A 101 -2.53 8.11 5.47
C LYS A 101 -3.69 8.56 4.58
N PRO A 102 -3.56 8.33 3.26
CA PRO A 102 -4.58 8.71 2.28
C PRO A 102 -5.84 7.86 2.40
N ASP A 103 -6.99 8.51 2.26
CA ASP A 103 -8.27 7.82 2.36
C ASP A 103 -8.54 7.00 1.09
N VAL A 104 -7.80 5.90 0.93
CA VAL A 104 -7.97 5.04 -0.22
C VAL A 104 -8.87 3.85 0.10
N TYR A 105 -9.67 3.99 1.15
CA TYR A 105 -10.58 2.93 1.57
C TYR A 105 -11.73 2.78 0.57
N ALA A 106 -12.24 3.91 0.09
CA ALA A 106 -13.34 3.91 -0.87
C ALA A 106 -12.88 3.40 -2.22
N LEU A 107 -11.58 3.55 -2.50
CA LEU A 107 -11.02 3.10 -3.78
C LEU A 107 -11.04 1.58 -3.88
N ILE A 108 -10.50 0.91 -2.86
CA ILE A 108 -10.47 -0.55 -2.84
C ILE A 108 -11.80 -1.12 -2.40
N LYS A 109 -12.75 -0.24 -2.09
CA LYS A 109 -14.08 -0.66 -1.66
C LYS A 109 -14.76 -1.53 -2.72
N ASP A 110 -14.26 -1.43 -3.95
CA ASP A 110 -14.82 -2.20 -5.05
C ASP A 110 -14.28 -3.63 -5.04
N TYR A 111 -13.21 -3.84 -4.27
CA TYR A 111 -12.60 -5.16 -4.17
C TYR A 111 -12.27 -5.50 -2.72
N VAL A 112 -13.22 -5.23 -1.83
CA VAL A 112 -13.03 -5.51 -0.41
C VAL A 112 -13.91 -6.66 0.04
N LYS A 113 -13.33 -7.84 0.14
CA LYS A 113 -14.07 -9.03 0.57
C LYS A 113 -15.33 -9.21 -0.26
N PRO A 114 -15.19 -9.80 -1.45
CA PRO A 114 -16.31 -10.04 -2.36
C PRO A 114 -17.26 -11.12 -1.84
N ALA A 115 -18.55 -10.81 -1.84
CA ALA A 115 -19.55 -11.76 -1.38
C ALA A 115 -20.77 -11.78 -2.29
N ASP A 116 -20.53 -12.00 -3.58
CA ASP A 116 -21.60 -12.04 -4.56
C ASP A 116 -21.60 -13.37 -5.31
N PRO A 117 -22.78 -13.76 -5.82
CA PRO A 117 -22.94 -15.01 -6.56
C PRO A 117 -22.26 -14.97 -7.93
N ASP A 118 -22.60 -15.92 -8.78
CA ASP A 118 -22.02 -16.00 -10.12
C ASP A 118 -22.78 -15.12 -11.09
N LEU A 119 -23.05 -13.88 -10.68
CA LEU A 119 -23.77 -12.92 -11.51
C LEU A 119 -22.80 -12.04 -12.28
N GLU A 120 -21.55 -12.04 -11.86
CA GLU A 120 -20.52 -11.23 -12.52
C GLU A 120 -20.36 -11.64 -13.99
N GLY A 121 -19.28 -11.20 -14.61
CA GLY A 121 -19.03 -11.52 -15.99
C GLY A 121 -19.28 -12.98 -16.30
N ILE A 122 -18.28 -13.82 -16.03
CA ILE A 122 -18.39 -15.25 -16.28
C ILE A 122 -18.57 -15.55 -17.77
N GLU A 123 -17.98 -16.64 -18.23
CA GLU A 123 -18.08 -17.02 -19.63
C GLU A 123 -17.44 -15.97 -20.54
N ALA A 124 -16.64 -15.10 -19.94
CA ALA A 124 -15.96 -14.05 -20.69
C ALA A 124 -14.54 -14.45 -21.04
N LYS A 125 -13.76 -14.81 -20.03
CA LYS A 125 -12.37 -15.21 -20.25
C LYS A 125 -12.31 -16.52 -21.02
N VAL A 126 -13.24 -17.42 -20.75
CA VAL A 126 -13.29 -18.71 -21.44
C VAL A 126 -13.69 -18.54 -22.90
N ARG A 127 -14.79 -17.84 -23.13
CA ARG A 127 -15.29 -17.61 -24.48
C ARG A 127 -14.29 -16.78 -25.29
N MET A 128 -13.62 -15.85 -24.61
CA MET A 128 -12.64 -14.98 -25.26
C MET A 128 -11.36 -15.75 -25.56
N ARG A 129 -10.66 -16.17 -24.51
CA ARG A 129 -9.42 -16.91 -24.66
C ARG A 129 -9.61 -18.11 -25.58
N SER A 130 -10.82 -18.64 -25.61
CA SER A 130 -11.14 -19.79 -26.45
C SER A 130 -12.10 -19.41 -27.57
N ILE A 131 -11.68 -18.46 -28.40
CA ILE A 131 -12.50 -18.00 -29.51
C ILE A 131 -11.85 -18.33 -30.85
N LEU A 132 -12.67 -18.52 -31.87
CA LEU A 132 -12.17 -18.82 -33.21
C LEU A 132 -12.17 -17.59 -34.09
N GLU A 133 -13.05 -16.64 -33.78
CA GLU A 133 -13.16 -15.40 -34.53
C GLU A 133 -13.78 -15.66 -35.91
N HIS A 134 -13.05 -16.35 -36.77
CA HIS A 134 -13.53 -16.67 -38.10
C HIS A 134 -12.50 -17.48 -38.88
N HIS A 135 -12.79 -17.76 -40.14
CA HIS A 135 -11.89 -18.53 -40.98
C HIS A 135 -12.05 -18.14 -42.45
N HIS A 136 -12.49 -16.91 -42.69
CA HIS A 136 -12.69 -16.42 -44.04
C HIS A 136 -12.66 -14.89 -44.08
N HIS A 137 -13.71 -14.27 -43.56
CA HIS A 137 -13.81 -12.81 -43.54
C HIS A 137 -14.89 -12.36 -42.57
N HIS A 138 -15.20 -11.07 -42.60
CA HIS A 138 -16.22 -10.50 -41.72
C HIS A 138 -17.08 -9.47 -42.46
N HIS A 139 -18.28 -9.22 -41.95
CA HIS A 139 -19.18 -8.26 -42.57
C HIS A 139 -20.15 -7.70 -41.53
#